data_9FDD
#
_entry.id   9FDD
#
_cell.length_a   187.436
_cell.length_b   187.436
_cell.length_c   224.662
_cell.angle_alpha   90
_cell.angle_beta   90
_cell.angle_gamma   120
#
_symmetry.space_group_name_H-M   'H 3'
#
loop_
_entity.id
_entity.type
_entity.pdbx_description
1 polymer 'HTH-type transcriptional regulator CysB'
2 non-polymer N-ACETYL-SERINE
3 water water
#
_entity_poly.entity_id   1
_entity_poly.type   'polypeptide(L)'
_entity_poly.pdbx_seq_one_letter_code
;MKLQQLRYIVEVVNHNLNVSSTAEGLYTSQPGISKQVRMLEDELGIQIFARSGKHLTQVTPAGQEIIRIAREVLSKVDAI
KSVAGEHTWPDKGSLYVATTHTQARYALPGVIKGFIERYPRVSLHMHQGSPTQIAEAVSKGNADFAIATEALHLYDDLVM
LPCYHWNRSIVVTPEHPLATKGSVSIEELAQYPLVTYTFGFTGRSELDTAFNRAGLTPRIVFTATDADVIKTYVRLGLGV
GVIASMAVDPVSDPDLVKLDANGIFSHSTTKIGFRRSTFLRSYMYDFIQRFAPHLTRDVVDTAVALRSNEDIEAMFKDIK
LPEK
;
_entity_poly.pdbx_strand_id   A,B,C,D,E,F,G,H
#
# COMPACT_ATOMS: atom_id res chain seq x y z
N MET A 1 42.53 37.95 -26.70
CA MET A 1 41.93 36.59 -26.76
C MET A 1 42.92 35.66 -27.45
N LYS A 2 42.92 34.40 -27.00
CA LYS A 2 43.88 33.40 -27.45
C LYS A 2 43.13 32.13 -27.82
N LEU A 3 43.68 31.38 -28.77
CA LEU A 3 43.10 30.10 -29.14
C LEU A 3 43.10 29.16 -27.93
N GLN A 4 44.23 29.09 -27.23
CA GLN A 4 44.37 28.18 -26.10
C GLN A 4 43.21 28.40 -25.12
N GLN A 5 42.74 29.64 -24.99
CA GLN A 5 41.70 29.94 -24.02
C GLN A 5 40.38 29.33 -24.44
N LEU A 6 40.12 29.31 -25.76
CA LEU A 6 38.86 28.82 -26.27
C LEU A 6 38.84 27.31 -26.12
N ARG A 7 39.97 26.63 -26.40
CA ARG A 7 40.08 25.19 -26.18
C ARG A 7 39.71 24.92 -24.72
N TYR A 8 40.21 25.73 -23.80
CA TYR A 8 39.98 25.49 -22.38
C TYR A 8 38.48 25.58 -22.07
N ILE A 9 37.80 26.69 -22.40
CA ILE A 9 36.41 26.80 -21.96
C ILE A 9 35.52 25.72 -22.60
N VAL A 10 35.89 25.23 -23.80
CA VAL A 10 35.10 24.24 -24.54
C VAL A 10 35.38 22.83 -24.01
N GLU A 11 36.65 22.51 -23.78
CA GLU A 11 37.01 21.23 -23.20
C GLU A 11 36.47 21.17 -21.75
N VAL A 12 36.12 22.33 -21.18
CA VAL A 12 35.53 22.37 -19.85
C VAL A 12 34.07 21.90 -19.94
N VAL A 13 33.25 22.47 -20.83
CA VAL A 13 31.93 21.91 -21.05
C VAL A 13 32.05 20.41 -21.34
N ASN A 14 33.05 20.00 -22.12
CA ASN A 14 33.17 18.61 -22.56
C ASN A 14 33.26 17.67 -21.36
N HIS A 15 33.93 18.07 -20.28
CA HIS A 15 34.08 17.21 -19.11
C HIS A 15 33.10 17.64 -18.00
N ASN A 16 31.91 18.12 -18.40
CA ASN A 16 30.76 18.37 -17.53
C ASN A 16 31.06 19.44 -16.47
N LEU A 17 31.84 20.47 -16.82
CA LEU A 17 32.15 21.58 -15.93
C LEU A 17 33.14 21.15 -14.83
N ASN A 18 33.90 20.09 -15.07
CA ASN A 18 34.77 19.52 -14.06
C ASN A 18 36.23 19.85 -14.38
N VAL A 19 36.84 20.77 -13.63
CA VAL A 19 38.09 21.38 -14.08
C VAL A 19 39.32 20.46 -13.88
N SER A 20 39.37 19.61 -12.86
CA SER A 20 40.57 18.80 -12.68
C SER A 20 40.52 17.63 -13.65
N SER A 21 39.33 17.36 -14.21
CA SER A 21 39.16 16.35 -15.24
C SER A 21 39.71 16.87 -16.56
N THR A 22 39.30 18.11 -16.89
CA THR A 22 39.86 18.87 -17.99
C THR A 22 41.39 18.88 -17.88
N ALA A 23 41.90 19.17 -16.68
CA ALA A 23 43.33 19.13 -16.43
C ALA A 23 43.91 17.76 -16.76
N GLU A 24 43.49 16.71 -16.04
CA GLU A 24 44.06 15.38 -16.22
C GLU A 24 44.11 15.06 -17.72
N GLY A 25 42.98 15.28 -18.39
CA GLY A 25 42.78 14.89 -19.77
C GLY A 25 43.70 15.61 -20.77
N LEU A 26 44.16 16.85 -20.46
CA LEU A 26 45.01 17.63 -21.37
C LEU A 26 46.43 17.82 -20.84
N TYR A 27 46.89 16.91 -19.95
CA TYR A 27 48.23 16.89 -19.35
C TYR A 27 48.74 18.30 -19.05
N THR A 28 48.16 18.89 -18.00
CA THR A 28 48.39 20.28 -17.66
C THR A 28 47.83 20.57 -16.27
N SER A 29 48.14 21.78 -15.78
CA SER A 29 47.81 22.23 -14.45
C SER A 29 46.38 22.77 -14.41
N GLN A 30 45.67 22.58 -13.30
CA GLN A 30 44.27 22.97 -13.14
C GLN A 30 44.11 24.49 -12.99
N PRO A 31 44.96 25.19 -12.20
CA PRO A 31 44.85 26.66 -12.08
C PRO A 31 45.19 27.39 -13.37
N GLY A 32 46.20 26.88 -14.10
CA GLY A 32 46.47 27.29 -15.47
C GLY A 32 45.16 27.46 -16.24
N ILE A 33 44.27 26.47 -16.13
CA ILE A 33 42.96 26.53 -16.76
C ILE A 33 42.10 27.61 -16.10
N SER A 34 41.94 27.56 -14.77
CA SER A 34 41.07 28.50 -14.06
C SER A 34 41.46 29.94 -14.41
N LYS A 35 42.76 30.23 -14.39
CA LYS A 35 43.26 31.60 -14.57
C LYS A 35 43.06 32.04 -16.02
N GLN A 36 43.19 31.12 -16.98
CA GLN A 36 42.91 31.44 -18.36
C GLN A 36 41.43 31.80 -18.51
N VAL A 37 40.57 31.05 -17.81
CA VAL A 37 39.14 31.18 -17.99
C VAL A 37 38.67 32.46 -17.31
N ARG A 38 39.23 32.78 -16.15
CA ARG A 38 38.83 34.02 -15.46
C ARG A 38 39.29 35.20 -16.30
N MET A 39 40.50 35.07 -16.86
CA MET A 39 41.04 36.06 -17.78
C MET A 39 40.09 36.30 -18.95
N LEU A 40 39.47 35.27 -19.52
CA LEU A 40 38.61 35.46 -20.68
C LEU A 40 37.27 36.11 -20.30
N GLU A 41 36.71 35.70 -19.16
CA GLU A 41 35.49 36.31 -18.66
C GLU A 41 35.78 37.78 -18.38
N ASP A 42 36.97 38.03 -17.82
CA ASP A 42 37.43 39.38 -17.56
C ASP A 42 37.42 40.16 -18.87
N GLU A 43 38.19 39.66 -19.86
CA GLU A 43 38.36 40.31 -21.15
C GLU A 43 37.03 40.54 -21.85
N LEU A 44 36.09 39.60 -21.69
CA LEU A 44 34.83 39.74 -22.40
C LEU A 44 33.85 40.59 -21.61
N GLY A 45 33.98 40.62 -20.29
CA GLY A 45 33.07 41.36 -19.43
C GLY A 45 31.83 40.55 -19.04
N ILE A 46 31.88 39.22 -19.29
CA ILE A 46 30.72 38.35 -19.24
C ILE A 46 31.09 37.11 -18.43
N GLN A 47 30.26 36.75 -17.44
CA GLN A 47 30.47 35.49 -16.73
C GLN A 47 29.98 34.38 -17.67
N ILE A 48 30.89 33.44 -17.96
CA ILE A 48 30.60 32.31 -18.84
C ILE A 48 30.04 31.17 -18.00
N PHE A 49 30.50 31.07 -16.74
CA PHE A 49 30.06 30.02 -15.84
C PHE A 49 29.40 30.62 -14.61
N ALA A 50 28.30 29.97 -14.19
CA ALA A 50 27.76 30.16 -12.88
C ALA A 50 28.74 29.57 -11.87
N ARG A 51 28.90 30.28 -10.73
CA ARG A 51 29.78 29.84 -9.67
C ARG A 51 29.04 29.77 -8.35
N SER A 52 29.65 29.05 -7.40
CA SER A 52 29.11 28.95 -6.07
C SER A 52 30.17 29.38 -5.06
N GLY A 53 31.14 28.48 -4.84
CA GLY A 53 32.41 28.84 -4.25
C GLY A 53 33.47 28.85 -5.35
N LYS A 54 34.34 27.85 -5.33
CA LYS A 54 35.25 27.57 -6.44
C LYS A 54 34.66 26.41 -7.25
N HIS A 55 33.34 26.44 -7.45
CA HIS A 55 32.65 25.39 -8.16
C HIS A 55 31.88 26.00 -9.32
N LEU A 56 31.76 25.22 -10.41
CA LEU A 56 31.12 25.64 -11.63
C LEU A 56 29.80 24.88 -11.80
N THR A 57 28.67 25.59 -11.74
CA THR A 57 27.35 24.99 -11.54
C THR A 57 26.68 24.78 -12.90
N GLN A 58 26.72 25.81 -13.75
CA GLN A 58 26.19 25.71 -15.09
C GLN A 58 26.85 26.74 -16.02
N VAL A 59 26.51 26.69 -17.31
CA VAL A 59 26.95 27.65 -18.31
C VAL A 59 25.91 28.77 -18.39
N THR A 60 26.35 30.02 -18.30
CA THR A 60 25.40 31.13 -18.30
C THR A 60 24.75 31.23 -19.67
N PRO A 61 23.58 31.87 -19.82
CA PRO A 61 22.94 31.99 -21.13
C PRO A 61 23.79 32.72 -22.19
N ALA A 62 24.37 33.88 -21.84
CA ALA A 62 25.29 34.56 -22.72
C ALA A 62 26.58 33.75 -22.86
N GLY A 63 26.91 32.98 -21.81
CA GLY A 63 28.04 32.06 -21.80
C GLY A 63 27.92 30.95 -22.86
N GLN A 64 26.68 30.55 -23.18
CA GLN A 64 26.46 29.48 -24.12
C GLN A 64 26.64 30.00 -25.54
N GLU A 65 26.13 31.21 -25.81
CA GLU A 65 26.37 31.91 -27.07
C GLU A 65 27.88 31.91 -27.38
N ILE A 66 28.70 32.07 -26.34
CA ILE A 66 30.15 32.16 -26.47
C ILE A 66 30.77 30.79 -26.70
N ILE A 67 30.27 29.74 -26.03
CA ILE A 67 30.83 28.41 -26.24
C ILE A 67 30.53 27.95 -27.67
N ARG A 68 29.29 28.16 -28.10
CA ARG A 68 28.84 27.70 -29.39
C ARG A 68 29.73 28.28 -30.49
N ILE A 69 30.21 29.50 -30.29
CA ILE A 69 31.05 30.12 -31.31
C ILE A 69 32.47 29.59 -31.17
N ALA A 70 32.96 29.44 -29.93
CA ALA A 70 34.26 28.86 -29.70
C ALA A 70 34.42 27.57 -30.49
N ARG A 71 33.43 26.69 -30.36
CA ARG A 71 33.49 25.36 -30.94
C ARG A 71 33.72 25.51 -32.43
N GLU A 72 33.05 26.53 -33.03
CA GLU A 72 33.19 26.86 -34.44
C GLU A 72 34.65 27.22 -34.73
N VAL A 73 35.22 28.08 -33.88
CA VAL A 73 36.55 28.63 -34.10
C VAL A 73 37.51 27.47 -34.21
N LEU A 74 37.48 26.62 -33.19
CA LEU A 74 38.40 25.51 -33.11
C LEU A 74 38.22 24.54 -34.29
N SER A 75 36.98 24.30 -34.69
CA SER A 75 36.76 23.31 -35.73
C SER A 75 37.23 23.90 -37.06
N LYS A 76 37.13 25.23 -37.25
CA LYS A 76 37.74 25.90 -38.39
C LYS A 76 39.27 25.86 -38.33
N VAL A 77 39.84 25.91 -37.13
CA VAL A 77 41.29 25.88 -36.99
C VAL A 77 41.74 24.51 -37.44
N ASP A 78 40.94 23.48 -37.15
CA ASP A 78 41.31 22.11 -37.47
C ASP A 78 41.22 21.90 -38.99
N ALA A 79 40.35 22.69 -39.62
CA ALA A 79 40.22 22.73 -41.07
C ALA A 79 41.52 23.23 -41.71
N ILE A 80 42.05 24.35 -41.24
CA ILE A 80 43.33 24.84 -41.72
C ILE A 80 44.38 23.74 -41.64
N LYS A 81 44.37 22.91 -40.59
CA LYS A 81 45.37 21.85 -40.54
C LYS A 81 45.05 20.87 -41.67
N SER A 82 43.75 20.71 -41.93
CA SER A 82 43.28 19.69 -42.87
C SER A 82 43.54 20.13 -44.31
N VAL A 83 43.34 21.42 -44.61
CA VAL A 83 43.64 21.98 -45.91
C VAL A 83 45.13 21.79 -46.17
N ALA A 84 45.99 22.16 -45.21
CA ALA A 84 47.41 21.85 -45.24
C ALA A 84 47.67 20.36 -45.49
N GLY A 85 47.17 19.48 -44.63
CA GLY A 85 47.39 18.05 -44.79
C GLY A 85 47.11 17.60 -46.23
N GLU A 86 45.99 18.07 -46.79
CA GLU A 86 45.57 17.67 -48.12
C GLU A 86 46.63 18.09 -49.15
N HIS A 87 47.05 19.37 -49.12
CA HIS A 87 47.95 19.94 -50.12
C HIS A 87 49.35 19.34 -50.00
N THR A 88 49.74 18.86 -48.82
CA THR A 88 51.08 18.37 -48.57
C THR A 88 51.20 16.91 -49.03
N TRP A 89 50.31 16.05 -48.52
CA TRP A 89 50.27 14.63 -48.85
C TRP A 89 48.83 14.16 -48.73
N PRO A 90 48.06 14.16 -49.84
CA PRO A 90 46.62 13.92 -49.77
C PRO A 90 46.11 12.54 -49.32
N ASP A 91 46.77 11.45 -49.78
CA ASP A 91 46.37 10.08 -49.45
C ASP A 91 46.74 9.68 -48.02
N LYS A 92 47.26 10.60 -47.21
CA LYS A 92 47.59 10.34 -45.82
C LYS A 92 46.72 11.16 -44.86
N GLY A 93 46.35 10.53 -43.72
CA GLY A 93 45.62 11.21 -42.67
C GLY A 93 44.83 10.24 -41.82
N SER A 94 43.80 10.75 -41.14
CA SER A 94 42.93 9.90 -40.33
C SER A 94 41.44 10.24 -40.53
N LEU A 95 40.58 9.27 -40.25
CA LEU A 95 39.15 9.39 -40.45
C LEU A 95 38.45 8.80 -39.23
N TYR A 96 37.65 9.64 -38.58
CA TYR A 96 36.95 9.21 -37.39
C TYR A 96 35.47 9.16 -37.73
N VAL A 97 34.87 8.00 -37.48
CA VAL A 97 33.49 7.72 -37.80
C VAL A 97 32.82 7.24 -36.51
N ALA A 98 31.64 7.79 -36.21
CA ALA A 98 30.81 7.32 -35.12
C ALA A 98 29.50 6.81 -35.68
N THR A 99 29.18 5.54 -35.41
CA THR A 99 27.96 4.93 -35.89
C THR A 99 27.50 3.89 -34.89
N THR A 100 26.74 2.89 -35.34
CA THR A 100 26.17 1.89 -34.43
C THR A 100 26.87 0.57 -34.65
N HIS A 101 26.68 -0.36 -33.71
CA HIS A 101 27.35 -1.65 -33.75
C HIS A 101 26.90 -2.38 -35.00
N THR A 102 25.61 -2.25 -35.31
CA THR A 102 24.97 -2.96 -36.40
C THR A 102 25.52 -2.50 -37.75
N GLN A 103 25.85 -1.21 -37.91
CA GLN A 103 26.38 -0.70 -39.15
C GLN A 103 27.85 -1.04 -39.31
N ALA A 104 28.55 -1.09 -38.17
CA ALA A 104 29.96 -1.45 -38.14
C ALA A 104 30.14 -2.92 -38.51
N ARG A 105 29.24 -3.81 -38.06
CA ARG A 105 29.38 -5.24 -38.28
C ARG A 105 28.75 -5.73 -39.58
N TYR A 106 27.75 -5.02 -40.12
CA TYR A 106 26.87 -5.59 -41.13
C TYR A 106 26.67 -4.64 -42.30
N ALA A 107 27.36 -3.50 -42.32
CA ALA A 107 27.16 -2.59 -43.42
C ALA A 107 28.50 -2.06 -43.92
N LEU A 108 29.57 -2.26 -43.15
CA LEU A 108 30.81 -1.52 -43.36
C LEU A 108 32.00 -2.41 -43.70
N PRO A 109 32.18 -3.66 -43.18
CA PRO A 109 33.36 -4.48 -43.53
C PRO A 109 33.81 -4.31 -44.98
N GLY A 110 32.90 -4.60 -45.93
CA GLY A 110 33.08 -4.52 -47.37
C GLY A 110 33.34 -3.11 -47.90
N VAL A 111 32.81 -2.06 -47.24
CA VAL A 111 33.14 -0.68 -47.62
C VAL A 111 34.50 -0.31 -47.04
N ILE A 112 34.77 -0.81 -45.82
CA ILE A 112 36.00 -0.58 -45.08
C ILE A 112 37.17 -1.24 -45.79
N LYS A 113 37.01 -2.52 -46.16
CA LYS A 113 38.04 -3.26 -46.87
C LYS A 113 38.44 -2.50 -48.14
N GLY A 114 37.45 -2.21 -48.99
CA GLY A 114 37.64 -1.42 -50.20
C GLY A 114 38.38 -0.12 -49.91
N PHE A 115 38.08 0.48 -48.75
CA PHE A 115 38.65 1.77 -48.39
C PHE A 115 40.10 1.64 -47.95
N ILE A 116 40.43 0.59 -47.17
CA ILE A 116 41.77 0.45 -46.62
C ILE A 116 42.71 0.04 -47.74
N GLU A 117 42.17 -0.71 -48.71
CA GLU A 117 42.91 -1.10 -49.90
C GLU A 117 43.37 0.18 -50.60
N ARG A 118 42.43 1.09 -50.79
CA ARG A 118 42.71 2.27 -51.59
C ARG A 118 43.57 3.26 -50.81
N TYR A 119 43.42 3.28 -49.46
CA TYR A 119 44.04 4.32 -48.65
C TYR A 119 44.75 3.66 -47.47
N PRO A 120 45.80 2.85 -47.70
CA PRO A 120 46.51 2.20 -46.61
C PRO A 120 47.16 3.17 -45.62
N ARG A 121 47.27 4.44 -45.99
CA ARG A 121 47.93 5.44 -45.16
C ARG A 121 46.90 6.29 -44.40
N VAL A 122 45.62 5.91 -44.44
CA VAL A 122 44.56 6.59 -43.70
C VAL A 122 44.12 5.67 -42.57
N SER A 123 44.45 6.02 -41.33
CA SER A 123 44.02 5.23 -40.20
C SER A 123 42.55 5.53 -39.94
N LEU A 124 41.74 4.47 -39.80
CA LEU A 124 40.30 4.61 -39.66
C LEU A 124 39.88 4.26 -38.23
N HIS A 125 38.89 4.95 -37.67
CA HIS A 125 38.51 4.76 -36.28
C HIS A 125 36.97 4.83 -36.13
N MET A 126 36.40 3.72 -35.66
CA MET A 126 34.96 3.57 -35.63
C MET A 126 34.45 3.60 -34.19
N HIS A 127 33.82 4.71 -33.80
CA HIS A 127 33.12 4.76 -32.52
C HIS A 127 31.75 4.10 -32.64
N GLN A 128 31.43 3.19 -31.68
CA GLN A 128 30.08 2.62 -31.51
C GLN A 128 29.31 3.40 -30.43
N GLY A 129 27.96 3.39 -30.52
CA GLY A 129 27.14 4.16 -29.58
C GLY A 129 25.67 4.30 -29.98
N SER A 130 24.89 4.78 -29.00
CA SER A 130 23.51 5.24 -29.15
C SER A 130 23.47 6.46 -30.06
N PRO A 131 22.28 6.83 -30.61
CA PRO A 131 22.13 8.04 -31.40
C PRO A 131 22.60 9.29 -30.64
N THR A 132 22.32 9.33 -29.33
CA THR A 132 22.83 10.37 -28.48
C THR A 132 24.35 10.38 -28.52
N GLN A 133 24.95 9.22 -28.30
CA GLN A 133 26.40 9.12 -28.24
C GLN A 133 27.07 9.48 -29.57
N ILE A 134 26.34 9.45 -30.69
CA ILE A 134 26.96 9.70 -31.98
C ILE A 134 27.01 11.20 -32.25
N ALA A 135 25.88 11.86 -32.04
CA ALA A 135 25.79 13.30 -32.05
C ALA A 135 26.87 13.89 -31.15
N GLU A 136 27.05 13.28 -29.99
CA GLU A 136 28.00 13.78 -28.99
C GLU A 136 29.41 13.69 -29.58
N ALA A 137 29.76 12.52 -30.12
CA ALA A 137 31.06 12.28 -30.74
C ALA A 137 31.39 13.29 -31.84
N VAL A 138 30.42 13.78 -32.59
CA VAL A 138 30.69 14.79 -33.59
C VAL A 138 30.76 16.17 -32.92
N SER A 139 29.92 16.39 -31.90
CA SER A 139 29.86 17.65 -31.20
C SER A 139 31.22 17.91 -30.56
N LYS A 140 31.74 16.91 -29.84
CA LYS A 140 32.95 17.09 -29.08
C LYS A 140 34.17 17.22 -29.99
N GLY A 141 34.07 16.75 -31.25
CA GLY A 141 35.15 16.86 -32.23
C GLY A 141 35.98 15.58 -32.34
N ASN A 142 35.48 14.49 -31.73
CA ASN A 142 36.07 13.16 -31.82
C ASN A 142 35.58 12.36 -33.03
N ALA A 143 34.96 13.05 -34.01
CA ALA A 143 34.42 12.39 -35.18
C ALA A 143 34.16 13.39 -36.32
N ASP A 144 34.55 12.97 -37.52
CA ASP A 144 34.42 13.77 -38.75
C ASP A 144 33.04 13.48 -39.37
N PHE A 145 32.66 12.19 -39.38
CA PHE A 145 31.39 11.72 -39.87
C PHE A 145 30.59 10.98 -38.80
N ALA A 146 29.26 11.14 -38.92
CA ALA A 146 28.27 10.33 -38.24
C ALA A 146 27.53 9.51 -39.29
N ILE A 147 27.28 8.24 -38.96
CA ILE A 147 26.38 7.37 -39.68
C ILE A 147 25.25 7.01 -38.72
N ALA A 148 24.19 7.82 -38.75
CA ALA A 148 23.03 7.70 -37.86
C ALA A 148 21.96 6.81 -38.49
N THR A 149 21.27 6.04 -37.63
CA THR A 149 20.24 5.11 -38.08
C THR A 149 18.82 5.54 -37.70
N GLU A 150 18.66 6.32 -36.63
CA GLU A 150 17.37 6.86 -36.22
C GLU A 150 17.56 8.14 -35.39
N ALA A 151 16.46 8.69 -34.88
CA ALA A 151 16.47 9.89 -34.06
C ALA A 151 17.25 11.03 -34.72
N LEU A 152 16.90 11.35 -35.96
CA LEU A 152 17.66 12.28 -36.79
C LEU A 152 17.52 13.72 -36.31
N HIS A 153 16.49 14.02 -35.52
CA HIS A 153 16.37 15.29 -34.82
C HIS A 153 17.65 15.55 -34.03
N LEU A 154 18.34 14.50 -33.56
CA LEU A 154 19.61 14.68 -32.86
C LEU A 154 20.74 15.22 -33.77
N TYR A 155 20.52 15.42 -35.09
CA TYR A 155 21.56 15.93 -35.99
C TYR A 155 21.06 17.06 -36.90
N ASP A 156 20.19 17.91 -36.37
CA ASP A 156 19.61 18.98 -37.15
C ASP A 156 20.68 20.03 -37.48
N ASP A 157 21.83 19.97 -36.80
CA ASP A 157 22.86 20.99 -36.97
C ASP A 157 23.95 20.45 -37.90
N LEU A 158 23.74 19.26 -38.45
CA LEU A 158 24.67 18.62 -39.37
C LEU A 158 24.08 18.55 -40.78
N VAL A 159 24.95 18.62 -41.77
CA VAL A 159 24.60 18.14 -43.09
C VAL A 159 24.42 16.62 -42.99
N MET A 160 23.17 16.15 -43.16
CA MET A 160 22.87 14.72 -43.18
C MET A 160 22.38 14.27 -44.57
N LEU A 161 22.87 13.11 -45.04
CA LEU A 161 22.69 12.66 -46.41
C LEU A 161 22.07 11.26 -46.38
N PRO A 162 20.91 11.04 -47.05
CA PRO A 162 20.19 9.77 -46.97
C PRO A 162 21.01 8.75 -47.74
N CYS A 163 21.12 7.55 -47.16
CA CYS A 163 21.83 6.45 -47.74
C CYS A 163 20.89 5.33 -48.11
N TYR A 164 20.02 4.93 -47.17
CA TYR A 164 19.14 3.79 -47.38
C TYR A 164 18.05 3.74 -46.30
N HIS A 165 16.99 2.97 -46.56
CA HIS A 165 15.91 2.79 -45.62
C HIS A 165 16.02 1.40 -45.01
N TRP A 166 15.60 1.25 -43.75
CA TRP A 166 15.73 -0.03 -43.06
C TRP A 166 14.52 -0.30 -42.16
N ASN A 167 14.34 -1.58 -41.85
CA ASN A 167 13.16 -2.07 -41.17
C ASN A 167 13.54 -2.93 -39.96
N ARG A 168 12.54 -3.17 -39.13
CA ARG A 168 12.71 -3.87 -37.87
C ARG A 168 12.13 -5.26 -38.04
N SER A 169 12.69 -6.23 -37.31
CA SER A 169 12.09 -7.55 -37.23
C SER A 169 11.78 -7.84 -35.77
N ILE A 170 10.75 -8.64 -35.55
CA ILE A 170 10.55 -9.24 -34.23
C ILE A 170 11.41 -10.49 -34.17
N VAL A 171 12.21 -10.64 -33.14
CA VAL A 171 13.02 -11.85 -33.05
C VAL A 171 12.69 -12.62 -31.79
N VAL A 172 12.68 -13.96 -31.95
CA VAL A 172 12.24 -14.87 -30.91
C VAL A 172 12.97 -16.20 -31.04
N THR A 173 12.98 -16.99 -29.94
CA THR A 173 13.45 -18.38 -29.95
C THR A 173 12.50 -19.24 -30.80
N PRO A 174 12.98 -20.31 -31.47
CA PRO A 174 12.11 -21.12 -32.34
C PRO A 174 11.06 -21.98 -31.63
N GLU A 175 10.92 -21.84 -30.29
CA GLU A 175 9.89 -22.53 -29.53
C GLU A 175 8.98 -21.51 -28.81
N HIS A 176 9.10 -20.22 -29.12
CA HIS A 176 8.27 -19.21 -28.48
C HIS A 176 6.89 -19.29 -29.10
N PRO A 177 5.82 -19.03 -28.31
CA PRO A 177 4.45 -19.05 -28.86
C PRO A 177 4.23 -18.27 -30.17
N LEU A 178 5.17 -17.40 -30.55
CA LEU A 178 4.97 -16.49 -31.68
C LEU A 178 5.54 -17.05 -32.99
N ALA A 179 6.40 -18.07 -32.91
CA ALA A 179 7.14 -18.54 -34.08
C ALA A 179 6.20 -19.18 -35.12
N THR A 180 5.28 -20.02 -34.65
CA THR A 180 4.39 -20.78 -35.53
C THR A 180 3.01 -20.13 -35.57
N LYS A 181 2.92 -18.83 -35.31
CA LYS A 181 1.67 -18.09 -35.51
C LYS A 181 1.75 -17.36 -36.86
N GLY A 182 2.98 -17.05 -37.30
CA GLY A 182 3.24 -16.29 -38.53
C GLY A 182 2.12 -15.29 -38.86
N SER A 183 2.15 -14.12 -38.20
CA SER A 183 0.99 -13.23 -38.08
C SER A 183 1.00 -12.60 -36.68
N VAL A 184 1.64 -11.42 -36.57
CA VAL A 184 1.67 -10.67 -35.32
C VAL A 184 1.09 -9.27 -35.57
N SER A 185 0.08 -8.91 -34.78
CA SER A 185 -0.35 -7.53 -34.68
C SER A 185 0.33 -6.87 -33.48
N ILE A 186 0.25 -5.54 -33.40
CA ILE A 186 0.83 -4.80 -32.29
C ILE A 186 0.16 -5.24 -30.98
N GLU A 187 -1.15 -5.55 -31.04
CA GLU A 187 -1.91 -5.99 -29.88
C GLU A 187 -1.33 -7.30 -29.35
N GLU A 188 -1.01 -8.23 -30.27
CA GLU A 188 -0.45 -9.52 -29.91
C GLU A 188 0.93 -9.33 -29.30
N LEU A 189 1.72 -8.44 -29.92
CA LEU A 189 3.08 -8.16 -29.47
C LEU A 189 3.05 -7.55 -28.06
N ALA A 190 2.09 -6.65 -27.82
CA ALA A 190 2.14 -5.88 -26.60
C ALA A 190 1.93 -6.74 -25.36
N GLN A 191 1.39 -7.97 -25.50
N GLN A 191 1.37 -7.95 -25.56
CA GLN A 191 1.15 -8.77 -24.31
CA GLN A 191 1.16 -8.91 -24.49
C GLN A 191 2.43 -9.52 -23.90
C GLN A 191 2.50 -9.27 -23.84
N TYR A 192 3.52 -9.41 -24.69
CA TYR A 192 4.78 -10.04 -24.33
C TYR A 192 5.72 -9.04 -23.69
N PRO A 193 6.70 -9.53 -22.89
CA PRO A 193 7.81 -8.69 -22.41
C PRO A 193 8.80 -8.42 -23.55
N LEU A 194 9.31 -7.17 -23.59
CA LEU A 194 10.14 -6.71 -24.70
C LEU A 194 11.62 -6.61 -24.34
N VAL A 195 12.40 -6.98 -25.33
CA VAL A 195 13.83 -6.83 -25.34
C VAL A 195 14.19 -5.93 -26.53
N THR A 196 14.92 -4.85 -26.29
CA THR A 196 15.18 -3.95 -27.40
C THR A 196 16.28 -2.96 -27.03
N TYR A 197 16.54 -1.96 -27.88
CA TYR A 197 17.61 -1.01 -27.63
C TYR A 197 17.28 -0.17 -26.41
N THR A 198 18.31 0.49 -25.85
CA THR A 198 18.15 1.44 -24.76
C THR A 198 17.38 2.66 -25.23
N PHE A 199 17.42 2.93 -26.53
CA PHE A 199 16.82 4.11 -27.17
C PHE A 199 15.66 3.61 -28.04
N GLY A 200 15.13 2.42 -27.78
CA GLY A 200 13.95 1.94 -28.48
C GLY A 200 12.79 2.87 -28.19
N PHE A 201 12.45 2.96 -26.90
CA PHE A 201 11.39 3.83 -26.44
C PHE A 201 11.97 5.08 -25.83
N THR A 202 11.61 6.24 -26.41
CA THR A 202 12.13 7.52 -25.99
C THR A 202 11.01 8.53 -25.84
N GLY A 203 9.79 8.19 -26.26
CA GLY A 203 8.72 9.17 -26.31
C GLY A 203 8.37 9.58 -27.75
N ARG A 204 9.35 9.53 -28.65
CA ARG A 204 9.09 9.97 -29.99
C ARG A 204 9.70 9.07 -31.06
N SER A 205 10.01 7.81 -30.75
CA SER A 205 10.62 6.91 -31.72
C SER A 205 9.55 6.31 -32.63
N GLU A 206 9.96 5.44 -33.53
CA GLU A 206 9.03 4.76 -34.42
C GLU A 206 8.32 3.64 -33.64
N LEU A 207 8.94 3.19 -32.52
CA LEU A 207 8.36 2.22 -31.60
C LEU A 207 7.28 2.90 -30.75
N ASP A 208 7.63 4.06 -30.20
CA ASP A 208 6.68 4.90 -29.50
C ASP A 208 5.45 5.14 -30.38
N THR A 209 5.67 5.43 -31.68
CA THR A 209 4.55 5.89 -32.51
C THR A 209 3.53 4.76 -32.73
N ALA A 210 3.99 3.52 -32.98
CA ALA A 210 3.08 2.40 -33.20
C ALA A 210 2.24 2.12 -31.96
N PHE A 211 2.87 2.27 -30.78
CA PHE A 211 2.20 2.00 -29.52
C PHE A 211 1.21 3.12 -29.20
N ASN A 212 1.62 4.39 -29.30
CA ASN A 212 0.71 5.49 -29.00
C ASN A 212 -0.51 5.40 -29.92
N ARG A 213 -0.28 5.06 -31.19
CA ARG A 213 -1.35 4.91 -32.17
C ARG A 213 -2.39 3.88 -31.72
N ALA A 214 -1.98 2.83 -30.99
CA ALA A 214 -2.88 1.76 -30.57
C ALA A 214 -3.28 1.90 -29.11
N GLY A 215 -2.82 2.95 -28.41
CA GLY A 215 -3.18 3.21 -27.03
C GLY A 215 -2.48 2.31 -26.01
N LEU A 216 -1.39 1.63 -26.40
CA LEU A 216 -0.76 0.58 -25.61
C LEU A 216 0.58 0.98 -25.00
N THR A 217 0.91 0.40 -23.85
CA THR A 217 2.19 0.63 -23.20
C THR A 217 3.01 -0.65 -23.31
N PRO A 218 4.30 -0.55 -23.68
CA PRO A 218 5.14 -1.74 -23.77
C PRO A 218 5.77 -2.18 -22.45
N ARG A 219 5.86 -3.51 -22.29
CA ARG A 219 6.51 -4.18 -21.19
C ARG A 219 7.99 -4.35 -21.53
N ILE A 220 8.86 -3.64 -20.81
CA ILE A 220 10.29 -3.60 -21.14
C ILE A 220 11.11 -4.16 -19.98
N VAL A 221 11.56 -5.41 -20.16
CA VAL A 221 12.30 -6.16 -19.16
C VAL A 221 13.80 -5.97 -19.32
N PHE A 222 14.28 -5.76 -20.55
CA PHE A 222 15.71 -5.60 -20.79
C PHE A 222 15.99 -4.74 -22.02
N THR A 223 16.92 -3.80 -21.90
CA THR A 223 17.42 -3.08 -23.08
C THR A 223 18.92 -3.17 -23.08
N ALA A 224 19.50 -3.08 -24.28
CA ALA A 224 20.93 -2.86 -24.46
C ALA A 224 21.17 -1.81 -25.56
N THR A 225 22.34 -1.17 -25.52
CA THR A 225 22.75 -0.28 -26.59
C THR A 225 22.95 -1.05 -27.88
N ASP A 226 23.33 -2.33 -27.74
CA ASP A 226 23.97 -3.11 -28.76
C ASP A 226 23.07 -4.28 -29.16
N ALA A 227 22.71 -4.33 -30.44
CA ALA A 227 21.84 -5.34 -31.04
C ALA A 227 22.33 -6.79 -30.84
N ASP A 228 23.65 -7.03 -30.74
CA ASP A 228 24.17 -8.37 -30.52
C ASP A 228 23.80 -8.86 -29.12
N VAL A 229 23.99 -7.99 -28.12
CA VAL A 229 23.66 -8.30 -26.74
C VAL A 229 22.18 -8.66 -26.56
N ILE A 230 21.32 -7.99 -27.35
CA ILE A 230 19.88 -8.23 -27.36
C ILE A 230 19.66 -9.64 -27.92
N LYS A 231 20.37 -9.94 -29.01
CA LYS A 231 20.27 -11.22 -29.68
C LYS A 231 20.57 -12.38 -28.74
N THR A 232 21.59 -12.24 -27.88
CA THR A 232 22.06 -13.39 -27.11
C THR A 232 21.22 -13.49 -25.84
N TYR A 233 20.69 -12.35 -25.37
CA TYR A 233 19.64 -12.38 -24.38
C TYR A 233 18.46 -13.19 -24.92
N VAL A 234 18.04 -12.99 -26.16
CA VAL A 234 16.82 -13.62 -26.63
C VAL A 234 17.02 -15.14 -26.70
N ARG A 235 18.28 -15.64 -26.73
CA ARG A 235 18.56 -17.06 -26.64
C ARG A 235 18.48 -17.59 -25.19
N LEU A 236 17.37 -17.28 -24.46
CA LEU A 236 17.21 -17.55 -23.03
C LEU A 236 16.10 -16.67 -22.42
N GLY A 237 14.98 -17.25 -21.94
CA GLY A 237 13.97 -16.48 -21.21
C GLY A 237 12.53 -16.72 -21.70
N LEU A 238 11.76 -15.61 -21.88
CA LEU A 238 10.42 -15.66 -22.49
C LEU A 238 10.11 -14.42 -23.36
N GLY A 239 11.07 -13.47 -23.40
CA GLY A 239 10.85 -12.14 -23.95
C GLY A 239 11.18 -12.08 -25.44
N VAL A 240 10.55 -11.10 -26.11
CA VAL A 240 10.56 -10.95 -27.55
C VAL A 240 11.44 -9.77 -27.94
N GLY A 241 12.33 -9.99 -28.91
CA GLY A 241 13.29 -8.97 -29.31
C GLY A 241 12.71 -8.13 -30.44
N VAL A 242 13.11 -6.85 -30.47
CA VAL A 242 12.72 -5.90 -31.51
C VAL A 242 13.99 -5.18 -31.92
N ILE A 243 14.50 -5.50 -33.12
CA ILE A 243 15.77 -4.96 -33.59
C ILE A 243 15.71 -4.89 -35.11
N ALA A 244 16.66 -4.15 -35.69
CA ALA A 244 16.86 -4.08 -37.13
C ALA A 244 16.97 -5.49 -37.72
N SER A 245 16.15 -5.73 -38.76
CA SER A 245 16.21 -6.95 -39.56
C SER A 245 17.67 -7.34 -39.83
N MET A 246 18.52 -6.37 -40.23
CA MET A 246 19.87 -6.66 -40.67
C MET A 246 20.79 -7.14 -39.54
N ALA A 247 20.31 -7.21 -38.30
CA ALA A 247 21.13 -7.80 -37.24
C ALA A 247 20.86 -9.29 -37.08
N VAL A 248 20.04 -9.89 -37.97
CA VAL A 248 19.67 -11.29 -37.81
C VAL A 248 19.62 -12.00 -39.16
N ASP A 249 20.42 -13.06 -39.29
CA ASP A 249 20.58 -13.80 -40.53
C ASP A 249 20.18 -15.26 -40.30
N PRO A 250 19.62 -16.01 -41.28
CA PRO A 250 19.41 -17.46 -41.15
C PRO A 250 20.63 -18.34 -40.86
N VAL A 251 21.81 -17.92 -41.34
CA VAL A 251 23.03 -18.69 -41.19
C VAL A 251 23.89 -18.10 -40.06
N SER A 252 24.06 -16.78 -40.02
CA SER A 252 24.72 -16.16 -38.87
C SER A 252 24.07 -16.64 -37.57
N ASP A 253 22.73 -16.65 -37.56
CA ASP A 253 21.95 -16.97 -36.38
C ASP A 253 20.83 -17.95 -36.71
N PRO A 254 21.06 -19.28 -36.72
CA PRO A 254 19.96 -20.23 -36.92
C PRO A 254 19.15 -20.46 -35.66
N ASP A 255 19.70 -20.09 -34.48
CA ASP A 255 19.02 -20.28 -33.21
C ASP A 255 17.91 -19.25 -32.98
N LEU A 256 17.66 -18.35 -33.95
CA LEU A 256 16.67 -17.30 -33.80
C LEU A 256 15.79 -17.25 -35.04
N VAL A 257 14.49 -16.92 -34.84
CA VAL A 257 13.50 -16.81 -35.90
C VAL A 257 13.07 -15.36 -36.01
N LYS A 258 12.88 -14.93 -37.25
CA LYS A 258 12.86 -13.53 -37.60
C LYS A 258 11.52 -13.26 -38.27
N LEU A 259 10.58 -12.65 -37.54
CA LEU A 259 9.19 -12.45 -37.98
C LEU A 259 8.97 -11.05 -38.54
N ASP A 260 8.15 -10.99 -39.59
CA ASP A 260 7.75 -9.75 -40.23
C ASP A 260 7.16 -8.78 -39.19
N ALA A 261 7.75 -7.58 -39.15
CA ALA A 261 7.19 -6.43 -38.45
C ALA A 261 7.03 -5.24 -39.38
N ASN A 262 7.21 -5.45 -40.70
CA ASN A 262 7.00 -4.40 -41.68
C ASN A 262 5.64 -3.74 -41.45
N GLY A 263 4.63 -4.55 -41.11
CA GLY A 263 3.28 -4.03 -41.03
C GLY A 263 2.91 -3.48 -39.65
N ILE A 264 3.89 -3.22 -38.77
CA ILE A 264 3.66 -2.78 -37.40
C ILE A 264 4.31 -1.41 -37.18
N PHE A 265 5.60 -1.33 -37.56
CA PHE A 265 6.44 -0.17 -37.35
C PHE A 265 6.82 0.34 -38.74
N SER A 266 6.88 1.65 -38.85
CA SER A 266 7.34 2.31 -40.04
C SER A 266 8.87 2.19 -40.12
N HIS A 267 9.41 2.24 -41.35
CA HIS A 267 10.83 2.14 -41.63
C HIS A 267 11.56 3.37 -41.08
N SER A 268 12.89 3.27 -41.05
CA SER A 268 13.77 4.37 -40.68
C SER A 268 14.78 4.60 -41.81
N THR A 269 15.42 5.77 -41.86
CA THR A 269 16.37 6.12 -42.90
C THR A 269 17.77 6.27 -42.28
N THR A 270 18.74 5.47 -42.77
CA THR A 270 20.14 5.68 -42.42
C THR A 270 20.75 6.81 -43.26
N LYS A 271 21.54 7.66 -42.62
CA LYS A 271 22.10 8.86 -43.21
C LYS A 271 23.56 9.02 -42.75
N ILE A 272 24.34 9.78 -43.53
CA ILE A 272 25.74 10.02 -43.21
C ILE A 272 25.97 11.52 -43.30
N GLY A 273 26.74 12.06 -42.35
CA GLY A 273 26.86 13.51 -42.24
C GLY A 273 28.03 13.93 -41.38
N PHE A 274 28.08 15.25 -41.08
CA PHE A 274 29.29 15.91 -40.65
C PHE A 274 29.03 17.41 -40.47
N ARG A 275 29.89 18.07 -39.67
CA ARG A 275 29.71 19.49 -39.41
C ARG A 275 29.97 20.24 -40.72
N ARG A 276 29.20 21.30 -40.97
CA ARG A 276 29.41 22.17 -42.10
C ARG A 276 30.82 22.75 -42.09
N SER A 277 31.35 23.04 -40.91
CA SER A 277 32.72 23.54 -40.75
C SER A 277 33.80 22.57 -41.28
N THR A 278 33.50 21.27 -41.37
CA THR A 278 34.53 20.29 -41.70
C THR A 278 34.95 20.45 -43.15
N PHE A 279 36.26 20.64 -43.38
CA PHE A 279 36.86 20.53 -44.70
C PHE A 279 36.80 19.08 -45.19
N LEU A 280 36.34 18.91 -46.43
CA LEU A 280 36.16 17.60 -47.01
C LEU A 280 37.37 17.26 -47.88
N ARG A 281 38.06 16.20 -47.48
CA ARG A 281 39.24 15.75 -48.17
C ARG A 281 38.83 14.71 -49.18
N SER A 282 39.79 14.40 -50.05
CA SER A 282 39.55 13.51 -51.17
C SER A 282 39.11 12.13 -50.69
N TYR A 283 39.66 11.61 -49.57
CA TYR A 283 39.35 10.26 -49.15
C TYR A 283 37.97 10.22 -48.49
N MET A 284 37.51 11.42 -48.13
CA MET A 284 36.24 11.61 -47.43
C MET A 284 35.08 11.50 -48.42
N TYR A 285 35.13 12.29 -49.51
CA TYR A 285 34.20 12.08 -50.61
C TYR A 285 34.21 10.58 -50.94
N ASP A 286 35.42 9.99 -51.02
CA ASP A 286 35.56 8.58 -51.34
C ASP A 286 34.81 7.71 -50.33
N PHE A 287 35.08 7.88 -49.04
CA PHE A 287 34.42 7.08 -48.04
C PHE A 287 32.89 7.12 -48.23
N ILE A 288 32.37 8.33 -48.46
CA ILE A 288 30.93 8.59 -48.57
C ILE A 288 30.32 7.82 -49.74
N GLN A 289 30.96 7.86 -50.91
CA GLN A 289 30.48 7.24 -52.13
C GLN A 289 30.54 5.71 -52.02
N ARG A 290 31.63 5.19 -51.44
CA ARG A 290 31.75 3.77 -51.18
C ARG A 290 30.64 3.25 -50.27
N PHE A 291 30.07 4.09 -49.42
CA PHE A 291 29.04 3.63 -48.49
C PHE A 291 27.66 3.74 -49.14
N ALA A 292 27.45 4.89 -49.79
CA ALA A 292 26.23 5.24 -50.49
C ALA A 292 26.57 5.65 -51.92
N PRO A 293 26.51 4.66 -52.86
CA PRO A 293 26.92 4.89 -54.26
C PRO A 293 26.39 6.16 -54.94
N HIS A 294 25.16 6.53 -54.59
CA HIS A 294 24.52 7.64 -55.26
C HIS A 294 25.09 8.97 -54.76
N LEU A 295 25.84 8.93 -53.65
CA LEU A 295 26.39 10.14 -53.05
C LEU A 295 27.76 10.45 -53.70
N THR A 296 27.74 11.17 -54.83
CA THR A 296 28.94 11.49 -55.58
C THR A 296 29.47 12.85 -55.12
N ARG A 297 30.68 13.17 -55.54
CA ARG A 297 31.31 14.43 -55.20
C ARG A 297 30.37 15.60 -55.48
N ASP A 298 29.81 15.61 -56.69
CA ASP A 298 28.93 16.69 -57.11
C ASP A 298 27.69 16.74 -56.24
N VAL A 299 27.13 15.56 -55.94
CA VAL A 299 25.94 15.43 -55.11
C VAL A 299 26.19 16.05 -53.74
N VAL A 300 27.31 15.67 -53.12
CA VAL A 300 27.63 16.13 -51.79
C VAL A 300 27.75 17.65 -51.75
N ASP A 301 28.54 18.26 -52.64
CA ASP A 301 28.76 19.71 -52.61
C ASP A 301 27.45 20.44 -52.89
N THR A 302 26.58 19.84 -53.70
CA THR A 302 25.24 20.38 -53.90
C THR A 302 24.46 20.33 -52.57
N ALA A 303 24.45 19.17 -51.92
CA ALA A 303 23.75 19.02 -50.65
C ALA A 303 24.32 19.97 -49.59
N VAL A 304 25.63 20.22 -49.62
CA VAL A 304 26.23 21.12 -48.65
C VAL A 304 25.70 22.55 -48.85
N ALA A 305 25.53 23.01 -50.10
CA ALA A 305 25.23 24.41 -50.36
C ALA A 305 23.75 24.73 -50.14
N LEU A 306 22.89 23.70 -50.06
CA LEU A 306 21.52 23.88 -49.63
C LEU A 306 21.51 24.41 -48.19
N ARG A 307 20.32 24.50 -47.57
CA ARG A 307 20.18 25.15 -46.28
C ARG A 307 19.59 24.26 -45.19
N SER A 308 18.96 23.12 -45.54
CA SER A 308 18.44 22.22 -44.53
C SER A 308 18.55 20.77 -44.99
N ASN A 309 18.18 19.84 -44.11
CA ASN A 309 18.26 18.41 -44.41
C ASN A 309 16.98 17.93 -45.07
N GLU A 310 15.93 18.75 -45.04
CA GLU A 310 14.68 18.39 -45.68
C GLU A 310 14.87 18.61 -47.18
N ASP A 311 15.37 19.83 -47.51
CA ASP A 311 15.71 20.26 -48.87
C ASP A 311 16.66 19.26 -49.52
N ILE A 312 17.55 18.67 -48.71
CA ILE A 312 18.45 17.60 -49.13
C ILE A 312 17.70 16.29 -49.44
N GLU A 313 16.73 15.91 -48.59
CA GLU A 313 15.88 14.76 -48.91
C GLU A 313 15.09 15.01 -50.20
N ALA A 314 14.57 16.24 -50.35
CA ALA A 314 13.89 16.68 -51.57
C ALA A 314 14.63 16.21 -52.81
N MET A 315 15.97 16.18 -52.76
CA MET A 315 16.78 15.80 -53.92
C MET A 315 16.61 14.33 -54.30
N PHE A 316 16.14 13.47 -53.39
CA PHE A 316 16.13 12.04 -53.66
C PHE A 316 14.71 11.50 -53.70
N LYS A 317 13.75 12.40 -53.97
CA LYS A 317 12.36 12.04 -54.12
C LYS A 317 12.21 11.22 -55.41
N ASP A 318 12.72 11.72 -56.54
CA ASP A 318 12.48 11.05 -57.82
C ASP A 318 13.41 9.85 -57.98
N ILE A 319 13.69 9.13 -56.87
CA ILE A 319 14.63 8.03 -56.81
C ILE A 319 14.35 7.21 -55.55
N LYS A 320 14.08 5.92 -55.72
CA LYS A 320 13.89 5.01 -54.60
C LYS A 320 15.27 4.63 -54.07
N LEU A 321 15.51 4.83 -52.77
CA LEU A 321 16.77 4.46 -52.14
C LEU A 321 16.74 2.98 -51.82
N PRO A 322 17.91 2.34 -51.61
CA PRO A 322 17.94 0.93 -51.26
C PRO A 322 17.10 0.72 -50.02
N GLU A 323 16.61 -0.50 -49.84
CA GLU A 323 15.91 -0.91 -48.63
C GLU A 323 16.75 -1.99 -47.98
N LYS A 324 16.92 -1.98 -46.64
CA LYS A 324 17.80 -2.95 -46.01
C LYS A 324 17.15 -3.56 -44.75
N MET B 1 -28.94 3.74 -20.75
CA MET B 1 -28.89 2.29 -21.11
C MET B 1 -27.90 1.56 -20.20
N LYS B 2 -28.06 0.24 -20.10
CA LYS B 2 -27.32 -0.58 -19.17
C LYS B 2 -26.74 -1.76 -19.94
N LEU B 3 -25.67 -2.37 -19.42
CA LEU B 3 -25.10 -3.54 -20.07
C LEU B 3 -26.16 -4.61 -20.29
N GLN B 4 -26.95 -4.89 -19.25
CA GLN B 4 -27.95 -5.94 -19.29
C GLN B 4 -28.88 -5.77 -20.49
N GLN B 5 -29.21 -4.53 -20.85
CA GLN B 5 -30.11 -4.32 -21.97
C GLN B 5 -29.43 -4.72 -23.26
N LEU B 6 -28.12 -4.50 -23.29
CA LEU B 6 -27.36 -4.78 -24.48
C LEU B 6 -27.25 -6.29 -24.66
N ARG B 7 -27.00 -7.06 -23.57
CA ARG B 7 -26.91 -8.52 -23.65
C ARG B 7 -28.17 -9.08 -24.29
N TYR B 8 -29.30 -8.53 -23.84
CA TYR B 8 -30.62 -9.06 -24.12
C TYR B 8 -30.88 -8.95 -25.62
N ILE B 9 -30.67 -7.76 -26.20
CA ILE B 9 -30.97 -7.58 -27.62
C ILE B 9 -30.02 -8.43 -28.48
N VAL B 10 -28.80 -8.72 -28.03
CA VAL B 10 -27.90 -9.59 -28.79
C VAL B 10 -28.36 -11.05 -28.65
N GLU B 11 -28.83 -11.45 -27.46
CA GLU B 11 -29.33 -12.81 -27.26
C GLU B 11 -30.62 -13.10 -28.01
N VAL B 12 -31.52 -12.13 -28.12
CA VAL B 12 -32.80 -12.33 -28.81
C VAL B 12 -32.55 -12.69 -30.28
N VAL B 13 -31.44 -12.15 -30.85
CA VAL B 13 -31.03 -12.38 -32.23
C VAL B 13 -30.33 -13.74 -32.35
N ASN B 14 -29.53 -14.09 -31.33
CA ASN B 14 -28.97 -15.43 -31.20
C ASN B 14 -30.06 -16.51 -31.20
N HIS B 15 -31.22 -16.24 -30.58
CA HIS B 15 -32.27 -17.24 -30.42
C HIS B 15 -33.48 -16.92 -31.31
N ASN B 16 -33.25 -16.54 -32.58
CA ASN B 16 -34.27 -16.54 -33.63
C ASN B 16 -35.44 -15.59 -33.39
N LEU B 17 -35.23 -14.52 -32.60
CA LEU B 17 -36.29 -13.59 -32.23
C LEU B 17 -37.36 -14.32 -31.41
N ASN B 18 -36.96 -15.46 -30.84
CA ASN B 18 -37.82 -16.28 -30.00
C ASN B 18 -37.52 -15.84 -28.56
N VAL B 19 -38.35 -14.89 -28.08
CA VAL B 19 -38.17 -14.14 -26.85
C VAL B 19 -38.33 -15.10 -25.66
N SER B 20 -39.38 -15.93 -25.73
CA SER B 20 -39.58 -17.08 -24.85
C SER B 20 -38.31 -17.93 -24.78
N SER B 21 -37.82 -18.35 -25.96
CA SER B 21 -36.63 -19.20 -26.06
C SER B 21 -35.39 -18.54 -25.45
N THR B 22 -35.26 -17.22 -25.65
CA THR B 22 -34.13 -16.46 -25.14
C THR B 22 -34.03 -16.58 -23.62
N ALA B 23 -35.16 -16.33 -22.94
CA ALA B 23 -35.23 -16.27 -21.49
C ALA B 23 -34.75 -17.57 -20.82
N GLU B 24 -35.06 -18.74 -21.42
CA GLU B 24 -34.61 -20.01 -20.88
C GLU B 24 -33.08 -19.98 -20.78
N GLY B 25 -32.40 -19.52 -21.84
CA GLY B 25 -30.95 -19.43 -21.85
C GLY B 25 -30.41 -18.68 -20.63
N LEU B 26 -31.07 -17.57 -20.26
CA LEU B 26 -30.51 -16.54 -19.39
C LEU B 26 -31.25 -16.41 -18.05
N TYR B 27 -32.02 -17.43 -17.64
CA TYR B 27 -32.55 -17.50 -16.28
C TYR B 27 -33.37 -16.24 -15.94
N THR B 28 -34.42 -15.95 -16.74
CA THR B 28 -35.36 -14.86 -16.45
C THR B 28 -36.69 -15.13 -17.17
N SER B 29 -37.55 -14.12 -17.36
CA SER B 29 -38.87 -14.32 -17.96
C SER B 29 -39.01 -13.57 -19.30
N GLN B 30 -40.12 -13.85 -20.02
CA GLN B 30 -40.46 -13.19 -21.27
C GLN B 30 -40.86 -11.73 -21.04
N PRO B 31 -41.76 -11.39 -20.07
CA PRO B 31 -42.04 -9.98 -19.79
C PRO B 31 -40.95 -9.18 -19.06
N GLY B 32 -39.78 -9.80 -18.83
CA GLY B 32 -38.60 -9.11 -18.33
C GLY B 32 -37.72 -8.61 -19.48
N ILE B 33 -37.25 -9.53 -20.31
CA ILE B 33 -36.47 -9.23 -21.52
C ILE B 33 -37.23 -8.20 -22.37
N SER B 34 -38.53 -8.48 -22.58
CA SER B 34 -39.43 -7.68 -23.40
C SER B 34 -39.54 -6.24 -22.86
N LYS B 35 -39.48 -6.09 -21.53
CA LYS B 35 -39.54 -4.80 -20.84
C LYS B 35 -38.26 -3.98 -21.04
N GLN B 36 -37.09 -4.59 -20.82
CA GLN B 36 -35.80 -3.92 -20.98
C GLN B 36 -35.57 -3.48 -22.44
N VAL B 37 -35.99 -4.30 -23.41
CA VAL B 37 -35.91 -3.92 -24.80
C VAL B 37 -36.78 -2.70 -25.11
N ARG B 38 -38.06 -2.79 -24.74
CA ARG B 38 -39.01 -1.70 -25.02
C ARG B 38 -38.51 -0.41 -24.36
N MET B 39 -37.83 -0.52 -23.20
CA MET B 39 -37.21 0.61 -22.51
C MET B 39 -36.13 1.26 -23.38
N LEU B 40 -35.22 0.43 -23.91
CA LEU B 40 -34.13 0.90 -24.75
C LEU B 40 -34.66 1.53 -26.02
N GLU B 41 -35.66 0.89 -26.66
CA GLU B 41 -36.27 1.41 -27.88
C GLU B 41 -36.83 2.81 -27.60
N ASP B 42 -37.39 3.01 -26.39
CA ASP B 42 -37.91 4.29 -25.94
C ASP B 42 -36.77 5.30 -25.70
N GLU B 43 -35.73 4.89 -24.95
CA GLU B 43 -34.55 5.73 -24.74
C GLU B 43 -34.01 6.21 -26.09
N LEU B 44 -33.69 5.28 -27.00
CA LEU B 44 -33.09 5.63 -28.30
C LEU B 44 -34.12 6.28 -29.24
N GLY B 45 -35.41 6.00 -29.09
CA GLY B 45 -36.43 6.68 -29.87
C GLY B 45 -36.64 6.04 -31.23
N ILE B 46 -36.25 4.76 -31.34
CA ILE B 46 -36.39 4.03 -32.58
C ILE B 46 -36.57 2.56 -32.25
N GLN B 47 -37.25 1.83 -33.17
CA GLN B 47 -37.51 0.40 -33.02
C GLN B 47 -36.30 -0.40 -33.55
N ILE B 48 -35.75 -1.23 -32.66
CA ILE B 48 -34.72 -2.19 -33.00
C ILE B 48 -35.33 -3.34 -33.82
N PHE B 49 -36.52 -3.80 -33.40
CA PHE B 49 -37.18 -4.96 -33.99
C PHE B 49 -38.54 -4.57 -34.56
N ALA B 50 -38.79 -4.89 -35.84
CA ALA B 50 -40.12 -4.78 -36.43
C ALA B 50 -40.99 -5.87 -35.82
N ARG B 51 -42.31 -5.62 -35.76
CA ARG B 51 -43.26 -6.37 -34.95
C ARG B 51 -44.57 -6.53 -35.70
N SER B 52 -44.97 -7.78 -35.97
CA SER B 52 -46.31 -8.09 -36.45
C SER B 52 -47.11 -8.67 -35.30
N GLY B 53 -48.03 -7.87 -34.75
CA GLY B 53 -48.73 -8.17 -33.51
C GLY B 53 -47.78 -8.34 -32.33
N LYS B 54 -47.75 -9.57 -31.79
CA LYS B 54 -46.88 -9.91 -30.67
C LYS B 54 -45.54 -10.46 -31.18
N HIS B 55 -45.56 -11.23 -32.28
CA HIS B 55 -44.33 -11.83 -32.82
C HIS B 55 -43.37 -10.74 -33.32
N LEU B 56 -42.06 -10.93 -33.11
CA LEU B 56 -41.00 -10.11 -33.69
C LEU B 56 -40.59 -10.70 -35.03
N THR B 57 -40.55 -9.89 -36.10
CA THR B 57 -40.35 -10.45 -37.43
C THR B 57 -38.91 -10.30 -37.91
N GLN B 58 -38.23 -9.19 -37.60
CA GLN B 58 -36.85 -9.01 -38.03
C GLN B 58 -36.21 -7.77 -37.43
N VAL B 59 -34.88 -7.66 -37.54
CA VAL B 59 -34.15 -6.50 -37.04
C VAL B 59 -34.30 -5.36 -38.07
N THR B 60 -34.54 -4.13 -37.59
CA THR B 60 -34.77 -3.00 -38.47
C THR B 60 -33.42 -2.56 -39.03
N PRO B 61 -33.37 -1.69 -40.08
CA PRO B 61 -32.09 -1.12 -40.54
C PRO B 61 -31.34 -0.31 -39.48
N ALA B 62 -32.04 0.52 -38.71
CA ALA B 62 -31.42 1.13 -37.52
C ALA B 62 -31.03 0.02 -36.55
N GLY B 63 -32.01 -0.76 -36.10
CA GLY B 63 -31.80 -2.05 -35.45
C GLY B 63 -30.42 -2.68 -35.70
N GLN B 64 -30.04 -2.91 -36.97
CA GLN B 64 -28.86 -3.69 -37.32
C GLN B 64 -27.55 -2.99 -36.96
N GLU B 65 -27.53 -1.67 -37.09
CA GLU B 65 -26.34 -0.93 -36.74
C GLU B 65 -26.16 -1.04 -35.22
N ILE B 66 -27.29 -0.98 -34.49
CA ILE B 66 -27.26 -0.92 -33.05
C ILE B 66 -26.83 -2.26 -32.48
N ILE B 67 -27.27 -3.34 -33.08
CA ILE B 67 -26.93 -4.66 -32.59
C ILE B 67 -25.45 -4.87 -32.89
N ARG B 68 -24.98 -4.34 -34.03
CA ARG B 68 -23.61 -4.59 -34.41
C ARG B 68 -22.68 -3.99 -33.38
N ILE B 69 -23.03 -2.77 -32.93
CA ILE B 69 -22.20 -2.04 -31.99
C ILE B 69 -22.30 -2.65 -30.60
N ALA B 70 -23.49 -3.17 -30.26
CA ALA B 70 -23.73 -3.79 -28.96
C ALA B 70 -22.87 -5.04 -28.82
N ARG B 71 -22.66 -5.77 -29.92
CA ARG B 71 -21.79 -6.94 -29.90
C ARG B 71 -20.36 -6.52 -29.57
N GLU B 72 -19.95 -5.34 -30.04
CA GLU B 72 -18.63 -4.82 -29.75
C GLU B 72 -18.48 -4.45 -28.28
N VAL B 73 -19.52 -3.82 -27.71
CA VAL B 73 -19.50 -3.42 -26.31
C VAL B 73 -19.20 -4.68 -25.53
N LEU B 74 -19.96 -5.73 -25.82
CA LEU B 74 -19.86 -6.95 -25.05
C LEU B 74 -18.45 -7.55 -25.17
N SER B 75 -17.88 -7.47 -26.37
CA SER B 75 -16.58 -8.01 -26.69
C SER B 75 -15.52 -7.30 -25.84
N LYS B 76 -15.62 -5.98 -25.82
CA LYS B 76 -14.73 -5.14 -25.03
C LYS B 76 -14.93 -5.31 -23.52
N VAL B 77 -16.14 -5.68 -23.05
CA VAL B 77 -16.35 -5.94 -21.62
C VAL B 77 -15.54 -7.16 -21.17
N ASP B 78 -15.70 -8.26 -21.91
CA ASP B 78 -14.99 -9.51 -21.70
C ASP B 78 -13.49 -9.27 -21.77
N ALA B 79 -13.09 -8.40 -22.69
CA ALA B 79 -11.70 -8.02 -22.81
C ALA B 79 -11.20 -7.40 -21.50
N ILE B 80 -12.05 -6.61 -20.83
CA ILE B 80 -11.63 -6.00 -19.58
C ILE B 80 -11.31 -7.12 -18.58
N LYS B 81 -12.14 -8.17 -18.58
CA LYS B 81 -12.02 -9.25 -17.61
C LYS B 81 -10.78 -10.09 -17.90
N SER B 82 -10.34 -10.10 -19.17
CA SER B 82 -9.19 -10.86 -19.63
C SER B 82 -7.86 -10.17 -19.36
N VAL B 83 -7.87 -8.87 -19.01
CA VAL B 83 -6.64 -8.12 -18.82
C VAL B 83 -5.72 -8.85 -17.86
N ALA B 84 -4.44 -8.89 -18.23
CA ALA B 84 -3.43 -9.58 -17.44
C ALA B 84 -3.29 -8.87 -16.11
N GLY B 85 -2.89 -9.63 -15.09
CA GLY B 85 -2.66 -9.11 -13.75
C GLY B 85 -1.40 -8.26 -13.66
N GLU B 86 -1.24 -7.56 -12.53
CA GLU B 86 -0.10 -6.70 -12.27
C GLU B 86 1.20 -7.51 -12.31
N HIS B 87 1.11 -8.83 -12.09
CA HIS B 87 2.25 -9.73 -12.12
C HIS B 87 2.96 -9.73 -13.49
N THR B 88 2.27 -9.33 -14.57
CA THR B 88 2.81 -9.43 -15.93
C THR B 88 3.67 -8.22 -16.31
N TRP B 89 3.95 -7.35 -15.33
CA TRP B 89 4.60 -6.07 -15.58
C TRP B 89 5.94 -6.01 -14.85
N PRO B 90 7.03 -5.59 -15.53
CA PRO B 90 8.31 -5.38 -14.85
C PRO B 90 8.43 -4.06 -14.09
N ASP B 91 7.60 -3.87 -13.05
CA ASP B 91 7.46 -2.56 -12.43
C ASP B 91 7.92 -2.57 -10.98
N LYS B 92 8.74 -3.55 -10.56
CA LYS B 92 9.27 -3.63 -9.21
C LYS B 92 10.62 -2.94 -9.09
N GLY B 93 11.08 -2.27 -10.16
CA GLY B 93 12.27 -1.45 -10.07
C GLY B 93 13.23 -1.83 -11.19
N SER B 94 14.20 -0.98 -11.51
CA SER B 94 15.03 -1.22 -12.67
C SER B 94 16.51 -0.93 -12.39
N LEU B 95 17.37 -1.75 -13.01
CA LEU B 95 18.81 -1.64 -12.82
C LEU B 95 19.50 -1.16 -14.10
N TYR B 96 20.23 -0.04 -14.01
CA TYR B 96 20.97 0.51 -15.14
C TYR B 96 22.47 0.28 -14.94
N VAL B 97 23.07 -0.57 -15.80
CA VAL B 97 24.49 -0.87 -15.78
C VAL B 97 25.17 -0.23 -17.00
N ALA B 98 26.27 0.50 -16.77
CA ALA B 98 27.14 0.88 -17.86
C ALA B 98 28.40 -0.01 -17.91
N THR B 99 28.67 -0.67 -19.05
CA THR B 99 29.86 -1.49 -19.20
C THR B 99 30.28 -1.69 -20.66
N THR B 100 31.21 -2.61 -20.90
CA THR B 100 31.68 -2.79 -22.26
C THR B 100 30.92 -3.97 -22.87
N HIS B 101 31.17 -4.16 -24.17
CA HIS B 101 30.52 -5.14 -25.02
C HIS B 101 31.01 -6.54 -24.62
N THR B 102 32.29 -6.61 -24.25
CA THR B 102 32.91 -7.85 -23.76
C THR B 102 32.32 -8.21 -22.40
N GLN B 103 32.21 -7.21 -21.52
CA GLN B 103 31.62 -7.40 -20.20
C GLN B 103 30.20 -7.92 -20.35
N ALA B 104 29.38 -7.23 -21.15
CA ALA B 104 28.01 -7.63 -21.41
C ALA B 104 27.89 -9.03 -22.00
N ARG B 105 28.78 -9.40 -22.94
CA ARG B 105 28.63 -10.64 -23.70
C ARG B 105 29.19 -11.83 -22.92
N TYR B 106 30.44 -11.71 -22.44
CA TYR B 106 31.14 -12.88 -21.93
C TYR B 106 30.77 -12.99 -20.46
N ALA B 107 31.33 -12.14 -19.60
CA ALA B 107 31.14 -12.33 -18.18
C ALA B 107 29.66 -12.49 -17.81
N LEU B 108 28.72 -11.91 -18.59
CA LEU B 108 27.42 -11.53 -18.03
C LEU B 108 26.21 -12.40 -18.41
N PRO B 109 26.08 -13.01 -19.61
CA PRO B 109 24.95 -13.93 -19.86
C PRO B 109 24.89 -15.27 -19.12
N GLY B 110 25.79 -15.49 -18.15
CA GLY B 110 25.62 -16.53 -17.13
C GLY B 110 25.12 -15.96 -15.80
N VAL B 111 25.48 -14.69 -15.53
CA VAL B 111 25.02 -13.91 -14.40
C VAL B 111 23.59 -13.39 -14.59
N ILE B 112 23.32 -12.85 -15.79
CA ILE B 112 22.03 -12.24 -16.13
C ILE B 112 20.94 -13.34 -16.25
N LYS B 113 21.27 -14.50 -16.82
CA LYS B 113 20.36 -15.65 -16.72
C LYS B 113 19.98 -15.84 -15.25
N GLY B 114 20.99 -15.97 -14.39
CA GLY B 114 20.78 -16.20 -12.97
C GLY B 114 19.95 -15.11 -12.29
N PHE B 115 20.11 -13.84 -12.72
CA PHE B 115 19.47 -12.70 -12.07
C PHE B 115 18.00 -12.58 -12.47
N ILE B 116 17.66 -12.92 -13.72
CA ILE B 116 16.31 -12.78 -14.22
C ILE B 116 15.41 -13.88 -13.65
N GLU B 117 15.95 -15.08 -13.38
CA GLU B 117 15.23 -16.08 -12.60
C GLU B 117 14.92 -15.51 -11.20
N ARG B 118 15.85 -14.77 -10.58
CA ARG B 118 15.65 -14.33 -9.20
C ARG B 118 14.74 -13.10 -9.14
N TYR B 119 14.72 -12.28 -10.19
CA TYR B 119 13.94 -11.05 -10.18
C TYR B 119 13.21 -10.86 -11.52
N PRO B 120 12.13 -11.65 -11.81
CA PRO B 120 11.37 -11.52 -13.06
C PRO B 120 10.66 -10.19 -13.34
N ARG B 121 10.47 -9.36 -12.31
CA ARG B 121 9.78 -8.10 -12.49
C ARG B 121 10.74 -6.93 -12.27
N VAL B 122 12.03 -7.13 -12.53
CA VAL B 122 13.05 -6.08 -12.44
C VAL B 122 13.75 -5.97 -13.80
N SER B 123 13.59 -4.81 -14.43
CA SER B 123 14.07 -4.62 -15.78
C SER B 123 15.55 -4.26 -15.73
N LEU B 124 16.27 -4.63 -16.77
CA LEU B 124 17.70 -4.45 -16.80
C LEU B 124 18.07 -3.70 -18.08
N HIS B 125 19.03 -2.79 -17.98
CA HIS B 125 19.42 -2.00 -19.14
C HIS B 125 20.94 -1.83 -19.20
N MET B 126 21.57 -2.54 -20.13
CA MET B 126 23.01 -2.47 -20.35
C MET B 126 23.37 -1.35 -21.32
N HIS B 127 23.92 -0.23 -20.83
CA HIS B 127 24.62 0.77 -21.66
C HIS B 127 26.02 0.26 -22.02
N GLN B 128 26.50 0.62 -23.22
CA GLN B 128 27.81 0.23 -23.73
C GLN B 128 28.69 1.49 -23.80
N GLY B 129 30.02 1.32 -24.00
CA GLY B 129 30.85 2.41 -24.50
C GLY B 129 32.29 2.46 -23.96
N SER B 130 32.95 3.58 -24.33
CA SER B 130 34.32 3.87 -23.93
C SER B 130 34.35 4.09 -22.42
N PRO B 131 35.54 4.01 -21.77
CA PRO B 131 35.67 4.37 -20.36
C PRO B 131 35.14 5.76 -20.05
N THR B 132 35.43 6.74 -20.90
CA THR B 132 34.88 8.07 -20.72
C THR B 132 33.37 8.01 -20.58
N GLN B 133 32.74 7.21 -21.44
CA GLN B 133 31.29 7.12 -21.49
C GLN B 133 30.77 6.37 -20.27
N ILE B 134 31.39 5.25 -19.92
CA ILE B 134 30.89 4.43 -18.83
C ILE B 134 30.94 5.29 -17.58
N ALA B 135 32.00 6.09 -17.45
CA ALA B 135 32.16 6.91 -16.27
C ALA B 135 31.08 7.99 -16.23
N GLU B 136 30.73 8.58 -17.37
CA GLU B 136 29.83 9.73 -17.37
C GLU B 136 28.43 9.31 -16.99
N ALA B 137 28.04 8.13 -17.47
CA ALA B 137 26.74 7.57 -17.16
C ALA B 137 26.52 7.46 -15.64
N VAL B 138 27.48 6.90 -14.88
CA VAL B 138 27.25 6.69 -13.47
C VAL B 138 27.20 8.04 -12.75
N SER B 139 28.15 8.93 -13.03
CA SER B 139 28.27 10.19 -12.30
C SER B 139 27.16 11.17 -12.70
N LYS B 140 26.65 11.09 -13.95
CA LYS B 140 25.51 11.91 -14.37
C LYS B 140 24.16 11.27 -13.96
N GLY B 141 24.19 10.02 -13.50
CA GLY B 141 23.04 9.35 -12.93
C GLY B 141 22.09 8.76 -13.96
N ASN B 142 22.62 8.35 -15.11
CA ASN B 142 21.87 7.69 -16.18
C ASN B 142 22.14 6.18 -16.15
N ALA B 143 22.84 5.76 -15.06
CA ALA B 143 23.20 4.39 -14.78
C ALA B 143 23.60 4.27 -13.30
N ASP B 144 23.30 3.12 -12.68
CA ASP B 144 23.42 2.94 -11.24
C ASP B 144 24.82 2.45 -10.90
N PHE B 145 25.35 1.53 -11.72
CA PHE B 145 26.73 1.08 -11.59
C PHE B 145 27.47 1.11 -12.93
N ALA B 146 28.80 1.24 -12.81
CA ALA B 146 29.71 0.89 -13.90
C ALA B 146 30.39 -0.44 -13.58
N ILE B 147 30.46 -1.33 -14.56
CA ILE B 147 31.48 -2.35 -14.57
C ILE B 147 32.64 -1.82 -15.40
N ALA B 148 33.72 -1.36 -14.75
CA ALA B 148 34.84 -0.73 -15.42
C ALA B 148 35.92 -1.78 -15.74
N THR B 149 36.58 -1.64 -16.90
CA THR B 149 37.58 -2.61 -17.34
C THR B 149 38.97 -1.97 -17.30
N GLU B 150 39.06 -0.65 -17.54
CA GLU B 150 40.35 0.05 -17.57
C GLU B 150 40.15 1.54 -17.37
N ALA B 151 41.27 2.30 -17.41
CA ALA B 151 41.33 3.74 -17.21
C ALA B 151 40.56 4.13 -15.94
N LEU B 152 40.83 3.38 -14.86
CA LEU B 152 40.12 3.51 -13.60
C LEU B 152 40.24 4.92 -12.99
N HIS B 153 41.22 5.72 -13.40
CA HIS B 153 41.34 7.10 -12.92
C HIS B 153 40.11 7.94 -13.25
N LEU B 154 39.31 7.55 -14.25
CA LEU B 154 38.11 8.31 -14.59
C LEU B 154 36.97 7.97 -13.63
N TYR B 155 37.04 6.86 -12.90
CA TYR B 155 35.99 6.50 -11.98
C TYR B 155 36.37 6.94 -10.56
N ASP B 156 37.34 7.85 -10.46
CA ASP B 156 37.56 8.65 -9.28
C ASP B 156 36.27 9.38 -8.96
N ASP B 157 35.85 9.37 -7.69
CA ASP B 157 34.61 10.02 -7.28
C ASP B 157 33.47 9.00 -7.22
N LEU B 158 33.74 7.74 -7.58
CA LEU B 158 32.80 6.66 -7.34
C LEU B 158 33.36 5.82 -6.20
N VAL B 159 32.61 4.77 -5.82
CA VAL B 159 33.15 3.69 -5.01
C VAL B 159 33.48 2.52 -5.93
N MET B 160 34.69 1.98 -5.80
CA MET B 160 35.14 1.03 -6.80
C MET B 160 35.57 -0.24 -6.10
N LEU B 161 34.96 -1.35 -6.52
CA LEU B 161 35.17 -2.65 -5.91
C LEU B 161 35.81 -3.59 -6.94
N PRO B 162 36.99 -4.18 -6.64
CA PRO B 162 37.65 -5.12 -7.54
C PRO B 162 36.86 -6.39 -7.82
N CYS B 163 36.82 -6.79 -9.10
CA CYS B 163 36.07 -7.97 -9.48
C CYS B 163 37.04 -9.08 -9.88
N TYR B 164 37.88 -8.80 -10.88
CA TYR B 164 38.85 -9.78 -11.34
C TYR B 164 39.96 -9.06 -12.12
N HIS B 165 41.05 -9.78 -12.39
CA HIS B 165 42.15 -9.23 -13.17
C HIS B 165 42.10 -9.80 -14.59
N TRP B 166 42.53 -9.00 -15.58
CA TRP B 166 42.48 -9.49 -16.94
C TRP B 166 43.66 -9.01 -17.78
N ASN B 167 43.93 -9.78 -18.84
CA ASN B 167 45.14 -9.67 -19.65
C ASN B 167 44.73 -9.65 -21.12
N ARG B 168 45.56 -8.99 -21.95
CA ARG B 168 45.25 -8.82 -23.36
C ARG B 168 45.93 -9.92 -24.16
N SER B 169 45.49 -10.06 -25.41
CA SER B 169 45.93 -11.07 -26.33
C SER B 169 46.19 -10.44 -27.69
N ILE B 170 47.14 -11.01 -28.41
CA ILE B 170 47.39 -10.67 -29.79
C ILE B 170 46.62 -11.68 -30.63
N VAL B 171 45.62 -11.20 -31.39
CA VAL B 171 44.85 -12.11 -32.21
C VAL B 171 45.28 -11.86 -33.64
N VAL B 172 45.45 -12.94 -34.38
CA VAL B 172 45.79 -12.88 -35.78
C VAL B 172 44.99 -13.96 -36.50
N THR B 173 44.91 -13.76 -37.81
CA THR B 173 44.26 -14.68 -38.72
C THR B 173 45.05 -15.99 -38.66
N PRO B 174 44.55 -17.13 -39.14
CA PRO B 174 45.37 -18.36 -39.14
C PRO B 174 46.62 -18.35 -40.05
N GLU B 175 46.57 -17.57 -41.14
CA GLU B 175 47.65 -17.44 -42.12
C GLU B 175 48.87 -16.67 -41.61
N HIS B 176 48.76 -15.95 -40.48
CA HIS B 176 49.69 -14.89 -40.14
C HIS B 176 51.03 -15.41 -39.63
N PRO B 177 52.15 -14.79 -40.05
CA PRO B 177 53.47 -15.07 -39.47
C PRO B 177 53.52 -15.43 -37.99
N LEU B 178 52.80 -14.63 -37.18
CA LEU B 178 52.78 -14.77 -35.74
C LEU B 178 52.06 -16.04 -35.29
N ALA B 179 51.16 -16.56 -36.15
CA ALA B 179 50.26 -17.65 -35.80
C ALA B 179 51.00 -18.93 -35.40
N THR B 180 52.18 -19.19 -35.99
CA THR B 180 52.95 -20.37 -35.63
C THR B 180 54.33 -19.93 -35.13
N LYS B 181 54.39 -19.55 -33.85
CA LYS B 181 55.54 -18.81 -33.35
C LYS B 181 55.69 -19.02 -31.85
N GLY B 182 56.91 -19.30 -31.42
CA GLY B 182 57.24 -19.33 -30.01
C GLY B 182 57.04 -17.95 -29.38
N SER B 183 55.78 -17.64 -29.03
CA SER B 183 55.41 -16.36 -28.45
C SER B 183 55.80 -15.20 -29.37
N VAL B 184 55.68 -13.98 -28.82
CA VAL B 184 55.83 -12.76 -29.58
C VAL B 184 56.48 -11.70 -28.69
N SER B 185 57.45 -10.97 -29.25
CA SER B 185 58.07 -9.85 -28.56
C SER B 185 57.30 -8.55 -28.86
N ILE B 186 57.51 -7.53 -28.02
CA ILE B 186 56.98 -6.18 -28.22
C ILE B 186 57.51 -5.59 -29.54
N GLU B 187 58.78 -5.88 -29.88
CA GLU B 187 59.43 -5.40 -31.09
C GLU B 187 58.85 -6.06 -32.33
N GLU B 188 58.55 -7.38 -32.23
CA GLU B 188 57.87 -8.15 -33.27
C GLU B 188 56.47 -7.59 -33.52
N LEU B 189 55.86 -7.04 -32.47
CA LEU B 189 54.49 -6.57 -32.51
C LEU B 189 54.43 -5.15 -33.06
N ALA B 190 55.38 -4.28 -32.65
CA ALA B 190 55.57 -2.98 -33.28
C ALA B 190 55.87 -3.07 -34.80
N GLN B 191 56.20 -4.24 -35.32
CA GLN B 191 56.48 -4.36 -36.75
C GLN B 191 55.18 -4.28 -37.54
N TYR B 192 54.17 -5.09 -37.16
CA TYR B 192 52.93 -5.18 -37.93
C TYR B 192 51.94 -4.08 -37.51
N PRO B 193 51.04 -3.61 -38.40
CA PRO B 193 50.11 -2.54 -38.05
C PRO B 193 49.10 -3.07 -37.03
N LEU B 194 48.64 -2.19 -36.15
CA LEU B 194 47.82 -2.61 -35.01
C LEU B 194 46.35 -2.29 -35.23
N VAL B 195 45.49 -3.25 -34.88
CA VAL B 195 44.07 -3.00 -34.74
C VAL B 195 43.70 -3.13 -33.26
N THR B 196 43.42 -2.02 -32.56
CA THR B 196 43.10 -2.12 -31.13
C THR B 196 41.86 -1.30 -30.80
N TYR B 197 41.69 -0.94 -29.52
CA TYR B 197 40.56 -0.13 -29.07
C TYR B 197 40.79 1.35 -29.36
N THR B 198 39.70 2.08 -29.62
CA THR B 198 39.71 3.52 -29.80
C THR B 198 40.51 4.17 -28.70
N PHE B 199 40.30 3.67 -27.48
CA PHE B 199 40.89 4.18 -26.25
C PHE B 199 42.05 3.28 -25.81
N GLY B 200 42.50 2.41 -26.74
CA GLY B 200 43.67 1.56 -26.55
C GLY B 200 44.90 2.36 -26.14
N PHE B 201 45.34 3.31 -27.01
CA PHE B 201 46.42 4.27 -26.73
C PHE B 201 45.80 5.61 -26.36
N THR B 202 46.17 6.19 -25.21
CA THR B 202 45.61 7.46 -24.74
C THR B 202 46.73 8.44 -24.36
N GLY B 203 47.88 7.89 -23.96
CA GLY B 203 48.95 8.64 -23.33
C GLY B 203 49.36 8.04 -21.98
N ARG B 204 48.52 7.18 -21.39
CA ARG B 204 48.71 6.75 -20.01
C ARG B 204 48.25 5.32 -19.72
N SER B 205 47.90 4.55 -20.77
CA SER B 205 47.35 3.21 -20.62
C SER B 205 48.46 2.17 -20.48
N GLU B 206 48.06 0.91 -20.35
CA GLU B 206 48.98 -0.20 -20.26
C GLU B 206 49.60 -0.48 -21.64
N LEU B 207 48.92 -0.05 -22.72
CA LEU B 207 49.45 -0.22 -24.07
C LEU B 207 50.51 0.85 -24.33
N ASP B 208 50.30 2.08 -23.82
CA ASP B 208 51.22 3.17 -24.03
C ASP B 208 52.48 2.94 -23.21
N THR B 209 52.29 2.52 -21.97
CA THR B 209 53.40 2.13 -21.12
C THR B 209 54.33 1.19 -21.88
N ALA B 210 53.81 0.07 -22.41
CA ALA B 210 54.66 -0.98 -22.97
C ALA B 210 55.45 -0.49 -24.20
N PHE B 211 54.83 0.33 -25.03
CA PHE B 211 55.48 0.84 -26.22
C PHE B 211 56.47 1.94 -25.84
N ASN B 212 56.30 2.57 -24.68
CA ASN B 212 57.10 3.73 -24.29
C ASN B 212 58.39 3.29 -23.61
N ARG B 213 58.37 2.17 -22.86
CA ARG B 213 59.61 1.68 -22.23
C ARG B 213 60.51 1.05 -23.29
N ALA B 214 59.92 0.54 -24.38
CA ALA B 214 60.67 -0.05 -25.47
C ALA B 214 61.05 0.98 -26.53
N GLY B 215 60.66 2.25 -26.35
CA GLY B 215 60.98 3.31 -27.30
C GLY B 215 60.36 3.15 -28.69
N LEU B 216 59.44 2.20 -28.88
CA LEU B 216 58.77 2.01 -30.17
C LEU B 216 57.54 2.90 -30.25
N THR B 217 57.29 3.53 -31.39
CA THR B 217 55.96 4.07 -31.63
C THR B 217 55.25 3.07 -32.52
N PRO B 218 53.98 2.71 -32.22
CA PRO B 218 53.21 1.78 -33.03
C PRO B 218 52.36 2.42 -34.13
N ARG B 219 52.15 1.67 -35.21
CA ARG B 219 51.38 2.16 -36.34
C ARG B 219 49.97 1.62 -36.18
N ILE B 220 49.04 2.56 -35.93
CA ILE B 220 47.65 2.25 -35.70
C ILE B 220 46.88 2.55 -36.98
N VAL B 221 46.32 1.49 -37.59
CA VAL B 221 45.57 1.62 -38.84
C VAL B 221 44.07 1.57 -38.59
N PHE B 222 43.60 0.82 -37.57
CA PHE B 222 42.18 0.73 -37.30
C PHE B 222 41.89 0.58 -35.80
N THR B 223 40.81 1.21 -35.37
CA THR B 223 40.34 1.10 -34.01
C THR B 223 38.81 1.12 -34.00
N ALA B 224 38.26 0.59 -32.91
CA ALA B 224 36.83 0.51 -32.66
C ALA B 224 36.61 0.32 -31.17
N THR B 225 35.37 0.55 -30.70
CA THR B 225 35.10 0.63 -29.27
C THR B 225 34.93 -0.78 -28.66
N ASP B 226 34.39 -1.71 -29.45
CA ASP B 226 34.05 -3.06 -28.99
C ASP B 226 34.89 -4.11 -29.73
N ALA B 227 35.24 -5.17 -28.99
CA ALA B 227 36.10 -6.24 -29.51
C ALA B 227 35.50 -6.88 -30.76
N ASP B 228 34.19 -7.09 -30.75
CA ASP B 228 33.53 -7.81 -31.84
C ASP B 228 33.99 -7.17 -33.13
N VAL B 229 33.98 -5.83 -33.14
CA VAL B 229 34.37 -5.14 -34.34
C VAL B 229 35.83 -5.48 -34.61
N ILE B 230 36.68 -5.38 -33.61
CA ILE B 230 38.10 -5.54 -33.87
C ILE B 230 38.38 -6.88 -34.55
N LYS B 231 37.92 -7.98 -33.94
CA LYS B 231 38.03 -9.33 -34.49
C LYS B 231 37.53 -9.43 -35.93
N THR B 232 36.41 -8.74 -36.19
CA THR B 232 35.76 -8.74 -37.49
C THR B 232 36.62 -8.04 -38.52
N TYR B 233 37.27 -6.92 -38.14
CA TYR B 233 38.24 -6.25 -39.01
C TYR B 233 39.43 -7.18 -39.24
N VAL B 234 39.77 -8.04 -38.26
CA VAL B 234 40.91 -8.92 -38.43
C VAL B 234 40.49 -10.13 -39.29
N ARG B 235 39.94 -9.83 -40.48
CA ARG B 235 39.86 -10.74 -41.61
C ARG B 235 40.07 -9.86 -42.85
N LEU B 236 41.30 -9.29 -42.97
CA LEU B 236 41.60 -8.11 -43.79
C LEU B 236 42.97 -7.48 -43.47
N GLY B 237 44.00 -7.78 -44.28
CA GLY B 237 45.30 -7.11 -44.20
C GLY B 237 46.24 -7.77 -43.17
N LEU B 238 47.51 -7.36 -43.17
CA LEU B 238 48.54 -7.93 -42.30
C LEU B 238 48.37 -7.43 -40.86
N GLY B 239 47.24 -6.76 -40.60
CA GLY B 239 46.96 -6.15 -39.30
C GLY B 239 46.94 -7.17 -38.17
N VAL B 240 47.33 -6.69 -36.98
CA VAL B 240 47.37 -7.50 -35.78
C VAL B 240 46.52 -6.84 -34.70
N GLY B 241 45.53 -7.59 -34.24
CA GLY B 241 44.62 -7.15 -33.20
C GLY B 241 45.20 -7.36 -31.80
N VAL B 242 45.02 -6.36 -30.94
CA VAL B 242 45.26 -6.48 -29.51
C VAL B 242 43.96 -6.19 -28.75
N ILE B 243 43.44 -7.20 -28.02
CA ILE B 243 42.16 -7.11 -27.31
C ILE B 243 42.23 -7.94 -26.04
N ALA B 244 41.16 -7.91 -25.23
CA ALA B 244 41.08 -8.71 -24.01
C ALA B 244 41.12 -10.19 -24.38
N SER B 245 41.80 -11.02 -23.56
CA SER B 245 41.86 -12.45 -23.83
C SER B 245 40.46 -13.04 -23.74
N MET B 246 39.66 -12.58 -22.77
CA MET B 246 38.35 -13.18 -22.57
C MET B 246 37.34 -12.85 -23.66
N ALA B 247 37.74 -12.10 -24.71
CA ALA B 247 36.87 -11.75 -25.83
C ALA B 247 37.14 -12.62 -27.06
N VAL B 248 38.01 -13.63 -26.91
CA VAL B 248 38.22 -14.62 -27.95
C VAL B 248 38.51 -15.97 -27.30
N ASP B 249 37.78 -17.01 -27.72
CA ASP B 249 38.12 -18.39 -27.37
C ASP B 249 37.94 -19.25 -28.61
N PRO B 250 38.65 -20.39 -28.72
CA PRO B 250 38.74 -21.12 -29.99
C PRO B 250 37.47 -21.84 -30.42
N VAL B 251 36.53 -22.00 -29.48
CA VAL B 251 35.25 -22.64 -29.75
C VAL B 251 34.46 -21.81 -30.77
N SER B 252 34.31 -20.50 -30.52
CA SER B 252 33.41 -19.66 -31.29
C SER B 252 34.14 -18.80 -32.33
N ASP B 253 35.49 -18.73 -32.23
CA ASP B 253 36.31 -17.96 -33.14
C ASP B 253 37.41 -18.84 -33.73
N PRO B 254 37.09 -19.77 -34.67
CA PRO B 254 38.12 -20.62 -35.28
C PRO B 254 38.79 -20.04 -36.53
N ASP B 255 38.39 -18.84 -36.93
CA ASP B 255 39.01 -18.17 -38.07
C ASP B 255 40.13 -17.29 -37.53
N LEU B 256 40.53 -17.56 -36.29
CA LEU B 256 41.22 -16.57 -35.47
C LEU B 256 42.09 -17.28 -34.45
N VAL B 257 43.20 -16.63 -34.05
CA VAL B 257 44.26 -17.29 -33.31
C VAL B 257 44.71 -16.37 -32.18
N LYS B 258 44.47 -16.86 -30.96
CA LYS B 258 44.73 -16.14 -29.73
C LYS B 258 46.18 -16.44 -29.33
N LEU B 259 47.00 -15.40 -29.18
CA LEU B 259 48.40 -15.58 -28.82
C LEU B 259 48.72 -14.72 -27.59
N ASP B 260 49.64 -15.19 -26.74
CA ASP B 260 49.84 -14.58 -25.44
C ASP B 260 50.60 -13.27 -25.54
N ALA B 261 50.17 -12.30 -24.74
CA ALA B 261 50.87 -11.03 -24.61
C ALA B 261 51.06 -10.67 -23.14
N ASN B 262 51.06 -11.68 -22.26
CA ASN B 262 51.13 -11.44 -20.82
C ASN B 262 52.53 -10.94 -20.47
N GLY B 263 53.53 -11.42 -21.20
CA GLY B 263 54.89 -10.90 -21.10
C GLY B 263 54.99 -9.41 -21.46
N ILE B 264 54.13 -8.94 -22.38
CA ILE B 264 54.31 -7.66 -23.09
C ILE B 264 53.62 -6.51 -22.35
N PHE B 265 52.41 -6.74 -21.80
CA PHE B 265 51.65 -5.69 -21.13
C PHE B 265 51.29 -6.15 -19.72
N SER B 266 51.17 -5.20 -18.77
CA SER B 266 50.65 -5.50 -17.43
C SER B 266 49.13 -5.82 -17.41
N HIS B 267 48.66 -6.32 -16.28
CA HIS B 267 47.27 -6.76 -16.20
C HIS B 267 46.42 -5.52 -15.90
N SER B 268 45.14 -5.62 -16.29
CA SER B 268 44.12 -4.65 -15.95
C SER B 268 43.12 -5.27 -14.97
N THR B 269 42.38 -4.40 -14.26
CA THR B 269 41.48 -4.87 -13.21
C THR B 269 40.09 -4.31 -13.48
N THR B 270 39.15 -5.22 -13.75
CA THR B 270 37.73 -4.94 -13.80
C THR B 270 37.21 -4.64 -12.39
N LYS B 271 36.48 -3.51 -12.26
CA LYS B 271 35.85 -3.10 -11.01
C LYS B 271 34.41 -2.69 -11.23
N ILE B 272 33.59 -2.93 -10.21
CA ILE B 272 32.20 -2.54 -10.20
C ILE B 272 32.09 -1.31 -9.31
N GLY B 273 31.49 -0.25 -9.86
CA GLY B 273 31.55 1.09 -9.30
C GLY B 273 30.19 1.77 -9.30
N PHE B 274 30.01 2.68 -8.32
CA PHE B 274 28.74 3.35 -8.08
C PHE B 274 29.02 4.57 -7.17
N ARG B 275 28.03 5.47 -7.09
CA ARG B 275 28.08 6.68 -6.28
C ARG B 275 27.84 6.39 -4.81
N ARG B 276 28.71 6.97 -3.96
CA ARG B 276 28.58 6.97 -2.49
C ARG B 276 27.11 7.06 -2.07
N SER B 277 26.38 8.02 -2.63
CA SER B 277 25.02 8.34 -2.22
C SER B 277 23.94 7.36 -2.72
N THR B 278 24.27 6.25 -3.38
CA THR B 278 23.23 5.44 -4.03
C THR B 278 22.65 4.45 -3.02
N PHE B 279 21.34 4.46 -2.86
CA PHE B 279 20.68 3.42 -2.08
C PHE B 279 20.83 2.10 -2.83
N LEU B 280 21.44 1.10 -2.17
CA LEU B 280 21.69 -0.19 -2.80
C LEU B 280 20.50 -1.11 -2.56
N ARG B 281 19.67 -1.22 -3.59
CA ARG B 281 18.45 -2.02 -3.51
C ARG B 281 18.91 -3.46 -3.40
N SER B 282 17.97 -4.36 -3.13
CA SER B 282 18.28 -5.77 -2.90
C SER B 282 18.91 -6.37 -4.16
N TYR B 283 18.34 -5.99 -5.32
CA TYR B 283 18.71 -6.53 -6.61
C TYR B 283 20.03 -5.94 -7.07
N MET B 284 20.40 -4.79 -6.50
CA MET B 284 21.71 -4.21 -6.74
C MET B 284 22.80 -5.08 -6.12
N TYR B 285 22.56 -5.53 -4.88
CA TYR B 285 23.50 -6.36 -4.17
C TYR B 285 23.59 -7.73 -4.81
N ASP B 286 22.43 -8.25 -5.24
CA ASP B 286 22.41 -9.53 -5.94
C ASP B 286 23.24 -9.52 -7.22
N PHE B 287 23.18 -8.42 -7.99
CA PHE B 287 23.89 -8.36 -9.25
C PHE B 287 25.40 -8.37 -8.97
N ILE B 288 25.81 -7.48 -8.05
CA ILE B 288 27.20 -7.36 -7.69
C ILE B 288 27.76 -8.75 -7.34
N GLN B 289 27.05 -9.44 -6.44
CA GLN B 289 27.50 -10.73 -5.95
C GLN B 289 27.53 -11.81 -7.04
N ARG B 290 26.53 -11.84 -7.92
CA ARG B 290 26.54 -12.83 -9.00
C ARG B 290 27.78 -12.63 -9.89
N PHE B 291 27.95 -11.40 -10.37
CA PHE B 291 29.09 -11.00 -11.17
C PHE B 291 30.43 -11.29 -10.49
N ALA B 292 30.52 -11.11 -9.18
CA ALA B 292 31.80 -11.25 -8.50
C ALA B 292 31.61 -11.85 -7.11
N PRO B 293 31.60 -13.21 -6.98
CA PRO B 293 31.16 -13.89 -5.74
C PRO B 293 31.66 -13.46 -4.35
N HIS B 294 32.84 -12.86 -4.30
CA HIS B 294 33.40 -12.34 -3.07
C HIS B 294 32.71 -11.06 -2.59
N LEU B 295 32.03 -10.32 -3.49
CA LEU B 295 31.35 -9.10 -3.07
C LEU B 295 29.92 -9.46 -2.64
N THR B 296 29.87 -9.95 -1.40
CA THR B 296 28.65 -10.20 -0.66
C THR B 296 28.22 -8.88 -0.08
N ARG B 297 27.03 -8.84 0.54
CA ARG B 297 26.50 -7.60 1.10
C ARG B 297 27.40 -7.10 2.24
N ASP B 298 27.86 -8.00 3.11
CA ASP B 298 28.73 -7.62 4.21
C ASP B 298 30.03 -7.02 3.66
N VAL B 299 30.56 -7.62 2.57
CA VAL B 299 31.77 -7.13 1.94
C VAL B 299 31.54 -5.77 1.29
N VAL B 300 30.43 -5.62 0.55
CA VAL B 300 30.10 -4.34 -0.08
C VAL B 300 29.89 -3.26 1.00
N ASP B 301 29.32 -3.60 2.16
CA ASP B 301 29.08 -2.57 3.17
C ASP B 301 30.38 -2.07 3.79
N THR B 302 31.28 -3.03 4.09
CA THR B 302 32.54 -2.75 4.75
C THR B 302 33.30 -1.70 3.93
N ALA B 303 33.21 -1.82 2.61
CA ALA B 303 33.95 -0.97 1.70
C ALA B 303 33.29 0.41 1.51
N VAL B 304 31.95 0.48 1.51
CA VAL B 304 31.29 1.77 1.38
C VAL B 304 31.60 2.57 2.63
N ALA B 305 31.87 1.87 3.74
CA ALA B 305 32.07 2.47 5.05
C ALA B 305 33.41 3.20 5.15
N LEU B 306 34.40 2.85 4.30
CA LEU B 306 35.75 3.40 4.38
C LEU B 306 35.80 4.81 3.79
N ARG B 307 36.86 5.56 4.17
CA ARG B 307 36.94 6.99 3.88
C ARG B 307 37.06 7.24 2.37
N SER B 308 37.88 6.44 1.66
CA SER B 308 38.00 6.62 0.23
C SER B 308 38.56 5.37 -0.43
N ASN B 309 38.65 5.41 -1.77
CA ASN B 309 39.11 4.31 -2.59
C ASN B 309 40.55 3.93 -2.23
N GLU B 310 41.31 4.86 -1.65
CA GLU B 310 42.65 4.57 -1.12
C GLU B 310 42.51 3.40 -0.15
N ASP B 311 41.63 3.57 0.84
CA ASP B 311 41.45 2.60 1.90
C ASP B 311 40.93 1.29 1.31
N ILE B 312 39.98 1.36 0.37
CA ILE B 312 39.43 0.15 -0.22
C ILE B 312 40.57 -0.60 -0.90
N GLU B 313 41.55 0.15 -1.43
CA GLU B 313 42.70 -0.51 -2.02
C GLU B 313 43.43 -1.26 -0.91
N ALA B 314 43.54 -0.64 0.28
CA ALA B 314 44.22 -1.26 1.42
C ALA B 314 43.46 -2.48 1.95
N MET B 315 42.13 -2.51 1.74
CA MET B 315 41.29 -3.62 2.14
C MET B 315 41.63 -4.88 1.34
N PHE B 316 41.70 -4.75 0.00
CA PHE B 316 41.77 -5.92 -0.87
C PHE B 316 43.22 -6.32 -1.16
N LYS B 317 44.16 -5.39 -0.95
CA LYS B 317 45.59 -5.55 -1.25
C LYS B 317 46.01 -7.03 -1.30
N ASP B 318 45.88 -7.76 -0.20
CA ASP B 318 46.41 -9.12 -0.12
C ASP B 318 45.33 -10.14 -0.46
N ILE B 319 44.25 -9.74 -1.16
CA ILE B 319 43.23 -10.67 -1.62
C ILE B 319 43.54 -11.04 -3.07
N LYS B 320 43.70 -12.36 -3.32
CA LYS B 320 43.90 -12.88 -4.67
C LYS B 320 42.55 -12.96 -5.40
N LEU B 321 42.43 -12.27 -6.53
CA LEU B 321 41.20 -12.35 -7.30
C LEU B 321 41.41 -13.24 -8.51
N PRO B 322 40.31 -13.68 -9.17
CA PRO B 322 40.42 -14.42 -10.42
C PRO B 322 41.14 -13.63 -11.52
N GLU B 323 41.77 -14.38 -12.42
CA GLU B 323 42.22 -13.81 -13.68
C GLU B 323 41.17 -14.27 -14.67
N LYS B 324 40.84 -13.41 -15.63
CA LYS B 324 39.96 -13.83 -16.70
C LYS B 324 40.68 -13.50 -18.03
N MET C 1 -20.26 -6.18 -13.53
CA MET C 1 -19.67 -4.99 -14.17
C MET C 1 -20.79 -4.16 -14.78
N LYS C 2 -20.94 -2.89 -14.34
CA LYS C 2 -22.02 -2.03 -14.81
C LYS C 2 -21.40 -0.86 -15.57
N LEU C 3 -22.11 -0.36 -16.59
CA LEU C 3 -21.64 0.79 -17.36
C LEU C 3 -21.36 1.97 -16.43
N GLN C 4 -22.24 2.21 -15.46
CA GLN C 4 -22.02 3.30 -14.55
C GLN C 4 -20.63 3.17 -13.91
N GLN C 5 -20.12 1.93 -13.79
CA GLN C 5 -18.81 1.67 -13.20
C GLN C 5 -17.65 2.12 -14.10
N LEU C 6 -17.81 1.92 -15.41
CA LEU C 6 -16.79 2.31 -16.35
C LEU C 6 -16.80 3.84 -16.52
N ARG C 7 -17.98 4.48 -16.45
CA ARG C 7 -18.06 5.94 -16.44
C ARG C 7 -17.26 6.51 -15.27
N TYR C 8 -17.30 5.85 -14.11
CA TYR C 8 -16.70 6.41 -12.90
C TYR C 8 -15.19 6.39 -12.99
N ILE C 9 -14.61 5.23 -13.30
CA ILE C 9 -13.17 5.09 -13.27
C ILE C 9 -12.53 6.01 -14.30
N VAL C 10 -13.19 6.18 -15.45
CA VAL C 10 -12.76 7.05 -16.54
C VAL C 10 -12.84 8.49 -16.08
N GLU C 11 -13.99 8.87 -15.51
CA GLU C 11 -14.20 10.25 -15.08
C GLU C 11 -13.21 10.60 -13.96
N VAL C 12 -12.89 9.63 -13.10
CA VAL C 12 -11.90 9.81 -12.05
C VAL C 12 -10.60 10.28 -12.71
N VAL C 13 -10.13 9.55 -13.73
CA VAL C 13 -8.91 9.89 -14.44
C VAL C 13 -9.08 11.24 -15.14
N ASN C 14 -10.24 11.50 -15.74
CA ASN C 14 -10.46 12.77 -16.41
C ASN C 14 -10.36 13.92 -15.40
N HIS C 15 -10.38 13.63 -14.09
CA HIS C 15 -10.40 14.65 -13.05
C HIS C 15 -9.20 14.50 -12.10
N ASN C 16 -8.06 14.01 -12.62
CA ASN C 16 -6.76 13.97 -11.96
C ASN C 16 -6.73 13.04 -10.74
N LEU C 17 -7.56 12.00 -10.78
CA LEU C 17 -7.59 11.06 -9.68
C LEU C 17 -8.19 11.74 -8.45
N ASN C 18 -8.81 12.91 -8.63
CA ASN C 18 -9.56 13.55 -7.55
C ASN C 18 -11.04 13.13 -7.57
N VAL C 19 -11.43 12.34 -6.57
CA VAL C 19 -12.74 11.73 -6.53
C VAL C 19 -13.81 12.72 -6.06
N SER C 20 -13.46 13.66 -5.18
CA SER C 20 -14.45 14.66 -4.75
C SER C 20 -14.81 15.56 -5.92
N SER C 21 -13.80 15.92 -6.74
CA SER C 21 -14.04 16.64 -7.98
C SER C 21 -14.90 15.79 -8.91
N THR C 22 -14.60 14.49 -9.02
CA THR C 22 -15.35 13.63 -9.93
C THR C 22 -16.85 13.71 -9.61
N ALA C 23 -17.18 13.72 -8.31
CA ALA C 23 -18.56 13.70 -7.82
C ALA C 23 -19.26 15.03 -8.12
N GLU C 24 -18.60 16.14 -7.76
CA GLU C 24 -19.17 17.45 -7.98
C GLU C 24 -19.61 17.51 -9.42
N GLY C 25 -18.67 17.12 -10.30
CA GLY C 25 -18.80 17.14 -11.75
C GLY C 25 -19.93 16.25 -12.26
N LEU C 26 -20.15 15.08 -11.65
CA LEU C 26 -21.18 14.13 -12.11
C LEU C 26 -22.46 14.16 -11.27
N TYR C 27 -22.58 15.11 -10.32
CA TYR C 27 -23.79 15.28 -9.51
C TYR C 27 -24.14 13.99 -8.75
N THR C 28 -23.13 13.36 -8.13
CA THR C 28 -23.37 12.17 -7.32
C THR C 28 -22.45 12.26 -6.11
N SER C 29 -22.44 11.25 -5.23
CA SER C 29 -21.79 11.36 -3.92
C SER C 29 -20.45 10.63 -3.94
N GLN C 30 -19.48 11.16 -3.18
CA GLN C 30 -18.13 10.65 -3.21
C GLN C 30 -18.10 9.20 -2.71
N PRO C 31 -18.74 8.89 -1.55
CA PRO C 31 -18.87 7.49 -1.13
C PRO C 31 -19.39 6.51 -2.19
N GLY C 32 -20.47 6.92 -2.87
CA GLY C 32 -21.04 6.12 -3.96
C GLY C 32 -19.97 5.75 -5.00
N ILE C 33 -19.22 6.76 -5.47
CA ILE C 33 -18.16 6.59 -6.45
C ILE C 33 -17.10 5.64 -5.92
N SER C 34 -16.40 6.05 -4.85
CA SER C 34 -15.33 5.23 -4.31
C SER C 34 -15.80 3.78 -4.14
N LYS C 35 -17.09 3.58 -3.87
CA LYS C 35 -17.65 2.28 -3.62
C LYS C 35 -17.64 1.48 -4.92
N GLN C 36 -18.26 2.05 -5.95
CA GLN C 36 -18.27 1.42 -7.26
C GLN C 36 -16.86 1.01 -7.67
N VAL C 37 -15.86 1.90 -7.50
CA VAL C 37 -14.48 1.62 -7.88
C VAL C 37 -13.94 0.40 -7.12
N ARG C 38 -14.29 0.27 -5.83
CA ARG C 38 -13.72 -0.79 -5.01
C ARG C 38 -14.33 -2.14 -5.41
N MET C 39 -15.59 -2.11 -5.86
CA MET C 39 -16.28 -3.28 -6.33
C MET C 39 -15.69 -3.74 -7.67
N LEU C 40 -15.42 -2.82 -8.60
CA LEU C 40 -14.87 -3.21 -9.88
C LEU C 40 -13.47 -3.75 -9.63
N GLU C 41 -12.66 -3.03 -8.85
CA GLU C 41 -11.33 -3.49 -8.46
C GLU C 41 -11.39 -4.92 -7.91
N ASP C 42 -12.51 -5.23 -7.23
CA ASP C 42 -12.71 -6.54 -6.61
C ASP C 42 -13.19 -7.57 -7.64
N GLU C 43 -14.16 -7.20 -8.49
CA GLU C 43 -14.69 -8.08 -9.53
C GLU C 43 -13.58 -8.57 -10.46
N LEU C 44 -12.60 -7.70 -10.77
CA LEU C 44 -11.56 -7.99 -11.74
C LEU C 44 -10.33 -8.59 -11.07
N GLY C 45 -10.14 -8.37 -9.76
CA GLY C 45 -9.02 -8.97 -9.05
C GLY C 45 -7.71 -8.24 -9.35
N ILE C 46 -7.83 -6.91 -9.53
CA ILE C 46 -6.79 -6.05 -10.09
C ILE C 46 -6.92 -4.65 -9.49
N GLN C 47 -5.93 -4.21 -8.71
CA GLN C 47 -5.88 -2.80 -8.31
C GLN C 47 -5.78 -1.93 -9.56
N ILE C 48 -6.72 -0.98 -9.71
CA ILE C 48 -6.67 -0.03 -10.80
C ILE C 48 -5.85 1.22 -10.41
N PHE C 49 -6.04 1.68 -9.17
CA PHE C 49 -5.42 2.91 -8.72
C PHE C 49 -4.43 2.63 -7.60
N ALA C 50 -3.21 3.14 -7.71
CA ALA C 50 -2.35 3.19 -6.56
C ALA C 50 -3.00 4.12 -5.54
N ARG C 51 -2.90 3.79 -4.26
CA ARG C 51 -3.41 4.66 -3.21
C ARG C 51 -2.28 5.05 -2.28
N SER C 52 -2.30 6.30 -1.81
CA SER C 52 -1.61 6.65 -0.58
C SER C 52 -2.54 6.29 0.57
N GLY C 53 -3.37 7.24 1.01
CA GLY C 53 -4.19 7.00 2.18
C GLY C 53 -5.64 6.86 1.78
N LYS C 54 -6.38 7.96 1.89
CA LYS C 54 -7.60 8.16 1.14
C LYS C 54 -7.27 8.51 -0.31
N HIS C 55 -6.14 9.20 -0.55
CA HIS C 55 -5.78 9.70 -1.87
C HIS C 55 -5.45 8.57 -2.85
N LEU C 56 -5.81 8.80 -4.12
CA LEU C 56 -5.35 8.01 -5.26
C LEU C 56 -4.13 8.69 -5.90
N THR C 57 -2.98 8.02 -5.95
CA THR C 57 -1.76 8.67 -6.38
C THR C 57 -1.56 8.52 -7.88
N GLN C 58 -1.99 7.38 -8.45
CA GLN C 58 -1.78 7.09 -9.88
C GLN C 58 -2.61 5.91 -10.39
N VAL C 59 -2.59 5.73 -11.72
CA VAL C 59 -3.19 4.60 -12.42
C VAL C 59 -2.13 3.54 -12.61
N THR C 60 -2.38 2.33 -12.09
CA THR C 60 -1.46 1.21 -12.17
C THR C 60 -1.37 0.74 -13.62
N PRO C 61 -0.27 0.04 -14.04
CA PRO C 61 -0.16 -0.51 -15.40
C PRO C 61 -1.32 -1.37 -15.88
N ALA C 62 -1.67 -2.42 -15.12
CA ALA C 62 -2.89 -3.16 -15.41
C ALA C 62 -4.05 -2.17 -15.43
N GLY C 63 -4.10 -1.27 -14.45
CA GLY C 63 -5.10 -0.23 -14.40
C GLY C 63 -5.27 0.51 -15.72
N GLN C 64 -4.18 0.76 -16.45
CA GLN C 64 -4.27 1.56 -17.67
C GLN C 64 -4.92 0.74 -18.79
N GLU C 65 -4.60 -0.56 -18.89
CA GLU C 65 -5.25 -1.39 -19.90
C GLU C 65 -6.76 -1.35 -19.67
N ILE C 66 -7.18 -1.40 -18.39
CA ILE C 66 -8.60 -1.39 -18.09
C ILE C 66 -9.23 -0.09 -18.59
N ILE C 67 -8.67 1.06 -18.15
CA ILE C 67 -9.21 2.38 -18.45
C ILE C 67 -9.35 2.55 -19.96
N ARG C 68 -8.36 2.06 -20.72
CA ARG C 68 -8.30 2.23 -22.17
C ARG C 68 -9.45 1.53 -22.88
N ILE C 69 -9.82 0.33 -22.40
CA ILE C 69 -10.90 -0.45 -22.97
C ILE C 69 -12.22 0.17 -22.54
N ALA C 70 -12.25 0.64 -21.29
CA ALA C 70 -13.41 1.29 -20.74
C ALA C 70 -13.83 2.50 -21.57
N ARG C 71 -12.85 3.30 -22.03
CA ARG C 71 -13.10 4.47 -22.88
C ARG C 71 -13.68 4.05 -24.22
N GLU C 72 -13.10 3.00 -24.80
CA GLU C 72 -13.65 2.35 -25.99
C GLU C 72 -15.13 2.00 -25.79
N VAL C 73 -15.45 1.27 -24.70
CA VAL C 73 -16.79 0.80 -24.40
C VAL C 73 -17.73 1.99 -24.37
N LEU C 74 -17.28 3.03 -23.67
CA LEU C 74 -18.12 4.19 -23.47
C LEU C 74 -18.34 4.91 -24.80
N SER C 75 -17.31 4.98 -25.63
CA SER C 75 -17.48 5.73 -26.86
C SER C 75 -18.39 4.93 -27.81
N LYS C 76 -18.47 3.60 -27.63
CA LYS C 76 -19.35 2.74 -28.40
C LYS C 76 -20.81 2.97 -28.05
N VAL C 77 -21.08 3.18 -26.75
CA VAL C 77 -22.41 3.47 -26.27
C VAL C 77 -22.86 4.82 -26.82
N ASP C 78 -21.96 5.79 -26.82
CA ASP C 78 -22.26 7.04 -27.48
C ASP C 78 -22.54 6.80 -28.97
N ALA C 79 -21.79 5.91 -29.62
CA ALA C 79 -22.02 5.60 -31.02
C ALA C 79 -23.45 5.06 -31.24
N ILE C 80 -23.96 4.21 -30.33
CA ILE C 80 -25.33 3.73 -30.44
C ILE C 80 -26.31 4.89 -30.41
N LYS C 81 -26.21 5.74 -29.40
CA LYS C 81 -27.17 6.81 -29.31
C LYS C 81 -27.09 7.60 -30.61
N SER C 82 -25.85 7.85 -31.08
CA SER C 82 -25.66 8.72 -32.24
C SER C 82 -26.34 8.11 -33.45
N VAL C 83 -26.25 6.78 -33.57
CA VAL C 83 -26.81 6.09 -34.72
C VAL C 83 -28.32 6.18 -34.63
N ALA C 84 -28.91 6.05 -33.43
CA ALA C 84 -30.35 6.20 -33.26
C ALA C 84 -30.83 7.56 -33.74
N GLY C 85 -30.04 8.64 -33.52
CA GLY C 85 -30.47 10.00 -33.84
C GLY C 85 -30.39 10.35 -35.32
N GLU C 86 -29.41 9.77 -36.01
CA GLU C 86 -29.25 9.88 -37.46
C GLU C 86 -30.47 9.29 -38.15
N HIS C 87 -30.91 8.11 -37.67
CA HIS C 87 -32.03 7.39 -38.26
C HIS C 87 -33.33 8.08 -37.88
N THR C 88 -33.35 8.84 -36.80
CA THR C 88 -34.60 9.46 -36.37
C THR C 88 -34.72 10.87 -36.97
N TRP C 89 -33.79 11.78 -36.68
CA TRP C 89 -33.83 13.13 -37.24
C TRP C 89 -32.45 13.47 -37.82
N PRO C 90 -32.11 13.05 -39.06
CA PRO C 90 -30.78 13.31 -39.62
C PRO C 90 -30.28 14.74 -39.43
N ASP C 91 -31.16 15.74 -39.59
CA ASP C 91 -30.76 17.15 -39.65
C ASP C 91 -30.72 17.79 -38.25
N LYS C 92 -30.85 16.97 -37.20
CA LYS C 92 -30.94 17.44 -35.82
C LYS C 92 -29.85 16.79 -34.97
N GLY C 93 -28.96 17.60 -34.39
CA GLY C 93 -27.93 17.08 -33.48
C GLY C 93 -27.02 18.19 -32.95
N SER C 94 -25.85 17.82 -32.43
CA SER C 94 -24.83 18.82 -32.09
C SER C 94 -23.43 18.38 -32.52
N LEU C 95 -22.58 19.36 -32.86
CA LEU C 95 -21.22 19.10 -33.31
C LEU C 95 -20.24 19.76 -32.34
N TYR C 96 -19.26 18.98 -31.85
CA TYR C 96 -18.32 19.47 -30.84
C TYR C 96 -16.92 19.47 -31.44
N VAL C 97 -16.35 20.68 -31.61
CA VAL C 97 -15.05 20.89 -32.22
C VAL C 97 -14.06 21.52 -31.23
N ALA C 98 -12.84 20.97 -31.21
CA ALA C 98 -11.71 21.56 -30.51
C ALA C 98 -10.72 22.07 -31.54
N THR C 99 -10.29 23.33 -31.42
CA THR C 99 -9.28 23.86 -32.30
C THR C 99 -8.69 25.11 -31.65
N THR C 100 -7.84 25.81 -32.39
CA THR C 100 -7.15 26.96 -31.83
C THR C 100 -8.00 28.20 -32.06
N HIS C 101 -7.57 29.26 -31.37
CA HIS C 101 -8.19 30.57 -31.42
C HIS C 101 -8.13 31.05 -32.86
N THR C 102 -6.98 30.85 -33.50
CA THR C 102 -6.76 31.38 -34.84
C THR C 102 -7.69 30.70 -35.84
N GLN C 103 -7.89 29.38 -35.72
CA GLN C 103 -8.77 28.66 -36.63
C GLN C 103 -10.21 29.14 -36.45
N ALA C 104 -10.58 29.41 -35.19
CA ALA C 104 -11.95 29.77 -34.87
C ALA C 104 -12.29 31.11 -35.50
N ARG C 105 -11.29 32.00 -35.60
CA ARG C 105 -11.49 33.37 -36.09
C ARG C 105 -11.21 33.50 -37.58
N TYR C 106 -10.24 32.75 -38.14
CA TYR C 106 -9.71 33.05 -39.47
C TYR C 106 -10.01 31.94 -40.49
N ALA C 107 -10.09 30.68 -40.06
CA ALA C 107 -10.38 29.60 -41.00
C ALA C 107 -11.87 29.29 -41.08
N LEU C 108 -12.62 29.46 -39.97
CA LEU C 108 -13.92 28.82 -39.81
C LEU C 108 -15.15 29.73 -39.97
N PRO C 109 -15.20 31.01 -39.56
CA PRO C 109 -16.47 31.75 -39.60
C PRO C 109 -17.23 31.56 -40.90
N GLY C 110 -16.56 31.87 -42.03
CA GLY C 110 -17.04 31.58 -43.38
C GLY C 110 -17.69 30.19 -43.50
N VAL C 111 -16.94 29.13 -43.14
CA VAL C 111 -17.42 27.76 -43.18
C VAL C 111 -18.61 27.55 -42.23
N ILE C 112 -18.52 28.12 -41.03
CA ILE C 112 -19.53 27.88 -40.00
C ILE C 112 -20.85 28.56 -40.37
N LYS C 113 -20.80 29.76 -40.93
CA LYS C 113 -21.96 30.38 -41.57
C LYS C 113 -22.65 29.38 -42.49
N GLY C 114 -21.92 28.90 -43.52
CA GLY C 114 -22.50 28.04 -44.54
C GLY C 114 -23.01 26.72 -43.96
N PHE C 115 -22.36 26.26 -42.88
CA PHE C 115 -22.75 25.01 -42.27
C PHE C 115 -24.11 25.20 -41.58
N ILE C 116 -24.25 26.33 -40.88
CA ILE C 116 -25.41 26.60 -40.04
C ILE C 116 -26.58 26.95 -40.95
N GLU C 117 -26.32 27.62 -42.08
CA GLU C 117 -27.30 27.71 -43.15
C GLU C 117 -27.88 26.33 -43.38
N ARG C 118 -26.99 25.38 -43.68
CA ARG C 118 -27.40 24.07 -44.15
C ARG C 118 -28.06 23.31 -43.02
N TYR C 119 -27.56 23.50 -41.80
CA TYR C 119 -28.02 22.71 -40.67
C TYR C 119 -28.46 23.67 -39.56
N PRO C 120 -29.65 24.29 -39.69
CA PRO C 120 -30.16 25.18 -38.64
C PRO C 120 -30.34 24.47 -37.30
N ARG C 121 -30.67 23.15 -37.32
CA ARG C 121 -30.97 22.41 -36.08
C ARG C 121 -29.74 21.65 -35.55
N VAL C 122 -28.53 22.00 -36.00
CA VAL C 122 -27.35 21.35 -35.47
C VAL C 122 -26.57 22.35 -34.62
N SER C 123 -26.43 22.05 -33.32
CA SER C 123 -25.82 23.04 -32.45
C SER C 123 -24.30 22.87 -32.46
N LEU C 124 -23.59 23.98 -32.71
CA LEU C 124 -22.15 23.96 -32.89
C LEU C 124 -21.42 24.43 -31.62
N HIS C 125 -20.44 23.64 -31.16
CA HIS C 125 -19.72 23.96 -29.93
C HIS C 125 -18.21 23.86 -30.16
N MET C 126 -17.51 24.99 -30.11
CA MET C 126 -16.12 25.10 -30.49
C MET C 126 -15.27 25.41 -29.27
N HIS C 127 -14.48 24.44 -28.83
CA HIS C 127 -13.52 24.66 -27.76
C HIS C 127 -12.24 25.22 -28.36
N GLN C 128 -11.68 26.28 -27.74
CA GLN C 128 -10.38 26.83 -28.09
C GLN C 128 -9.34 26.28 -27.11
N GLY C 129 -8.06 26.30 -27.50
CA GLY C 129 -7.05 25.66 -26.69
C GLY C 129 -5.75 25.41 -27.44
N SER C 130 -4.75 25.02 -26.64
CA SER C 130 -3.43 24.62 -27.12
C SER C 130 -3.56 23.27 -27.81
N PRO C 131 -2.56 22.91 -28.63
CA PRO C 131 -2.52 21.57 -29.20
C PRO C 131 -2.79 20.47 -28.18
N THR C 132 -2.17 20.63 -27.02
CA THR C 132 -2.35 19.70 -25.93
C THR C 132 -3.80 19.70 -25.47
N GLN C 133 -4.35 20.92 -25.27
CA GLN C 133 -5.72 21.10 -24.83
C GLN C 133 -6.69 20.50 -25.87
N ILE C 134 -6.32 20.54 -27.14
CA ILE C 134 -7.21 19.99 -28.15
C ILE C 134 -7.21 18.48 -28.04
N ALA C 135 -6.03 17.93 -27.85
CA ALA C 135 -5.90 16.49 -27.79
C ALA C 135 -6.66 16.02 -26.56
N GLU C 136 -6.59 16.83 -25.50
CA GLU C 136 -7.20 16.54 -24.22
C GLU C 136 -8.72 16.50 -24.41
N ALA C 137 -9.23 17.50 -25.13
CA ALA C 137 -10.67 17.68 -25.30
C ALA C 137 -11.31 16.44 -25.94
N VAL C 138 -10.66 15.87 -26.95
CA VAL C 138 -11.18 14.65 -27.54
C VAL C 138 -10.98 13.48 -26.57
N SER C 139 -9.76 13.32 -26.03
CA SER C 139 -9.49 12.30 -25.05
C SER C 139 -10.59 12.25 -23.98
N LYS C 140 -11.02 13.43 -23.51
CA LYS C 140 -11.98 13.55 -22.43
C LYS C 140 -13.44 13.65 -22.89
N GLY C 141 -13.80 13.44 -24.18
CA GLY C 141 -15.21 13.35 -24.55
C GLY C 141 -15.85 14.68 -24.97
N ASN C 142 -15.26 15.81 -24.55
CA ASN C 142 -15.82 17.14 -24.83
C ASN C 142 -15.82 17.49 -26.32
N ALA C 143 -15.39 16.58 -27.22
CA ALA C 143 -15.09 16.99 -28.60
C ALA C 143 -15.03 15.80 -29.56
N ASP C 144 -15.93 15.79 -30.56
CA ASP C 144 -15.98 14.77 -31.60
C ASP C 144 -14.82 14.94 -32.58
N PHE C 145 -14.47 16.19 -32.85
CA PHE C 145 -13.57 16.55 -33.92
C PHE C 145 -12.47 17.45 -33.41
N ALA C 146 -11.27 17.33 -33.99
CA ALA C 146 -10.18 18.18 -33.64
C ALA C 146 -9.60 18.76 -34.93
N ILE C 147 -9.42 20.06 -34.98
CA ILE C 147 -8.68 20.67 -36.06
C ILE C 147 -7.32 21.05 -35.47
N ALA C 148 -6.32 20.19 -35.73
CA ALA C 148 -4.95 20.37 -35.26
C ALA C 148 -4.15 21.30 -36.16
N THR C 149 -3.45 22.28 -35.61
CA THR C 149 -2.65 23.14 -36.47
C THR C 149 -1.17 22.74 -36.43
N GLU C 150 -0.76 22.00 -35.37
CA GLU C 150 0.61 21.53 -35.22
C GLU C 150 0.75 20.51 -34.10
N ALA C 151 1.99 20.08 -33.85
CA ALA C 151 2.33 19.09 -32.85
C ALA C 151 1.44 17.86 -33.06
N LEU C 152 1.49 17.31 -34.28
CA LEU C 152 0.55 16.30 -34.71
C LEU C 152 0.84 14.97 -34.04
N HIS C 153 2.00 14.83 -33.42
CA HIS C 153 2.28 13.62 -32.67
C HIS C 153 1.28 13.46 -31.52
N LEU C 154 0.67 14.58 -31.07
CA LEU C 154 -0.24 14.56 -29.93
C LEU C 154 -1.54 13.82 -30.29
N TYR C 155 -1.73 13.48 -31.58
CA TYR C 155 -2.94 12.87 -32.12
C TYR C 155 -2.66 11.57 -32.87
N ASP C 156 -1.65 10.80 -32.50
CA ASP C 156 -1.35 9.58 -33.22
C ASP C 156 -2.48 8.58 -33.10
N ASP C 157 -3.37 8.74 -32.13
CA ASP C 157 -4.42 7.76 -31.87
C ASP C 157 -5.73 8.14 -32.57
N LEU C 158 -5.73 9.27 -33.28
CA LEU C 158 -6.88 9.73 -34.04
C LEU C 158 -6.66 9.47 -35.54
N VAL C 159 -7.74 9.37 -36.33
CA VAL C 159 -7.69 9.51 -37.76
C VAL C 159 -7.49 10.99 -38.11
N MET C 160 -6.46 11.30 -38.92
CA MET C 160 -6.16 12.70 -39.15
C MET C 160 -6.03 12.94 -40.64
N LEU C 161 -6.77 13.94 -41.12
CA LEU C 161 -6.94 14.19 -42.54
C LEU C 161 -6.34 15.55 -42.88
N PRO C 162 -5.33 15.60 -43.78
CA PRO C 162 -4.73 16.86 -44.19
C PRO C 162 -5.73 17.81 -44.83
N CYS C 163 -5.52 19.08 -44.53
CA CYS C 163 -6.38 20.15 -44.97
C CYS C 163 -5.57 21.20 -45.73
N TYR C 164 -4.38 21.56 -45.22
CA TYR C 164 -3.61 22.67 -45.77
C TYR C 164 -2.28 22.86 -45.03
N HIS C 165 -1.33 23.54 -45.66
CA HIS C 165 -0.04 23.85 -45.06
C HIS C 165 -0.03 25.35 -44.72
N TRP C 166 0.74 25.75 -43.70
CA TRP C 166 0.72 27.16 -43.29
C TRP C 166 2.06 27.53 -42.68
N ASN C 167 2.37 28.83 -42.77
CA ASN C 167 3.69 29.39 -42.52
C ASN C 167 3.55 30.52 -41.50
N ARG C 168 4.65 30.86 -40.86
CA ARG C 168 4.61 31.82 -39.77
C ARG C 168 5.13 33.16 -40.30
N SER C 169 4.77 34.23 -39.59
CA SER C 169 5.32 35.56 -39.84
C SER C 169 6.00 36.12 -38.59
N ILE C 170 6.85 37.10 -38.85
CA ILE C 170 7.44 37.92 -37.82
C ILE C 170 6.64 39.22 -37.77
N VAL C 171 6.27 39.66 -36.55
CA VAL C 171 5.35 40.76 -36.45
C VAL C 171 5.91 41.72 -35.41
N VAL C 172 5.97 42.98 -35.83
CA VAL C 172 6.55 44.05 -35.05
C VAL C 172 5.72 45.30 -35.32
N THR C 173 5.94 46.35 -34.55
CA THR C 173 5.26 47.61 -34.81
C THR C 173 6.07 48.32 -35.90
N PRO C 174 5.51 49.32 -36.60
CA PRO C 174 6.15 49.89 -37.80
C PRO C 174 7.42 50.70 -37.49
N GLU C 175 7.58 51.05 -36.20
CA GLU C 175 8.70 51.82 -35.69
C GLU C 175 9.83 50.90 -35.20
N HIS C 176 9.70 49.58 -35.40
CA HIS C 176 10.69 48.62 -34.94
C HIS C 176 11.81 48.52 -35.96
N PRO C 177 13.08 48.36 -35.52
CA PRO C 177 14.19 48.07 -36.44
C PRO C 177 13.87 47.18 -37.64
N LEU C 178 13.29 45.99 -37.37
CA LEU C 178 13.15 44.95 -38.36
C LEU C 178 12.14 45.31 -39.45
N ALA C 179 11.36 46.38 -39.22
CA ALA C 179 10.30 46.81 -40.12
C ALA C 179 10.86 47.17 -41.51
N THR C 180 11.98 47.89 -41.55
CA THR C 180 12.47 48.45 -42.80
C THR C 180 13.77 47.75 -43.23
N LYS C 181 14.02 46.52 -42.76
CA LYS C 181 15.11 45.71 -43.30
C LYS C 181 14.54 44.67 -44.28
N GLY C 182 13.31 44.21 -44.01
CA GLY C 182 12.50 43.44 -44.95
C GLY C 182 13.27 42.30 -45.63
N SER C 183 14.08 41.57 -44.83
CA SER C 183 14.79 40.38 -45.25
C SER C 183 15.55 39.84 -44.03
N VAL C 184 14.84 39.05 -43.21
CA VAL C 184 15.31 38.68 -41.88
C VAL C 184 15.86 37.26 -41.91
N SER C 185 17.01 37.08 -41.24
CA SER C 185 17.62 35.76 -41.05
C SER C 185 17.46 35.31 -39.59
N ILE C 186 17.50 33.99 -39.39
CA ILE C 186 17.35 33.36 -38.09
C ILE C 186 18.30 34.02 -37.09
N GLU C 187 19.52 34.35 -37.55
CA GLU C 187 20.58 34.97 -36.74
C GLU C 187 20.20 36.39 -36.29
N GLU C 188 19.49 37.13 -37.16
CA GLU C 188 19.02 38.48 -36.87
C GLU C 188 17.95 38.43 -35.79
N LEU C 189 16.98 37.52 -35.98
CA LEU C 189 15.82 37.35 -35.11
C LEU C 189 16.25 37.02 -33.67
N ALA C 190 17.23 36.13 -33.54
CA ALA C 190 17.59 35.57 -32.25
C ALA C 190 18.21 36.60 -31.31
N GLN C 191 18.60 37.79 -31.81
N GLN C 191 18.63 37.76 -31.84
CA GLN C 191 19.12 38.83 -30.94
CA GLN C 191 19.08 38.90 -31.05
C GLN C 191 17.99 39.53 -30.17
C GLN C 191 17.96 39.37 -30.12
N TYR C 192 16.75 39.46 -30.71
CA TYR C 192 15.63 40.19 -30.13
C TYR C 192 14.84 39.35 -29.15
N PRO C 193 14.11 40.01 -28.23
CA PRO C 193 13.15 39.30 -27.38
C PRO C 193 12.02 38.77 -28.27
N LEU C 194 11.56 37.56 -27.97
CA LEU C 194 10.54 36.87 -28.74
C LEU C 194 9.23 36.84 -27.97
N VAL C 195 8.14 37.08 -28.71
CA VAL C 195 6.80 36.96 -28.17
C VAL C 195 6.07 35.94 -29.01
N THR C 196 5.85 34.75 -28.46
CA THR C 196 5.21 33.72 -29.27
C THR C 196 4.22 32.90 -28.43
N TYR C 197 3.83 31.73 -28.93
CA TYR C 197 2.83 30.90 -28.29
C TYR C 197 3.41 30.26 -27.04
N THR C 198 2.56 29.85 -26.08
CA THR C 198 3.04 29.04 -24.96
C THR C 198 3.67 27.73 -25.46
N PHE C 199 3.21 27.23 -26.61
CA PHE C 199 3.61 25.94 -27.14
C PHE C 199 4.52 26.15 -28.34
N GLY C 200 4.97 27.39 -28.55
CA GLY C 200 5.88 27.73 -29.63
C GLY C 200 7.17 26.91 -29.57
N PHE C 201 7.83 26.95 -28.41
CA PHE C 201 9.01 26.14 -28.14
C PHE C 201 8.63 25.04 -27.15
N THR C 202 8.80 23.79 -27.59
CA THR C 202 8.37 22.63 -26.83
C THR C 202 9.48 21.60 -26.78
N GLY C 203 10.62 21.90 -27.42
CA GLY C 203 11.63 20.91 -27.72
C GLY C 203 11.55 20.31 -29.12
N ARG C 204 10.40 20.39 -29.83
CA ARG C 204 10.34 19.65 -31.09
C ARG C 204 9.44 20.28 -32.15
N SER C 205 9.14 21.56 -32.00
CA SER C 205 8.35 22.30 -32.96
C SER C 205 9.25 22.72 -34.12
N GLU C 206 8.69 23.50 -35.04
CA GLU C 206 9.41 23.96 -36.20
C GLU C 206 10.27 25.15 -35.77
N LEU C 207 9.86 25.85 -34.71
CA LEU C 207 10.67 26.91 -34.12
C LEU C 207 11.87 26.30 -33.40
N ASP C 208 11.63 25.19 -32.69
CA ASP C 208 12.69 24.42 -32.06
C ASP C 208 13.70 24.02 -33.14
N THR C 209 13.25 23.38 -34.22
CA THR C 209 14.16 22.87 -35.24
C THR C 209 15.00 24.01 -35.83
N ALA C 210 14.40 25.16 -36.11
CA ALA C 210 15.11 26.22 -36.80
C ALA C 210 16.24 26.83 -35.95
N PHE C 211 16.03 26.88 -34.63
CA PHE C 211 17.04 27.41 -33.72
C PHE C 211 18.11 26.37 -33.47
N ASN C 212 17.72 25.13 -33.12
CA ASN C 212 18.67 24.04 -32.99
C ASN C 212 19.61 24.01 -34.19
N ARG C 213 19.03 24.08 -35.40
CA ARG C 213 19.75 23.97 -36.66
C ARG C 213 20.88 25.00 -36.71
N ALA C 214 20.57 26.26 -36.35
CA ALA C 214 21.56 27.33 -36.34
C ALA C 214 22.27 27.39 -34.98
N GLY C 215 21.98 26.45 -34.06
CA GLY C 215 22.68 26.36 -32.80
C GLY C 215 22.36 27.51 -31.83
N LEU C 216 21.21 28.18 -31.99
CA LEU C 216 20.88 29.33 -31.16
C LEU C 216 19.85 28.96 -30.09
N THR C 217 19.77 29.81 -29.06
CA THR C 217 18.72 29.75 -28.07
C THR C 217 17.84 30.98 -28.23
N PRO C 218 16.50 30.82 -28.22
CA PRO C 218 15.61 31.98 -28.30
C PRO C 218 15.54 32.79 -27.00
N ARG C 219 15.30 34.09 -27.09
CA ARG C 219 15.01 34.88 -25.90
C ARG C 219 13.50 35.03 -25.81
N ILE C 220 12.86 34.44 -24.79
CA ILE C 220 11.41 34.43 -24.72
C ILE C 220 10.91 35.33 -23.58
N VAL C 221 10.39 36.53 -23.93
CA VAL C 221 9.99 37.50 -22.93
C VAL C 221 8.53 37.32 -22.56
N PHE C 222 7.75 36.64 -23.41
CA PHE C 222 6.31 36.56 -23.21
C PHE C 222 5.71 35.53 -24.16
N THR C 223 4.76 34.75 -23.63
CA THR C 223 4.01 33.81 -24.45
C THR C 223 2.53 33.93 -24.11
N ALA C 224 1.72 33.41 -25.04
CA ALA C 224 0.30 33.27 -24.83
C ALA C 224 -0.21 32.09 -25.65
N THR C 225 -1.31 31.47 -25.19
CA THR C 225 -1.99 30.41 -25.93
C THR C 225 -2.61 30.94 -27.22
N ASP C 226 -2.84 32.25 -27.27
CA ASP C 226 -3.77 32.86 -28.21
C ASP C 226 -3.05 33.97 -28.99
N ALA C 227 -3.19 33.98 -30.31
CA ALA C 227 -2.46 34.91 -31.17
C ALA C 227 -2.93 36.36 -30.99
N ASP C 228 -4.20 36.53 -30.65
CA ASP C 228 -4.74 37.86 -30.45
C ASP C 228 -4.08 38.49 -29.24
N VAL C 229 -3.90 37.69 -28.18
CA VAL C 229 -3.15 38.13 -27.01
C VAL C 229 -1.74 38.53 -27.43
N ILE C 230 -1.07 37.67 -28.22
CA ILE C 230 0.30 37.94 -28.63
C ILE C 230 0.37 39.29 -29.34
N LYS C 231 -0.55 39.51 -30.30
CA LYS C 231 -0.55 40.73 -31.11
C LYS C 231 -0.77 41.99 -30.28
N THR C 232 -1.72 41.96 -29.34
CA THR C 232 -1.97 43.14 -28.53
C THR C 232 -0.85 43.34 -27.50
N TYR C 233 -0.05 42.31 -27.19
CA TYR C 233 1.20 42.52 -26.48
C TYR C 233 2.13 43.33 -27.39
N VAL C 234 2.41 42.80 -28.59
CA VAL C 234 3.33 43.40 -29.55
C VAL C 234 3.07 44.90 -29.69
N ARG C 235 1.81 45.35 -29.60
CA ARG C 235 1.54 46.77 -29.48
C ARG C 235 1.90 47.34 -28.10
N LEU C 236 3.19 47.26 -27.72
CA LEU C 236 3.77 47.88 -26.53
C LEU C 236 5.07 47.17 -26.11
N GLY C 237 6.22 47.86 -26.21
CA GLY C 237 7.49 47.30 -25.75
C GLY C 237 8.49 47.18 -26.90
N LEU C 238 9.31 46.12 -26.89
CA LEU C 238 10.29 45.92 -27.96
C LEU C 238 10.42 44.43 -28.29
N GLY C 239 9.36 43.68 -27.95
CA GLY C 239 9.21 42.30 -28.37
C GLY C 239 8.98 42.18 -29.89
N VAL C 240 9.51 41.10 -30.45
CA VAL C 240 9.18 40.63 -31.78
C VAL C 240 8.33 39.37 -31.65
N GLY C 241 7.26 39.32 -32.44
CA GLY C 241 6.30 38.23 -32.35
C GLY C 241 6.48 37.23 -33.48
N VAL C 242 6.13 35.96 -33.21
CA VAL C 242 6.22 34.88 -34.18
C VAL C 242 4.88 34.15 -34.13
N ILE C 243 4.01 34.39 -35.12
CA ILE C 243 2.69 33.79 -35.13
C ILE C 243 2.33 33.39 -36.55
N ALA C 244 1.27 32.58 -36.68
CA ALA C 244 0.72 32.21 -37.98
C ALA C 244 0.45 33.48 -38.79
N SER C 245 0.82 33.42 -40.08
CA SER C 245 0.58 34.50 -41.02
C SER C 245 -0.90 34.85 -41.08
N MET C 246 -1.78 33.82 -41.11
CA MET C 246 -3.20 34.07 -41.30
C MET C 246 -3.83 34.80 -40.11
N ALA C 247 -3.08 34.94 -39.00
CA ALA C 247 -3.58 35.61 -37.81
C ALA C 247 -3.40 37.12 -37.86
N VAL C 248 -2.86 37.66 -38.97
CA VAL C 248 -2.55 39.08 -39.07
C VAL C 248 -3.08 39.59 -40.41
N ASP C 249 -3.94 40.62 -40.38
CA ASP C 249 -4.53 41.14 -41.61
C ASP C 249 -3.95 42.52 -41.91
N PRO C 250 -3.63 42.87 -43.19
CA PRO C 250 -3.35 44.27 -43.54
C PRO C 250 -4.51 45.23 -43.26
N VAL C 251 -5.74 44.70 -43.38
CA VAL C 251 -6.96 45.43 -43.03
C VAL C 251 -7.01 45.61 -41.52
N SER C 252 -7.35 44.51 -40.81
CA SER C 252 -7.70 44.50 -39.39
C SER C 252 -6.54 44.96 -38.49
N ASP C 253 -5.29 44.78 -38.94
CA ASP C 253 -4.11 44.99 -38.12
C ASP C 253 -3.06 45.85 -38.85
N PRO C 254 -3.36 47.13 -39.16
CA PRO C 254 -2.41 47.99 -39.85
C PRO C 254 -1.44 48.74 -38.93
N ASP C 255 -1.54 48.50 -37.61
CA ASP C 255 -0.57 48.97 -36.63
C ASP C 255 0.53 47.95 -36.43
N LEU C 256 0.42 46.78 -37.09
CA LEU C 256 1.43 45.74 -37.02
C LEU C 256 1.99 45.50 -38.41
N VAL C 257 3.31 45.43 -38.51
CA VAL C 257 4.00 45.03 -39.73
C VAL C 257 4.13 43.52 -39.73
N LYS C 258 4.00 42.92 -40.91
CA LYS C 258 4.06 41.48 -41.07
C LYS C 258 5.22 41.08 -41.98
N LEU C 259 6.26 40.44 -41.43
CA LEU C 259 7.45 40.08 -42.19
C LEU C 259 7.42 38.59 -42.51
N ASP C 260 8.12 38.26 -43.60
CA ASP C 260 8.18 36.93 -44.18
C ASP C 260 9.10 36.07 -43.34
N ALA C 261 8.77 34.79 -43.21
CA ALA C 261 9.62 33.89 -42.46
C ALA C 261 9.58 32.50 -43.08
N ASN C 262 9.21 32.43 -44.36
CA ASN C 262 9.12 31.16 -45.06
C ASN C 262 10.51 30.57 -45.19
N GLY C 263 11.50 31.46 -45.31
CA GLY C 263 12.88 31.06 -45.38
C GLY C 263 13.55 31.04 -44.00
N ILE C 264 12.78 30.76 -42.93
CA ILE C 264 13.39 30.52 -41.63
C ILE C 264 12.74 29.31 -40.97
N PHE C 265 11.43 29.38 -40.78
CA PHE C 265 10.70 28.26 -40.20
C PHE C 265 10.06 27.47 -41.33
N SER C 266 10.16 26.16 -41.23
CA SER C 266 9.43 25.25 -42.09
C SER C 266 7.93 25.43 -41.83
N HIS C 267 7.11 25.14 -42.85
CA HIS C 267 5.66 25.24 -42.75
C HIS C 267 5.09 24.13 -41.85
N SER C 268 3.96 24.38 -41.18
CA SER C 268 3.18 23.34 -40.53
C SER C 268 2.02 22.91 -41.42
N THR C 269 1.29 21.86 -40.99
CA THR C 269 0.10 21.32 -41.66
C THR C 269 -1.07 21.23 -40.68
N THR C 270 -2.21 21.77 -41.07
CA THR C 270 -3.45 21.68 -40.31
C THR C 270 -4.15 20.41 -40.77
N LYS C 271 -4.74 19.66 -39.83
CA LYS C 271 -5.48 18.45 -40.15
C LYS C 271 -6.78 18.38 -39.34
N ILE C 272 -7.78 17.65 -39.87
CA ILE C 272 -9.05 17.51 -39.17
C ILE C 272 -9.26 16.03 -38.89
N GLY C 273 -9.63 15.68 -37.65
CA GLY C 273 -9.72 14.27 -37.27
C GLY C 273 -10.65 14.01 -36.08
N PHE C 274 -10.67 12.75 -35.64
CA PHE C 274 -11.69 12.19 -34.78
C PHE C 274 -11.30 10.77 -34.35
N ARG C 275 -11.86 10.29 -33.24
CA ARG C 275 -11.59 8.90 -32.87
C ARG C 275 -12.23 8.03 -33.95
N ARG C 276 -11.59 6.88 -34.22
CA ARG C 276 -12.08 5.92 -35.19
C ARG C 276 -13.44 5.37 -34.74
N SER C 277 -13.70 5.37 -33.43
CA SER C 277 -14.92 4.82 -32.87
C SER C 277 -16.15 5.68 -33.17
N THR C 278 -15.94 6.88 -33.70
CA THR C 278 -16.98 7.90 -33.80
C THR C 278 -17.85 7.67 -35.03
N PHE C 279 -19.11 7.37 -34.80
CA PHE C 279 -20.05 7.23 -35.91
C PHE C 279 -20.10 8.57 -36.65
N LEU C 280 -19.87 8.51 -37.96
CA LEU C 280 -19.92 9.71 -38.77
C LEU C 280 -21.32 9.88 -39.40
N ARG C 281 -22.08 10.77 -38.78
CA ARG C 281 -23.32 11.25 -39.34
C ARG C 281 -23.07 12.13 -40.57
N SER C 282 -24.11 12.21 -41.40
CA SER C 282 -24.12 12.91 -42.66
C SER C 282 -23.73 14.38 -42.51
N TYR C 283 -24.10 15.04 -41.40
CA TYR C 283 -23.73 16.44 -41.25
C TYR C 283 -22.25 16.58 -40.95
N MET C 284 -21.66 15.51 -40.39
CA MET C 284 -20.23 15.51 -40.09
C MET C 284 -19.43 15.58 -41.39
N TYR C 285 -19.80 14.73 -42.37
CA TYR C 285 -19.15 14.74 -43.68
C TYR C 285 -19.26 16.11 -44.33
N ASP C 286 -20.47 16.70 -44.26
CA ASP C 286 -20.68 18.04 -44.78
C ASP C 286 -19.61 18.98 -44.24
N PHE C 287 -19.58 19.12 -42.90
CA PHE C 287 -18.66 19.98 -42.19
C PHE C 287 -17.23 19.80 -42.68
N ILE C 288 -16.77 18.55 -42.67
CA ILE C 288 -15.43 18.23 -43.12
C ILE C 288 -15.21 18.79 -44.52
N GLN C 289 -16.12 18.48 -45.44
CA GLN C 289 -16.01 18.96 -46.82
C GLN C 289 -16.00 20.49 -46.91
N ARG C 290 -16.91 21.18 -46.23
CA ARG C 290 -16.91 22.63 -46.23
C ARG C 290 -15.62 23.21 -45.66
N PHE C 291 -14.85 22.44 -44.86
CA PHE C 291 -13.61 22.98 -44.26
C PHE C 291 -12.46 22.76 -45.23
N ALA C 292 -12.52 21.62 -45.92
CA ALA C 292 -11.43 21.15 -46.75
C ALA C 292 -12.03 20.51 -48.00
N PRO C 293 -12.12 21.26 -49.12
CA PRO C 293 -12.86 20.78 -50.30
C PRO C 293 -12.55 19.35 -50.79
N HIS C 294 -11.32 18.89 -50.57
CA HIS C 294 -10.85 17.59 -51.05
C HIS C 294 -11.27 16.45 -50.12
N LEU C 295 -11.86 16.77 -48.96
CA LEU C 295 -12.30 15.75 -48.02
C LEU C 295 -13.78 15.47 -48.25
N THR C 296 -14.03 14.76 -49.35
CA THR C 296 -15.36 14.33 -49.76
C THR C 296 -15.68 13.10 -48.91
N ARG C 297 -16.94 12.63 -48.98
CA ARG C 297 -17.34 11.45 -48.24
C ARG C 297 -16.47 10.26 -48.67
N ASP C 298 -16.31 10.04 -49.97
CA ASP C 298 -15.52 8.92 -50.43
C ASP C 298 -14.12 9.02 -49.84
N VAL C 299 -13.50 10.19 -49.97
CA VAL C 299 -12.12 10.33 -49.53
C VAL C 299 -12.06 10.03 -48.04
N VAL C 300 -13.07 10.46 -47.29
CA VAL C 300 -13.01 10.32 -45.86
C VAL C 300 -13.21 8.85 -45.50
N ASP C 301 -14.14 8.14 -46.15
CA ASP C 301 -14.38 6.74 -45.85
C ASP C 301 -13.15 5.90 -46.28
N THR C 302 -12.44 6.35 -47.31
CA THR C 302 -11.29 5.58 -47.77
C THR C 302 -10.18 5.68 -46.73
N ALA C 303 -9.95 6.94 -46.30
CA ALA C 303 -8.97 7.27 -45.27
C ALA C 303 -9.19 6.46 -44.00
N VAL C 304 -10.42 6.48 -43.47
CA VAL C 304 -10.77 5.83 -42.22
C VAL C 304 -10.40 4.35 -42.29
N ALA C 305 -10.63 3.71 -43.45
CA ALA C 305 -10.36 2.29 -43.65
C ALA C 305 -8.88 1.95 -43.48
N LEU C 306 -7.99 2.87 -43.88
CA LEU C 306 -6.55 2.66 -43.73
C LEU C 306 -6.18 2.53 -42.25
N ARG C 307 -4.87 2.28 -41.99
CA ARG C 307 -4.39 1.78 -40.72
C ARG C 307 -3.49 2.80 -39.99
N SER C 308 -2.89 3.76 -40.71
CA SER C 308 -2.03 4.78 -40.12
C SER C 308 -2.41 6.17 -40.62
N ASN C 309 -1.97 7.24 -39.95
CA ASN C 309 -2.11 8.58 -40.50
C ASN C 309 -1.05 8.84 -41.57
N GLU C 310 -0.04 7.96 -41.64
CA GLU C 310 1.02 8.06 -42.61
C GLU C 310 0.54 7.51 -43.95
N ASP C 311 -0.24 6.42 -43.91
CA ASP C 311 -0.86 5.86 -45.10
C ASP C 311 -1.86 6.86 -45.66
N ILE C 312 -2.53 7.62 -44.76
CA ILE C 312 -3.47 8.65 -45.17
C ILE C 312 -2.69 9.72 -45.91
N GLU C 313 -1.45 10.02 -45.50
CA GLU C 313 -0.66 11.00 -46.22
C GLU C 313 -0.25 10.46 -47.60
N ALA C 314 0.04 9.16 -47.69
CA ALA C 314 0.36 8.53 -48.96
C ALA C 314 -0.76 8.76 -49.98
N MET C 315 -2.03 8.79 -49.50
CA MET C 315 -3.20 9.08 -50.30
C MET C 315 -3.15 10.45 -50.97
N PHE C 316 -2.42 11.42 -50.41
CA PHE C 316 -2.45 12.76 -50.95
C PHE C 316 -1.06 13.17 -51.50
N LYS C 317 -0.23 12.18 -51.86
CA LYS C 317 1.14 12.47 -52.24
C LYS C 317 1.13 13.21 -53.58
N ASP C 318 0.22 12.84 -54.51
CA ASP C 318 0.18 13.46 -55.82
C ASP C 318 -0.73 14.67 -55.85
N ILE C 319 -1.34 15.07 -54.72
CA ILE C 319 -2.22 16.23 -54.69
C ILE C 319 -1.60 17.31 -53.80
N LYS C 320 -1.52 18.53 -54.34
CA LYS C 320 -0.86 19.61 -53.65
C LYS C 320 -1.88 20.49 -52.94
N LEU C 321 -1.95 20.33 -51.62
CA LEU C 321 -2.94 20.97 -50.76
C LEU C 321 -2.78 22.48 -50.72
N PRO C 322 -3.85 23.21 -50.38
CA PRO C 322 -3.78 24.68 -50.34
C PRO C 322 -2.66 25.16 -49.41
N GLU C 323 -2.19 26.39 -49.66
CA GLU C 323 -1.25 27.09 -48.79
C GLU C 323 -1.98 28.29 -48.18
N LYS C 324 -2.06 28.39 -46.85
CA LYS C 324 -2.85 29.43 -46.20
C LYS C 324 -1.97 30.30 -45.29
N MET D 1 48.74 26.82 -33.95
CA MET D 1 48.82 28.20 -34.48
C MET D 1 48.16 29.17 -33.50
N LYS D 2 48.38 30.46 -33.69
CA LYS D 2 47.86 31.48 -32.81
C LYS D 2 46.95 32.41 -33.58
N LEU D 3 45.93 32.98 -32.92
CA LEU D 3 45.04 33.94 -33.57
C LEU D 3 45.87 34.99 -34.32
N GLN D 4 46.99 35.44 -33.72
CA GLN D 4 47.84 36.49 -34.25
C GLN D 4 48.37 36.11 -35.64
N GLN D 5 48.80 34.87 -35.81
CA GLN D 5 49.27 34.45 -37.12
C GLN D 5 48.12 34.55 -38.11
N LEU D 6 46.93 34.14 -37.72
CA LEU D 6 45.80 34.17 -38.62
C LEU D 6 45.43 35.63 -38.94
N ARG D 7 45.49 36.53 -37.95
CA ARG D 7 45.32 37.96 -38.19
C ARG D 7 46.37 38.44 -39.19
N TYR D 8 47.60 37.92 -39.09
CA TYR D 8 48.70 38.45 -39.87
C TYR D 8 48.56 38.07 -41.35
N ILE D 9 48.42 36.77 -41.64
CA ILE D 9 48.24 36.36 -43.02
C ILE D 9 47.01 37.06 -43.58
N VAL D 10 45.95 37.18 -42.78
CA VAL D 10 44.75 37.81 -43.30
C VAL D 10 45.07 39.25 -43.65
N GLU D 11 45.74 39.95 -42.72
CA GLU D 11 45.91 41.39 -42.86
C GLU D 11 46.87 41.73 -43.99
N VAL D 12 47.77 40.79 -44.34
CA VAL D 12 48.80 41.04 -45.35
C VAL D 12 48.19 41.18 -46.74
N VAL D 13 47.08 40.47 -46.99
CA VAL D 13 46.38 40.51 -48.28
C VAL D 13 45.56 41.79 -48.39
N ASN D 14 44.91 42.20 -47.29
CA ASN D 14 44.25 43.50 -47.20
C ASN D 14 45.19 44.64 -47.62
N HIS D 15 46.46 44.61 -47.17
CA HIS D 15 47.50 45.57 -47.55
C HIS D 15 48.31 45.10 -48.77
N ASN D 16 47.67 44.27 -49.64
CA ASN D 16 48.16 43.85 -50.96
C ASN D 16 49.63 43.44 -50.99
N LEU D 17 50.00 42.52 -50.09
CA LEU D 17 51.33 41.91 -50.04
C LEU D 17 52.41 42.91 -49.60
N ASN D 18 52.01 44.12 -49.17
CA ASN D 18 52.94 45.09 -48.62
C ASN D 18 53.04 44.90 -47.11
N VAL D 19 54.16 44.31 -46.68
CA VAL D 19 54.43 44.03 -45.28
C VAL D 19 54.51 45.36 -44.55
N SER D 20 55.17 46.36 -45.16
CA SER D 20 55.37 47.67 -44.54
C SER D 20 54.04 48.29 -44.17
N SER D 21 53.15 48.43 -45.16
CA SER D 21 51.83 49.00 -44.94
C SER D 21 51.12 48.26 -43.81
N THR D 22 51.34 46.94 -43.77
CA THR D 22 50.73 46.09 -42.76
C THR D 22 51.17 46.56 -41.38
N ALA D 23 52.49 46.63 -41.17
CA ALA D 23 53.07 46.98 -39.89
C ALA D 23 52.55 48.34 -39.40
N GLU D 24 52.39 49.29 -40.31
CA GLU D 24 51.93 50.63 -39.96
C GLU D 24 50.49 50.54 -39.45
N GLY D 25 49.68 49.73 -40.16
CA GLY D 25 48.23 49.70 -39.99
C GLY D 25 47.79 48.93 -38.76
N LEU D 26 48.58 47.91 -38.36
CA LEU D 26 48.37 47.11 -37.17
C LEU D 26 49.35 47.51 -36.07
N TYR D 27 50.09 48.61 -36.28
CA TYR D 27 50.90 49.23 -35.23
C TYR D 27 51.98 48.27 -34.75
N THR D 28 52.64 47.57 -35.67
CA THR D 28 53.65 46.60 -35.26
C THR D 28 54.86 46.69 -36.19
N SER D 29 55.83 45.77 -36.04
CA SER D 29 57.07 45.77 -36.82
C SER D 29 56.97 44.81 -38.00
N GLN D 30 57.76 45.09 -39.05
CA GLN D 30 57.85 44.25 -40.23
C GLN D 30 58.54 42.93 -39.91
N PRO D 31 59.69 42.91 -39.18
CA PRO D 31 60.37 41.65 -38.81
C PRO D 31 59.49 40.63 -38.07
N GLY D 32 58.64 41.13 -37.15
CA GLY D 32 57.77 40.33 -36.31
C GLY D 32 56.60 39.71 -37.07
N ILE D 33 56.10 40.40 -38.12
CA ILE D 33 55.06 39.87 -38.99
C ILE D 33 55.65 38.74 -39.82
N SER D 34 56.82 39.03 -40.41
CA SER D 34 57.51 38.10 -41.27
C SER D 34 57.88 36.83 -40.52
N LYS D 35 58.30 36.95 -39.25
CA LYS D 35 58.66 35.80 -38.43
C LYS D 35 57.43 34.95 -38.12
N GLN D 36 56.32 35.59 -37.72
CA GLN D 36 55.11 34.89 -37.34
C GLN D 36 54.53 34.15 -38.55
N VAL D 37 54.75 34.65 -39.77
CA VAL D 37 54.20 34.00 -40.95
C VAL D 37 55.02 32.79 -41.34
N ARG D 38 56.35 32.90 -41.28
CA ARG D 38 57.21 31.74 -41.51
C ARG D 38 56.83 30.64 -40.53
N MET D 39 56.59 31.03 -39.27
CA MET D 39 56.28 30.09 -38.20
C MET D 39 55.03 29.27 -38.58
N LEU D 40 53.98 29.95 -39.05
CA LEU D 40 52.74 29.27 -39.42
C LEU D 40 52.98 28.34 -40.61
N GLU D 41 53.81 28.82 -41.55
CA GLU D 41 54.20 28.08 -42.74
C GLU D 41 54.92 26.80 -42.34
N ASP D 42 55.78 26.87 -41.32
CA ASP D 42 56.49 25.70 -40.84
C ASP D 42 55.50 24.71 -40.21
N GLU D 43 54.73 25.22 -39.24
CA GLU D 43 53.74 24.43 -38.53
C GLU D 43 52.89 23.66 -39.53
N LEU D 44 52.26 24.39 -40.45
CA LEU D 44 51.33 23.79 -41.41
C LEU D 44 52.10 22.88 -42.37
N GLY D 45 53.39 23.15 -42.57
CA GLY D 45 54.24 22.36 -43.45
C GLY D 45 54.02 22.70 -44.93
N ILE D 46 53.61 23.95 -45.20
CA ILE D 46 53.36 24.41 -46.56
C ILE D 46 53.59 25.91 -46.63
N GLN D 47 53.94 26.40 -47.83
CA GLN D 47 54.10 27.82 -48.04
C GLN D 47 52.71 28.41 -48.25
N ILE D 48 52.48 29.64 -47.77
CA ILE D 48 51.22 30.37 -47.98
C ILE D 48 51.47 31.52 -48.97
N PHE D 49 52.75 31.88 -49.15
CA PHE D 49 53.14 32.87 -50.14
C PHE D 49 54.44 32.40 -50.83
N ALA D 50 54.62 32.83 -52.10
CA ALA D 50 55.87 32.66 -52.81
C ALA D 50 56.75 33.87 -52.55
N ARG D 51 58.06 33.70 -52.78
CA ARG D 51 59.06 34.68 -52.37
C ARG D 51 59.92 35.10 -53.56
N SER D 52 60.05 36.42 -53.74
CA SER D 52 61.10 36.99 -54.57
C SER D 52 62.11 37.68 -53.64
N GLY D 53 63.27 37.04 -53.45
CA GLY D 53 64.37 37.60 -52.68
C GLY D 53 64.03 37.61 -51.18
N LYS D 54 63.33 38.67 -50.76
CA LYS D 54 62.69 38.67 -49.45
C LYS D 54 61.28 39.26 -49.50
N HIS D 55 60.88 39.95 -50.57
CA HIS D 55 59.51 40.50 -50.68
C HIS D 55 58.53 39.38 -50.98
N LEU D 56 57.22 39.68 -50.95
CA LEU D 56 56.20 38.66 -51.15
C LEU D 56 55.39 38.93 -52.41
N THR D 57 55.28 37.90 -53.29
CA THR D 57 54.90 38.08 -54.69
C THR D 57 53.45 37.65 -54.96
N GLN D 58 53.10 36.41 -54.61
CA GLN D 58 51.79 35.88 -54.93
C GLN D 58 51.35 34.95 -53.79
N VAL D 59 50.04 34.64 -53.73
CA VAL D 59 49.52 33.65 -52.80
C VAL D 59 49.51 32.26 -53.47
N THR D 60 49.75 31.22 -52.66
CA THR D 60 49.81 29.85 -53.15
C THR D 60 48.39 29.33 -53.31
N PRO D 61 48.18 28.16 -53.94
CA PRO D 61 46.82 27.65 -54.16
C PRO D 61 46.18 27.23 -52.85
N ALA D 62 46.95 26.46 -52.04
CA ALA D 62 46.57 26.11 -50.68
C ALA D 62 46.41 27.36 -49.82
N GLY D 63 47.37 28.30 -49.92
CA GLY D 63 47.28 29.53 -49.17
C GLY D 63 45.89 30.15 -49.33
N GLN D 64 45.43 30.18 -50.59
CA GLN D 64 44.16 30.81 -50.96
C GLN D 64 43.05 30.26 -50.05
N GLU D 65 43.07 28.94 -49.83
CA GLU D 65 42.04 28.24 -49.09
C GLU D 65 42.26 28.44 -47.58
N ILE D 66 43.51 28.51 -47.14
CA ILE D 66 43.86 28.72 -45.74
C ILE D 66 43.43 30.11 -45.27
N ILE D 67 43.50 31.07 -46.20
CA ILE D 67 43.14 32.45 -45.93
C ILE D 67 41.61 32.56 -45.87
N ARG D 68 40.95 31.85 -46.80
CA ARG D 68 39.50 31.81 -46.78
C ARG D 68 39.09 31.48 -45.34
N ILE D 69 39.60 30.35 -44.83
CA ILE D 69 39.20 29.86 -43.51
C ILE D 69 39.66 30.85 -42.45
N ALA D 70 40.90 31.32 -42.58
CA ALA D 70 41.39 32.32 -41.67
C ALA D 70 40.41 33.47 -41.52
N ARG D 71 39.84 33.96 -42.63
CA ARG D 71 38.94 35.11 -42.52
C ARG D 71 37.78 34.68 -41.65
N GLU D 72 37.18 33.56 -42.05
CA GLU D 72 36.06 33.00 -41.32
C GLU D 72 36.42 32.94 -39.84
N VAL D 73 37.61 32.39 -39.51
CA VAL D 73 38.04 32.21 -38.12
C VAL D 73 38.00 33.56 -37.38
N LEU D 74 38.59 34.60 -38.01
CA LEU D 74 38.68 35.93 -37.43
C LEU D 74 37.29 36.52 -37.20
N SER D 75 36.45 36.48 -38.24
CA SER D 75 35.05 36.90 -38.16
C SER D 75 34.32 36.30 -36.96
N LYS D 76 34.62 35.05 -36.59
CA LYS D 76 33.96 34.39 -35.45
C LYS D 76 34.54 34.92 -34.14
N VAL D 77 35.85 35.17 -34.14
CA VAL D 77 36.49 35.74 -32.96
C VAL D 77 35.89 37.13 -32.69
N ASP D 78 35.55 37.87 -33.76
CA ASP D 78 34.82 39.12 -33.63
C ASP D 78 33.45 38.84 -33.01
N ALA D 79 32.74 37.83 -33.50
CA ALA D 79 31.37 37.62 -33.04
C ALA D 79 31.31 37.30 -31.53
N ILE D 80 32.38 36.71 -30.99
CA ILE D 80 32.51 36.43 -29.56
C ILE D 80 32.51 37.77 -28.80
N LYS D 81 33.33 38.69 -29.28
CA LYS D 81 33.44 40.01 -28.67
C LYS D 81 32.08 40.73 -28.69
N SER D 82 31.25 40.47 -29.70
CA SER D 82 30.00 41.21 -29.91
C SER D 82 28.81 40.56 -29.18
N VAL D 83 29.04 39.50 -28.41
CA VAL D 83 27.93 38.79 -27.77
C VAL D 83 27.24 39.71 -26.75
N ALA D 84 25.92 39.87 -26.91
CA ALA D 84 25.10 40.68 -26.02
C ALA D 84 25.28 40.21 -24.57
N GLY D 85 25.22 41.17 -23.64
CA GLY D 85 25.54 40.91 -22.25
C GLY D 85 24.41 40.21 -21.51
N GLU D 86 24.66 39.89 -20.23
CA GLU D 86 23.81 39.03 -19.43
C GLU D 86 22.45 39.72 -19.22
N HIS D 87 22.33 41.01 -19.59
CA HIS D 87 21.13 41.81 -19.37
C HIS D 87 20.02 41.51 -20.40
N THR D 88 20.41 41.09 -21.62
CA THR D 88 19.50 40.91 -22.74
C THR D 88 18.68 39.63 -22.62
N TRP D 89 19.02 38.79 -21.63
CA TRP D 89 18.19 37.65 -21.29
C TRP D 89 17.17 38.04 -20.23
N PRO D 90 15.92 37.55 -20.36
CA PRO D 90 14.92 37.67 -19.29
C PRO D 90 14.95 36.49 -18.31
N ASP D 91 16.08 36.30 -17.63
CA ASP D 91 16.31 35.06 -16.90
C ASP D 91 16.25 35.31 -15.40
N LYS D 92 15.46 36.30 -14.95
CA LYS D 92 15.36 36.65 -13.54
C LYS D 92 14.15 35.98 -12.87
N GLY D 93 13.67 34.86 -13.44
CA GLY D 93 12.41 34.26 -13.03
C GLY D 93 11.26 34.65 -13.95
N SER D 94 10.24 33.78 -13.98
CA SER D 94 9.16 33.86 -14.96
C SER D 94 7.80 33.77 -14.26
N LEU D 95 6.74 34.34 -14.88
CA LEU D 95 5.42 34.40 -14.23
C LEU D 95 4.32 33.81 -15.12
N TYR D 96 3.79 32.67 -14.69
CA TYR D 96 2.80 31.90 -15.42
C TYR D 96 1.40 32.16 -14.85
N VAL D 97 0.45 32.50 -15.71
CA VAL D 97 -0.90 32.86 -15.30
C VAL D 97 -1.91 32.11 -16.17
N ALA D 98 -2.90 31.47 -15.55
CA ALA D 98 -3.99 30.88 -16.29
C ALA D 98 -5.26 31.72 -16.12
N THR D 99 -5.77 32.30 -17.22
CA THR D 99 -6.97 33.11 -17.14
C THR D 99 -7.74 33.00 -18.47
N THR D 100 -8.67 33.93 -18.72
CA THR D 100 -9.52 33.91 -19.89
C THR D 100 -9.12 35.01 -20.89
N HIS D 101 -9.68 34.92 -22.10
CA HIS D 101 -9.35 35.88 -23.14
C HIS D 101 -9.72 37.28 -22.67
N THR D 102 -10.98 37.42 -22.20
CA THR D 102 -11.55 38.64 -21.66
C THR D 102 -10.58 39.24 -20.65
N GLN D 103 -10.29 38.50 -19.58
CA GLN D 103 -9.32 38.97 -18.59
C GLN D 103 -8.05 39.48 -19.29
N ALA D 104 -7.46 38.64 -20.15
CA ALA D 104 -6.20 38.96 -20.80
C ALA D 104 -6.21 40.34 -21.43
N ARG D 105 -7.32 40.67 -22.11
CA ARG D 105 -7.31 41.68 -23.15
C ARG D 105 -8.15 42.92 -22.79
N TYR D 106 -9.06 42.82 -21.81
CA TYR D 106 -9.91 43.96 -21.44
C TYR D 106 -9.68 44.36 -19.99
N ALA D 107 -8.91 43.55 -19.23
CA ALA D 107 -8.51 43.95 -17.89
C ALA D 107 -7.00 44.16 -17.83
N LEU D 108 -6.22 43.42 -18.63
CA LEU D 108 -4.81 43.22 -18.31
C LEU D 108 -3.82 44.01 -19.18
N PRO D 109 -4.12 44.46 -20.42
CA PRO D 109 -3.16 45.26 -21.20
C PRO D 109 -2.47 46.37 -20.42
N GLY D 110 -3.21 47.04 -19.53
CA GLY D 110 -2.71 48.12 -18.68
C GLY D 110 -2.06 47.63 -17.37
N VAL D 111 -2.44 46.44 -16.89
CA VAL D 111 -1.83 45.88 -15.68
C VAL D 111 -0.51 45.18 -16.05
N ILE D 112 -0.43 44.54 -17.22
CA ILE D 112 0.82 43.98 -17.73
C ILE D 112 1.83 45.11 -18.01
N LYS D 113 1.40 46.10 -18.81
CA LYS D 113 2.26 47.19 -19.23
C LYS D 113 3.09 47.68 -18.05
N GLY D 114 2.40 47.94 -16.94
CA GLY D 114 3.00 48.46 -15.73
C GLY D 114 3.93 47.43 -15.08
N PHE D 115 3.54 46.15 -15.08
CA PHE D 115 4.37 45.07 -14.55
C PHE D 115 5.60 44.81 -15.41
N ILE D 116 5.54 45.03 -16.73
CA ILE D 116 6.66 44.72 -17.60
C ILE D 116 7.82 45.66 -17.29
N GLU D 117 7.57 46.97 -17.38
CA GLU D 117 8.61 47.97 -17.16
C GLU D 117 9.28 47.71 -15.81
N ARG D 118 8.49 47.52 -14.75
CA ARG D 118 9.09 47.31 -13.44
C ARG D 118 9.96 46.06 -13.40
N TYR D 119 9.63 45.05 -14.22
CA TYR D 119 10.38 43.80 -14.24
C TYR D 119 10.66 43.35 -15.67
N PRO D 120 11.64 43.98 -16.37
CA PRO D 120 11.87 43.72 -17.79
C PRO D 120 12.56 42.39 -18.07
N ARG D 121 13.04 41.74 -17.00
CA ARG D 121 13.75 40.48 -17.17
C ARG D 121 12.94 39.38 -16.48
N VAL D 122 11.63 39.61 -16.33
CA VAL D 122 10.69 38.59 -15.88
C VAL D 122 9.76 38.27 -17.05
N SER D 123 9.88 37.03 -17.54
CA SER D 123 9.10 36.54 -18.66
C SER D 123 7.69 36.23 -18.17
N LEU D 124 6.70 36.56 -19.02
CA LEU D 124 5.29 36.50 -18.64
C LEU D 124 4.57 35.56 -19.61
N HIS D 125 3.77 34.64 -19.03
CA HIS D 125 3.16 33.55 -19.76
C HIS D 125 1.67 33.47 -19.43
N MET D 126 0.82 33.65 -20.46
CA MET D 126 -0.63 33.82 -20.34
C MET D 126 -1.38 32.65 -20.98
N HIS D 127 -1.54 31.56 -20.23
CA HIS D 127 -2.39 30.43 -20.61
C HIS D 127 -3.85 30.86 -20.63
N GLN D 128 -4.60 30.42 -21.65
CA GLN D 128 -6.04 30.66 -21.74
C GLN D 128 -6.76 29.34 -21.42
N GLY D 129 -8.10 29.39 -21.33
CA GLY D 129 -8.93 28.20 -21.23
C GLY D 129 -10.25 28.42 -20.49
N SER D 130 -11.05 27.34 -20.44
CA SER D 130 -12.31 27.30 -19.71
C SER D 130 -12.03 27.26 -18.21
N PRO D 131 -13.01 27.57 -17.32
CA PRO D 131 -12.79 27.43 -15.88
C PRO D 131 -12.09 26.14 -15.46
N THR D 132 -12.57 24.99 -15.97
CA THR D 132 -11.97 23.71 -15.63
C THR D 132 -10.51 23.65 -16.07
N GLN D 133 -10.17 24.22 -17.23
CA GLN D 133 -8.79 24.14 -17.67
C GLN D 133 -7.89 25.08 -16.85
N ILE D 134 -8.39 26.28 -16.56
CA ILE D 134 -7.67 27.26 -15.75
C ILE D 134 -7.30 26.68 -14.38
N ALA D 135 -8.17 25.87 -13.77
CA ALA D 135 -7.89 25.34 -12.43
C ALA D 135 -6.82 24.26 -12.46
N GLU D 136 -6.93 23.34 -13.42
CA GLU D 136 -5.90 22.34 -13.66
C GLU D 136 -4.53 23.00 -13.80
N ALA D 137 -4.43 23.99 -14.69
CA ALA D 137 -3.15 24.64 -14.96
C ALA D 137 -2.40 24.89 -13.66
N VAL D 138 -3.15 25.32 -12.64
CA VAL D 138 -2.53 25.75 -11.40
C VAL D 138 -2.23 24.54 -10.51
N SER D 139 -3.26 23.74 -10.20
CA SER D 139 -3.04 22.61 -9.34
C SER D 139 -1.90 21.75 -9.90
N LYS D 140 -1.94 21.45 -11.22
CA LYS D 140 -0.92 20.63 -11.86
C LYS D 140 0.47 21.25 -11.74
N GLY D 141 0.60 22.53 -12.11
CA GLY D 141 1.82 23.27 -11.87
C GLY D 141 2.40 23.85 -13.14
N ASN D 142 1.52 24.08 -14.12
CA ASN D 142 1.80 24.77 -15.38
C ASN D 142 1.52 26.28 -15.26
N ALA D 143 1.01 26.70 -14.10
CA ALA D 143 0.85 28.12 -13.81
C ALA D 143 0.81 28.33 -12.30
N ASP D 144 1.35 29.50 -11.92
CA ASP D 144 1.46 29.91 -10.54
C ASP D 144 0.13 30.52 -10.12
N PHE D 145 -0.45 31.33 -11.02
CA PHE D 145 -1.63 32.13 -10.74
C PHE D 145 -2.77 31.87 -11.72
N ALA D 146 -3.94 31.51 -11.19
CA ALA D 146 -5.19 31.57 -11.94
C ALA D 146 -5.97 32.81 -11.53
N ILE D 147 -6.45 33.58 -12.54
CA ILE D 147 -7.47 34.60 -12.41
C ILE D 147 -8.80 34.02 -12.90
N ALA D 148 -9.55 33.43 -11.98
CA ALA D 148 -10.80 32.71 -12.28
C ALA D 148 -11.97 33.67 -12.35
N THR D 149 -12.86 33.48 -13.33
CA THR D 149 -13.97 34.41 -13.48
C THR D 149 -15.26 33.77 -13.01
N GLU D 150 -15.37 32.44 -13.03
CA GLU D 150 -16.62 31.85 -12.57
C GLU D 150 -16.45 30.36 -12.25
N ALA D 151 -17.52 29.71 -11.77
CA ALA D 151 -17.48 28.32 -11.34
C ALA D 151 -16.30 28.14 -10.39
N LEU D 152 -16.36 28.94 -9.31
CA LEU D 152 -15.28 29.05 -8.35
C LEU D 152 -15.11 27.79 -7.49
N HIS D 153 -16.04 26.83 -7.61
CA HIS D 153 -15.96 25.57 -6.89
C HIS D 153 -14.85 24.66 -7.40
N LEU D 154 -14.26 25.00 -8.56
CA LEU D 154 -13.19 24.20 -9.14
C LEU D 154 -11.84 24.53 -8.49
N TYR D 155 -11.77 25.69 -7.83
CA TYR D 155 -10.54 26.21 -7.29
C TYR D 155 -10.56 26.13 -5.76
N ASP D 156 -11.47 25.32 -5.21
CA ASP D 156 -11.33 24.85 -3.84
C ASP D 156 -10.01 24.10 -3.73
N ASP D 157 -9.36 24.21 -2.58
CA ASP D 157 -8.04 23.61 -2.42
C ASP D 157 -6.98 24.48 -3.08
N LEU D 158 -7.36 25.67 -3.58
CA LEU D 158 -6.41 26.75 -3.86
C LEU D 158 -6.81 27.96 -3.04
N VAL D 159 -5.84 28.85 -2.81
CA VAL D 159 -6.03 30.11 -2.12
C VAL D 159 -6.61 31.12 -3.11
N MET D 160 -7.83 31.58 -2.86
CA MET D 160 -8.52 32.44 -3.81
C MET D 160 -8.80 33.78 -3.13
N LEU D 161 -8.43 34.88 -3.80
CA LEU D 161 -8.62 36.20 -3.23
C LEU D 161 -9.59 36.96 -4.12
N PRO D 162 -10.78 37.36 -3.62
CA PRO D 162 -11.73 38.15 -4.41
C PRO D 162 -11.07 39.40 -4.99
N CYS D 163 -11.30 39.64 -6.28
CA CYS D 163 -10.77 40.82 -6.93
C CYS D 163 -11.89 41.81 -7.22
N TYR D 164 -12.99 41.36 -7.86
CA TYR D 164 -14.05 42.27 -8.33
C TYR D 164 -15.32 41.48 -8.74
N HIS D 165 -16.31 42.19 -9.28
CA HIS D 165 -17.66 41.66 -9.48
C HIS D 165 -18.10 42.09 -10.87
N TRP D 166 -18.69 41.16 -11.65
CA TRP D 166 -19.02 41.42 -13.04
C TRP D 166 -20.34 40.76 -13.45
N ASN D 167 -20.95 41.36 -14.46
CA ASN D 167 -22.26 40.95 -14.94
C ASN D 167 -22.19 40.77 -16.45
N ARG D 168 -23.31 40.27 -17.00
CA ARG D 168 -23.42 39.89 -18.39
C ARG D 168 -24.37 40.81 -19.15
N SER D 169 -24.11 40.91 -20.45
CA SER D 169 -24.96 41.63 -21.37
C SER D 169 -25.56 40.62 -22.35
N ILE D 170 -26.76 40.96 -22.84
CA ILE D 170 -27.25 40.38 -24.06
C ILE D 170 -26.61 41.13 -25.20
N VAL D 171 -26.19 40.41 -26.26
CA VAL D 171 -25.54 41.08 -27.36
C VAL D 171 -26.08 40.56 -28.69
N VAL D 172 -26.37 41.53 -29.59
CA VAL D 172 -27.14 41.27 -30.78
C VAL D 172 -26.66 42.18 -31.91
N THR D 173 -26.93 41.69 -33.12
CA THR D 173 -26.70 42.40 -34.37
C THR D 173 -27.70 43.56 -34.45
N PRO D 174 -27.40 44.73 -35.06
CA PRO D 174 -28.36 45.85 -35.08
C PRO D 174 -29.69 45.54 -35.79
N GLU D 175 -29.71 44.50 -36.66
CA GLU D 175 -30.89 44.03 -37.40
C GLU D 175 -31.79 43.08 -36.59
N HIS D 176 -31.34 42.64 -35.40
CA HIS D 176 -32.08 41.71 -34.57
C HIS D 176 -33.30 42.40 -33.96
N PRO D 177 -34.43 41.68 -33.85
CA PRO D 177 -35.58 42.10 -33.05
C PRO D 177 -35.39 42.81 -31.71
N LEU D 178 -34.45 42.30 -30.90
CA LEU D 178 -34.20 42.85 -29.57
C LEU D 178 -33.35 44.11 -29.65
N ALA D 179 -32.86 44.47 -30.85
CA ALA D 179 -31.89 45.56 -30.99
C ALA D 179 -32.39 46.84 -30.33
N THR D 180 -33.68 47.11 -30.48
CA THR D 180 -34.29 48.31 -29.93
C THR D 180 -35.55 47.91 -29.19
N LYS D 181 -35.38 47.04 -28.18
CA LYS D 181 -36.46 46.66 -27.30
C LYS D 181 -36.21 47.39 -25.99
N GLY D 182 -37.28 48.00 -25.47
CA GLY D 182 -37.24 48.57 -24.13
C GLY D 182 -37.16 47.43 -23.11
N SER D 183 -35.91 47.08 -22.72
CA SER D 183 -35.67 45.96 -21.82
C SER D 183 -36.00 44.62 -22.44
N VAL D 184 -35.52 43.59 -21.76
CA VAL D 184 -35.51 42.25 -22.29
C VAL D 184 -35.62 41.30 -21.12
N SER D 185 -36.33 40.20 -21.35
CA SER D 185 -36.92 39.40 -20.30
C SER D 185 -36.43 37.96 -20.42
N ILE D 186 -36.33 37.28 -19.26
CA ILE D 186 -35.89 35.89 -19.23
C ILE D 186 -36.69 35.06 -20.24
N GLU D 187 -37.95 35.45 -20.54
CA GLU D 187 -38.79 34.68 -21.47
C GLU D 187 -38.53 35.06 -22.92
N GLU D 188 -38.46 36.36 -23.21
CA GLU D 188 -38.13 36.86 -24.54
C GLU D 188 -36.82 36.20 -25.04
N LEU D 189 -35.82 36.18 -24.13
CA LEU D 189 -34.49 35.67 -24.42
C LEU D 189 -34.57 34.19 -24.72
N ALA D 190 -35.37 33.46 -23.93
CA ALA D 190 -35.49 32.01 -24.02
C ALA D 190 -36.14 31.58 -25.34
N GLN D 191 -36.97 32.46 -25.92
CA GLN D 191 -37.66 32.16 -27.17
C GLN D 191 -36.67 32.17 -28.34
N TYR D 192 -35.47 32.71 -28.07
CA TYR D 192 -34.47 32.84 -29.09
C TYR D 192 -33.38 31.79 -28.96
N PRO D 193 -32.72 31.46 -30.09
CA PRO D 193 -31.48 30.68 -30.04
C PRO D 193 -30.40 31.43 -29.25
N LEU D 194 -29.62 30.69 -28.44
CA LEU D 194 -28.61 31.32 -27.62
C LEU D 194 -27.21 30.96 -28.10
N VAL D 195 -26.35 32.01 -28.11
CA VAL D 195 -24.92 31.96 -28.36
C VAL D 195 -24.16 32.35 -27.09
N THR D 196 -23.44 31.41 -26.46
CA THR D 196 -22.80 31.70 -25.18
C THR D 196 -21.53 30.86 -25.06
N TYR D 197 -20.92 30.88 -23.85
CA TYR D 197 -19.71 30.15 -23.58
C TYR D 197 -19.97 28.64 -23.56
N THR D 198 -18.90 27.87 -23.72
CA THR D 198 -18.99 26.41 -23.77
C THR D 198 -19.47 25.87 -22.44
N PHE D 199 -18.94 26.41 -21.35
CA PHE D 199 -19.26 26.11 -19.96
C PHE D 199 -20.33 27.08 -19.40
N GLY D 200 -21.02 27.81 -20.30
CA GLY D 200 -22.12 28.69 -19.94
C GLY D 200 -23.20 28.00 -19.09
N PHE D 201 -23.80 26.91 -19.63
CA PHE D 201 -24.75 26.06 -18.92
C PHE D 201 -24.11 24.75 -18.46
N THR D 202 -24.08 24.52 -17.14
CA THR D 202 -23.40 23.36 -16.58
C THR D 202 -24.37 22.51 -15.75
N GLY D 203 -25.48 23.12 -15.33
CA GLY D 203 -26.38 22.51 -14.37
C GLY D 203 -26.42 23.31 -13.08
N ARG D 204 -25.43 24.20 -12.88
CA ARG D 204 -25.28 24.92 -11.62
C ARG D 204 -24.59 26.27 -11.82
N SER D 205 -24.81 26.90 -12.97
CA SER D 205 -24.23 28.20 -13.23
C SER D 205 -25.31 29.26 -13.09
N GLU D 206 -24.87 30.51 -13.16
CA GLU D 206 -25.76 31.65 -13.03
C GLU D 206 -26.72 31.66 -14.24
N LEU D 207 -26.39 30.96 -15.33
CA LEU D 207 -27.32 30.89 -16.45
C LEU D 207 -28.34 29.78 -16.18
N ASP D 208 -27.90 28.64 -15.65
CA ASP D 208 -28.83 27.59 -15.25
C ASP D 208 -29.77 28.09 -14.16
N THR D 209 -29.19 28.64 -13.09
CA THR D 209 -30.00 29.10 -11.97
C THR D 209 -31.14 29.99 -12.45
N ALA D 210 -30.88 30.92 -13.39
CA ALA D 210 -31.91 31.83 -13.91
C ALA D 210 -32.97 31.11 -14.76
N PHE D 211 -32.55 30.36 -15.80
CA PHE D 211 -33.49 29.65 -16.66
C PHE D 211 -34.24 28.53 -15.91
N ASN D 212 -33.61 27.89 -14.91
CA ASN D 212 -34.23 26.83 -14.13
C ASN D 212 -35.33 27.35 -13.20
N ARG D 213 -35.14 28.52 -12.55
CA ARG D 213 -36.12 29.03 -11.59
C ARG D 213 -37.31 29.66 -12.31
N ALA D 214 -37.26 29.74 -13.65
CA ALA D 214 -38.38 30.18 -14.48
C ALA D 214 -38.95 29.03 -15.31
N GLY D 215 -38.45 27.79 -15.15
CA GLY D 215 -38.97 26.62 -15.84
C GLY D 215 -38.75 26.67 -17.36
N LEU D 216 -37.80 27.50 -17.80
CA LEU D 216 -37.49 27.61 -19.20
C LEU D 216 -36.27 26.75 -19.49
N THR D 217 -36.31 26.09 -20.66
CA THR D 217 -35.16 25.36 -21.14
C THR D 217 -34.68 26.03 -22.42
N PRO D 218 -33.42 26.47 -22.46
CA PRO D 218 -32.90 27.23 -23.59
C PRO D 218 -32.46 26.42 -24.80
N ARG D 219 -32.71 26.96 -25.99
CA ARG D 219 -32.05 26.46 -27.19
C ARG D 219 -30.68 27.12 -27.29
N ILE D 220 -29.65 26.28 -27.47
CA ILE D 220 -28.28 26.72 -27.63
C ILE D 220 -27.85 26.36 -29.05
N VAL D 221 -27.51 27.34 -29.88
CA VAL D 221 -27.12 27.00 -31.24
C VAL D 221 -25.59 26.95 -31.35
N PHE D 222 -24.86 27.89 -30.72
CA PHE D 222 -23.40 27.92 -30.81
C PHE D 222 -22.80 28.27 -29.46
N THR D 223 -21.71 27.60 -29.08
CA THR D 223 -20.90 27.99 -27.93
C THR D 223 -19.43 28.00 -28.35
N ALA D 224 -18.65 28.92 -27.77
CA ALA D 224 -17.20 28.96 -27.93
C ALA D 224 -16.59 29.15 -26.55
N THR D 225 -15.25 29.11 -26.50
CA THR D 225 -14.54 29.28 -25.25
C THR D 225 -14.34 30.78 -25.00
N ASP D 226 -13.91 31.52 -26.03
CA ASP D 226 -13.65 32.93 -25.88
C ASP D 226 -14.93 33.70 -26.22
N ALA D 227 -15.08 34.86 -25.55
CA ALA D 227 -16.05 35.90 -25.86
C ALA D 227 -15.82 36.52 -27.25
N ASP D 228 -14.56 36.83 -27.60
CA ASP D 228 -14.20 37.27 -28.93
C ASP D 228 -14.81 36.39 -30.02
N VAL D 229 -14.80 35.07 -29.82
CA VAL D 229 -15.27 34.15 -30.84
C VAL D 229 -16.79 34.12 -30.84
N ILE D 230 -17.35 34.34 -29.65
CA ILE D 230 -18.80 34.46 -29.48
C ILE D 230 -19.29 35.70 -30.23
N LYS D 231 -18.50 36.79 -30.21
CA LYS D 231 -18.89 38.07 -30.80
C LYS D 231 -18.90 38.02 -32.33
N THR D 232 -17.86 37.38 -32.88
CA THR D 232 -17.67 37.18 -34.31
C THR D 232 -18.85 36.43 -34.90
N TYR D 233 -19.23 35.30 -34.27
CA TYR D 233 -20.24 34.43 -34.83
C TYR D 233 -21.54 35.22 -34.99
N VAL D 234 -21.83 36.09 -34.00
CA VAL D 234 -23.04 36.90 -33.97
C VAL D 234 -22.97 37.93 -35.10
N ARG D 235 -22.46 37.51 -36.26
CA ARG D 235 -22.81 38.10 -37.54
C ARG D 235 -23.28 36.95 -38.42
N LEU D 236 -24.58 36.61 -38.26
CA LEU D 236 -25.28 35.46 -38.84
C LEU D 236 -26.78 35.78 -39.03
N GLY D 237 -27.59 35.43 -38.02
CA GLY D 237 -29.02 35.12 -38.12
C GLY D 237 -29.78 35.55 -36.86
N LEU D 238 -30.51 34.62 -36.20
CA LEU D 238 -31.39 34.99 -35.07
C LEU D 238 -30.76 34.79 -33.68
N GLY D 239 -29.53 34.26 -33.61
CA GLY D 239 -28.91 33.96 -32.33
C GLY D 239 -28.65 35.18 -31.45
N VAL D 240 -28.83 35.00 -30.14
CA VAL D 240 -28.56 36.03 -29.13
C VAL D 240 -27.28 35.68 -28.37
N GLY D 241 -26.36 36.64 -28.20
CA GLY D 241 -25.19 36.45 -27.37
C GLY D 241 -25.47 36.71 -25.88
N VAL D 242 -24.92 35.85 -25.03
CA VAL D 242 -24.85 36.16 -23.60
C VAL D 242 -23.39 36.03 -23.14
N ILE D 243 -22.77 37.17 -22.76
CA ILE D 243 -21.37 37.25 -22.38
C ILE D 243 -21.17 38.30 -21.30
N ALA D 244 -19.93 38.39 -20.80
CA ALA D 244 -19.55 39.39 -19.81
C ALA D 244 -19.62 40.75 -20.48
N SER D 245 -20.13 41.73 -19.71
CA SER D 245 -20.31 43.09 -20.19
C SER D 245 -18.97 43.77 -20.46
N MET D 246 -17.88 43.35 -19.80
CA MET D 246 -16.59 44.05 -19.93
C MET D 246 -15.88 43.65 -21.23
N ALA D 247 -16.39 42.64 -21.94
CA ALA D 247 -15.83 42.14 -23.19
C ALA D 247 -16.51 42.71 -24.42
N VAL D 248 -17.43 43.68 -24.23
CA VAL D 248 -18.05 44.36 -25.36
C VAL D 248 -18.23 45.84 -24.99
N ASP D 249 -17.85 46.76 -25.90
CA ASP D 249 -18.21 48.18 -25.77
C ASP D 249 -18.57 48.75 -27.14
N PRO D 250 -19.49 49.75 -27.22
CA PRO D 250 -19.91 50.33 -28.52
C PRO D 250 -18.88 51.06 -29.40
N VAL D 251 -17.77 51.56 -28.81
CA VAL D 251 -16.77 52.30 -29.56
C VAL D 251 -15.95 51.32 -30.43
N SER D 252 -15.46 50.23 -29.84
CA SER D 252 -14.66 49.25 -30.59
C SER D 252 -15.50 48.08 -31.13
N ASP D 253 -16.77 47.97 -30.72
CA ASP D 253 -17.70 46.98 -31.27
C ASP D 253 -19.00 47.68 -31.72
N PRO D 254 -18.95 48.62 -32.69
CA PRO D 254 -20.18 49.31 -33.11
C PRO D 254 -21.12 48.43 -33.92
N ASP D 255 -20.66 47.24 -34.33
CA ASP D 255 -21.43 46.31 -35.14
C ASP D 255 -22.51 45.61 -34.31
N LEU D 256 -22.47 45.77 -32.97
CA LEU D 256 -23.26 44.97 -32.04
C LEU D 256 -23.93 45.88 -31.02
N VAL D 257 -25.02 45.39 -30.45
CA VAL D 257 -25.82 46.21 -29.56
C VAL D 257 -25.80 45.55 -28.20
N LYS D 258 -25.24 46.28 -27.22
CA LYS D 258 -25.08 45.77 -25.88
C LYS D 258 -26.34 46.12 -25.10
N LEU D 259 -27.15 45.12 -24.82
CA LEU D 259 -28.44 45.32 -24.19
C LEU D 259 -28.41 44.69 -22.79
N ASP D 260 -28.97 45.38 -21.82
CA ASP D 260 -28.70 45.08 -20.41
C ASP D 260 -29.30 43.73 -20.02
N ALA D 261 -28.77 43.07 -18.97
CA ALA D 261 -29.31 41.79 -18.52
C ALA D 261 -29.09 41.55 -17.02
N ASN D 262 -29.09 42.63 -16.24
CA ASN D 262 -28.89 42.57 -14.80
C ASN D 262 -30.16 42.06 -14.10
N GLY D 263 -31.31 42.19 -14.77
CA GLY D 263 -32.54 41.66 -14.19
C GLY D 263 -32.57 40.14 -14.27
N ILE D 264 -31.93 39.60 -15.31
CA ILE D 264 -32.09 38.20 -15.66
C ILE D 264 -31.15 37.34 -14.81
N PHE D 265 -29.88 37.75 -14.67
CA PHE D 265 -28.86 36.91 -14.06
C PHE D 265 -28.05 37.68 -13.04
N SER D 266 -27.80 37.02 -11.90
CA SER D 266 -26.94 37.54 -10.84
C SER D 266 -25.48 37.55 -11.29
N HIS D 267 -24.69 38.40 -10.60
CA HIS D 267 -23.30 38.70 -10.93
C HIS D 267 -22.42 37.53 -10.53
N SER D 268 -21.22 37.41 -11.12
CA SER D 268 -20.16 36.53 -10.64
C SER D 268 -19.03 37.34 -10.01
N THR D 269 -18.07 36.67 -9.35
CA THR D 269 -16.89 37.34 -8.82
C THR D 269 -15.61 36.75 -9.43
N THR D 270 -14.75 37.62 -9.99
CA THR D 270 -13.42 37.28 -10.46
C THR D 270 -12.50 37.16 -9.25
N LYS D 271 -11.65 36.14 -9.22
CA LYS D 271 -10.72 35.91 -8.12
C LYS D 271 -9.35 35.50 -8.64
N ILE D 272 -8.29 35.86 -7.90
CA ILE D 272 -6.94 35.50 -8.28
C ILE D 272 -6.43 34.55 -7.20
N GLY D 273 -5.58 33.60 -7.60
CA GLY D 273 -5.47 32.36 -6.86
C GLY D 273 -4.14 31.65 -7.12
N PHE D 274 -3.76 30.77 -6.20
CA PHE D 274 -2.50 30.05 -6.31
C PHE D 274 -2.49 28.89 -5.32
N ARG D 275 -1.53 27.98 -5.50
CA ARG D 275 -1.40 26.85 -4.60
C ARG D 275 -0.76 27.36 -3.32
N ARG D 276 -1.11 26.68 -2.22
CA ARG D 276 -0.70 27.02 -0.87
C ARG D 276 0.83 26.99 -0.79
N SER D 277 1.43 25.90 -1.31
CA SER D 277 2.87 25.65 -1.21
C SER D 277 3.68 26.61 -2.08
N THR D 278 3.05 27.44 -2.91
CA THR D 278 3.76 28.33 -3.81
C THR D 278 4.56 29.38 -3.04
N PHE D 279 5.89 29.42 -3.30
CA PHE D 279 6.75 30.46 -2.75
C PHE D 279 6.47 31.76 -3.50
N LEU D 280 5.78 32.71 -2.84
CA LEU D 280 5.50 34.03 -3.41
C LEU D 280 6.79 34.82 -3.49
N ARG D 281 7.11 35.34 -4.68
CA ARG D 281 8.24 36.25 -4.85
C ARG D 281 7.70 37.68 -4.83
N SER D 282 8.56 38.66 -5.15
CA SER D 282 8.14 40.05 -5.18
C SER D 282 7.25 40.34 -6.41
N TYR D 283 7.72 40.00 -7.61
CA TYR D 283 6.95 40.27 -8.81
C TYR D 283 5.59 39.54 -8.78
N MET D 284 5.50 38.48 -7.98
CA MET D 284 4.22 37.86 -7.69
C MET D 284 3.32 38.87 -6.96
N TYR D 285 3.68 39.26 -5.72
CA TYR D 285 2.92 40.22 -4.90
C TYR D 285 2.53 41.44 -5.73
N ASP D 286 3.38 41.81 -6.68
CA ASP D 286 3.20 43.03 -7.45
C ASP D 286 2.01 42.91 -8.40
N PHE D 287 1.99 41.84 -9.21
CA PHE D 287 0.95 41.61 -10.20
C PHE D 287 -0.41 41.54 -9.51
N ILE D 288 -0.48 40.79 -8.40
CA ILE D 288 -1.67 40.77 -7.58
C ILE D 288 -2.11 42.20 -7.28
N GLN D 289 -1.17 43.07 -6.82
CA GLN D 289 -1.52 44.41 -6.33
C GLN D 289 -1.86 45.36 -7.49
N ARG D 290 -1.26 45.15 -8.66
CA ARG D 290 -1.62 45.93 -9.83
C ARG D 290 -3.00 45.53 -10.37
N PHE D 291 -3.43 44.30 -10.09
CA PHE D 291 -4.71 43.82 -10.58
C PHE D 291 -5.81 44.26 -9.62
N ALA D 292 -5.58 44.14 -8.32
CA ALA D 292 -6.57 44.47 -7.32
C ALA D 292 -5.91 45.23 -6.15
N PRO D 293 -5.97 46.59 -6.11
CA PRO D 293 -5.14 47.33 -5.15
C PRO D 293 -5.33 46.98 -3.68
N HIS D 294 -6.50 46.41 -3.32
CA HIS D 294 -6.76 45.91 -1.98
C HIS D 294 -5.89 44.69 -1.61
N LEU D 295 -5.26 44.05 -2.60
CA LEU D 295 -4.55 42.80 -2.34
C LEU D 295 -3.07 43.10 -2.16
N THR D 296 -2.80 43.90 -1.12
CA THR D 296 -1.45 44.27 -0.74
C THR D 296 -0.76 43.05 -0.12
N ARG D 297 0.58 43.16 -0.05
CA ARG D 297 1.43 42.07 0.40
C ARG D 297 0.91 41.50 1.72
N ASP D 298 0.64 42.39 2.68
CA ASP D 298 0.25 41.95 4.02
C ASP D 298 -1.09 41.20 3.99
N VAL D 299 -1.97 41.54 3.04
CA VAL D 299 -3.28 40.93 2.94
C VAL D 299 -3.18 39.50 2.40
N VAL D 300 -2.44 39.37 1.29
CA VAL D 300 -2.18 38.07 0.70
C VAL D 300 -1.68 37.11 1.79
N ASP D 301 -0.67 37.58 2.55
CA ASP D 301 0.01 36.78 3.57
C ASP D 301 -0.95 36.38 4.71
N THR D 302 -1.77 37.35 5.16
CA THR D 302 -2.81 37.08 6.13
C THR D 302 -3.69 35.96 5.59
N ALA D 303 -4.17 36.15 4.35
CA ALA D 303 -5.06 35.18 3.72
C ALA D 303 -4.45 33.76 3.69
N VAL D 304 -3.15 33.63 3.33
CA VAL D 304 -2.54 32.31 3.11
C VAL D 304 -2.42 31.57 4.45
N ALA D 305 -2.20 32.30 5.54
CA ALA D 305 -2.11 31.69 6.87
C ALA D 305 -3.46 31.23 7.41
N LEU D 306 -4.57 31.77 6.87
CA LEU D 306 -5.89 31.52 7.41
C LEU D 306 -6.26 30.05 7.26
N ARG D 307 -7.29 29.65 8.02
CA ARG D 307 -7.71 28.27 8.16
C ARG D 307 -8.34 27.77 6.86
N SER D 308 -9.55 28.26 6.51
CA SER D 308 -10.29 27.72 5.38
C SER D 308 -10.53 28.79 4.31
N ASN D 309 -11.06 28.35 3.17
CA ASN D 309 -11.55 29.28 2.17
C ASN D 309 -12.67 30.13 2.76
N GLU D 310 -13.41 29.55 3.73
CA GLU D 310 -14.52 30.22 4.40
C GLU D 310 -14.09 31.61 4.87
N ASP D 311 -13.12 31.62 5.81
CA ASP D 311 -12.70 32.82 6.50
C ASP D 311 -12.27 33.88 5.51
N ILE D 312 -11.58 33.44 4.45
CA ILE D 312 -11.04 34.35 3.46
C ILE D 312 -12.15 35.23 2.91
N GLU D 313 -13.32 34.69 2.59
CA GLU D 313 -14.37 35.55 2.05
C GLU D 313 -14.89 36.51 3.13
N ALA D 314 -14.83 36.04 4.38
CA ALA D 314 -15.30 36.81 5.51
C ALA D 314 -14.36 38.00 5.79
N MET D 315 -13.08 37.85 5.40
CA MET D 315 -12.05 38.86 5.58
C MET D 315 -12.38 40.08 4.69
N PHE D 316 -13.23 39.86 3.65
CA PHE D 316 -13.54 40.88 2.65
C PHE D 316 -15.00 41.33 2.72
N LYS D 317 -15.73 40.81 3.71
CA LYS D 317 -17.13 41.15 3.98
C LYS D 317 -17.35 42.67 3.93
N ASP D 318 -16.69 43.39 4.85
CA ASP D 318 -16.88 44.83 4.99
C ASP D 318 -16.07 45.62 3.95
N ILE D 319 -15.55 44.95 2.89
CA ILE D 319 -14.72 45.59 1.88
C ILE D 319 -15.46 45.52 0.55
N LYS D 320 -15.90 46.70 0.06
CA LYS D 320 -16.66 46.81 -1.18
C LYS D 320 -15.69 46.71 -2.35
N LEU D 321 -16.04 45.88 -3.33
CA LEU D 321 -15.15 45.55 -4.43
C LEU D 321 -15.56 46.35 -5.65
N PRO D 322 -14.62 46.69 -6.57
CA PRO D 322 -14.97 47.27 -7.88
C PRO D 322 -16.05 46.47 -8.62
N GLU D 323 -16.76 47.10 -9.55
CA GLU D 323 -17.78 46.40 -10.31
C GLU D 323 -17.49 46.69 -11.78
N LYS D 324 -17.43 45.62 -12.61
CA LYS D 324 -16.95 45.74 -13.98
C LYS D 324 -17.90 45.05 -14.97
N MET E 1 22.28 -6.22 6.95
CA MET E 1 21.42 -5.85 8.10
C MET E 1 22.35 -5.44 9.24
N LYS E 2 21.90 -4.50 10.07
CA LYS E 2 22.71 -3.93 11.13
C LYS E 2 21.98 -4.04 12.47
N LEU E 3 22.74 -4.11 13.56
CA LEU E 3 22.10 -4.22 14.86
C LEU E 3 21.09 -3.11 15.03
N GLN E 4 21.47 -1.89 14.63
CA GLN E 4 20.73 -0.70 14.98
C GLN E 4 19.37 -0.65 14.28
N GLN E 5 19.33 -1.17 13.06
CA GLN E 5 18.08 -1.42 12.35
C GLN E 5 17.09 -2.26 13.16
N LEU E 6 17.58 -3.27 13.89
CA LEU E 6 16.71 -4.19 14.61
C LEU E 6 16.19 -3.49 15.86
N ARG E 7 17.00 -2.66 16.49
CA ARG E 7 16.54 -1.92 17.67
C ARG E 7 15.36 -1.05 17.24
N TYR E 8 15.55 -0.30 16.15
CA TYR E 8 14.61 0.70 15.69
C TYR E 8 13.23 0.10 15.42
N ILE E 9 13.17 -1.01 14.69
CA ILE E 9 11.88 -1.63 14.39
C ILE E 9 11.20 -2.09 15.68
N VAL E 10 11.97 -2.61 16.66
CA VAL E 10 11.41 -3.09 17.92
C VAL E 10 10.88 -1.87 18.68
N GLU E 11 11.73 -0.85 18.78
CA GLU E 11 11.39 0.35 19.52
C GLU E 11 10.12 0.94 18.93
N VAL E 12 9.99 0.88 17.60
CA VAL E 12 8.80 1.40 16.95
C VAL E 12 7.60 0.63 17.49
N VAL E 13 7.67 -0.71 17.53
CA VAL E 13 6.56 -1.49 18.07
C VAL E 13 6.32 -1.13 19.53
N ASN E 14 7.41 -0.92 20.28
CA ASN E 14 7.28 -0.61 21.70
C ASN E 14 6.52 0.70 21.85
N HIS E 15 6.63 1.61 20.87
CA HIS E 15 6.00 2.91 20.95
C HIS E 15 4.70 2.95 20.12
N ASN E 16 3.87 1.89 20.21
CA ASN E 16 2.57 1.82 19.53
C ASN E 16 2.67 2.33 18.10
N LEU E 17 3.64 1.82 17.35
CA LEU E 17 3.81 2.11 15.93
C LEU E 17 3.94 3.61 15.66
N ASN E 18 4.49 4.38 16.61
CA ASN E 18 4.55 5.83 16.50
C ASN E 18 5.98 6.31 16.29
N VAL E 19 6.27 6.85 15.11
CA VAL E 19 7.65 6.93 14.65
C VAL E 19 8.32 8.18 15.20
N SER E 20 7.58 9.29 15.33
CA SER E 20 8.17 10.51 15.87
C SER E 20 8.43 10.40 17.38
N SER E 21 7.65 9.56 18.07
CA SER E 21 7.82 9.31 19.50
C SER E 21 9.09 8.49 19.77
N THR E 22 9.43 7.64 18.81
CA THR E 22 10.63 6.84 18.89
C THR E 22 11.86 7.75 18.81
N ALA E 23 11.85 8.74 17.90
CA ALA E 23 12.83 9.82 17.89
C ALA E 23 12.96 10.50 19.26
N GLU E 24 11.84 10.89 19.89
CA GLU E 24 11.86 11.49 21.22
C GLU E 24 12.65 10.57 22.17
N GLY E 25 12.30 9.28 22.15
CA GLY E 25 12.81 8.29 23.10
C GLY E 25 14.31 7.97 22.93
N LEU E 26 14.84 8.08 21.71
CA LEU E 26 16.19 7.59 21.39
C LEU E 26 17.09 8.73 20.91
N TYR E 27 16.73 9.99 21.20
CA TYR E 27 17.52 11.17 20.82
C TYR E 27 18.06 10.99 19.40
N THR E 28 17.17 10.84 18.41
CA THR E 28 17.66 10.74 17.04
C THR E 28 16.60 11.22 16.05
N SER E 29 16.79 10.82 14.78
CA SER E 29 16.13 11.44 13.64
C SER E 29 14.89 10.65 13.24
N GLN E 30 13.76 11.35 13.14
CA GLN E 30 12.50 10.75 12.74
C GLN E 30 12.53 10.31 11.27
N PRO E 31 13.22 11.05 10.36
CA PRO E 31 13.50 10.51 9.03
C PRO E 31 14.58 9.42 9.05
N GLY E 32 15.57 9.57 9.94
CA GLY E 32 16.66 8.62 10.13
C GLY E 32 16.17 7.19 10.35
N ILE E 33 15.11 7.03 11.16
CA ILE E 33 14.54 5.73 11.48
C ILE E 33 13.77 5.14 10.31
N SER E 34 12.96 5.97 9.65
CA SER E 34 12.14 5.51 8.54
C SER E 34 13.03 4.95 7.42
N LYS E 35 14.18 5.60 7.19
CA LYS E 35 15.08 5.20 6.12
C LYS E 35 15.67 3.83 6.45
N GLN E 36 16.04 3.63 7.72
CA GLN E 36 16.61 2.37 8.19
C GLN E 36 15.58 1.25 8.06
N VAL E 37 14.34 1.54 8.47
CA VAL E 37 13.30 0.53 8.41
C VAL E 37 13.05 0.13 6.95
N ARG E 38 13.02 1.14 6.07
CA ARG E 38 12.75 0.92 4.66
C ARG E 38 13.90 0.15 4.02
N MET E 39 15.13 0.40 4.49
CA MET E 39 16.29 -0.32 3.99
C MET E 39 16.15 -1.80 4.36
N LEU E 40 15.77 -2.07 5.62
CA LEU E 40 15.65 -3.43 6.10
C LEU E 40 14.56 -4.17 5.33
N GLU E 41 13.40 -3.52 5.18
CA GLU E 41 12.33 -4.08 4.37
C GLU E 41 12.82 -4.49 2.97
N ASP E 42 13.64 -3.64 2.33
CA ASP E 42 14.08 -3.92 0.97
C ASP E 42 15.16 -5.00 0.95
N GLU E 43 16.01 -5.04 2.01
CA GLU E 43 16.91 -6.16 2.23
C GLU E 43 16.15 -7.50 2.28
N LEU E 44 15.14 -7.62 3.16
CA LEU E 44 14.50 -8.90 3.43
C LEU E 44 13.45 -9.23 2.36
N GLY E 45 13.05 -8.26 1.52
CA GLY E 45 11.99 -8.50 0.54
C GLY E 45 10.62 -8.72 1.19
N ILE E 46 10.42 -8.08 2.34
CA ILE E 46 9.24 -8.27 3.17
C ILE E 46 8.83 -6.90 3.72
N GLN E 47 7.56 -6.53 3.58
CA GLN E 47 7.03 -5.36 4.28
C GLN E 47 6.72 -5.76 5.72
N ILE E 48 7.51 -5.20 6.66
CA ILE E 48 7.35 -5.43 8.09
C ILE E 48 6.14 -4.69 8.65
N PHE E 49 5.94 -3.44 8.23
CA PHE E 49 4.79 -2.66 8.67
C PHE E 49 3.81 -2.39 7.51
N ALA E 50 2.50 -2.49 7.81
CA ALA E 50 1.49 -1.97 6.91
C ALA E 50 1.48 -0.45 7.00
N ARG E 51 1.15 0.19 5.88
CA ARG E 51 1.17 1.64 5.77
C ARG E 51 -0.16 2.13 5.23
N SER E 52 -0.73 3.15 5.90
CA SER E 52 -1.80 3.94 5.30
C SER E 52 -1.18 4.95 4.34
N GLY E 53 -0.58 6.01 4.90
CA GLY E 53 0.15 6.95 4.06
C GLY E 53 1.61 6.96 4.47
N LYS E 54 1.96 8.01 5.24
CA LYS E 54 3.18 8.01 6.02
C LYS E 54 3.05 7.03 7.17
N HIS E 55 1.82 6.84 7.69
CA HIS E 55 1.58 6.17 8.96
C HIS E 55 1.76 4.66 8.86
N LEU E 56 2.12 4.04 10.01
CA LEU E 56 2.31 2.60 10.12
C LEU E 56 1.12 2.04 10.91
N THR E 57 0.35 1.15 10.30
CA THR E 57 -0.95 0.84 10.86
C THR E 57 -0.89 -0.44 11.70
N GLN E 58 -0.01 -1.38 11.34
CA GLN E 58 0.12 -2.61 12.10
C GLN E 58 1.30 -3.43 11.61
N VAL E 59 1.70 -4.39 12.46
CA VAL E 59 2.76 -5.30 12.11
C VAL E 59 2.15 -6.40 11.24
N THR E 60 2.71 -6.59 10.04
CA THR E 60 2.28 -7.64 9.14
C THR E 60 2.56 -9.01 9.77
N PRO E 61 1.89 -10.10 9.34
CA PRO E 61 2.22 -11.43 9.82
C PRO E 61 3.69 -11.84 9.71
N ALA E 62 4.38 -11.50 8.62
CA ALA E 62 5.80 -11.82 8.48
C ALA E 62 6.59 -10.88 9.36
N GLY E 63 6.14 -9.63 9.43
CA GLY E 63 6.76 -8.63 10.27
C GLY E 63 6.84 -9.06 11.74
N GLN E 64 5.94 -9.96 12.15
CA GLN E 64 5.90 -10.37 13.54
C GLN E 64 6.93 -11.47 13.79
N GLU E 65 7.01 -12.47 12.91
CA GLU E 65 8.08 -13.47 12.99
C GLU E 65 9.43 -12.74 13.10
N ILE E 66 9.59 -11.61 12.36
CA ILE E 66 10.84 -10.86 12.30
C ILE E 66 11.10 -10.10 13.59
N ILE E 67 10.14 -9.26 14.04
CA ILE E 67 10.28 -8.47 15.25
C ILE E 67 10.57 -9.39 16.42
N ARG E 68 9.95 -10.57 16.39
CA ARG E 68 10.06 -11.50 17.51
C ARG E 68 11.49 -12.01 17.58
N ILE E 69 12.10 -12.30 16.42
CA ILE E 69 13.47 -12.75 16.41
C ILE E 69 14.40 -11.57 16.72
N ALA E 70 14.00 -10.35 16.38
CA ALA E 70 14.84 -9.19 16.62
C ALA E 70 14.88 -8.90 18.11
N ARG E 71 13.73 -9.07 18.76
CA ARG E 71 13.68 -8.93 20.20
C ARG E 71 14.73 -9.84 20.81
N GLU E 72 14.87 -11.07 20.27
CA GLU E 72 15.76 -12.08 20.85
C GLU E 72 17.22 -11.66 20.66
N VAL E 73 17.58 -11.28 19.42
CA VAL E 73 18.88 -10.72 19.11
C VAL E 73 19.22 -9.66 20.16
N LEU E 74 18.29 -8.72 20.43
CA LEU E 74 18.63 -7.57 21.27
C LEU E 74 18.86 -8.02 22.71
N SER E 75 18.09 -9.02 23.18
CA SER E 75 18.31 -9.61 24.50
C SER E 75 19.71 -10.20 24.59
N LYS E 76 20.08 -10.96 23.55
CA LYS E 76 21.34 -11.70 23.50
C LYS E 76 22.50 -10.71 23.54
N VAL E 77 22.38 -9.61 22.81
CA VAL E 77 23.37 -8.55 22.81
C VAL E 77 23.51 -7.95 24.20
N ASP E 78 22.40 -7.81 24.94
CA ASP E 78 22.48 -7.26 26.28
C ASP E 78 23.05 -8.26 27.28
N ALA E 79 22.96 -9.55 26.94
CA ALA E 79 23.52 -10.59 27.79
C ALA E 79 25.04 -10.55 27.67
N ILE E 80 25.55 -10.34 26.45
CA ILE E 80 26.97 -10.18 26.21
C ILE E 80 27.52 -9.10 27.14
N LYS E 81 26.88 -7.93 27.20
CA LYS E 81 27.31 -6.89 28.13
C LYS E 81 27.21 -7.37 29.58
N SER E 82 26.19 -8.13 29.92
CA SER E 82 25.92 -8.48 31.31
C SER E 82 26.99 -9.46 31.80
N VAL E 83 27.19 -10.53 31.03
CA VAL E 83 28.37 -11.38 31.13
C VAL E 83 29.62 -10.53 31.37
N ALA E 84 29.91 -9.58 30.46
CA ALA E 84 31.17 -8.85 30.52
C ALA E 84 31.25 -8.05 31.82
N GLY E 85 30.13 -7.47 32.25
CA GLY E 85 30.07 -6.77 33.53
C GLY E 85 30.30 -7.72 34.70
N GLU E 86 29.81 -8.96 34.60
CA GLU E 86 29.98 -9.94 35.66
C GLU E 86 31.46 -10.27 35.84
N HIS E 87 32.14 -10.61 34.72
CA HIS E 87 33.54 -11.01 34.68
C HIS E 87 34.45 -9.87 35.22
N THR E 88 34.10 -8.61 34.94
CA THR E 88 34.79 -7.51 35.57
C THR E 88 34.53 -7.56 37.08
N TRP E 89 33.49 -6.87 37.57
CA TRP E 89 33.22 -6.72 38.98
C TRP E 89 31.83 -7.28 39.29
N PRO E 90 31.71 -8.51 39.81
CA PRO E 90 30.41 -9.21 39.85
C PRO E 90 29.36 -8.69 40.83
N ASP E 91 29.78 -7.99 41.89
CA ASP E 91 28.85 -7.45 42.88
C ASP E 91 28.48 -5.99 42.54
N LYS E 92 28.74 -5.56 41.29
CA LYS E 92 28.39 -4.22 40.82
C LYS E 92 27.44 -4.27 39.61
N GLY E 93 26.25 -3.67 39.76
CA GLY E 93 25.38 -3.40 38.63
C GLY E 93 24.03 -2.83 39.05
N SER E 94 22.95 -3.23 38.36
CA SER E 94 21.58 -2.88 38.74
C SER E 94 20.58 -4.01 38.46
N LEU E 95 19.51 -4.03 39.25
CA LEU E 95 18.50 -5.05 39.17
C LEU E 95 17.11 -4.43 38.98
N TYR E 96 16.49 -4.75 37.83
CA TYR E 96 15.17 -4.24 37.52
C TYR E 96 14.10 -5.33 37.68
N VAL E 97 13.18 -5.07 38.61
CA VAL E 97 12.09 -5.96 38.90
C VAL E 97 10.77 -5.26 38.58
N ALA E 98 9.86 -5.96 37.91
CA ALA E 98 8.51 -5.47 37.73
C ALA E 98 7.59 -6.36 38.52
N THR E 99 6.75 -5.75 39.36
CA THR E 99 5.85 -6.50 40.21
C THR E 99 4.72 -5.54 40.54
N THR E 100 3.92 -5.82 41.58
CA THR E 100 2.71 -5.04 41.78
C THR E 100 2.93 -4.13 42.97
N HIS E 101 1.91 -3.32 43.26
CA HIS E 101 1.89 -2.40 44.39
C HIS E 101 2.05 -3.23 45.65
N THR E 102 1.16 -4.21 45.82
CA THR E 102 1.08 -4.96 47.07
C THR E 102 2.37 -5.73 47.36
N GLN E 103 3.01 -6.27 46.34
CA GLN E 103 4.24 -7.02 46.53
C GLN E 103 5.36 -6.11 47.02
N ALA E 104 5.49 -4.93 46.39
CA ALA E 104 6.58 -4.03 46.69
C ALA E 104 6.42 -3.51 48.13
N ARG E 105 5.19 -3.15 48.49
CA ARG E 105 4.92 -2.48 49.76
C ARG E 105 5.04 -3.47 50.89
N TYR E 106 4.69 -4.74 50.64
CA TYR E 106 4.34 -5.65 51.72
C TYR E 106 5.17 -6.94 51.69
N ALA E 107 5.38 -7.56 50.52
CA ALA E 107 6.05 -8.84 50.47
C ALA E 107 7.54 -8.68 50.24
N LEU E 108 8.02 -7.44 50.00
CA LEU E 108 9.39 -7.23 49.52
C LEU E 108 10.31 -6.51 50.51
N PRO E 109 9.92 -5.44 51.25
CA PRO E 109 10.88 -4.64 52.00
C PRO E 109 11.94 -5.45 52.77
N GLY E 110 11.48 -6.41 53.58
CA GLY E 110 12.37 -7.28 54.32
C GLY E 110 13.47 -7.83 53.41
N VAL E 111 13.05 -8.58 52.38
CA VAL E 111 13.94 -9.19 51.41
C VAL E 111 14.91 -8.16 50.84
N ILE E 112 14.36 -6.98 50.53
CA ILE E 112 15.05 -5.89 49.82
C ILE E 112 16.22 -5.39 50.68
N LYS E 113 15.89 -5.00 51.93
CA LYS E 113 16.85 -4.52 52.91
C LYS E 113 17.97 -5.53 53.07
N GLY E 114 17.62 -6.82 53.17
CA GLY E 114 18.61 -7.88 53.17
C GLY E 114 19.54 -7.77 51.97
N PHE E 115 18.94 -7.66 50.78
CA PHE E 115 19.68 -7.63 49.52
C PHE E 115 20.67 -6.46 49.47
N ILE E 116 20.27 -5.25 49.90
CA ILE E 116 21.11 -4.07 49.69
C ILE E 116 22.38 -4.15 50.54
N GLU E 117 22.21 -4.63 51.80
CA GLU E 117 23.33 -4.84 52.72
C GLU E 117 24.31 -5.86 52.17
N ARG E 118 23.76 -6.92 51.58
CA ARG E 118 24.59 -7.97 51.00
C ARG E 118 25.22 -7.42 49.73
N TYR E 119 24.50 -6.62 48.95
CA TYR E 119 25.04 -6.15 47.69
C TYR E 119 24.93 -4.63 47.66
N PRO E 120 25.91 -3.93 48.26
CA PRO E 120 25.82 -2.47 48.42
C PRO E 120 26.10 -1.70 47.14
N ARG E 121 26.59 -2.39 46.09
CA ARG E 121 26.83 -1.77 44.79
C ARG E 121 25.88 -2.36 43.74
N VAL E 122 24.73 -2.89 44.18
CA VAL E 122 23.70 -3.32 43.24
C VAL E 122 22.45 -2.52 43.56
N SER E 123 22.22 -1.49 42.74
CA SER E 123 21.03 -0.66 42.84
C SER E 123 19.83 -1.47 42.35
N LEU E 124 18.68 -1.24 42.99
CA LEU E 124 17.47 -2.00 42.70
C LEU E 124 16.36 -1.06 42.22
N HIS E 125 15.73 -1.38 41.08
CA HIS E 125 14.70 -0.53 40.50
C HIS E 125 13.40 -1.32 40.34
N MET E 126 12.32 -0.79 40.91
CA MET E 126 11.08 -1.54 41.07
C MET E 126 9.92 -0.92 40.31
N HIS E 127 9.60 -1.49 39.14
CA HIS E 127 8.47 -1.02 38.33
C HIS E 127 7.17 -1.58 38.93
N GLN E 128 6.12 -0.75 39.08
CA GLN E 128 4.80 -1.22 39.52
C GLN E 128 3.83 -1.29 38.34
N GLY E 129 2.96 -2.32 38.29
CA GLY E 129 1.90 -2.38 37.29
C GLY E 129 0.90 -3.52 37.43
N SER E 130 -0.07 -3.49 36.52
CA SER E 130 -1.00 -4.56 36.26
C SER E 130 -0.27 -5.76 35.71
N PRO E 131 -0.89 -6.96 35.80
CA PRO E 131 -0.37 -8.12 35.09
C PRO E 131 0.15 -7.79 33.70
N THR E 132 -0.58 -7.00 32.91
CA THR E 132 -0.15 -6.82 31.53
C THR E 132 1.14 -6.00 31.51
N GLN E 133 1.17 -4.96 32.33
CA GLN E 133 2.32 -4.05 32.37
C GLN E 133 3.59 -4.72 32.84
N ILE E 134 3.48 -5.72 33.72
CA ILE E 134 4.64 -6.43 34.23
C ILE E 134 5.26 -7.26 33.08
N ALA E 135 4.43 -8.12 32.47
CA ALA E 135 4.82 -8.92 31.33
C ALA E 135 5.44 -8.04 30.26
N GLU E 136 4.87 -6.84 30.12
CA GLU E 136 5.28 -5.88 29.12
C GLU E 136 6.64 -5.28 29.51
N ALA E 137 6.76 -4.81 30.76
CA ALA E 137 8.06 -4.44 31.28
C ALA E 137 9.11 -5.45 30.83
N VAL E 138 8.84 -6.72 31.04
CA VAL E 138 9.84 -7.76 30.78
C VAL E 138 9.92 -8.08 29.28
N SER E 139 8.82 -7.89 28.53
CA SER E 139 8.82 -8.04 27.08
C SER E 139 9.79 -7.05 26.43
N LYS E 140 9.59 -5.77 26.76
CA LYS E 140 10.38 -4.66 26.23
C LYS E 140 11.85 -4.83 26.56
N GLY E 141 12.16 -5.25 27.81
CA GLY E 141 13.52 -5.35 28.32
C GLY E 141 13.85 -4.33 29.41
N ASN E 142 12.82 -3.73 30.03
CA ASN E 142 12.97 -2.75 31.11
C ASN E 142 12.96 -3.42 32.48
N ALA E 143 12.88 -4.75 32.50
CA ALA E 143 12.87 -5.51 33.72
C ALA E 143 13.52 -6.87 33.46
N ASP E 144 14.41 -7.25 34.37
CA ASP E 144 15.07 -8.53 34.32
C ASP E 144 14.04 -9.56 34.75
N PHE E 145 13.35 -9.23 35.86
CA PHE E 145 12.56 -10.17 36.61
C PHE E 145 11.12 -9.70 36.76
N ALA E 146 10.19 -10.66 36.70
CA ALA E 146 8.80 -10.40 37.03
C ALA E 146 8.44 -11.13 38.30
N ILE E 147 7.69 -10.46 39.15
CA ILE E 147 7.01 -11.14 40.23
C ILE E 147 5.51 -11.00 39.99
N ALA E 148 4.93 -12.03 39.38
CA ALA E 148 3.56 -12.00 38.90
C ALA E 148 2.61 -12.51 39.99
N THR E 149 1.41 -11.93 40.11
CA THR E 149 0.51 -12.33 41.17
C THR E 149 -0.77 -13.00 40.67
N GLU E 150 -1.07 -12.89 39.36
CA GLU E 150 -2.22 -13.54 38.71
C GLU E 150 -2.09 -13.45 37.19
N ALA E 151 -3.19 -13.65 36.48
CA ALA E 151 -3.21 -13.86 35.03
C ALA E 151 -1.88 -14.41 34.50
N LEU E 152 -1.56 -15.64 34.93
CA LEU E 152 -0.26 -16.21 34.64
C LEU E 152 -0.13 -16.67 33.19
N HIS E 153 -1.24 -16.75 32.45
CA HIS E 153 -1.21 -16.97 30.99
C HIS E 153 -0.37 -15.89 30.29
N LEU E 154 -0.39 -14.67 30.83
CA LEU E 154 0.35 -13.56 30.25
C LEU E 154 1.86 -13.81 30.15
N TYR E 155 2.39 -14.82 30.87
CA TYR E 155 3.82 -15.01 31.05
C TYR E 155 4.24 -16.38 30.54
N ASP E 156 3.45 -16.95 29.62
CA ASP E 156 3.68 -18.31 29.13
C ASP E 156 4.98 -18.37 28.35
N ASP E 157 5.58 -17.20 28.07
CA ASP E 157 6.85 -17.15 27.35
C ASP E 157 8.03 -17.03 28.31
N LEU E 158 7.77 -16.99 29.62
CA LEU E 158 8.82 -16.76 30.60
C LEU E 158 9.02 -18.00 31.47
N VAL E 159 10.26 -18.20 31.90
CA VAL E 159 10.55 -19.14 32.97
C VAL E 159 9.91 -18.54 34.21
N MET E 160 8.85 -19.18 34.71
CA MET E 160 8.13 -18.70 35.86
C MET E 160 8.18 -19.76 36.95
N LEU E 161 8.40 -19.31 38.21
CA LEU E 161 8.83 -20.16 39.29
C LEU E 161 7.91 -19.96 40.48
N PRO E 162 7.19 -21.03 40.92
CA PRO E 162 6.28 -20.96 42.07
C PRO E 162 6.95 -20.46 43.35
N CYS E 163 6.31 -19.47 43.97
CA CYS E 163 6.81 -18.82 45.17
C CYS E 163 5.91 -19.14 46.36
N TYR E 164 4.62 -18.85 46.22
CA TYR E 164 3.67 -19.02 47.31
C TYR E 164 2.28 -18.72 46.78
N HIS E 165 1.26 -19.13 47.54
CA HIS E 165 -0.14 -18.99 47.14
C HIS E 165 -0.73 -17.90 48.02
N TRP E 166 -1.80 -17.23 47.55
CA TRP E 166 -2.39 -16.15 48.32
C TRP E 166 -3.88 -16.07 48.06
N ASN E 167 -4.61 -15.50 49.03
CA ASN E 167 -6.06 -15.46 48.97
C ASN E 167 -6.50 -14.01 49.06
N ARG E 168 -7.82 -13.82 48.95
CA ARG E 168 -8.42 -12.51 48.85
C ARG E 168 -9.37 -12.30 50.02
N SER E 169 -9.46 -11.05 50.49
CA SER E 169 -10.40 -10.64 51.52
C SER E 169 -11.46 -9.73 50.89
N ILE E 170 -12.58 -9.64 51.59
CA ILE E 170 -13.57 -8.61 51.38
C ILE E 170 -13.28 -7.51 52.39
N VAL E 171 -13.03 -6.27 51.94
CA VAL E 171 -12.83 -5.17 52.87
C VAL E 171 -14.00 -4.19 52.81
N VAL E 172 -14.39 -3.70 53.99
CA VAL E 172 -15.52 -2.80 54.12
C VAL E 172 -15.27 -1.91 55.34
N THR E 173 -16.13 -0.90 55.52
CA THR E 173 -16.02 0.03 56.62
C THR E 173 -16.82 -0.57 57.78
N PRO E 174 -16.46 -0.35 59.08
CA PRO E 174 -17.23 -0.90 60.20
C PRO E 174 -18.76 -0.69 60.19
N GLU E 175 -19.23 0.36 59.49
CA GLU E 175 -20.61 0.80 59.53
C GLU E 175 -21.43 0.08 58.44
N HIS E 176 -20.75 -0.74 57.63
CA HIS E 176 -21.32 -1.45 56.49
C HIS E 176 -22.08 -2.68 56.99
N PRO E 177 -23.22 -3.05 56.38
CA PRO E 177 -23.98 -4.21 56.83
C PRO E 177 -23.13 -5.46 57.00
N LEU E 178 -22.40 -5.82 55.95
CA LEU E 178 -21.64 -7.06 55.89
C LEU E 178 -20.71 -7.25 57.09
N ALA E 179 -20.25 -6.13 57.67
CA ALA E 179 -19.26 -6.11 58.74
C ALA E 179 -19.56 -7.15 59.81
N THR E 180 -20.81 -7.13 60.29
CA THR E 180 -21.21 -7.83 61.49
C THR E 180 -21.92 -9.15 61.13
N LYS E 181 -21.67 -9.72 59.96
CA LYS E 181 -22.36 -10.96 59.59
C LYS E 181 -21.38 -12.13 59.56
N GLY E 182 -20.23 -11.96 58.90
CA GLY E 182 -19.31 -13.08 58.72
C GLY E 182 -20.04 -14.36 58.26
N SER E 183 -20.89 -14.23 57.23
CA SER E 183 -21.62 -15.34 56.64
C SER E 183 -21.64 -15.22 55.11
N VAL E 184 -20.62 -14.55 54.55
CA VAL E 184 -20.76 -13.87 53.26
C VAL E 184 -20.62 -14.85 52.10
N SER E 185 -21.75 -15.13 51.45
CA SER E 185 -21.80 -15.94 50.26
C SER E 185 -21.67 -15.07 49.02
N ILE E 186 -21.28 -15.71 47.90
CA ILE E 186 -21.24 -15.05 46.61
C ILE E 186 -22.56 -14.32 46.34
N GLU E 187 -23.70 -14.93 46.68
CA GLU E 187 -25.02 -14.31 46.52
C GLU E 187 -25.12 -13.02 47.34
N GLU E 188 -24.72 -13.11 48.63
CA GLU E 188 -24.73 -11.97 49.54
C GLU E 188 -23.89 -10.85 48.96
N LEU E 189 -22.72 -11.19 48.42
CA LEU E 189 -21.76 -10.20 47.95
C LEU E 189 -22.35 -9.44 46.75
N ALA E 190 -23.05 -10.15 45.86
CA ALA E 190 -23.37 -9.63 44.55
C ALA E 190 -24.39 -8.48 44.59
N GLN E 191 -25.18 -8.38 45.67
N GLN E 191 -25.21 -8.44 45.66
CA GLN E 191 -26.13 -7.29 45.80
CA GLN E 191 -26.10 -7.31 45.93
C GLN E 191 -25.39 -5.94 45.90
C GLN E 191 -25.34 -5.99 45.80
N TYR E 192 -24.14 -5.96 46.39
CA TYR E 192 -23.41 -4.74 46.66
C TYR E 192 -22.58 -4.27 45.48
N PRO E 193 -22.34 -2.95 45.42
CA PRO E 193 -21.41 -2.42 44.44
C PRO E 193 -19.99 -2.72 44.89
N LEU E 194 -19.18 -3.17 43.93
CA LEU E 194 -17.83 -3.61 44.19
C LEU E 194 -16.80 -2.57 43.74
N VAL E 195 -15.67 -2.62 44.46
CA VAL E 195 -14.48 -1.80 44.32
C VAL E 195 -13.26 -2.72 44.29
N THR E 196 -12.51 -2.75 43.18
CA THR E 196 -11.46 -3.74 43.03
C THR E 196 -10.45 -3.32 41.96
N TYR E 197 -9.56 -4.27 41.63
CA TYR E 197 -8.54 -4.10 40.62
C TYR E 197 -9.17 -3.86 39.23
N THR E 198 -8.49 -3.02 38.42
CA THR E 198 -8.92 -2.81 37.05
C THR E 198 -8.86 -4.14 36.33
N PHE E 199 -7.93 -5.00 36.76
CA PHE E 199 -7.76 -6.31 36.19
C PHE E 199 -8.43 -7.37 37.08
N GLY E 200 -9.45 -6.99 37.87
CA GLY E 200 -10.18 -7.94 38.70
C GLY E 200 -11.08 -8.89 37.89
N PHE E 201 -11.91 -8.31 37.02
CA PHE E 201 -12.77 -9.07 36.12
C PHE E 201 -12.21 -8.99 34.70
N THR E 202 -11.95 -10.14 34.09
CA THR E 202 -11.40 -10.18 32.76
C THR E 202 -12.09 -11.25 31.94
N GLY E 203 -13.16 -11.85 32.47
CA GLY E 203 -13.73 -13.03 31.84
C GLY E 203 -12.89 -14.29 32.03
N ARG E 204 -11.73 -14.18 32.71
CA ARG E 204 -10.97 -15.39 32.94
C ARG E 204 -10.26 -15.38 34.29
N SER E 205 -10.62 -14.46 35.17
CA SER E 205 -9.97 -14.34 36.47
C SER E 205 -10.58 -15.32 37.47
N GLU E 206 -10.07 -15.30 38.69
CA GLU E 206 -10.67 -16.11 39.74
C GLU E 206 -11.99 -15.49 40.15
N LEU E 207 -12.14 -14.16 40.00
CA LEU E 207 -13.36 -13.49 40.42
C LEU E 207 -14.44 -13.81 39.40
N ASP E 208 -14.03 -13.84 38.11
CA ASP E 208 -14.91 -14.25 37.03
C ASP E 208 -15.48 -15.66 37.27
N THR E 209 -14.59 -16.57 37.60
CA THR E 209 -14.99 -17.95 37.81
C THR E 209 -16.06 -18.05 38.91
N ALA E 210 -15.97 -17.24 39.98
CA ALA E 210 -16.84 -17.39 41.13
C ALA E 210 -18.24 -16.87 40.80
N PHE E 211 -18.27 -15.83 39.97
CA PHE E 211 -19.54 -15.23 39.57
C PHE E 211 -20.14 -16.12 38.49
N ASN E 212 -19.36 -16.52 37.47
CA ASN E 212 -19.88 -17.39 36.42
C ASN E 212 -20.51 -18.64 37.03
N ARG E 213 -19.86 -19.20 38.05
CA ARG E 213 -20.34 -20.41 38.69
C ARG E 213 -21.74 -20.18 39.29
N ALA E 214 -22.10 -18.96 39.72
CA ALA E 214 -23.42 -18.72 40.30
C ALA E 214 -24.35 -17.97 39.35
N GLY E 215 -23.91 -17.79 38.08
CA GLY E 215 -24.64 -17.00 37.08
C GLY E 215 -24.95 -15.56 37.50
N LEU E 216 -24.09 -14.95 38.36
CA LEU E 216 -24.25 -13.56 38.80
C LEU E 216 -23.26 -12.69 38.05
N THR E 217 -23.62 -11.41 37.83
CA THR E 217 -22.70 -10.40 37.32
C THR E 217 -22.32 -9.44 38.45
N PRO E 218 -21.04 -9.02 38.57
CA PRO E 218 -20.65 -8.01 39.55
C PRO E 218 -21.12 -6.60 39.20
N ARG E 219 -21.52 -5.82 40.20
CA ARG E 219 -21.84 -4.41 40.02
C ARG E 219 -20.59 -3.59 40.32
N ILE E 220 -19.86 -3.15 39.30
CA ILE E 220 -18.53 -2.58 39.47
C ILE E 220 -18.59 -1.04 39.49
N VAL E 221 -18.43 -0.40 40.64
CA VAL E 221 -18.50 1.06 40.65
C VAL E 221 -17.14 1.73 40.50
N PHE E 222 -16.07 1.10 40.99
CA PHE E 222 -14.75 1.71 41.02
C PHE E 222 -13.65 0.67 40.83
N THR E 223 -12.63 1.00 40.02
CA THR E 223 -11.41 0.22 40.08
C THR E 223 -10.19 1.12 40.03
N ALA E 224 -9.03 0.48 40.35
CA ALA E 224 -7.71 1.08 40.39
C ALA E 224 -6.70 -0.03 40.13
N THR E 225 -5.46 0.30 39.72
CA THR E 225 -4.42 -0.71 39.52
C THR E 225 -3.91 -1.22 40.86
N ASP E 226 -4.22 -0.49 41.92
CA ASP E 226 -3.38 -0.36 43.09
C ASP E 226 -4.24 -0.60 44.32
N ALA E 227 -3.91 -1.64 45.11
CA ALA E 227 -4.68 -2.03 46.29
C ALA E 227 -4.79 -0.88 47.29
N ASP E 228 -3.80 0.00 47.34
CA ASP E 228 -3.80 1.07 48.33
C ASP E 228 -4.86 2.11 47.97
N VAL E 229 -5.04 2.38 46.67
CA VAL E 229 -6.05 3.30 46.19
C VAL E 229 -7.45 2.72 46.45
N ILE E 230 -7.61 1.39 46.35
CA ILE E 230 -8.90 0.74 46.57
C ILE E 230 -9.27 0.87 48.04
N LYS E 231 -8.28 0.73 48.92
CA LYS E 231 -8.51 0.93 50.34
C LYS E 231 -8.99 2.35 50.65
N THR E 232 -8.38 3.37 50.02
CA THR E 232 -8.70 4.75 50.35
C THR E 232 -10.09 5.08 49.81
N TYR E 233 -10.47 4.48 48.67
CA TYR E 233 -11.83 4.58 48.18
C TYR E 233 -12.78 3.99 49.21
N VAL E 234 -12.41 2.84 49.81
CA VAL E 234 -13.29 2.15 50.75
C VAL E 234 -13.51 2.97 52.02
N ARG E 235 -12.53 3.77 52.45
CA ARG E 235 -12.75 4.71 53.54
C ARG E 235 -13.58 5.95 53.12
N LEU E 236 -14.76 5.76 52.49
CA LEU E 236 -15.63 6.86 52.03
C LEU E 236 -16.48 6.42 50.82
N GLY E 237 -17.73 5.94 51.00
CA GLY E 237 -18.54 5.48 49.89
C GLY E 237 -19.82 4.74 50.30
N LEU E 238 -20.16 3.64 49.59
CA LEU E 238 -21.14 2.65 50.04
C LEU E 238 -20.79 1.22 49.59
N GLY E 239 -19.70 1.05 48.82
CA GLY E 239 -19.37 -0.20 48.16
C GLY E 239 -18.47 -1.08 49.00
N VAL E 240 -17.79 -2.04 48.33
CA VAL E 240 -17.15 -3.18 48.98
C VAL E 240 -15.89 -3.56 48.19
N GLY E 241 -14.75 -3.56 48.89
CA GLY E 241 -13.49 -3.91 48.26
C GLY E 241 -13.24 -5.42 48.21
N VAL E 242 -12.61 -5.88 47.13
CA VAL E 242 -12.22 -7.26 46.96
C VAL E 242 -10.73 -7.27 46.61
N ILE E 243 -9.86 -7.46 47.62
CA ILE E 243 -8.42 -7.28 47.42
C ILE E 243 -7.68 -8.46 48.06
N ALA E 244 -6.39 -8.59 47.70
CA ALA E 244 -5.48 -9.52 48.33
C ALA E 244 -5.41 -9.25 49.84
N SER E 245 -5.36 -10.32 50.64
CA SER E 245 -5.35 -10.25 52.10
C SER E 245 -4.12 -9.51 52.60
N MET E 246 -2.94 -9.85 52.06
CA MET E 246 -1.67 -9.29 52.50
C MET E 246 -1.59 -7.78 52.29
N ALA E 247 -2.68 -7.15 51.85
CA ALA E 247 -2.68 -5.72 51.60
C ALA E 247 -3.54 -4.99 52.62
N VAL E 248 -4.23 -5.75 53.45
CA VAL E 248 -4.95 -5.15 54.55
C VAL E 248 -4.36 -5.73 55.82
N ASP E 249 -4.46 -4.96 56.91
CA ASP E 249 -3.78 -5.31 58.15
C ASP E 249 -4.51 -4.75 59.37
N PRO E 250 -5.04 -5.61 60.27
CA PRO E 250 -5.71 -5.18 61.50
C PRO E 250 -4.98 -4.08 62.27
N VAL E 251 -3.64 -4.21 62.36
CA VAL E 251 -2.78 -3.25 63.02
C VAL E 251 -2.75 -1.96 62.19
N SER E 252 -2.30 -2.07 60.95
CA SER E 252 -2.04 -0.91 60.12
C SER E 252 -3.32 -0.18 59.71
N ASP E 253 -4.33 -0.95 59.25
CA ASP E 253 -5.53 -0.39 58.64
C ASP E 253 -6.76 -0.64 59.52
N PRO E 254 -6.90 0.03 60.69
CA PRO E 254 -7.96 -0.31 61.65
C PRO E 254 -9.26 0.49 61.47
N ASP E 255 -9.36 1.19 60.34
CA ASP E 255 -10.61 1.78 59.91
C ASP E 255 -11.32 0.83 58.94
N LEU E 256 -10.72 -0.35 58.71
CA LEU E 256 -11.18 -1.28 57.69
C LEU E 256 -11.34 -2.69 58.28
N VAL E 257 -12.43 -3.36 57.87
CA VAL E 257 -12.78 -4.69 58.33
C VAL E 257 -12.42 -5.67 57.24
N LYS E 258 -11.55 -6.62 57.57
CA LYS E 258 -11.23 -7.74 56.69
C LYS E 258 -12.29 -8.80 56.91
N LEU E 259 -12.92 -9.33 55.84
CA LEU E 259 -13.83 -10.47 55.96
C LEU E 259 -13.28 -11.61 55.12
N ASP E 260 -13.73 -12.84 55.45
CA ASP E 260 -13.16 -14.07 54.91
C ASP E 260 -13.81 -14.41 53.57
N ALA E 261 -12.95 -14.62 52.56
CA ALA E 261 -13.40 -14.97 51.22
C ALA E 261 -12.58 -16.11 50.63
N ASN E 262 -12.00 -16.95 51.51
CA ASN E 262 -11.48 -18.24 51.08
C ASN E 262 -12.69 -19.12 50.73
N GLY E 263 -13.82 -18.91 51.44
CA GLY E 263 -15.07 -19.52 51.07
C GLY E 263 -15.40 -19.27 49.60
N ILE E 264 -15.46 -18.00 49.22
CA ILE E 264 -16.09 -17.58 47.98
C ILE E 264 -15.18 -17.70 46.75
N PHE E 265 -13.92 -17.23 46.88
CA PHE E 265 -12.96 -17.14 45.77
C PHE E 265 -11.82 -18.14 45.97
N SER E 266 -11.41 -18.73 44.85
CA SER E 266 -10.28 -19.64 44.84
C SER E 266 -9.00 -18.84 45.10
N HIS E 267 -7.88 -19.57 45.35
CA HIS E 267 -6.61 -18.97 45.71
C HIS E 267 -5.84 -18.67 44.42
N SER E 268 -4.88 -17.74 44.46
CA SER E 268 -3.95 -17.48 43.37
C SER E 268 -2.51 -17.69 43.82
N THR E 269 -1.58 -17.76 42.87
CA THR E 269 -0.21 -18.20 43.12
C THR E 269 0.76 -17.15 42.59
N THR E 270 1.69 -16.69 43.44
CA THR E 270 2.73 -15.76 43.00
C THR E 270 3.92 -16.56 42.46
N LYS E 271 4.61 -16.01 41.46
CA LYS E 271 5.74 -16.64 40.80
C LYS E 271 6.72 -15.55 40.35
N ILE E 272 8.01 -15.90 40.27
CA ILE E 272 9.04 -14.97 39.83
C ILE E 272 9.68 -15.50 38.53
N GLY E 273 9.97 -14.62 37.57
CA GLY E 273 10.49 -15.10 36.30
C GLY E 273 11.25 -14.06 35.47
N PHE E 274 11.64 -14.51 34.27
CA PHE E 274 12.57 -13.80 33.44
C PHE E 274 12.62 -14.49 32.08
N ARG E 275 13.03 -13.73 31.07
CA ARG E 275 13.17 -14.27 29.74
C ARG E 275 14.29 -15.31 29.80
N ARG E 276 14.13 -16.41 29.06
CA ARG E 276 15.10 -17.49 29.05
C ARG E 276 16.43 -17.01 28.46
N SER E 277 16.43 -15.85 27.78
CA SER E 277 17.66 -15.32 27.20
C SER E 277 18.45 -14.49 28.22
N THR E 278 17.85 -14.23 29.39
CA THR E 278 18.46 -13.36 30.39
C THR E 278 19.59 -14.11 31.10
N PHE E 279 20.80 -13.54 31.02
CA PHE E 279 21.95 -14.12 31.68
C PHE E 279 21.78 -13.98 33.20
N LEU E 280 21.70 -15.12 33.89
CA LEU E 280 21.61 -15.13 35.34
C LEU E 280 22.97 -14.80 35.94
N ARG E 281 23.00 -13.74 36.77
CA ARG E 281 24.22 -13.35 37.46
C ARG E 281 24.18 -13.83 38.90
N SER E 282 25.32 -13.70 39.59
CA SER E 282 25.47 -14.12 40.98
C SER E 282 24.36 -13.56 41.86
N TYR E 283 24.14 -12.26 41.72
CA TYR E 283 23.28 -11.56 42.66
C TYR E 283 21.84 -11.79 42.23
N MET E 284 21.65 -12.10 40.94
CA MET E 284 20.33 -12.48 40.45
C MET E 284 19.83 -13.73 41.18
N TYR E 285 20.54 -14.88 41.07
CA TYR E 285 20.16 -16.09 41.81
C TYR E 285 19.96 -15.76 43.29
N ASP E 286 20.76 -14.85 43.82
CA ASP E 286 20.66 -14.59 45.25
C ASP E 286 19.28 -14.00 45.56
N PHE E 287 18.87 -13.00 44.78
CA PHE E 287 17.59 -12.32 44.95
C PHE E 287 16.41 -13.29 44.92
N ILE E 288 16.52 -14.34 44.09
CA ILE E 288 15.44 -15.29 43.85
C ILE E 288 15.21 -16.13 45.09
N GLN E 289 16.33 -16.56 45.71
CA GLN E 289 16.35 -17.44 46.88
C GLN E 289 15.93 -16.70 48.15
N ARG E 290 16.25 -15.39 48.19
CA ARG E 290 15.94 -14.53 49.32
C ARG E 290 14.46 -14.24 49.38
N PHE E 291 13.78 -14.41 48.23
CA PHE E 291 12.38 -14.05 48.12
C PHE E 291 11.53 -15.32 48.23
N ALA E 292 12.09 -16.39 47.65
CA ALA E 292 11.54 -17.74 47.67
C ALA E 292 12.64 -18.69 48.12
N PRO E 293 12.60 -19.16 49.39
CA PRO E 293 13.70 -19.96 49.96
C PRO E 293 13.97 -21.20 49.11
N HIS E 294 12.87 -21.86 48.73
CA HIS E 294 12.95 -23.10 47.96
C HIS E 294 13.66 -22.94 46.61
N LEU E 295 13.97 -21.71 46.19
CA LEU E 295 14.53 -21.51 44.87
C LEU E 295 16.05 -21.37 44.96
N THR E 296 16.70 -22.52 45.15
CA THR E 296 18.16 -22.56 45.29
C THR E 296 18.78 -22.41 43.91
N ARG E 297 20.10 -22.32 43.85
CA ARG E 297 20.75 -22.05 42.58
C ARG E 297 20.45 -23.17 41.59
N ASP E 298 20.57 -24.43 42.06
CA ASP E 298 20.42 -25.62 41.23
C ASP E 298 18.95 -25.80 40.79
N VAL E 299 18.00 -25.55 41.71
CA VAL E 299 16.58 -25.59 41.41
C VAL E 299 16.29 -24.78 40.14
N VAL E 300 16.82 -23.56 40.16
CA VAL E 300 16.55 -22.61 39.10
C VAL E 300 17.07 -23.17 37.77
N ASP E 301 18.36 -23.55 37.71
CA ASP E 301 19.03 -23.96 36.48
C ASP E 301 18.38 -25.24 35.92
N THR E 302 17.82 -26.08 36.83
CA THR E 302 16.98 -27.23 36.47
C THR E 302 15.72 -26.73 35.77
N ALA E 303 14.95 -25.89 36.47
CA ALA E 303 13.74 -25.29 35.93
C ALA E 303 14.00 -24.61 34.58
N VAL E 304 15.19 -24.02 34.38
CA VAL E 304 15.38 -23.24 33.16
C VAL E 304 15.49 -24.22 31.99
N ALA E 305 16.01 -25.43 32.25
CA ALA E 305 16.37 -26.38 31.21
C ALA E 305 15.14 -27.14 30.70
N LEU E 306 14.15 -27.31 31.57
CA LEU E 306 12.86 -27.88 31.20
C LEU E 306 12.21 -27.01 30.11
N ARG E 307 11.03 -27.45 29.67
CA ARG E 307 10.45 -26.98 28.42
C ARG E 307 9.24 -26.06 28.68
N SER E 308 8.72 -26.01 29.91
CA SER E 308 7.52 -25.23 30.16
C SER E 308 7.27 -25.01 31.65
N ASN E 309 6.41 -24.02 31.94
CA ASN E 309 6.07 -23.62 33.31
C ASN E 309 5.20 -24.66 34.01
N GLU E 310 4.50 -25.49 33.22
CA GLU E 310 3.61 -26.51 33.75
C GLU E 310 4.44 -27.60 34.43
N ASP E 311 5.50 -28.04 33.72
CA ASP E 311 6.50 -28.97 34.21
C ASP E 311 7.15 -28.43 35.50
N ILE E 312 7.53 -27.14 35.47
CA ILE E 312 8.13 -26.50 36.61
C ILE E 312 7.22 -26.60 37.83
N GLU E 313 5.92 -26.32 37.69
CA GLU E 313 5.03 -26.39 38.85
C GLU E 313 5.03 -27.81 39.39
N ALA E 314 5.07 -28.80 38.48
CA ALA E 314 5.06 -30.22 38.84
C ALA E 314 6.23 -30.56 39.77
N MET E 315 7.38 -29.89 39.60
CA MET E 315 8.51 -30.05 40.51
C MET E 315 8.14 -29.89 41.98
N PHE E 316 7.05 -29.18 42.34
CA PHE E 316 6.78 -28.88 43.74
C PHE E 316 5.51 -29.59 44.19
N LYS E 317 5.20 -30.71 43.50
CA LYS E 317 3.89 -31.35 43.59
C LYS E 317 3.74 -32.04 44.95
N ASP E 318 4.84 -32.20 45.68
CA ASP E 318 4.74 -32.74 47.03
C ASP E 318 4.65 -31.61 48.03
N ILE E 319 5.29 -30.48 47.72
CA ILE E 319 5.66 -29.52 48.74
C ILE E 319 4.61 -28.42 48.76
N LYS E 320 3.68 -28.51 49.71
CA LYS E 320 2.75 -27.43 49.94
C LYS E 320 3.56 -26.18 50.29
N LEU E 321 3.56 -25.23 49.35
CA LEU E 321 4.33 -24.00 49.45
C LEU E 321 3.70 -23.12 50.51
N PRO E 322 4.34 -22.03 50.96
CA PRO E 322 3.72 -21.16 51.94
C PRO E 322 2.40 -20.60 51.39
N GLU E 323 1.67 -19.84 52.22
CA GLU E 323 0.36 -19.33 51.85
C GLU E 323 0.10 -18.01 52.57
N LYS E 324 -0.17 -16.92 51.82
CA LYS E 324 -0.22 -15.57 52.38
C LYS E 324 -1.57 -14.86 52.13
N MET F 1 -48.66 -27.64 34.25
CA MET F 1 -49.01 -27.30 35.65
C MET F 1 -48.90 -25.78 35.83
N LYS F 2 -49.36 -25.29 36.97
CA LYS F 2 -49.46 -23.86 37.21
C LYS F 2 -48.93 -23.56 38.59
N LEU F 3 -48.32 -22.38 38.76
CA LEU F 3 -47.82 -21.98 40.07
C LEU F 3 -48.88 -22.28 41.12
N GLN F 4 -50.13 -21.85 40.88
CA GLN F 4 -51.15 -21.82 41.93
C GLN F 4 -51.32 -23.22 42.49
N GLN F 5 -51.16 -24.23 41.62
CA GLN F 5 -51.24 -25.62 42.05
C GLN F 5 -50.06 -25.98 42.94
N LEU F 6 -48.84 -25.63 42.50
CA LEU F 6 -47.64 -25.81 43.29
C LEU F 6 -47.87 -25.19 44.67
N ARG F 7 -48.37 -23.94 44.72
CA ARG F 7 -48.63 -23.22 45.97
C ARG F 7 -49.62 -24.00 46.84
N TYR F 8 -50.61 -24.60 46.19
CA TYR F 8 -51.67 -25.26 46.94
C TYR F 8 -51.07 -26.47 47.67
N ILE F 9 -50.45 -27.39 46.93
CA ILE F 9 -49.92 -28.62 47.51
C ILE F 9 -48.98 -28.27 48.67
N VAL F 10 -48.22 -27.19 48.53
CA VAL F 10 -47.25 -26.84 49.56
C VAL F 10 -47.99 -26.36 50.79
N GLU F 11 -49.07 -25.58 50.59
CA GLU F 11 -49.84 -25.00 51.69
C GLU F 11 -50.78 -26.00 52.34
N VAL F 12 -51.23 -27.04 51.61
CA VAL F 12 -51.91 -28.15 52.28
C VAL F 12 -51.02 -28.77 53.35
N VAL F 13 -49.71 -28.88 53.07
CA VAL F 13 -48.79 -29.56 53.96
C VAL F 13 -48.48 -28.59 55.12
N ASN F 14 -48.34 -27.31 54.78
CA ASN F 14 -48.15 -26.30 55.80
C ASN F 14 -49.31 -26.39 56.81
N HIS F 15 -50.53 -26.57 56.30
CA HIS F 15 -51.73 -26.63 57.14
C HIS F 15 -52.05 -28.07 57.54
N ASN F 16 -51.01 -28.90 57.69
CA ASN F 16 -51.11 -30.25 58.25
C ASN F 16 -52.24 -31.06 57.60
N LEU F 17 -52.28 -31.01 56.25
CA LEU F 17 -53.10 -31.83 55.37
C LEU F 17 -54.58 -31.55 55.58
N ASN F 18 -54.89 -30.46 56.29
CA ASN F 18 -56.26 -30.08 56.55
C ASN F 18 -56.63 -28.94 55.59
N VAL F 19 -57.54 -29.24 54.65
CA VAL F 19 -57.82 -28.42 53.49
C VAL F 19 -58.67 -27.21 53.89
N SER F 20 -59.60 -27.42 54.83
CA SER F 20 -60.39 -26.34 55.40
C SER F 20 -59.46 -25.19 55.81
N SER F 21 -58.47 -25.52 56.63
CA SER F 21 -57.55 -24.56 57.24
C SER F 21 -56.75 -23.83 56.16
N THR F 22 -56.45 -24.53 55.06
CA THR F 22 -55.71 -24.00 53.91
C THR F 22 -56.55 -22.92 53.21
N ALA F 23 -57.84 -23.23 53.01
CA ALA F 23 -58.76 -22.36 52.29
C ALA F 23 -58.87 -21.00 52.97
N GLU F 24 -59.00 -21.00 54.31
CA GLU F 24 -59.17 -19.78 55.10
C GLU F 24 -57.95 -18.89 54.91
N GLY F 25 -56.76 -19.52 54.97
CA GLY F 25 -55.51 -18.81 55.08
C GLY F 25 -55.05 -18.24 53.74
N LEU F 26 -55.61 -18.76 52.65
CA LEU F 26 -55.29 -18.27 51.32
C LEU F 26 -56.45 -17.47 50.72
N TYR F 27 -57.53 -17.27 51.49
CA TYR F 27 -58.65 -16.43 51.10
C TYR F 27 -59.39 -17.03 49.90
N THR F 28 -59.64 -18.34 49.90
CA THR F 28 -60.22 -19.03 48.75
C THR F 28 -60.96 -20.30 49.22
N SER F 29 -61.69 -20.97 48.32
CA SER F 29 -62.60 -22.04 48.72
C SER F 29 -61.89 -23.39 48.88
N GLN F 30 -62.55 -24.30 49.60
CA GLN F 30 -62.06 -25.64 49.86
C GLN F 30 -62.27 -26.53 48.64
N PRO F 31 -63.40 -26.46 47.89
CA PRO F 31 -63.50 -27.23 46.65
C PRO F 31 -62.51 -26.73 45.59
N GLY F 32 -62.13 -25.44 45.65
CA GLY F 32 -61.14 -24.86 44.74
C GLY F 32 -59.75 -25.51 44.84
N ILE F 33 -59.19 -25.55 46.07
CA ILE F 33 -57.94 -26.26 46.38
C ILE F 33 -57.99 -27.70 45.86
N SER F 34 -59.02 -28.42 46.29
CA SER F 34 -59.07 -29.86 46.14
C SER F 34 -59.23 -30.28 44.67
N LYS F 35 -59.82 -29.41 43.84
CA LYS F 35 -59.88 -29.59 42.39
C LYS F 35 -58.48 -29.40 41.79
N GLN F 36 -57.82 -28.28 42.12
CA GLN F 36 -56.55 -27.95 41.49
C GLN F 36 -55.55 -29.07 41.78
N VAL F 37 -55.62 -29.63 42.97
CA VAL F 37 -54.69 -30.69 43.35
C VAL F 37 -54.94 -31.95 42.52
N ARG F 38 -56.21 -32.32 42.35
CA ARG F 38 -56.57 -33.48 41.56
C ARG F 38 -56.03 -33.39 40.14
N MET F 39 -56.21 -32.21 39.50
CA MET F 39 -55.76 -31.97 38.13
C MET F 39 -54.25 -32.17 38.02
N LEU F 40 -53.50 -31.65 38.99
CA LEU F 40 -52.07 -31.79 38.98
C LEU F 40 -51.69 -33.26 39.08
N GLU F 41 -52.39 -33.98 39.98
CA GLU F 41 -52.12 -35.40 40.17
C GLU F 41 -52.46 -36.17 38.91
N ASP F 42 -53.52 -35.73 38.21
CA ASP F 42 -53.85 -36.27 36.90
C ASP F 42 -52.74 -35.95 35.91
N GLU F 43 -52.35 -34.66 35.81
CA GLU F 43 -51.28 -34.23 34.92
C GLU F 43 -50.03 -35.08 35.13
N LEU F 44 -49.62 -35.32 36.38
CA LEU F 44 -48.37 -36.03 36.64
C LEU F 44 -48.60 -37.54 36.60
N GLY F 45 -49.87 -37.99 36.73
CA GLY F 45 -50.21 -39.41 36.72
C GLY F 45 -49.64 -40.11 37.93
N ILE F 46 -49.67 -39.46 39.09
CA ILE F 46 -49.21 -40.06 40.34
C ILE F 46 -49.85 -39.31 41.50
N GLN F 47 -50.10 -40.03 42.61
CA GLN F 47 -50.80 -39.44 43.74
C GLN F 47 -49.77 -38.77 44.64
N ILE F 48 -50.06 -37.52 44.99
CA ILE F 48 -49.21 -36.74 45.88
C ILE F 48 -49.58 -37.01 47.33
N PHE F 49 -50.89 -37.11 47.61
CA PHE F 49 -51.38 -37.49 48.92
C PHE F 49 -52.11 -38.84 48.80
N ALA F 50 -51.84 -39.69 49.79
CA ALA F 50 -52.66 -40.87 50.04
C ALA F 50 -54.00 -40.41 50.60
N ARG F 51 -55.01 -41.29 50.53
CA ARG F 51 -56.38 -40.93 50.90
C ARG F 51 -57.09 -42.11 51.57
N SER F 52 -57.96 -41.79 52.53
CA SER F 52 -58.96 -42.71 53.04
C SER F 52 -60.29 -41.97 52.95
N GLY F 53 -61.09 -42.32 51.91
CA GLY F 53 -62.25 -41.55 51.53
C GLY F 53 -61.82 -40.19 51.02
N LYS F 54 -62.35 -39.12 51.64
CA LYS F 54 -61.98 -37.76 51.30
C LYS F 54 -60.86 -37.27 52.22
N HIS F 55 -60.47 -38.07 53.22
CA HIS F 55 -59.41 -37.67 54.14
C HIS F 55 -58.04 -37.84 53.47
N LEU F 56 -57.20 -36.82 53.59
CA LEU F 56 -55.80 -36.95 53.21
C LEU F 56 -55.08 -37.50 54.43
N THR F 57 -54.13 -38.43 54.22
CA THR F 57 -53.50 -39.15 55.31
C THR F 57 -51.98 -38.89 55.36
N GLN F 58 -51.30 -38.87 54.21
CA GLN F 58 -49.86 -38.60 54.22
C GLN F 58 -49.40 -38.15 52.82
N VAL F 59 -48.25 -37.48 52.77
CA VAL F 59 -47.57 -37.31 51.49
C VAL F 59 -46.90 -38.62 51.06
N THR F 60 -47.21 -39.10 49.84
CA THR F 60 -46.57 -40.28 49.25
C THR F 60 -45.07 -40.04 49.07
N PRO F 61 -44.28 -41.12 48.86
CA PRO F 61 -42.86 -40.96 48.49
C PRO F 61 -42.64 -40.09 47.26
N ALA F 62 -43.41 -40.29 46.18
CA ALA F 62 -43.31 -39.36 45.06
C ALA F 62 -43.62 -37.91 45.53
N GLY F 63 -44.69 -37.77 46.33
CA GLY F 63 -45.18 -36.47 46.73
C GLY F 63 -44.16 -35.68 47.53
N GLN F 64 -43.41 -36.35 48.41
CA GLN F 64 -42.42 -35.69 49.23
C GLN F 64 -41.43 -34.98 48.30
N GLU F 65 -40.99 -35.70 47.28
CA GLU F 65 -39.96 -35.25 46.38
C GLU F 65 -40.50 -34.07 45.59
N ILE F 66 -41.76 -34.22 45.16
CA ILE F 66 -42.45 -33.21 44.37
C ILE F 66 -42.61 -31.90 45.15
N ILE F 67 -42.88 -31.99 46.43
CA ILE F 67 -43.25 -30.86 47.25
C ILE F 67 -42.00 -30.11 47.71
N ARG F 68 -40.90 -30.87 47.84
CA ARG F 68 -39.59 -30.31 48.12
C ARG F 68 -39.24 -29.36 46.97
N ILE F 69 -39.38 -29.87 45.75
CA ILE F 69 -39.04 -29.13 44.55
C ILE F 69 -39.99 -27.94 44.45
N ALA F 70 -41.28 -28.21 44.66
CA ALA F 70 -42.35 -27.23 44.68
C ALA F 70 -41.95 -25.99 45.48
N ARG F 71 -41.40 -26.23 46.68
CA ARG F 71 -40.99 -25.15 47.56
C ARG F 71 -39.85 -24.37 46.93
N GLU F 72 -38.89 -25.08 46.32
CA GLU F 72 -37.77 -24.42 45.66
C GLU F 72 -38.37 -23.49 44.61
N VAL F 73 -39.38 -24.00 43.89
CA VAL F 73 -40.02 -23.27 42.80
C VAL F 73 -40.52 -21.95 43.34
N LEU F 74 -41.27 -22.04 44.45
CA LEU F 74 -41.94 -20.87 45.01
C LEU F 74 -40.89 -19.87 45.46
N SER F 75 -39.73 -20.35 45.96
CA SER F 75 -38.66 -19.48 46.42
C SER F 75 -38.14 -18.63 45.27
N LYS F 76 -37.80 -19.30 44.17
CA LYS F 76 -37.26 -18.61 43.02
C LYS F 76 -38.31 -17.65 42.49
N VAL F 77 -39.60 -17.98 42.65
CA VAL F 77 -40.62 -17.04 42.24
C VAL F 77 -40.56 -15.76 43.10
N ASP F 78 -40.34 -15.90 44.42
CA ASP F 78 -40.20 -14.76 45.32
C ASP F 78 -38.95 -13.95 45.00
N ALA F 79 -37.87 -14.63 44.65
CA ALA F 79 -36.61 -14.00 44.31
C ALA F 79 -36.69 -13.23 42.99
N ILE F 80 -37.54 -13.68 42.05
CA ILE F 80 -37.87 -12.89 40.87
C ILE F 80 -38.46 -11.55 41.33
N LYS F 81 -39.49 -11.59 42.17
CA LYS F 81 -40.14 -10.40 42.67
C LYS F 81 -39.17 -9.48 43.45
N SER F 82 -38.07 -10.02 44.01
CA SER F 82 -37.17 -9.27 44.89
C SER F 82 -35.92 -8.79 44.18
N VAL F 83 -35.91 -8.85 42.85
CA VAL F 83 -34.77 -8.43 42.03
C VAL F 83 -34.70 -6.90 42.08
N ALA F 84 -33.53 -6.39 42.50
CA ALA F 84 -33.29 -4.97 42.64
C ALA F 84 -33.49 -4.25 41.29
N GLY F 85 -34.08 -3.05 41.37
CA GLY F 85 -34.44 -2.27 40.20
C GLY F 85 -33.24 -1.88 39.37
N GLU F 86 -33.50 -1.30 38.19
CA GLU F 86 -32.47 -1.08 37.18
C GLU F 86 -31.48 0.00 37.65
N HIS F 87 -31.84 0.65 38.75
CA HIS F 87 -31.09 1.78 39.29
C HIS F 87 -29.94 1.34 40.20
N THR F 88 -29.93 0.06 40.66
CA THR F 88 -28.86 -0.49 41.50
C THR F 88 -27.64 -0.88 40.65
N TRP F 89 -27.69 -0.62 39.33
CA TRP F 89 -26.61 -0.91 38.39
C TRP F 89 -25.95 0.39 37.99
N PRO F 90 -24.61 0.43 37.89
CA PRO F 90 -23.91 1.62 37.46
C PRO F 90 -23.67 1.53 35.94
N ASP F 91 -24.75 1.67 35.17
CA ASP F 91 -24.72 1.38 33.73
C ASP F 91 -24.88 2.63 32.86
N LYS F 92 -24.88 3.83 33.47
CA LYS F 92 -25.08 5.09 32.76
C LYS F 92 -23.77 5.64 32.17
N GLY F 93 -22.66 4.89 32.29
CA GLY F 93 -21.42 5.24 31.62
C GLY F 93 -20.21 5.03 32.52
N SER F 94 -19.01 5.25 31.97
CA SER F 94 -17.81 4.86 32.68
C SER F 94 -16.64 5.77 32.29
N LEU F 95 -15.90 6.25 33.30
CA LEU F 95 -14.80 7.21 33.15
C LEU F 95 -13.46 6.54 33.44
N TYR F 96 -12.58 6.53 32.42
CA TYR F 96 -11.26 5.90 32.53
C TYR F 96 -10.17 6.97 32.64
N VAL F 97 -9.63 7.13 33.85
CA VAL F 97 -8.50 8.00 34.10
C VAL F 97 -7.22 7.17 34.27
N ALA F 98 -6.11 7.67 33.75
CA ALA F 98 -4.80 7.12 34.03
C ALA F 98 -3.95 8.18 34.71
N THR F 99 -3.44 7.92 35.91
CA THR F 99 -2.58 8.89 36.56
C THR F 99 -1.59 8.19 37.50
N THR F 100 -1.07 8.91 38.51
CA THR F 100 -0.08 8.37 39.42
C THR F 100 -0.74 8.16 40.78
N HIS F 101 -0.13 7.27 41.57
CA HIS F 101 -0.55 7.02 42.94
C HIS F 101 -0.74 8.36 43.66
N THR F 102 0.26 9.25 43.51
CA THR F 102 0.23 10.53 44.20
C THR F 102 -1.04 11.28 43.84
N GLN F 103 -1.42 11.24 42.55
CA GLN F 103 -2.66 11.85 42.09
C GLN F 103 -3.86 11.16 42.71
N ALA F 104 -3.98 9.85 42.48
CA ALA F 104 -5.05 9.05 43.05
C ALA F 104 -5.23 9.39 44.53
N ARG F 105 -4.24 9.10 45.37
CA ARG F 105 -4.44 9.23 46.80
C ARG F 105 -4.61 10.67 47.25
N TYR F 106 -3.83 11.60 46.70
CA TYR F 106 -3.65 12.89 47.37
C TYR F 106 -4.43 13.99 46.64
N ALA F 107 -4.39 13.98 45.32
CA ALA F 107 -5.13 14.99 44.60
C ALA F 107 -6.60 14.57 44.41
N LEU F 108 -7.03 13.41 44.95
CA LEU F 108 -8.37 12.91 44.70
C LEU F 108 -9.02 12.23 45.92
N PRO F 109 -9.04 12.84 47.13
CA PRO F 109 -9.93 12.36 48.18
C PRO F 109 -11.31 12.95 47.92
N GLY F 110 -11.40 14.29 47.93
CA GLY F 110 -12.65 15.02 47.88
C GLY F 110 -13.04 15.45 46.46
N VAL F 111 -12.12 15.32 45.49
CA VAL F 111 -12.46 15.62 44.11
C VAL F 111 -13.30 14.49 43.52
N ILE F 112 -12.97 13.24 43.89
CA ILE F 112 -13.72 12.05 43.49
C ILE F 112 -14.98 11.93 44.34
N LYS F 113 -14.90 12.25 45.64
CA LYS F 113 -16.08 12.25 46.49
C LYS F 113 -17.15 13.10 45.82
N GLY F 114 -16.76 14.35 45.54
CA GLY F 114 -17.61 15.29 44.83
C GLY F 114 -18.25 14.66 43.60
N PHE F 115 -17.44 14.06 42.73
CA PHE F 115 -17.94 13.54 41.46
C PHE F 115 -18.95 12.42 41.67
N ILE F 116 -18.79 11.62 42.73
CA ILE F 116 -19.51 10.35 42.86
C ILE F 116 -20.96 10.58 43.32
N GLU F 117 -21.21 11.66 44.07
CA GLU F 117 -22.58 12.08 44.41
C GLU F 117 -23.31 12.59 43.18
N ARG F 118 -22.69 13.45 42.37
CA ARG F 118 -23.37 13.99 41.21
C ARG F 118 -23.69 12.86 40.22
N TYR F 119 -22.84 11.82 40.14
CA TYR F 119 -22.98 10.81 39.10
C TYR F 119 -22.91 9.39 39.70
N PRO F 120 -24.00 8.86 40.30
CA PRO F 120 -23.95 7.60 41.04
C PRO F 120 -24.07 6.32 40.22
N ARG F 121 -24.30 6.44 38.91
CA ARG F 121 -24.36 5.31 38.00
C ARG F 121 -23.23 5.40 36.99
N VAL F 122 -22.18 6.18 37.32
CA VAL F 122 -21.00 6.27 36.48
C VAL F 122 -19.88 5.58 37.25
N SER F 123 -19.29 4.57 36.59
CA SER F 123 -18.24 3.78 37.19
C SER F 123 -16.94 4.54 36.95
N LEU F 124 -15.96 4.38 37.82
CA LEU F 124 -14.72 5.13 37.68
C LEU F 124 -13.54 4.17 37.73
N HIS F 125 -12.62 4.32 36.76
CA HIS F 125 -11.49 3.42 36.60
C HIS F 125 -10.18 4.20 36.53
N MET F 126 -9.36 4.05 37.58
CA MET F 126 -8.13 4.80 37.79
C MET F 126 -6.92 3.93 37.47
N HIS F 127 -6.26 4.10 36.32
CA HIS F 127 -5.01 3.43 36.03
C HIS F 127 -3.91 4.19 36.79
N GLN F 128 -2.98 3.44 37.39
CA GLN F 128 -1.75 3.98 37.99
C GLN F 128 -0.62 3.56 37.05
N GLY F 129 0.40 4.41 36.94
CA GLY F 129 1.56 4.10 36.12
C GLY F 129 2.58 5.24 36.05
N SER F 130 3.73 4.93 35.43
CA SER F 130 4.76 5.91 35.12
C SER F 130 4.22 6.88 34.05
N PRO F 131 4.96 7.92 33.62
CA PRO F 131 4.51 8.76 32.50
C PRO F 131 4.36 7.99 31.19
N THR F 132 5.35 7.14 30.89
CA THR F 132 5.35 6.39 29.65
C THR F 132 4.12 5.48 29.59
N GLN F 133 3.70 4.92 30.73
CA GLN F 133 2.57 4.00 30.77
C GLN F 133 1.22 4.74 30.72
N ILE F 134 1.19 5.94 31.29
CA ILE F 134 -0.03 6.73 31.35
C ILE F 134 -0.44 7.19 29.95
N ALA F 135 0.60 7.49 29.16
CA ALA F 135 0.44 7.96 27.80
C ALA F 135 0.09 6.78 26.90
N GLU F 136 0.84 5.69 27.05
CA GLU F 136 0.45 4.42 26.48
C GLU F 136 -1.08 4.24 26.64
N ALA F 137 -1.59 4.20 27.89
CA ALA F 137 -2.99 3.91 28.13
C ALA F 137 -3.95 4.74 27.25
N VAL F 138 -3.66 6.03 27.02
CA VAL F 138 -4.62 6.90 26.35
C VAL F 138 -4.59 6.69 24.83
N SER F 139 -3.40 6.36 24.27
CA SER F 139 -3.28 6.15 22.83
C SER F 139 -3.96 4.83 22.43
N LYS F 140 -3.39 3.71 22.90
CA LYS F 140 -3.93 2.38 22.67
C LYS F 140 -5.41 2.32 23.05
N GLY F 141 -5.86 3.21 23.95
CA GLY F 141 -7.27 3.50 24.15
C GLY F 141 -7.85 2.86 25.42
N ASN F 142 -6.99 2.54 26.38
CA ASN F 142 -7.38 1.89 27.63
C ASN F 142 -7.85 2.90 28.67
N ALA F 143 -7.83 4.20 28.33
CA ALA F 143 -8.26 5.26 29.23
C ALA F 143 -8.59 6.48 28.41
N ASP F 144 -9.49 7.33 28.94
CA ASP F 144 -9.99 8.49 28.23
C ASP F 144 -9.09 9.71 28.47
N PHE F 145 -8.83 9.96 29.76
CA PHE F 145 -8.05 11.08 30.26
C PHE F 145 -6.78 10.60 30.96
N ALA F 146 -5.69 11.32 30.71
CA ALA F 146 -4.45 11.21 31.45
C ALA F 146 -4.32 12.43 32.35
N ILE F 147 -4.05 12.25 33.64
CA ILE F 147 -3.60 13.34 34.50
C ILE F 147 -2.09 13.22 34.63
N ALA F 148 -1.35 13.98 33.81
CA ALA F 148 0.07 13.79 33.63
C ALA F 148 0.80 14.74 34.56
N THR F 149 1.83 14.26 35.26
CA THR F 149 2.47 15.05 36.31
C THR F 149 3.84 15.53 35.86
N GLU F 150 4.42 14.94 34.80
CA GLU F 150 5.72 15.36 34.34
C GLU F 150 6.01 14.71 32.99
N ALA F 151 7.14 15.08 32.37
CA ALA F 151 7.61 14.53 31.09
C ALA F 151 6.51 14.64 30.04
N LEU F 152 5.94 15.85 29.93
CA LEU F 152 4.74 16.11 29.16
C LEU F 152 5.00 15.94 27.66
N HIS F 153 6.26 15.90 27.25
CA HIS F 153 6.62 15.72 25.85
C HIS F 153 6.02 14.42 25.30
N LEU F 154 5.73 13.46 26.18
CA LEU F 154 5.24 12.15 25.80
C LEU F 154 3.76 12.25 25.40
N TYR F 155 3.12 13.37 25.78
CA TYR F 155 1.70 13.59 25.56
C TYR F 155 1.42 14.53 24.37
N ASP F 156 2.47 15.12 23.77
CA ASP F 156 2.34 15.74 22.47
C ASP F 156 1.53 14.78 21.61
N ASP F 157 0.42 15.26 21.04
CA ASP F 157 -0.59 14.41 20.43
C ASP F 157 -1.95 14.68 21.06
N LEU F 158 -1.96 15.25 22.26
CA LEU F 158 -3.19 15.28 23.04
C LEU F 158 -3.58 16.71 23.38
N VAL F 159 -4.87 16.90 23.64
CA VAL F 159 -5.32 18.12 24.28
C VAL F 159 -4.90 18.05 25.75
N MET F 160 -3.80 18.76 26.05
CA MET F 160 -3.29 18.94 27.40
C MET F 160 -3.79 20.29 27.94
N LEU F 161 -4.28 20.28 29.19
CA LEU F 161 -4.87 21.43 29.82
C LEU F 161 -4.20 21.67 31.17
N PRO F 162 -3.48 22.81 31.36
CA PRO F 162 -2.75 23.08 32.60
C PRO F 162 -3.69 23.02 33.79
N CYS F 163 -3.34 22.28 34.85
CA CYS F 163 -4.20 22.17 36.02
C CYS F 163 -3.60 22.99 37.16
N TYR F 164 -2.34 22.71 37.53
CA TYR F 164 -1.68 23.25 38.72
C TYR F 164 -0.18 22.96 38.66
N HIS F 165 0.62 23.60 39.53
CA HIS F 165 2.08 23.47 39.52
C HIS F 165 2.57 22.79 40.80
N TRP F 166 3.68 22.04 40.76
CA TRP F 166 4.07 21.27 41.95
C TRP F 166 5.59 21.13 42.11
N ASN F 167 5.99 21.05 43.38
CA ASN F 167 7.36 21.15 43.85
C ASN F 167 7.83 19.79 44.39
N ARG F 168 9.15 19.59 44.57
CA ARG F 168 9.67 18.37 45.17
C ARG F 168 10.17 18.66 46.59
N SER F 169 10.13 17.62 47.45
CA SER F 169 10.76 17.66 48.78
C SER F 169 11.87 16.63 48.84
N ILE F 170 12.84 16.89 49.72
CA ILE F 170 13.82 15.89 50.15
C ILE F 170 13.28 15.19 51.40
N VAL F 171 13.18 13.85 51.39
CA VAL F 171 12.62 13.15 52.56
C VAL F 171 13.61 12.16 53.16
N VAL F 172 13.75 12.22 54.48
CA VAL F 172 14.71 11.43 55.24
C VAL F 172 14.08 10.90 56.54
N THR F 173 14.84 10.04 57.22
CA THR F 173 14.40 9.45 58.47
C THR F 173 14.91 10.34 59.61
N PRO F 174 14.17 10.47 60.74
CA PRO F 174 14.61 11.32 61.86
C PRO F 174 16.10 11.36 62.23
N GLU F 175 16.79 10.22 62.10
CA GLU F 175 18.16 10.08 62.56
C GLU F 175 19.17 10.58 61.51
N HIS F 176 18.69 10.95 60.30
CA HIS F 176 19.58 11.28 59.20
C HIS F 176 20.16 12.68 59.40
N PRO F 177 21.48 12.89 59.20
CA PRO F 177 22.09 14.22 59.30
C PRO F 177 21.29 15.37 58.71
N LEU F 178 20.58 15.15 57.58
CA LEU F 178 19.83 16.22 56.94
C LEU F 178 18.57 16.61 57.75
N ALA F 179 18.21 15.83 58.78
CA ALA F 179 16.97 16.09 59.49
C ALA F 179 17.05 17.43 60.20
N THR F 180 18.13 17.58 60.96
CA THR F 180 18.33 18.66 61.92
C THR F 180 19.16 19.76 61.25
N LYS F 181 18.53 20.50 60.32
CA LYS F 181 19.31 21.19 59.32
C LYS F 181 18.60 22.42 58.79
N GLY F 182 19.26 23.57 58.98
CA GLY F 182 18.99 24.76 58.20
C GLY F 182 19.35 24.54 56.72
N SER F 183 18.53 23.72 56.05
CA SER F 183 18.33 23.78 54.60
C SER F 183 19.54 23.26 53.83
N VAL F 184 19.19 22.52 52.77
CA VAL F 184 20.08 21.57 52.11
C VAL F 184 20.29 22.00 50.66
N SER F 185 21.55 21.92 50.22
CA SER F 185 21.97 22.28 48.88
C SER F 185 22.06 21.03 48.02
N ILE F 186 22.26 21.24 46.70
CA ILE F 186 22.42 20.14 45.76
C ILE F 186 23.76 19.45 45.93
N GLU F 187 24.73 20.06 46.65
CA GLU F 187 26.00 19.39 46.94
C GLU F 187 25.84 18.52 48.18
N GLU F 188 25.17 19.06 49.21
CA GLU F 188 24.87 18.25 50.38
C GLU F 188 24.04 17.04 49.97
N LEU F 189 23.18 17.22 48.96
CA LEU F 189 22.27 16.18 48.49
C LEU F 189 23.04 15.05 47.81
N ALA F 190 23.92 15.42 46.86
CA ALA F 190 24.54 14.46 45.97
C ALA F 190 25.53 13.57 46.72
N GLN F 191 25.80 13.91 47.99
CA GLN F 191 26.65 13.10 48.83
C GLN F 191 25.95 11.81 49.30
N TYR F 192 24.62 11.84 49.46
CA TYR F 192 23.89 10.68 49.96
C TYR F 192 23.33 9.83 48.82
N PRO F 193 23.16 8.50 49.06
CA PRO F 193 22.46 7.64 48.11
C PRO F 193 21.02 8.13 47.95
N LEU F 194 20.57 8.21 46.68
CA LEU F 194 19.28 8.76 46.35
C LEU F 194 18.33 7.60 46.07
N VAL F 195 17.15 7.73 46.69
CA VAL F 195 15.96 6.95 46.48
C VAL F 195 14.93 7.82 45.77
N THR F 196 14.63 7.55 44.49
CA THR F 196 13.65 8.35 43.76
C THR F 196 12.86 7.47 42.78
N TYR F 197 12.06 8.14 41.92
CA TYR F 197 11.17 7.51 40.97
C TYR F 197 11.98 6.80 39.89
N THR F 198 11.37 5.81 39.22
CA THR F 198 12.11 5.02 38.24
C THR F 198 12.48 5.90 37.05
N PHE F 199 11.72 6.99 36.87
CA PHE F 199 11.75 7.85 35.69
C PHE F 199 12.21 9.27 36.06
N GLY F 200 12.67 9.45 37.31
CA GLY F 200 13.16 10.74 37.77
C GLY F 200 14.42 11.20 37.02
N PHE F 201 15.25 10.25 36.58
CA PHE F 201 16.43 10.52 35.77
C PHE F 201 16.26 9.87 34.40
N THR F 202 16.29 10.69 33.33
CA THR F 202 16.08 10.27 31.94
C THR F 202 17.12 10.91 31.02
N GLY F 203 17.66 12.06 31.41
CA GLY F 203 18.48 12.91 30.55
C GLY F 203 17.75 14.22 30.23
N ARG F 204 16.59 14.44 30.88
CA ARG F 204 15.65 15.49 30.51
C ARG F 204 14.78 15.98 31.66
N SER F 205 14.63 15.21 32.74
CA SER F 205 13.74 15.59 33.81
C SER F 205 14.30 16.83 34.48
N GLU F 206 13.53 17.45 35.38
CA GLU F 206 14.08 18.54 36.16
C GLU F 206 15.15 18.02 37.14
N LEU F 207 15.22 16.72 37.42
CA LEU F 207 16.29 16.17 38.25
C LEU F 207 17.60 16.15 37.46
N ASP F 208 17.56 15.67 36.20
CA ASP F 208 18.72 15.72 35.33
C ASP F 208 19.20 17.16 35.11
N THR F 209 18.26 18.10 34.97
CA THR F 209 18.65 19.49 34.74
C THR F 209 19.46 19.98 35.93
N ALA F 210 18.94 19.81 37.16
CA ALA F 210 19.60 20.30 38.35
C ALA F 210 20.99 19.69 38.53
N PHE F 211 21.13 18.40 38.27
CA PHE F 211 22.40 17.72 38.53
C PHE F 211 23.38 18.02 37.40
N ASN F 212 22.98 17.77 36.15
CA ASN F 212 23.87 17.93 35.01
C ASN F 212 24.53 19.32 35.02
N ARG F 213 23.88 20.34 35.60
CA ARG F 213 24.35 21.71 35.48
C ARG F 213 25.22 22.10 36.68
N ALA F 214 25.27 21.29 37.73
CA ALA F 214 26.19 21.53 38.85
C ALA F 214 27.36 20.57 38.75
N GLY F 215 27.40 19.79 37.66
CA GLY F 215 28.49 18.85 37.40
C GLY F 215 28.50 17.67 38.37
N LEU F 216 27.40 17.45 39.10
CA LEU F 216 27.25 16.30 39.98
C LEU F 216 26.65 15.11 39.22
N THR F 217 27.00 13.91 39.67
CA THR F 217 26.29 12.71 39.29
C THR F 217 25.76 12.10 40.60
N PRO F 218 24.47 11.75 40.64
CA PRO F 218 23.87 11.25 41.87
C PRO F 218 24.11 9.75 41.99
N ARG F 219 24.13 9.23 43.22
CA ARG F 219 24.24 7.79 43.36
C ARG F 219 22.86 7.28 43.71
N ILE F 220 22.33 6.36 42.89
CA ILE F 220 20.95 5.92 43.03
C ILE F 220 20.94 4.50 43.59
N VAL F 221 20.30 4.26 44.73
CA VAL F 221 20.32 2.89 45.23
C VAL F 221 18.97 2.19 45.04
N PHE F 222 17.87 2.95 45.05
CA PHE F 222 16.55 2.37 44.89
C PHE F 222 15.59 3.32 44.16
N THR F 223 14.97 2.83 43.08
CA THR F 223 13.86 3.53 42.44
C THR F 223 12.57 2.69 42.46
N ALA F 224 11.44 3.37 42.55
CA ALA F 224 10.13 2.74 42.38
C ALA F 224 9.16 3.72 41.70
N THR F 225 8.07 3.16 41.17
CA THR F 225 7.21 3.90 40.24
C THR F 225 6.36 4.89 41.03
N ASP F 226 5.96 4.54 42.23
CA ASP F 226 5.05 5.37 42.99
C ASP F 226 5.74 5.79 44.28
N ALA F 227 5.26 6.88 44.88
CA ALA F 227 5.94 7.54 45.98
C ALA F 227 5.70 6.80 47.30
N ASP F 228 4.54 6.17 47.48
CA ASP F 228 4.29 5.44 48.71
C ASP F 228 5.41 4.41 48.87
N VAL F 229 5.75 3.70 47.80
CA VAL F 229 6.76 2.65 47.86
C VAL F 229 8.09 3.27 48.30
N ILE F 230 8.45 4.37 47.63
CA ILE F 230 9.69 5.08 47.85
C ILE F 230 9.88 5.37 49.34
N LYS F 231 8.85 5.96 49.98
CA LYS F 231 8.87 6.31 51.39
C LYS F 231 9.13 5.09 52.27
N THR F 232 8.36 4.03 52.01
CA THR F 232 8.55 2.79 52.73
C THR F 232 10.01 2.38 52.68
N TYR F 233 10.66 2.53 51.52
CA TYR F 233 12.06 2.15 51.39
C TYR F 233 12.93 3.10 52.24
N VAL F 234 12.49 4.35 52.41
CA VAL F 234 13.31 5.35 53.06
C VAL F 234 13.59 5.00 54.54
N ARG F 235 12.88 4.04 55.18
CA ARG F 235 13.35 3.53 56.47
C ARG F 235 14.43 2.42 56.32
N LEU F 236 15.70 2.85 56.07
CA LEU F 236 16.83 2.02 55.63
C LEU F 236 18.15 2.41 56.32
N GLY F 237 18.94 3.27 55.65
CA GLY F 237 20.34 3.50 55.94
C GLY F 237 20.66 4.97 55.70
N LEU F 238 21.57 5.27 54.77
CA LEU F 238 21.90 6.66 54.49
C LEU F 238 21.06 7.26 53.36
N GLY F 239 20.11 6.46 52.84
CA GLY F 239 19.33 6.83 51.67
C GLY F 239 18.46 8.06 51.93
N VAL F 240 18.28 8.83 50.87
CA VAL F 240 17.52 10.07 50.89
C VAL F 240 16.49 10.01 49.79
N GLY F 241 15.24 10.40 50.12
CA GLY F 241 14.15 10.38 49.15
C GLY F 241 14.05 11.72 48.45
N VAL F 242 13.70 11.66 47.15
CA VAL F 242 13.36 12.83 46.35
C VAL F 242 12.05 12.55 45.63
N ILE F 243 10.96 13.23 46.08
CA ILE F 243 9.59 12.96 45.65
C ILE F 243 8.80 14.26 45.66
N ALA F 244 7.66 14.26 44.96
CA ALA F 244 6.66 15.29 45.09
C ALA F 244 6.43 15.62 46.57
N SER F 245 6.41 16.91 46.90
CA SER F 245 6.10 17.36 48.26
C SER F 245 4.67 17.03 48.69
N MET F 246 3.69 17.04 47.76
CA MET F 246 2.28 16.85 48.13
C MET F 246 2.02 15.39 48.53
N ALA F 247 3.02 14.53 48.32
CA ALA F 247 2.95 13.10 48.64
C ALA F 247 3.43 12.75 50.06
N VAL F 248 3.74 13.76 50.90
CA VAL F 248 4.14 13.53 52.28
C VAL F 248 3.79 14.76 53.13
N ASP F 249 3.16 14.56 54.30
CA ASP F 249 2.82 15.65 55.21
C ASP F 249 3.21 15.28 56.65
N PRO F 250 3.53 16.29 57.53
CA PRO F 250 3.95 16.01 58.90
C PRO F 250 2.95 15.20 59.75
N VAL F 251 1.66 15.33 59.43
CA VAL F 251 0.59 14.74 60.24
C VAL F 251 0.41 13.27 59.87
N SER F 252 0.29 12.95 58.57
CA SER F 252 0.03 11.59 58.16
C SER F 252 1.31 10.84 57.75
N ASP F 253 2.49 11.39 58.11
CA ASP F 253 3.79 10.75 57.85
C ASP F 253 4.78 11.06 58.97
N PRO F 254 4.48 10.72 60.26
CA PRO F 254 5.28 11.17 61.38
C PRO F 254 6.71 10.66 61.30
N ASP F 255 6.89 9.42 60.83
CA ASP F 255 8.18 8.76 60.97
C ASP F 255 9.21 9.24 59.93
N LEU F 256 8.91 10.34 59.18
CA LEU F 256 9.74 10.89 58.11
C LEU F 256 9.96 12.40 58.31
N VAL F 257 11.03 12.97 57.73
CA VAL F 257 11.23 14.42 57.78
C VAL F 257 11.24 15.06 56.39
N LYS F 258 10.31 16.01 56.21
CA LYS F 258 10.04 16.64 54.93
C LYS F 258 10.84 17.93 54.80
N LEU F 259 11.75 17.99 53.84
CA LEU F 259 12.76 19.03 53.80
C LEU F 259 12.77 19.66 52.41
N ASP F 260 12.89 20.99 52.40
CA ASP F 260 12.51 21.78 51.24
C ASP F 260 13.62 21.70 50.21
N ALA F 261 13.22 21.66 48.93
CA ALA F 261 14.15 21.55 47.80
C ALA F 261 13.73 22.47 46.65
N ASN F 262 12.95 23.50 46.98
CA ASN F 262 12.49 24.49 46.00
C ASN F 262 13.72 25.27 45.53
N GLY F 263 14.77 25.29 46.37
CA GLY F 263 16.09 25.79 46.00
C GLY F 263 16.75 24.97 44.89
N ILE F 264 16.63 23.64 44.94
CA ILE F 264 17.40 22.78 44.08
C ILE F 264 16.75 22.61 42.70
N PHE F 265 15.44 22.31 42.65
CA PHE F 265 14.84 21.84 41.42
C PHE F 265 13.70 22.77 40.99
N SER F 266 13.58 23.02 39.68
CA SER F 266 12.48 23.85 39.22
C SER F 266 11.19 23.02 39.19
N HIS F 267 10.04 23.68 39.42
CA HIS F 267 8.70 23.07 39.48
C HIS F 267 8.29 22.32 38.21
N SER F 268 7.29 21.46 38.35
CA SER F 268 6.69 20.73 37.25
C SER F 268 5.22 21.13 37.15
N THR F 269 4.55 20.73 36.06
CA THR F 269 3.15 21.10 35.87
C THR F 269 2.33 19.84 35.57
N THR F 270 1.31 19.63 36.41
CA THR F 270 0.29 18.62 36.18
C THR F 270 -0.69 19.17 35.15
N LYS F 271 -0.87 18.44 34.05
CA LYS F 271 -1.88 18.80 33.07
C LYS F 271 -2.93 17.71 33.05
N ILE F 272 -4.05 17.95 32.35
CA ILE F 272 -5.00 16.88 32.08
C ILE F 272 -5.22 16.80 30.58
N GLY F 273 -5.19 15.57 30.08
CA GLY F 273 -5.12 15.27 28.66
C GLY F 273 -6.34 14.49 28.21
N PHE F 274 -6.56 14.48 26.89
CA PHE F 274 -7.43 13.53 26.21
C PHE F 274 -7.19 13.63 24.71
N ARG F 275 -7.60 12.58 23.99
CA ARG F 275 -7.45 12.54 22.54
C ARG F 275 -8.42 13.53 21.92
N ARG F 276 -8.00 14.03 20.75
CA ARG F 276 -8.78 14.98 19.96
C ARG F 276 -10.18 14.39 19.71
N SER F 277 -10.18 13.15 19.19
CA SER F 277 -11.39 12.44 18.79
C SER F 277 -12.37 12.17 19.93
N THR F 278 -11.96 12.31 21.20
CA THR F 278 -12.76 11.80 22.31
C THR F 278 -14.06 12.59 22.39
N PHE F 279 -15.21 11.91 22.25
CA PHE F 279 -16.51 12.53 22.42
C PHE F 279 -16.70 12.84 23.90
N LEU F 280 -16.80 14.12 24.25
CA LEU F 280 -16.85 14.52 25.64
C LEU F 280 -18.27 14.43 26.14
N ARG F 281 -18.46 13.81 27.30
CA ARG F 281 -19.76 13.70 27.95
C ARG F 281 -19.85 14.74 29.07
N SER F 282 -20.99 14.77 29.77
CA SER F 282 -21.21 15.78 30.79
C SER F 282 -20.43 15.44 32.07
N TYR F 283 -20.25 14.14 32.35
CA TYR F 283 -19.52 13.73 33.54
C TYR F 283 -18.02 13.97 33.31
N MET F 284 -17.60 13.98 32.04
CA MET F 284 -16.23 14.26 31.63
C MET F 284 -15.90 15.75 31.82
N TYR F 285 -16.81 16.63 31.40
CA TYR F 285 -16.67 18.04 31.71
C TYR F 285 -16.69 18.21 33.23
N ASP F 286 -17.55 17.45 33.91
CA ASP F 286 -17.68 17.62 35.34
C ASP F 286 -16.33 17.37 36.02
N PHE F 287 -15.75 16.17 35.80
CA PHE F 287 -14.53 15.71 36.47
C PHE F 287 -13.38 16.70 36.27
N ILE F 288 -13.24 17.19 35.03
CA ILE F 288 -12.15 18.09 34.66
C ILE F 288 -12.23 19.37 35.48
N GLN F 289 -13.45 19.91 35.62
CA GLN F 289 -13.74 21.18 36.30
C GLN F 289 -13.62 21.00 37.82
N ARG F 290 -14.13 19.87 38.33
CA ARG F 290 -13.87 19.51 39.71
C ARG F 290 -12.37 19.52 39.96
N PHE F 291 -11.57 19.17 38.93
CA PHE F 291 -10.15 18.87 39.13
C PHE F 291 -9.32 20.15 39.02
N ALA F 292 -9.64 20.99 38.04
CA ALA F 292 -9.13 22.35 37.94
C ALA F 292 -10.29 23.31 37.64
N PRO F 293 -10.76 24.11 38.62
CA PRO F 293 -11.90 25.02 38.43
C PRO F 293 -11.91 25.92 37.19
N HIS F 294 -10.73 26.25 36.69
CA HIS F 294 -10.58 27.13 35.55
C HIS F 294 -10.95 26.41 34.26
N LEU F 295 -11.03 25.07 34.31
CA LEU F 295 -11.37 24.28 33.13
C LEU F 295 -12.90 24.10 33.07
N THR F 296 -13.56 25.16 32.59
CA THR F 296 -15.01 25.17 32.50
C THR F 296 -15.38 24.48 31.19
N ARG F 297 -16.65 24.05 31.10
CA ARG F 297 -17.17 23.53 29.85
C ARG F 297 -16.61 24.34 28.68
N ASP F 298 -16.67 25.67 28.77
CA ASP F 298 -16.40 26.52 27.62
C ASP F 298 -14.91 26.50 27.27
N VAL F 299 -14.08 26.84 28.27
CA VAL F 299 -12.63 26.86 28.12
C VAL F 299 -12.15 25.57 27.44
N VAL F 300 -12.68 24.42 27.88
CA VAL F 300 -12.21 23.14 27.39
C VAL F 300 -12.38 23.15 25.87
N ASP F 301 -13.63 23.37 25.44
CA ASP F 301 -14.04 23.27 24.04
C ASP F 301 -13.27 24.28 23.18
N THR F 302 -13.04 25.49 23.72
CA THR F 302 -12.14 26.48 23.13
C THR F 302 -10.79 25.81 22.83
N ALA F 303 -10.21 25.22 23.89
CA ALA F 303 -8.92 24.57 23.83
C ALA F 303 -8.90 23.45 22.79
N VAL F 304 -9.97 22.63 22.74
CA VAL F 304 -10.02 21.51 21.81
C VAL F 304 -10.07 22.09 20.39
N ALA F 305 -10.88 23.14 20.20
CA ALA F 305 -11.07 23.74 18.89
C ALA F 305 -9.74 24.26 18.31
N LEU F 306 -8.75 24.55 19.17
CA LEU F 306 -7.57 25.27 18.73
C LEU F 306 -6.68 24.40 17.85
N ARG F 307 -5.81 25.10 17.10
CA ARG F 307 -5.04 24.52 16.00
C ARG F 307 -3.93 23.64 16.57
N SER F 308 -3.15 24.22 17.50
CA SER F 308 -1.91 23.62 18.00
C SER F 308 -1.90 23.63 19.53
N ASN F 309 -0.86 23.02 20.11
CA ASN F 309 -0.64 22.99 21.55
C ASN F 309 -0.04 24.33 22.01
N GLU F 310 0.51 25.09 21.06
CA GLU F 310 1.09 26.41 21.33
C GLU F 310 -0.02 27.36 21.76
N ASP F 311 -1.09 27.38 20.95
CA ASP F 311 -2.22 28.24 21.22
C ASP F 311 -2.85 27.91 22.58
N ILE F 312 -2.77 26.62 22.96
CA ILE F 312 -3.31 26.18 24.24
C ILE F 312 -2.48 26.78 25.37
N GLU F 313 -1.17 26.86 25.20
CA GLU F 313 -0.36 27.45 26.26
C GLU F 313 -0.61 28.95 26.33
N ALA F 314 -0.62 29.61 25.16
CA ALA F 314 -0.80 31.07 25.08
C ALA F 314 -2.18 31.42 25.66
N MET F 315 -3.15 30.54 25.45
CA MET F 315 -4.44 30.67 26.06
C MET F 315 -4.33 30.83 27.58
N PHE F 316 -3.31 30.22 28.21
CA PHE F 316 -3.23 30.16 29.66
C PHE F 316 -2.06 30.96 30.21
N LYS F 317 -1.38 31.76 29.38
CA LYS F 317 -0.17 32.45 29.81
C LYS F 317 -0.48 33.47 30.92
N ASP F 318 -1.70 34.04 30.94
CA ASP F 318 -2.03 35.07 31.93
C ASP F 318 -2.93 34.54 33.05
N ILE F 319 -3.25 33.22 33.07
CA ILE F 319 -4.02 32.61 34.16
C ILE F 319 -3.05 31.99 35.18
N LYS F 320 -3.10 32.45 36.44
CA LYS F 320 -2.14 32.03 37.44
C LYS F 320 -2.63 30.77 38.15
N LEU F 321 -1.88 29.66 38.03
CA LEU F 321 -2.33 28.34 38.49
C LEU F 321 -2.02 28.18 39.98
N PRO F 322 -2.63 27.18 40.67
CA PRO F 322 -2.29 26.87 42.06
C PRO F 322 -0.95 26.13 42.20
N GLU F 323 -0.29 26.40 43.32
CA GLU F 323 0.95 25.76 43.68
C GLU F 323 0.60 24.71 44.72
N LYS F 324 0.76 23.44 44.34
CA LYS F 324 0.71 22.33 45.29
C LYS F 324 2.15 21.81 45.46
N MET G 1 -48.03 -13.43 38.43
CA MET G 1 -46.95 -14.08 37.63
C MET G 1 -47.37 -15.51 37.32
N LYS G 2 -47.21 -15.90 36.05
CA LYS G 2 -47.61 -17.20 35.55
C LYS G 2 -46.41 -17.90 34.92
N LEU G 3 -46.36 -19.24 35.05
CA LEU G 3 -45.29 -20.00 34.45
C LEU G 3 -45.22 -19.72 32.96
N GLN G 4 -46.35 -19.64 32.26
CA GLN G 4 -46.28 -19.39 30.83
C GLN G 4 -45.53 -18.08 30.54
N GLN G 5 -45.60 -17.08 31.43
CA GLN G 5 -44.86 -15.85 31.20
C GLN G 5 -43.35 -16.08 31.28
N LEU G 6 -42.91 -16.92 32.20
CA LEU G 6 -41.49 -17.14 32.38
C LEU G 6 -40.94 -17.94 31.21
N ARG G 7 -41.77 -18.83 30.62
CA ARG G 7 -41.36 -19.55 29.42
C ARG G 7 -41.10 -18.52 28.35
N TYR G 8 -42.01 -17.55 28.24
CA TYR G 8 -41.97 -16.59 27.13
C TYR G 8 -40.70 -15.75 27.17
N ILE G 9 -40.31 -15.20 28.32
CA ILE G 9 -39.18 -14.28 28.32
C ILE G 9 -37.90 -15.05 27.99
N VAL G 10 -37.83 -16.30 28.45
CA VAL G 10 -36.68 -17.15 28.26
C VAL G 10 -36.62 -17.57 26.78
N GLU G 11 -37.77 -17.95 26.22
CA GLU G 11 -37.82 -18.45 24.86
C GLU G 11 -37.36 -17.34 23.91
N VAL G 12 -37.77 -16.10 24.21
CA VAL G 12 -37.35 -14.94 23.44
C VAL G 12 -35.84 -14.75 23.51
N VAL G 13 -35.26 -14.72 24.72
CA VAL G 13 -33.81 -14.71 24.88
C VAL G 13 -33.22 -15.83 24.02
N ASN G 14 -33.82 -17.03 24.09
CA ASN G 14 -33.27 -18.20 23.41
C ASN G 14 -33.26 -18.01 21.89
N HIS G 15 -34.22 -17.22 21.37
CA HIS G 15 -34.36 -16.95 19.95
C HIS G 15 -33.78 -15.57 19.58
N ASN G 16 -32.88 -15.04 20.41
CA ASN G 16 -32.05 -13.90 20.06
C ASN G 16 -32.86 -12.60 20.02
N LEU G 17 -34.00 -12.59 20.72
CA LEU G 17 -34.81 -11.40 20.96
C LEU G 17 -35.79 -11.22 19.82
N ASN G 18 -35.78 -12.14 18.85
CA ASN G 18 -36.77 -12.13 17.79
C ASN G 18 -38.12 -12.70 18.24
N VAL G 19 -39.16 -11.85 18.29
CA VAL G 19 -40.41 -12.27 18.90
C VAL G 19 -41.27 -13.08 17.92
N SER G 20 -41.14 -12.90 16.59
CA SER G 20 -41.94 -13.71 15.68
C SER G 20 -41.32 -15.10 15.47
N SER G 21 -39.98 -15.18 15.51
CA SER G 21 -39.28 -16.47 15.52
C SER G 21 -39.78 -17.30 16.70
N THR G 22 -39.82 -16.65 17.89
CA THR G 22 -40.29 -17.26 19.13
C THR G 22 -41.72 -17.80 18.94
N ALA G 23 -42.57 -16.96 18.34
CA ALA G 23 -43.96 -17.32 18.11
C ALA G 23 -44.03 -18.58 17.24
N GLU G 24 -43.31 -18.59 16.10
CA GLU G 24 -43.44 -19.73 15.22
C GLU G 24 -42.72 -20.92 15.87
N GLY G 25 -41.76 -20.66 16.74
CA GLY G 25 -41.14 -21.71 17.53
C GLY G 25 -42.16 -22.46 18.38
N LEU G 26 -43.01 -21.71 19.10
CA LEU G 26 -43.90 -22.25 20.12
C LEU G 26 -45.34 -22.39 19.61
N TYR G 27 -45.57 -22.23 18.30
CA TYR G 27 -46.87 -22.47 17.68
C TYR G 27 -47.96 -21.65 18.37
N THR G 28 -47.68 -20.36 18.60
CA THR G 28 -48.64 -19.46 19.22
C THR G 28 -48.55 -18.09 18.56
N SER G 29 -49.27 -17.13 19.14
CA SER G 29 -49.57 -15.86 18.52
C SER G 29 -48.46 -14.86 18.83
N GLN G 30 -48.12 -13.98 17.86
CA GLN G 30 -47.04 -13.02 18.01
C GLN G 30 -47.34 -12.04 19.15
N PRO G 31 -48.46 -11.29 19.17
CA PRO G 31 -48.72 -10.33 20.24
C PRO G 31 -49.13 -10.91 21.60
N GLY G 32 -49.52 -12.20 21.63
CA GLY G 32 -49.76 -12.92 22.89
C GLY G 32 -48.49 -12.95 23.74
N ILE G 33 -47.36 -13.21 23.09
CA ILE G 33 -46.07 -13.18 23.75
C ILE G 33 -45.79 -11.76 24.22
N SER G 34 -45.81 -10.77 23.33
CA SER G 34 -45.52 -9.38 23.71
C SER G 34 -46.41 -8.96 24.87
N LYS G 35 -47.70 -9.33 24.80
CA LYS G 35 -48.70 -8.94 25.80
C LYS G 35 -48.30 -9.48 27.17
N GLN G 36 -47.93 -10.78 27.19
CA GLN G 36 -47.55 -11.44 28.42
C GLN G 36 -46.23 -10.85 28.92
N VAL G 37 -45.32 -10.54 28.00
CA VAL G 37 -44.03 -9.98 28.41
C VAL G 37 -44.24 -8.60 29.06
N ARG G 38 -45.08 -7.74 28.46
CA ARG G 38 -45.26 -6.38 28.96
C ARG G 38 -46.00 -6.42 30.31
N MET G 39 -46.83 -7.45 30.55
CA MET G 39 -47.57 -7.60 31.81
C MET G 39 -46.63 -7.94 32.98
N LEU G 40 -45.71 -8.87 32.72
CA LEU G 40 -44.73 -9.28 33.70
C LEU G 40 -43.81 -8.10 34.02
N GLU G 41 -43.41 -7.33 32.98
CA GLU G 41 -42.56 -6.15 33.20
C GLU G 41 -43.30 -5.10 34.04
N ASP G 42 -44.60 -4.97 33.79
CA ASP G 42 -45.46 -4.07 34.56
C ASP G 42 -45.68 -4.62 35.98
N GLU G 43 -45.82 -5.96 36.11
CA GLU G 43 -45.98 -6.59 37.42
C GLU G 43 -44.76 -6.31 38.29
N LEU G 44 -43.57 -6.48 37.72
CA LEU G 44 -42.34 -6.42 38.49
C LEU G 44 -41.82 -4.98 38.54
N GLY G 45 -42.21 -4.15 37.56
CA GLY G 45 -41.74 -2.77 37.42
C GLY G 45 -40.24 -2.71 37.12
N ILE G 46 -39.86 -3.35 36.01
CA ILE G 46 -38.48 -3.51 35.62
C ILE G 46 -38.48 -3.80 34.13
N GLN G 47 -37.94 -2.87 33.33
CA GLN G 47 -37.69 -3.15 31.91
C GLN G 47 -36.76 -4.35 31.85
N ILE G 48 -37.22 -5.43 31.18
CA ILE G 48 -36.41 -6.62 30.99
C ILE G 48 -35.66 -6.49 29.67
N PHE G 49 -36.40 -6.16 28.60
CA PHE G 49 -35.80 -5.86 27.32
C PHE G 49 -35.70 -4.35 27.14
N ALA G 50 -34.55 -3.86 26.64
CA ALA G 50 -34.43 -2.50 26.14
C ALA G 50 -35.06 -2.46 24.76
N ARG G 51 -35.60 -1.29 24.37
CA ARG G 51 -36.41 -1.22 23.16
C ARG G 51 -36.01 -0.04 22.28
N SER G 52 -35.85 -0.35 20.98
CA SER G 52 -35.92 0.63 19.90
C SER G 52 -37.27 0.47 19.21
N GLY G 53 -38.23 1.32 19.61
CA GLY G 53 -39.60 1.20 19.14
C GLY G 53 -40.19 -0.13 19.58
N LYS G 54 -40.43 -1.02 18.61
CA LYS G 54 -40.99 -2.34 18.86
C LYS G 54 -39.90 -3.43 18.81
N HIS G 55 -38.68 -3.08 18.41
CA HIS G 55 -37.58 -4.03 18.46
C HIS G 55 -37.06 -4.21 19.88
N LEU G 56 -36.54 -5.42 20.13
CA LEU G 56 -35.87 -5.75 21.38
C LEU G 56 -34.36 -5.80 21.13
N THR G 57 -33.64 -4.79 21.66
CA THR G 57 -32.24 -4.58 21.31
C THR G 57 -31.30 -5.32 22.26
N GLN G 58 -31.70 -5.47 23.53
CA GLN G 58 -30.89 -6.21 24.49
C GLN G 58 -31.65 -6.43 25.79
N VAL G 59 -31.13 -7.33 26.61
CA VAL G 59 -31.65 -7.63 27.92
C VAL G 59 -31.02 -6.66 28.92
N THR G 60 -31.82 -6.00 29.76
CA THR G 60 -31.28 -5.07 30.74
C THR G 60 -30.52 -5.85 31.83
N PRO G 61 -29.63 -5.19 32.58
CA PRO G 61 -28.97 -5.83 33.72
C PRO G 61 -29.94 -6.51 34.69
N ALA G 62 -30.98 -5.78 35.12
CA ALA G 62 -31.95 -6.37 36.02
C ALA G 62 -32.73 -7.43 35.25
N GLY G 63 -33.02 -7.12 33.99
CA GLY G 63 -33.51 -8.10 33.03
C GLY G 63 -32.76 -9.43 33.12
N GLN G 64 -31.43 -9.39 33.22
CA GLN G 64 -30.66 -10.62 33.33
C GLN G 64 -30.79 -11.30 34.69
N GLU G 65 -30.78 -10.59 35.81
CA GLU G 65 -31.05 -11.29 37.05
C GLU G 65 -32.39 -12.05 36.96
N ILE G 66 -33.40 -11.47 36.27
CA ILE G 66 -34.73 -12.08 36.23
C ILE G 66 -34.72 -13.32 35.31
N ILE G 67 -34.10 -13.25 34.13
CA ILE G 67 -34.09 -14.37 33.18
C ILE G 67 -33.35 -15.59 33.72
N ARG G 68 -32.35 -15.39 34.58
CA ARG G 68 -31.56 -16.48 35.12
C ARG G 68 -32.36 -17.22 36.19
N ILE G 69 -33.18 -16.49 36.95
CA ILE G 69 -34.06 -17.13 37.91
C ILE G 69 -35.21 -17.84 37.20
N ALA G 70 -35.73 -17.25 36.12
CA ALA G 70 -36.76 -17.89 35.33
C ALA G 70 -36.37 -19.29 34.89
N ARG G 71 -35.11 -19.42 34.45
CA ARG G 71 -34.53 -20.64 33.89
C ARG G 71 -34.54 -21.70 34.98
N GLU G 72 -34.13 -21.29 36.19
CA GLU G 72 -34.13 -22.18 37.34
C GLU G 72 -35.54 -22.72 37.62
N VAL G 73 -36.56 -21.84 37.57
CA VAL G 73 -37.94 -22.20 37.84
C VAL G 73 -38.41 -23.14 36.75
N LEU G 74 -38.06 -22.85 35.51
CA LEU G 74 -38.50 -23.70 34.40
C LEU G 74 -37.88 -25.11 34.52
N SER G 75 -36.66 -25.21 35.06
CA SER G 75 -36.05 -26.53 35.06
C SER G 75 -36.38 -27.28 36.36
N LYS G 76 -36.66 -26.56 37.47
CA LYS G 76 -37.17 -27.19 38.68
C LYS G 76 -38.59 -27.72 38.39
N VAL G 77 -39.31 -27.08 37.46
CA VAL G 77 -40.64 -27.53 37.05
C VAL G 77 -40.51 -28.81 36.21
N ASP G 78 -39.64 -28.79 35.21
CA ASP G 78 -39.38 -30.00 34.44
C ASP G 78 -38.98 -31.18 35.33
N ALA G 79 -38.17 -30.91 36.38
CA ALA G 79 -37.78 -31.94 37.33
C ALA G 79 -38.98 -32.56 38.07
N ILE G 80 -40.02 -31.76 38.37
CA ILE G 80 -41.25 -32.33 38.91
C ILE G 80 -41.83 -33.31 37.90
N LYS G 81 -41.85 -32.95 36.61
CA LYS G 81 -42.36 -33.88 35.62
C LYS G 81 -41.51 -35.16 35.61
N SER G 82 -40.19 -35.00 35.72
CA SER G 82 -39.25 -36.10 35.62
C SER G 82 -39.40 -37.08 36.80
N VAL G 83 -39.49 -36.54 38.04
CA VAL G 83 -39.73 -37.29 39.26
C VAL G 83 -41.00 -38.12 39.10
N ALA G 84 -42.08 -37.52 38.57
CA ALA G 84 -43.32 -38.25 38.40
C ALA G 84 -43.09 -39.43 37.45
N GLY G 85 -42.37 -39.17 36.34
CA GLY G 85 -41.99 -40.18 35.36
C GLY G 85 -41.24 -41.35 35.98
N GLU G 86 -40.36 -41.05 36.97
CA GLU G 86 -39.46 -42.03 37.56
C GLU G 86 -40.30 -42.99 38.43
N HIS G 87 -41.05 -42.45 39.39
CA HIS G 87 -41.93 -43.21 40.27
C HIS G 87 -43.04 -43.94 39.50
N THR G 88 -43.50 -43.41 38.37
CA THR G 88 -44.56 -44.04 37.60
C THR G 88 -44.04 -45.24 36.80
N TRP G 89 -42.85 -45.13 36.19
CA TRP G 89 -42.33 -46.13 35.27
C TRP G 89 -40.89 -45.74 34.96
N PRO G 90 -39.93 -46.33 35.71
CA PRO G 90 -38.56 -45.84 35.70
C PRO G 90 -37.79 -46.10 34.41
N ASP G 91 -38.05 -47.24 33.76
CA ASP G 91 -37.27 -47.68 32.61
C ASP G 91 -37.79 -47.13 31.29
N LYS G 92 -38.81 -46.25 31.32
CA LYS G 92 -39.25 -45.49 30.16
C LYS G 92 -38.88 -44.02 30.29
N GLY G 93 -38.46 -43.41 29.18
CA GLY G 93 -38.03 -42.02 29.18
C GLY G 93 -37.29 -41.62 27.92
N SER G 94 -36.62 -40.47 27.98
CA SER G 94 -35.74 -40.05 26.92
C SER G 94 -34.53 -39.35 27.53
N LEU G 95 -33.36 -39.42 26.86
CA LEU G 95 -32.12 -38.85 27.37
C LEU G 95 -31.44 -37.99 26.30
N TYR G 96 -31.15 -36.72 26.62
CA TYR G 96 -30.56 -35.76 25.69
C TYR G 96 -29.11 -35.47 26.06
N VAL G 97 -28.24 -35.76 25.13
CA VAL G 97 -26.82 -35.55 25.32
C VAL G 97 -26.32 -34.62 24.22
N ALA G 98 -25.57 -33.60 24.63
CA ALA G 98 -24.81 -32.79 23.71
C ALA G 98 -23.34 -33.07 23.96
N THR G 99 -22.61 -33.28 22.86
CA THR G 99 -21.20 -33.64 22.89
C THR G 99 -20.62 -33.40 21.49
N THR G 100 -19.37 -33.79 21.28
CA THR G 100 -18.73 -33.63 19.98
C THR G 100 -18.90 -34.89 19.12
N HIS G 101 -18.57 -34.71 17.83
CA HIS G 101 -18.65 -35.74 16.80
C HIS G 101 -17.70 -36.89 17.17
N THR G 102 -16.51 -36.55 17.64
CA THR G 102 -15.55 -37.57 18.00
C THR G 102 -16.09 -38.40 19.17
N GLN G 103 -16.73 -37.76 20.16
CA GLN G 103 -17.29 -38.50 21.27
C GLN G 103 -18.37 -39.43 20.76
N ALA G 104 -19.24 -38.91 19.90
CA ALA G 104 -20.32 -39.72 19.34
C ALA G 104 -19.76 -40.92 18.59
N ARG G 105 -18.79 -40.66 17.72
CA ARG G 105 -18.33 -41.65 16.77
C ARG G 105 -17.40 -42.65 17.44
N TYR G 106 -16.50 -42.17 18.31
CA TYR G 106 -15.30 -42.92 18.66
C TYR G 106 -15.26 -43.23 20.15
N ALA G 107 -16.35 -43.02 20.88
CA ALA G 107 -16.28 -43.18 22.32
C ALA G 107 -17.61 -43.61 22.93
N LEU G 108 -18.70 -43.56 22.18
CA LEU G 108 -20.00 -43.87 22.76
C LEU G 108 -20.69 -45.10 22.18
N PRO G 109 -20.53 -45.49 20.89
CA PRO G 109 -21.19 -46.67 20.34
C PRO G 109 -21.22 -47.93 21.23
N GLY G 110 -20.10 -48.23 21.89
CA GLY G 110 -19.97 -49.32 22.85
C GLY G 110 -20.79 -49.05 24.12
N VAL G 111 -20.81 -47.79 24.54
CA VAL G 111 -21.56 -47.38 25.72
C VAL G 111 -23.05 -47.28 25.36
N ILE G 112 -23.35 -46.65 24.23
CA ILE G 112 -24.72 -46.47 23.76
C ILE G 112 -25.37 -47.84 23.62
N LYS G 113 -24.59 -48.81 23.12
CA LYS G 113 -25.10 -50.11 22.74
C LYS G 113 -25.47 -50.90 24.00
N GLY G 114 -24.58 -50.90 24.97
CA GLY G 114 -24.87 -51.46 26.28
C GLY G 114 -26.14 -50.87 26.89
N PHE G 115 -26.25 -49.54 26.85
CA PHE G 115 -27.37 -48.78 27.43
C PHE G 115 -28.70 -49.10 26.76
N ILE G 116 -28.71 -49.24 25.43
CA ILE G 116 -29.97 -49.40 24.71
C ILE G 116 -30.50 -50.82 24.95
N GLU G 117 -29.59 -51.81 24.87
CA GLU G 117 -29.91 -53.17 25.27
C GLU G 117 -30.55 -53.16 26.65
N ARG G 118 -29.94 -52.44 27.60
CA ARG G 118 -30.40 -52.48 28.98
C ARG G 118 -31.73 -51.78 29.12
N TYR G 119 -31.89 -50.67 28.41
CA TYR G 119 -33.05 -49.80 28.53
C TYR G 119 -33.72 -49.69 27.17
N PRO G 120 -34.57 -50.66 26.78
CA PRO G 120 -35.24 -50.55 25.48
C PRO G 120 -36.30 -49.45 25.40
N ARG G 121 -36.76 -48.89 26.52
CA ARG G 121 -37.83 -47.93 26.47
C ARG G 121 -37.35 -46.49 26.71
N VAL G 122 -36.03 -46.27 26.67
CA VAL G 122 -35.43 -44.96 26.87
C VAL G 122 -34.75 -44.53 25.58
N SER G 123 -35.31 -43.52 24.93
CA SER G 123 -34.79 -43.06 23.66
C SER G 123 -33.62 -42.11 23.89
N LEU G 124 -32.70 -42.04 22.90
CA LEU G 124 -31.45 -41.32 23.08
C LEU G 124 -31.23 -40.31 21.97
N HIS G 125 -31.05 -39.04 22.36
CA HIS G 125 -30.86 -37.95 21.42
C HIS G 125 -29.49 -37.30 21.65
N MET G 126 -28.66 -37.31 20.59
CA MET G 126 -27.27 -36.85 20.66
C MET G 126 -27.03 -35.61 19.80
N HIS G 127 -26.97 -34.43 20.41
CA HIS G 127 -26.55 -33.22 19.72
C HIS G 127 -25.03 -33.22 19.55
N GLN G 128 -24.55 -32.76 18.37
CA GLN G 128 -23.13 -32.60 18.10
C GLN G 128 -22.82 -31.11 17.97
N GLY G 129 -21.73 -30.61 18.58
CA GLY G 129 -21.31 -29.25 18.35
C GLY G 129 -19.94 -28.89 18.95
N SER G 130 -19.60 -27.62 18.78
CA SER G 130 -18.48 -26.95 19.40
C SER G 130 -18.72 -26.81 20.90
N PRO G 131 -17.69 -26.53 21.73
CA PRO G 131 -17.89 -26.33 23.16
C PRO G 131 -18.97 -25.28 23.40
N THR G 132 -18.97 -24.26 22.56
CA THR G 132 -19.92 -23.18 22.77
C THR G 132 -21.32 -23.76 22.62
N GLN G 133 -21.53 -24.51 21.55
CA GLN G 133 -22.84 -25.06 21.23
C GLN G 133 -23.29 -26.15 22.20
N ILE G 134 -22.35 -26.86 22.85
CA ILE G 134 -22.70 -27.88 23.83
C ILE G 134 -23.22 -27.20 25.09
N ALA G 135 -22.56 -26.12 25.49
CA ALA G 135 -22.91 -25.35 26.68
C ALA G 135 -24.30 -24.75 26.54
N GLU G 136 -24.51 -24.09 25.41
CA GLU G 136 -25.77 -23.51 24.97
C GLU G 136 -26.90 -24.55 25.07
N ALA G 137 -26.64 -25.77 24.59
CA ALA G 137 -27.65 -26.83 24.56
C ALA G 137 -28.16 -27.16 25.97
N VAL G 138 -27.27 -27.19 26.97
CA VAL G 138 -27.65 -27.53 28.34
C VAL G 138 -28.26 -26.34 29.08
N SER G 139 -27.90 -25.10 28.66
CA SER G 139 -28.49 -23.87 29.18
C SER G 139 -29.94 -23.70 28.70
N LYS G 140 -30.19 -24.07 27.44
CA LYS G 140 -31.50 -23.95 26.82
C LYS G 140 -32.35 -25.22 26.99
N GLY G 141 -31.89 -26.22 27.74
CA GLY G 141 -32.76 -27.34 28.13
C GLY G 141 -32.97 -28.41 27.05
N ASN G 142 -32.28 -28.30 25.89
CA ASN G 142 -32.29 -29.34 24.87
C ASN G 142 -31.29 -30.44 25.17
N ALA G 143 -30.75 -30.49 26.40
CA ALA G 143 -29.84 -31.55 26.78
C ALA G 143 -29.74 -31.69 28.30
N ASP G 144 -29.80 -32.93 28.79
CA ASP G 144 -29.69 -33.26 30.19
C ASP G 144 -28.19 -33.31 30.54
N PHE G 145 -27.38 -33.90 29.66
CA PHE G 145 -25.96 -34.05 29.93
C PHE G 145 -25.17 -33.33 28.85
N ALA G 146 -24.01 -32.80 29.23
CA ALA G 146 -22.98 -32.42 28.29
C ALA G 146 -21.80 -33.35 28.55
N ILE G 147 -21.14 -33.79 27.48
CA ILE G 147 -19.83 -34.44 27.56
C ILE G 147 -18.86 -33.49 26.87
N ALA G 148 -18.08 -32.78 27.67
CA ALA G 148 -17.28 -31.68 27.19
C ALA G 148 -15.85 -32.18 27.03
N THR G 149 -15.15 -31.75 25.96
CA THR G 149 -13.84 -32.28 25.64
C THR G 149 -12.74 -31.26 25.91
N GLU G 150 -13.08 -29.95 25.87
CA GLU G 150 -12.18 -28.87 26.21
C GLU G 150 -12.95 -27.57 26.43
N ALA G 151 -12.22 -26.49 26.72
CA ALA G 151 -12.79 -25.18 26.98
C ALA G 151 -13.70 -25.25 28.22
N LEU G 152 -13.18 -25.88 29.27
CA LEU G 152 -14.06 -26.31 30.35
C LEU G 152 -14.62 -25.12 31.13
N HIS G 153 -14.02 -23.94 31.03
CA HIS G 153 -14.57 -22.72 31.64
C HIS G 153 -15.99 -22.41 31.15
N LEU G 154 -16.40 -22.87 29.98
CA LEU G 154 -17.74 -22.54 29.48
C LEU G 154 -18.83 -23.25 30.29
N TYR G 155 -18.44 -24.04 31.31
CA TYR G 155 -19.34 -24.91 32.04
C TYR G 155 -19.19 -24.73 33.55
N ASP G 156 -18.67 -23.60 34.01
CA ASP G 156 -18.39 -23.44 35.43
C ASP G 156 -19.70 -23.43 36.21
N ASP G 157 -20.84 -23.25 35.54
CA ASP G 157 -22.11 -23.16 36.24
C ASP G 157 -22.78 -24.53 36.33
N LEU G 158 -22.12 -25.58 35.84
CA LEU G 158 -22.65 -26.93 35.92
C LEU G 158 -21.74 -27.76 36.82
N VAL G 159 -22.29 -28.88 37.32
CA VAL G 159 -21.50 -29.94 37.91
C VAL G 159 -20.84 -30.68 36.76
N MET G 160 -19.51 -30.68 36.73
CA MET G 160 -18.79 -31.41 35.71
C MET G 160 -17.90 -32.46 36.38
N LEU G 161 -17.86 -33.68 35.80
CA LEU G 161 -17.21 -34.83 36.42
C LEU G 161 -16.11 -35.35 35.49
N PRO G 162 -14.87 -35.59 35.99
CA PRO G 162 -13.74 -36.00 35.15
C PRO G 162 -14.03 -37.40 34.66
N CYS G 163 -13.57 -37.71 33.45
CA CYS G 163 -13.88 -38.97 32.78
C CYS G 163 -12.62 -39.65 32.24
N TYR G 164 -11.72 -38.87 31.65
CA TYR G 164 -10.47 -39.37 31.08
C TYR G 164 -9.68 -38.18 30.53
N HIS G 165 -8.37 -38.37 30.30
CA HIS G 165 -7.55 -37.30 29.73
C HIS G 165 -7.31 -37.66 28.27
N TRP G 166 -7.10 -36.66 27.38
CA TRP G 166 -6.88 -36.93 25.96
C TRP G 166 -5.90 -35.93 25.34
N ASN G 167 -5.25 -36.40 24.27
CA ASN G 167 -4.15 -35.72 23.61
C ASN G 167 -4.44 -35.63 22.13
N ARG G 168 -3.57 -34.92 21.42
CA ARG G 168 -3.84 -34.50 20.07
C ARG G 168 -2.70 -35.03 19.21
N SER G 169 -2.98 -35.12 17.91
CA SER G 169 -2.07 -35.67 16.94
C SER G 169 -1.84 -34.62 15.87
N ILE G 170 -0.67 -34.68 15.25
CA ILE G 170 -0.50 -34.04 13.96
C ILE G 170 -0.88 -35.08 12.91
N VAL G 171 -1.68 -34.70 11.89
CA VAL G 171 -1.97 -35.62 10.79
C VAL G 171 -1.77 -34.93 9.45
N VAL G 172 -1.26 -35.74 8.49
CA VAL G 172 -0.86 -35.29 7.15
C VAL G 172 -1.04 -36.45 6.18
N THR G 173 -0.94 -36.19 4.85
CA THR G 173 -0.95 -37.26 3.85
C THR G 173 0.38 -38.02 3.89
N PRO G 174 0.45 -39.28 3.36
CA PRO G 174 1.62 -40.14 3.57
C PRO G 174 2.93 -39.61 2.97
N GLU G 175 2.82 -38.92 1.82
CA GLU G 175 3.90 -38.20 1.17
C GLU G 175 4.45 -37.06 2.06
N HIS G 176 3.56 -36.16 2.52
CA HIS G 176 3.90 -34.90 3.16
C HIS G 176 5.23 -34.99 3.93
N PRO G 177 6.11 -33.96 3.79
CA PRO G 177 7.42 -33.97 4.44
C PRO G 177 7.56 -34.24 5.94
N LEU G 178 6.49 -34.07 6.73
CA LEU G 178 6.57 -34.20 8.17
C LEU G 178 6.56 -35.68 8.62
N ALA G 179 6.13 -36.59 7.72
CA ALA G 179 6.15 -38.04 7.96
C ALA G 179 7.57 -38.56 8.05
N THR G 180 8.41 -38.18 7.07
CA THR G 180 9.81 -38.56 7.02
C THR G 180 10.59 -37.81 8.10
N LYS G 181 10.23 -38.02 9.38
CA LYS G 181 10.89 -37.31 10.48
C LYS G 181 10.50 -37.90 11.84
N GLY G 182 9.19 -37.91 12.17
CA GLY G 182 8.71 -38.35 13.48
C GLY G 182 9.04 -37.36 14.60
N SER G 183 10.14 -36.60 14.41
CA SER G 183 10.74 -35.67 15.36
C SER G 183 10.30 -34.24 15.02
N VAL G 184 9.12 -33.80 15.53
CA VAL G 184 8.41 -32.62 15.05
C VAL G 184 8.11 -31.67 16.21
N SER G 185 8.82 -30.54 16.26
CA SER G 185 8.67 -29.57 17.35
C SER G 185 7.73 -28.45 16.92
N ILE G 186 7.39 -27.56 17.86
CA ILE G 186 6.41 -26.51 17.61
C ILE G 186 6.89 -25.54 16.52
N GLU G 187 8.21 -25.36 16.42
CA GLU G 187 8.80 -24.40 15.49
C GLU G 187 8.66 -24.90 14.04
N GLU G 188 8.83 -26.21 13.82
CA GLU G 188 8.85 -26.78 12.48
C GLU G 188 7.42 -26.85 11.96
N LEU G 189 6.48 -27.14 12.87
CA LEU G 189 5.04 -27.27 12.57
C LEU G 189 4.47 -25.91 12.19
N ALA G 190 4.94 -24.89 12.94
CA ALA G 190 4.47 -23.52 12.83
C ALA G 190 4.64 -23.00 11.41
N GLN G 191 5.67 -23.48 10.69
N GLN G 191 5.64 -23.56 10.69
CA GLN G 191 5.92 -23.10 9.31
CA GLN G 191 5.98 -23.21 9.32
C GLN G 191 5.14 -24.00 8.34
C GLN G 191 4.82 -23.53 8.37
N TYR G 192 3.95 -24.47 8.76
CA TYR G 192 3.04 -25.13 7.83
C TYR G 192 1.64 -24.53 7.91
N PRO G 193 0.80 -24.71 6.86
CA PRO G 193 -0.62 -24.34 6.93
C PRO G 193 -1.36 -25.38 7.78
N LEU G 194 -2.09 -24.88 8.78
CA LEU G 194 -2.79 -25.73 9.72
C LEU G 194 -4.25 -25.86 9.31
N VAL G 195 -4.71 -27.10 9.47
CA VAL G 195 -6.11 -27.43 9.44
C VAL G 195 -6.48 -27.89 10.85
N THR G 196 -7.53 -27.28 11.43
CA THR G 196 -7.95 -27.66 12.77
C THR G 196 -9.40 -27.26 13.02
N TYR G 197 -9.80 -27.35 14.29
CA TYR G 197 -11.15 -27.05 14.71
C TYR G 197 -11.41 -25.56 14.59
N THR G 198 -12.70 -25.20 14.54
CA THR G 198 -13.12 -23.81 14.50
C THR G 198 -12.76 -23.16 15.81
N PHE G 199 -12.74 -23.96 16.89
CA PHE G 199 -12.52 -23.50 18.27
C PHE G 199 -11.14 -23.97 18.73
N GLY G 200 -10.29 -24.36 17.78
CA GLY G 200 -8.92 -24.78 18.04
C GLY G 200 -8.06 -23.65 18.61
N PHE G 201 -8.07 -22.47 17.95
CA PHE G 201 -7.47 -21.23 18.47
C PHE G 201 -8.55 -20.23 18.91
N THR G 202 -8.50 -19.81 20.18
CA THR G 202 -9.55 -19.02 20.79
C THR G 202 -8.97 -17.96 21.72
N GLY G 203 -7.65 -18.02 21.96
CA GLY G 203 -6.97 -17.16 22.92
C GLY G 203 -6.63 -17.89 24.22
N ARG G 204 -7.27 -19.03 24.49
CA ARG G 204 -7.00 -19.64 25.78
C ARG G 204 -6.97 -21.16 25.71
N SER G 205 -6.97 -21.71 24.49
CA SER G 205 -6.97 -23.14 24.30
C SER G 205 -5.56 -23.66 24.53
N GLU G 206 -5.42 -24.99 24.62
CA GLU G 206 -4.13 -25.63 24.81
C GLU G 206 -3.23 -25.37 23.61
N LEU G 207 -3.84 -25.09 22.44
CA LEU G 207 -3.11 -24.77 21.21
C LEU G 207 -2.68 -23.31 21.25
N ASP G 208 -3.49 -22.45 21.88
CA ASP G 208 -3.09 -21.07 22.10
C ASP G 208 -1.85 -21.05 22.99
N THR G 209 -1.88 -21.83 24.07
CA THR G 209 -0.81 -21.78 25.05
C THR G 209 0.50 -22.21 24.38
N ALA G 210 0.44 -23.25 23.54
CA ALA G 210 1.65 -23.77 22.93
C ALA G 210 2.31 -22.73 22.01
N PHE G 211 1.49 -22.01 21.23
CA PHE G 211 2.03 -21.02 20.32
C PHE G 211 2.44 -19.76 21.08
N ASN G 212 1.67 -19.31 22.06
CA ASN G 212 2.09 -18.17 22.87
C ASN G 212 3.45 -18.49 23.49
N ARG G 213 3.64 -19.72 23.99
CA ARG G 213 4.83 -20.07 24.75
C ARG G 213 6.08 -19.97 23.87
N ALA G 214 5.99 -20.37 22.62
CA ALA G 214 7.08 -20.22 21.68
C ALA G 214 7.02 -18.87 20.98
N GLY G 215 6.22 -17.95 21.51
CA GLY G 215 5.88 -16.70 20.83
C GLY G 215 5.61 -16.83 19.32
N LEU G 216 4.92 -17.87 18.83
CA LEU G 216 4.57 -17.98 17.40
C LEU G 216 3.09 -17.73 17.14
N THR G 217 2.78 -17.50 15.86
CA THR G 217 1.42 -17.30 15.39
C THR G 217 1.12 -18.34 14.31
N PRO G 218 0.02 -19.11 14.42
CA PRO G 218 -0.30 -20.11 13.41
C PRO G 218 -0.84 -19.60 12.07
N ARG G 219 -0.49 -20.32 11.01
CA ARG G 219 -1.09 -20.14 9.71
C ARG G 219 -2.30 -21.09 9.64
N ILE G 220 -3.52 -20.53 9.58
CA ILE G 220 -4.76 -21.31 9.61
C ILE G 220 -5.49 -21.27 8.27
N VAL G 221 -5.42 -22.35 7.48
CA VAL G 221 -6.02 -22.34 6.15
C VAL G 221 -7.49 -22.76 6.26
N PHE G 222 -7.77 -23.83 7.01
CA PHE G 222 -9.11 -24.37 7.03
C PHE G 222 -9.47 -24.74 8.46
N THR G 223 -10.71 -24.41 8.88
CA THR G 223 -11.24 -24.98 10.11
C THR G 223 -12.61 -25.58 9.85
N ALA G 224 -12.94 -26.56 10.71
CA ALA G 224 -14.24 -27.19 10.75
C ALA G 224 -14.54 -27.55 12.20
N THR G 225 -15.81 -27.70 12.56
CA THR G 225 -16.21 -28.08 13.90
C THR G 225 -15.86 -29.54 14.17
N ASP G 226 -15.80 -30.33 13.10
CA ASP G 226 -15.90 -31.77 13.11
C ASP G 226 -14.60 -32.35 12.52
N ALA G 227 -13.93 -33.20 13.30
CA ALA G 227 -12.66 -33.78 12.90
C ALA G 227 -12.78 -34.60 11.61
N ASP G 228 -13.95 -35.16 11.33
CA ASP G 228 -14.09 -35.94 10.12
C ASP G 228 -13.90 -35.04 8.90
N VAL G 229 -14.38 -33.79 9.00
CA VAL G 229 -14.30 -32.84 7.91
C VAL G 229 -12.85 -32.40 7.79
N ILE G 230 -12.18 -32.30 8.94
CA ILE G 230 -10.77 -31.93 8.97
C ILE G 230 -10.00 -32.99 8.21
N LYS G 231 -10.31 -34.25 8.53
CA LYS G 231 -9.55 -35.37 8.05
C LYS G 231 -9.67 -35.46 6.55
N THR G 232 -10.89 -35.28 6.02
CA THR G 232 -11.09 -35.50 4.59
C THR G 232 -10.57 -34.31 3.80
N TYR G 233 -10.31 -33.15 4.42
CA TYR G 233 -9.57 -32.07 3.76
C TYR G 233 -8.07 -32.39 3.71
N VAL G 234 -7.53 -33.06 4.73
CA VAL G 234 -6.12 -33.36 4.72
C VAL G 234 -5.81 -34.44 3.68
N ARG G 235 -6.80 -35.30 3.36
CA ARG G 235 -6.73 -36.18 2.20
C ARG G 235 -7.02 -35.41 0.90
N LEU G 236 -6.13 -34.45 0.54
CA LEU G 236 -6.21 -33.51 -0.59
C LEU G 236 -5.61 -32.17 -0.14
N GLY G 237 -5.56 -31.17 -1.05
CA GLY G 237 -5.08 -29.82 -0.72
C GLY G 237 -3.61 -29.83 -0.26
N LEU G 238 -3.18 -28.76 0.42
CA LEU G 238 -1.98 -28.81 1.27
C LEU G 238 -2.38 -28.37 2.67
N GLY G 239 -1.66 -28.88 3.68
CA GLY G 239 -1.78 -28.41 5.06
C GLY G 239 -1.75 -29.55 6.06
N VAL G 240 -1.65 -29.19 7.34
CA VAL G 240 -1.38 -30.14 8.40
C VAL G 240 -2.53 -30.14 9.41
N GLY G 241 -3.08 -31.34 9.66
CA GLY G 241 -4.18 -31.46 10.60
C GLY G 241 -3.71 -31.57 12.04
N VAL G 242 -4.43 -30.91 12.96
CA VAL G 242 -4.19 -31.03 14.39
C VAL G 242 -5.52 -31.34 15.08
N ILE G 243 -5.68 -32.58 15.55
CA ILE G 243 -6.95 -33.03 16.08
C ILE G 243 -6.70 -34.03 17.21
N ALA G 244 -7.78 -34.35 17.92
CA ALA G 244 -7.82 -35.47 18.85
C ALA G 244 -7.15 -36.71 18.25
N SER G 245 -6.25 -37.32 19.04
CA SER G 245 -5.64 -38.61 18.71
C SER G 245 -6.72 -39.65 18.39
N MET G 246 -7.77 -39.73 19.20
CA MET G 246 -8.76 -40.79 19.06
C MET G 246 -9.63 -40.65 17.81
N ALA G 247 -9.46 -39.57 17.02
CA ALA G 247 -10.29 -39.33 15.83
C ALA G 247 -9.61 -39.92 14.60
N VAL G 248 -8.41 -40.45 14.78
CA VAL G 248 -7.71 -41.10 13.68
C VAL G 248 -7.34 -42.52 14.08
N ASP G 249 -7.47 -43.39 13.10
CA ASP G 249 -7.28 -44.81 13.31
C ASP G 249 -6.14 -45.26 12.41
N PRO G 250 -5.18 -46.08 12.89
CA PRO G 250 -4.26 -46.77 11.98
C PRO G 250 -5.08 -47.62 11.00
N VAL G 251 -6.20 -48.16 11.49
CA VAL G 251 -6.98 -49.18 10.78
C VAL G 251 -8.09 -48.52 9.93
N SER G 252 -9.01 -47.76 10.53
CA SER G 252 -10.06 -47.09 9.76
C SER G 252 -9.50 -46.12 8.73
N ASP G 253 -8.36 -45.47 9.01
CA ASP G 253 -7.87 -44.35 8.20
C ASP G 253 -6.46 -44.62 7.65
N PRO G 254 -6.29 -45.63 6.76
CA PRO G 254 -4.95 -45.99 6.27
C PRO G 254 -4.28 -44.85 5.51
N ASP G 255 -5.07 -43.96 4.92
CA ASP G 255 -4.57 -42.95 3.99
C ASP G 255 -4.07 -41.72 4.72
N LEU G 256 -3.99 -41.78 6.05
CA LEU G 256 -3.43 -40.67 6.82
C LEU G 256 -2.37 -41.22 7.74
N VAL G 257 -1.37 -40.38 8.00
CA VAL G 257 -0.31 -40.65 8.95
C VAL G 257 -0.50 -39.77 10.18
N LYS G 258 -0.47 -40.41 11.34
CA LYS G 258 -0.72 -39.77 12.62
C LYS G 258 0.63 -39.59 13.29
N LEU G 259 0.88 -38.44 13.91
CA LEU G 259 2.18 -38.12 14.48
C LEU G 259 2.05 -37.61 15.92
N ASP G 260 3.10 -37.88 16.69
CA ASP G 260 3.18 -37.57 18.10
C ASP G 260 3.06 -36.05 18.20
N ALA G 261 2.26 -35.56 19.15
CA ALA G 261 2.31 -34.19 19.64
C ALA G 261 1.97 -34.13 21.14
N ASN G 262 2.21 -35.22 21.88
CA ASN G 262 2.30 -35.19 23.33
C ASN G 262 3.46 -34.29 23.77
N GLY G 263 4.48 -34.17 22.91
CA GLY G 263 5.62 -33.29 23.15
C GLY G 263 5.20 -31.83 23.15
N ILE G 264 4.27 -31.48 22.26
CA ILE G 264 4.01 -30.09 21.94
C ILE G 264 2.86 -29.52 22.79
N PHE G 265 1.67 -30.11 22.66
CA PHE G 265 0.48 -29.65 23.33
C PHE G 265 0.21 -30.45 24.61
N SER G 266 -0.01 -29.71 25.70
CA SER G 266 -0.72 -30.16 26.89
C SER G 266 -1.97 -31.00 26.55
N HIS G 267 -2.38 -31.85 27.50
CA HIS G 267 -3.55 -32.70 27.33
C HIS G 267 -4.78 -31.92 27.79
N SER G 268 -5.96 -32.29 27.25
CA SER G 268 -7.25 -31.83 27.76
C SER G 268 -7.97 -32.97 28.45
N THR G 269 -9.11 -32.65 29.09
CA THR G 269 -9.82 -33.58 29.97
C THR G 269 -11.29 -33.60 29.56
N THR G 270 -11.82 -34.77 29.20
CA THR G 270 -13.25 -34.91 28.97
C THR G 270 -13.96 -35.01 30.31
N LYS G 271 -15.15 -34.37 30.40
CA LYS G 271 -16.00 -34.46 31.58
C LYS G 271 -17.44 -34.62 31.13
N ILE G 272 -18.25 -35.29 31.96
CA ILE G 272 -19.69 -35.42 31.73
C ILE G 272 -20.39 -34.62 32.82
N GLY G 273 -21.36 -33.76 32.48
CA GLY G 273 -21.97 -32.89 33.48
C GLY G 273 -23.41 -32.49 33.18
N PHE G 274 -24.04 -31.79 34.16
CA PHE G 274 -25.43 -31.41 34.07
C PHE G 274 -25.70 -30.21 34.96
N ARG G 275 -26.82 -29.51 34.72
CA ARG G 275 -27.26 -28.45 35.61
C ARG G 275 -27.60 -29.10 36.94
N ARG G 276 -27.44 -28.37 38.06
CA ARG G 276 -27.67 -28.93 39.38
C ARG G 276 -29.17 -29.12 39.64
N SER G 277 -30.01 -28.49 38.82
CA SER G 277 -31.45 -28.55 39.04
C SER G 277 -32.05 -29.84 38.46
N THR G 278 -31.26 -30.55 37.65
CA THR G 278 -31.69 -31.74 36.94
C THR G 278 -31.82 -32.93 37.90
N PHE G 279 -33.01 -33.49 37.98
CA PHE G 279 -33.23 -34.71 38.72
C PHE G 279 -32.52 -35.88 38.04
N LEU G 280 -31.72 -36.61 38.81
CA LEU G 280 -30.99 -37.76 38.30
C LEU G 280 -31.87 -39.01 38.37
N ARG G 281 -32.41 -39.40 37.21
CA ARG G 281 -33.11 -40.65 37.10
C ARG G 281 -32.07 -41.75 37.11
N SER G 282 -32.54 -42.96 37.43
CA SER G 282 -31.68 -44.11 37.61
C SER G 282 -30.97 -44.45 36.29
N TYR G 283 -31.64 -44.32 35.15
CA TYR G 283 -30.99 -44.69 33.90
C TYR G 283 -29.99 -43.62 33.50
N MET G 284 -30.07 -42.47 34.17
CA MET G 284 -29.06 -41.44 34.03
C MET G 284 -27.82 -41.90 34.78
N TYR G 285 -28.01 -42.33 36.02
CA TYR G 285 -26.86 -42.80 36.79
C TYR G 285 -26.18 -43.90 35.99
N ASP G 286 -26.99 -44.80 35.40
CA ASP G 286 -26.49 -45.91 34.61
C ASP G 286 -25.62 -45.40 33.46
N PHE G 287 -26.17 -44.48 32.66
CA PHE G 287 -25.45 -43.95 31.51
C PHE G 287 -24.08 -43.44 31.92
N ILE G 288 -24.07 -42.60 32.97
CA ILE G 288 -22.86 -41.91 33.41
C ILE G 288 -21.78 -42.94 33.69
N GLN G 289 -22.17 -43.98 34.43
CA GLN G 289 -21.23 -44.99 34.86
C GLN G 289 -20.74 -45.82 33.68
N ARG G 290 -21.66 -46.26 32.81
CA ARG G 290 -21.28 -46.88 31.56
C ARG G 290 -20.26 -46.04 30.79
N PHE G 291 -20.33 -44.71 30.87
CA PHE G 291 -19.41 -43.86 30.12
C PHE G 291 -18.11 -43.64 30.89
N ALA G 292 -18.20 -43.36 32.19
CA ALA G 292 -17.02 -43.23 33.03
C ALA G 292 -17.14 -44.19 34.21
N PRO G 293 -16.52 -45.38 34.11
CA PRO G 293 -16.65 -46.47 35.10
C PRO G 293 -16.47 -46.12 36.58
N HIS G 294 -15.68 -45.07 36.87
CA HIS G 294 -15.47 -44.62 38.25
C HIS G 294 -16.60 -43.74 38.78
N LEU G 295 -17.49 -43.27 37.89
CA LEU G 295 -18.61 -42.42 38.28
C LEU G 295 -19.79 -43.32 38.61
N THR G 296 -19.67 -43.96 39.77
CA THR G 296 -20.70 -44.79 40.37
C THR G 296 -21.72 -43.85 40.98
N ARG G 297 -22.83 -44.42 41.45
CA ARG G 297 -23.94 -43.62 41.96
C ARG G 297 -23.52 -42.80 43.18
N ASP G 298 -22.81 -43.42 44.14
CA ASP G 298 -22.34 -42.73 45.34
C ASP G 298 -21.33 -41.62 45.02
N VAL G 299 -20.45 -41.86 44.04
CA VAL G 299 -19.44 -40.88 43.68
C VAL G 299 -20.14 -39.64 43.17
N VAL G 300 -21.08 -39.88 42.25
CA VAL G 300 -21.85 -38.80 41.65
C VAL G 300 -22.59 -38.03 42.74
N ASP G 301 -23.31 -38.73 43.63
CA ASP G 301 -24.08 -38.05 44.67
C ASP G 301 -23.13 -37.26 45.58
N THR G 302 -21.92 -37.78 45.83
CA THR G 302 -20.92 -37.12 46.65
C THR G 302 -20.44 -35.84 45.96
N ALA G 303 -20.03 -36.01 44.68
CA ALA G 303 -19.64 -34.89 43.83
C ALA G 303 -20.74 -33.84 43.76
N VAL G 304 -21.98 -34.24 43.47
CA VAL G 304 -23.04 -33.27 43.32
C VAL G 304 -23.13 -32.44 44.60
N ALA G 305 -22.91 -33.10 45.74
CA ALA G 305 -23.15 -32.47 47.03
C ALA G 305 -22.04 -31.46 47.35
N LEU G 306 -20.87 -31.58 46.70
CA LEU G 306 -19.80 -30.59 46.76
C LEU G 306 -20.20 -29.33 46.00
N ARG G 307 -19.32 -28.31 46.07
CA ARG G 307 -19.70 -26.94 45.81
C ARG G 307 -19.03 -26.38 44.56
N SER G 308 -17.97 -27.03 44.06
CA SER G 308 -17.35 -26.61 42.82
C SER G 308 -16.70 -27.78 42.09
N ASN G 309 -16.43 -27.55 40.80
CA ASN G 309 -15.91 -28.54 39.88
C ASN G 309 -14.43 -28.79 40.07
N GLU G 310 -13.77 -27.87 40.79
CA GLU G 310 -12.36 -27.99 41.16
C GLU G 310 -12.31 -28.79 42.46
N ASP G 311 -13.23 -28.50 43.37
CA ASP G 311 -13.49 -29.39 44.49
C ASP G 311 -13.84 -30.81 44.04
N ILE G 312 -14.56 -30.98 42.92
CA ILE G 312 -14.91 -32.31 42.42
C ILE G 312 -13.64 -33.00 41.94
N GLU G 313 -12.72 -32.21 41.41
CA GLU G 313 -11.48 -32.76 40.89
C GLU G 313 -10.59 -33.24 42.04
N ALA G 314 -10.72 -32.60 43.21
CA ALA G 314 -9.99 -32.98 44.40
C ALA G 314 -10.32 -34.43 44.79
N MET G 315 -11.59 -34.84 44.54
CA MET G 315 -12.04 -36.18 44.88
C MET G 315 -11.21 -37.22 44.14
N PHE G 316 -10.53 -36.82 43.05
CA PHE G 316 -9.79 -37.77 42.23
C PHE G 316 -8.31 -37.41 42.26
N LYS G 317 -7.87 -36.69 43.29
CA LYS G 317 -6.48 -36.26 43.36
C LYS G 317 -5.62 -37.50 43.45
N ASP G 318 -5.86 -38.36 44.46
CA ASP G 318 -5.02 -39.54 44.69
C ASP G 318 -5.50 -40.70 43.82
N ILE G 319 -6.06 -40.41 42.63
CA ILE G 319 -6.51 -41.42 41.69
C ILE G 319 -6.24 -40.93 40.26
N LYS G 320 -5.25 -41.54 39.59
CA LYS G 320 -4.97 -41.29 38.19
C LYS G 320 -6.12 -41.82 37.36
N LEU G 321 -6.36 -41.19 36.20
CA LEU G 321 -7.50 -41.45 35.34
C LEU G 321 -7.01 -42.02 34.03
N PRO G 322 -7.91 -42.57 33.19
CA PRO G 322 -7.51 -43.12 31.90
C PRO G 322 -7.07 -42.03 30.93
N GLU G 323 -6.45 -42.49 29.83
CA GLU G 323 -5.77 -41.65 28.85
C GLU G 323 -6.09 -42.16 27.44
N LYS G 324 -6.55 -41.24 26.57
CA LYS G 324 -6.91 -41.57 25.21
C LYS G 324 -6.23 -40.57 24.26
N MET H 1 27.50 -2.31 20.41
CA MET H 1 28.38 -3.12 19.52
C MET H 1 27.75 -3.18 18.13
N LYS H 2 28.37 -3.94 17.21
CA LYS H 2 27.89 -4.07 15.84
C LYS H 2 27.88 -5.52 15.41
N LEU H 3 26.91 -5.90 14.56
CA LEU H 3 26.82 -7.26 14.03
C LEU H 3 28.15 -7.69 13.40
N GLN H 4 28.83 -6.77 12.70
CA GLN H 4 30.11 -7.07 12.10
C GLN H 4 31.20 -7.45 13.15
N GLN H 5 31.20 -6.82 14.34
CA GLN H 5 32.14 -7.14 15.41
C GLN H 5 31.93 -8.55 15.93
N LEU H 6 30.65 -8.94 16.07
CA LEU H 6 30.31 -10.28 16.55
C LEU H 6 30.60 -11.32 15.48
N ARG H 7 30.49 -10.89 14.22
CA ARG H 7 30.76 -11.74 13.07
C ARG H 7 32.25 -12.03 13.08
N TYR H 8 33.03 -11.02 13.48
CA TYR H 8 34.48 -11.04 13.38
C TYR H 8 35.07 -11.95 14.45
N ILE H 9 34.68 -11.78 15.73
CA ILE H 9 35.28 -12.60 16.78
C ILE H 9 34.95 -14.07 16.53
N VAL H 10 33.75 -14.35 16.02
CA VAL H 10 33.30 -15.72 15.84
C VAL H 10 34.09 -16.32 14.69
N GLU H 11 34.23 -15.56 13.61
CA GLU H 11 34.97 -16.06 12.47
C GLU H 11 36.42 -16.38 12.87
N VAL H 12 37.00 -15.63 13.81
CA VAL H 12 38.41 -15.79 14.15
C VAL H 12 38.62 -17.11 14.87
N VAL H 13 37.63 -17.53 15.68
CA VAL H 13 37.67 -18.81 16.38
C VAL H 13 37.47 -19.98 15.42
N ASN H 14 36.66 -19.82 14.37
CA ASN H 14 36.56 -20.81 13.28
C ASN H 14 37.93 -20.99 12.60
N HIS H 15 38.64 -19.88 12.33
CA HIS H 15 39.93 -19.88 11.64
C HIS H 15 41.06 -20.11 12.66
N ASN H 16 40.71 -20.58 13.88
CA ASN H 16 41.66 -21.04 14.90
C ASN H 16 42.60 -19.94 15.39
N LEU H 17 42.11 -18.71 15.46
CA LEU H 17 42.86 -17.56 15.98
C LEU H 17 43.78 -16.95 14.91
N ASN H 18 43.82 -17.57 13.71
CA ASN H 18 44.65 -17.10 12.61
C ASN H 18 43.95 -15.90 11.97
N VAL H 19 44.56 -14.74 12.14
CA VAL H 19 43.90 -13.51 11.74
C VAL H 19 44.15 -13.28 10.26
N SER H 20 45.13 -14.00 9.69
CA SER H 20 45.32 -14.07 8.25
C SER H 20 44.19 -14.88 7.59
N SER H 21 44.11 -16.15 7.99
CA SER H 21 43.11 -17.08 7.46
C SER H 21 41.70 -16.50 7.68
N THR H 22 41.54 -15.58 8.64
CA THR H 22 40.24 -14.97 8.86
C THR H 22 39.99 -13.89 7.82
N ALA H 23 40.99 -13.00 7.65
CA ALA H 23 40.90 -11.91 6.68
C ALA H 23 40.69 -12.44 5.26
N GLU H 24 41.49 -13.43 4.84
CA GLU H 24 41.36 -14.03 3.51
C GLU H 24 39.94 -14.59 3.33
N GLY H 25 39.42 -15.23 4.39
CA GLY H 25 38.14 -15.91 4.31
C GLY H 25 36.96 -14.95 4.19
N LEU H 26 37.09 -13.73 4.74
CA LEU H 26 36.02 -12.74 4.71
C LEU H 26 36.35 -11.62 3.71
N TYR H 27 37.36 -11.81 2.88
CA TYR H 27 37.68 -10.79 1.89
C TYR H 27 37.79 -9.44 2.59
N THR H 28 38.72 -9.38 3.56
CA THR H 28 39.10 -8.13 4.20
C THR H 28 40.55 -8.27 4.69
N SER H 29 41.04 -7.22 5.36
CA SER H 29 42.43 -7.07 5.73
C SER H 29 42.66 -7.61 7.14
N GLN H 30 43.94 -7.75 7.52
CA GLN H 30 44.29 -8.06 8.90
C GLN H 30 44.00 -6.87 9.78
N PRO H 31 44.46 -5.63 9.46
CA PRO H 31 44.12 -4.43 10.24
C PRO H 31 42.61 -4.16 10.46
N GLY H 32 41.77 -4.53 9.49
CA GLY H 32 40.33 -4.30 9.55
C GLY H 32 39.60 -5.15 10.60
N ILE H 33 40.03 -6.41 10.73
CA ILE H 33 39.63 -7.33 11.78
C ILE H 33 40.13 -6.85 13.15
N SER H 34 41.41 -6.45 13.21
CA SER H 34 42.04 -6.08 14.47
C SER H 34 41.34 -4.86 15.10
N LYS H 35 40.98 -3.89 14.25
CA LYS H 35 40.45 -2.62 14.70
C LYS H 35 39.09 -2.83 15.37
N GLN H 36 38.25 -3.66 14.74
CA GLN H 36 36.89 -3.88 15.18
C GLN H 36 36.89 -4.67 16.48
N VAL H 37 37.74 -5.69 16.57
CA VAL H 37 37.85 -6.49 17.77
C VAL H 37 38.29 -5.59 18.93
N ARG H 38 39.26 -4.71 18.66
CA ARG H 38 39.75 -3.79 19.67
C ARG H 38 38.61 -2.91 20.19
N MET H 39 37.84 -2.33 19.24
CA MET H 39 36.74 -1.43 19.57
C MET H 39 35.73 -2.14 20.46
N LEU H 40 35.36 -3.37 20.09
CA LEU H 40 34.45 -4.19 20.88
C LEU H 40 35.06 -4.55 22.24
N GLU H 41 36.40 -4.65 22.31
CA GLU H 41 37.03 -5.03 23.55
C GLU H 41 36.95 -3.86 24.53
N ASP H 42 37.19 -2.66 24.02
CA ASP H 42 37.12 -1.48 24.85
C ASP H 42 35.68 -1.24 25.32
N GLU H 43 34.74 -1.20 24.35
CA GLU H 43 33.33 -0.99 24.64
C GLU H 43 32.85 -1.84 25.81
N LEU H 44 33.25 -3.11 25.86
CA LEU H 44 32.86 -4.00 26.95
C LEU H 44 33.77 -3.76 28.14
N GLY H 45 34.97 -3.18 27.86
CA GLY H 45 36.05 -3.04 28.81
C GLY H 45 36.57 -4.41 29.24
N ILE H 46 36.75 -5.31 28.28
CA ILE H 46 37.37 -6.58 28.58
C ILE H 46 38.11 -7.09 27.35
N GLN H 47 39.07 -7.98 27.61
CA GLN H 47 39.82 -8.74 26.61
C GLN H 47 39.06 -10.01 26.27
N ILE H 48 38.87 -10.23 24.97
CA ILE H 48 38.30 -11.46 24.45
C ILE H 48 39.44 -12.41 24.04
N PHE H 49 40.62 -11.88 23.73
CA PHE H 49 41.74 -12.70 23.29
C PHE H 49 43.01 -12.23 24.00
N ALA H 50 43.91 -13.19 24.28
CA ALA H 50 45.26 -12.92 24.76
C ALA H 50 46.11 -12.58 23.55
N ARG H 51 47.25 -11.91 23.78
CA ARG H 51 48.10 -11.44 22.69
C ARG H 51 49.58 -11.77 22.99
N SER H 52 50.18 -12.50 22.04
CA SER H 52 51.62 -12.52 21.82
C SER H 52 51.93 -11.59 20.66
N GLY H 53 52.78 -10.60 20.88
CA GLY H 53 53.13 -9.66 19.84
C GLY H 53 51.86 -9.23 19.10
N LYS H 54 51.88 -9.39 17.77
CA LYS H 54 50.80 -8.91 16.93
C LYS H 54 49.99 -10.08 16.36
N HIS H 55 50.13 -11.29 16.94
CA HIS H 55 49.21 -12.41 16.71
C HIS H 55 48.40 -12.68 17.99
N LEU H 56 47.48 -13.67 17.94
CA LEU H 56 46.49 -13.91 19.01
C LEU H 56 46.52 -15.36 19.49
N THR H 57 46.64 -15.54 20.81
CA THR H 57 47.05 -16.84 21.34
C THR H 57 45.87 -17.63 21.92
N GLN H 58 45.02 -17.02 22.76
CA GLN H 58 43.94 -17.78 23.40
C GLN H 58 42.69 -16.90 23.64
N VAL H 59 41.57 -17.55 23.97
CA VAL H 59 40.31 -16.91 24.32
C VAL H 59 40.15 -16.83 25.84
N THR H 60 40.00 -15.60 26.38
CA THR H 60 39.88 -15.33 27.81
C THR H 60 38.62 -16.03 28.36
N PRO H 61 38.52 -16.37 29.67
CA PRO H 61 37.30 -17.01 30.19
C PRO H 61 36.04 -16.18 29.93
N ALA H 62 36.17 -14.86 30.04
CA ALA H 62 35.16 -13.92 29.56
C ALA H 62 34.85 -14.17 28.09
N GLY H 63 35.89 -14.06 27.24
CA GLY H 63 35.86 -14.32 25.81
C GLY H 63 35.14 -15.60 25.36
N GLN H 64 35.22 -16.68 26.15
CA GLN H 64 34.59 -17.97 25.84
C GLN H 64 33.06 -17.83 25.87
N GLU H 65 32.55 -17.18 26.92
CA GLU H 65 31.13 -17.03 27.13
C GLU H 65 30.59 -16.02 26.09
N ILE H 66 31.29 -14.89 25.90
CA ILE H 66 30.87 -13.86 24.96
C ILE H 66 30.72 -14.43 23.54
N ILE H 67 31.62 -15.32 23.13
CA ILE H 67 31.60 -15.94 21.81
C ILE H 67 30.38 -16.88 21.69
N ARG H 68 30.08 -17.64 22.74
CA ARG H 68 28.94 -18.57 22.74
C ARG H 68 27.65 -17.81 22.41
N ILE H 69 27.44 -16.69 23.14
CA ILE H 69 26.27 -15.87 22.95
C ILE H 69 26.31 -15.25 21.55
N ALA H 70 27.50 -14.80 21.15
CA ALA H 70 27.62 -14.13 19.87
C ALA H 70 27.22 -15.08 18.75
N ARG H 71 27.56 -16.37 18.91
CA ARG H 71 27.23 -17.39 17.93
C ARG H 71 25.71 -17.53 17.82
N GLU H 72 25.05 -17.37 18.96
CA GLU H 72 23.61 -17.48 18.98
C GLU H 72 22.99 -16.27 18.26
N VAL H 73 23.64 -15.09 18.37
CA VAL H 73 23.15 -13.87 17.73
C VAL H 73 23.17 -13.99 16.21
N LEU H 74 24.29 -14.49 15.63
CA LEU H 74 24.44 -14.62 14.19
C LEU H 74 23.50 -15.72 13.68
N SER H 75 23.17 -16.67 14.55
CA SER H 75 22.26 -17.76 14.20
C SER H 75 20.82 -17.25 14.05
N LYS H 76 20.41 -16.33 14.93
CA LYS H 76 19.08 -15.72 14.88
C LYS H 76 19.01 -14.71 13.73
N VAL H 77 20.14 -14.00 13.54
CA VAL H 77 20.24 -13.03 12.47
C VAL H 77 19.99 -13.77 11.16
N ASP H 78 20.53 -14.99 11.04
CA ASP H 78 20.35 -15.80 9.84
C ASP H 78 18.89 -16.22 9.72
N ALA H 79 18.19 -16.45 10.86
CA ALA H 79 16.79 -16.83 10.87
C ALA H 79 15.89 -15.68 10.41
N ILE H 80 16.29 -14.45 10.75
CA ILE H 80 15.60 -13.28 10.22
C ILE H 80 15.59 -13.32 8.70
N LYS H 81 16.76 -13.56 8.08
CA LYS H 81 16.89 -13.71 6.62
C LYS H 81 16.08 -14.88 6.06
N SER H 82 15.79 -15.88 6.90
CA SER H 82 15.10 -17.09 6.47
C SER H 82 13.59 -16.93 6.59
N VAL H 83 13.12 -15.84 7.20
CA VAL H 83 11.70 -15.70 7.44
C VAL H 83 10.99 -15.76 6.09
N ALA H 84 9.94 -16.60 6.05
CA ALA H 84 9.12 -16.77 4.86
C ALA H 84 8.40 -15.47 4.47
N GLY H 85 7.88 -15.45 3.24
CA GLY H 85 7.37 -14.22 2.65
C GLY H 85 5.92 -13.96 3.05
N GLU H 86 5.39 -12.83 2.58
CA GLU H 86 4.00 -12.47 2.81
C GLU H 86 3.10 -13.55 2.19
N HIS H 87 3.62 -14.26 1.18
CA HIS H 87 2.81 -15.14 0.36
C HIS H 87 2.36 -16.39 1.14
N THR H 88 3.08 -16.73 2.23
CA THR H 88 2.81 -17.93 3.02
C THR H 88 1.57 -17.77 3.89
N TRP H 89 1.10 -16.53 4.11
CA TRP H 89 -0.01 -16.28 5.01
C TRP H 89 -1.32 -16.22 4.23
N PRO H 90 -2.40 -16.81 4.78
CA PRO H 90 -3.76 -16.72 4.23
C PRO H 90 -4.58 -15.58 4.82
N ASP H 91 -4.08 -14.36 4.55
CA ASP H 91 -4.62 -13.12 5.12
C ASP H 91 -5.29 -12.28 4.02
N LYS H 92 -5.53 -12.89 2.85
CA LYS H 92 -6.16 -12.21 1.71
C LYS H 92 -7.67 -12.21 1.87
N GLY H 93 -8.20 -13.03 2.77
CA GLY H 93 -9.63 -13.06 3.00
C GLY H 93 -10.02 -14.33 3.74
N SER H 94 -11.26 -14.35 4.22
CA SER H 94 -11.70 -15.50 4.97
C SER H 94 -13.18 -15.71 4.71
N LEU H 95 -13.51 -16.94 4.29
CA LEU H 95 -14.88 -17.31 4.00
C LEU H 95 -15.46 -18.19 5.13
N TYR H 96 -16.49 -17.70 5.83
CA TYR H 96 -17.14 -18.47 6.88
C TYR H 96 -18.50 -18.99 6.39
N VAL H 97 -18.67 -20.32 6.46
CA VAL H 97 -19.86 -21.02 5.97
C VAL H 97 -20.43 -21.89 7.08
N ALA H 98 -21.75 -21.83 7.28
CA ALA H 98 -22.48 -22.73 8.15
C ALA H 98 -23.32 -23.69 7.31
N THR H 99 -23.15 -24.99 7.54
CA THR H 99 -23.95 -25.98 6.84
C THR H 99 -24.00 -27.28 7.64
N THR H 100 -24.36 -28.36 6.97
CA THR H 100 -24.49 -29.63 7.63
C THR H 100 -23.22 -30.43 7.35
N HIS H 101 -23.14 -31.57 8.05
CA HIS H 101 -21.98 -32.44 7.98
C HIS H 101 -22.04 -33.17 6.63
N THR H 102 -23.26 -33.52 6.21
CA THR H 102 -23.50 -34.15 4.92
C THR H 102 -22.99 -33.22 3.82
N GLN H 103 -23.33 -31.92 3.88
CA GLN H 103 -22.94 -30.96 2.85
C GLN H 103 -21.44 -30.82 2.83
N ALA H 104 -20.84 -30.71 4.01
CA ALA H 104 -19.40 -30.58 4.14
C ALA H 104 -18.67 -31.72 3.43
N ARG H 105 -18.98 -32.98 3.81
CA ARG H 105 -18.20 -34.16 3.44
C ARG H 105 -18.45 -34.56 2.00
N TYR H 106 -19.70 -34.39 1.56
CA TYR H 106 -20.14 -34.98 0.30
C TYR H 106 -20.09 -33.90 -0.76
N ALA H 107 -21.12 -33.07 -0.85
CA ALA H 107 -21.21 -32.23 -2.02
C ALA H 107 -20.25 -31.04 -1.91
N LEU H 108 -19.06 -31.20 -1.30
CA LEU H 108 -18.21 -30.03 -1.04
C LEU H 108 -16.71 -30.25 -1.29
N PRO H 109 -16.00 -31.28 -0.79
CA PRO H 109 -14.54 -31.35 -0.97
C PRO H 109 -14.02 -31.49 -2.39
N GLY H 110 -14.94 -31.61 -3.36
CA GLY H 110 -14.63 -31.43 -4.78
C GLY H 110 -14.88 -29.98 -5.24
N VAL H 111 -15.75 -29.24 -4.52
CA VAL H 111 -15.99 -27.82 -4.78
C VAL H 111 -14.94 -26.97 -4.06
N ILE H 112 -14.58 -27.42 -2.85
CA ILE H 112 -13.60 -26.79 -1.99
C ILE H 112 -12.24 -26.87 -2.66
N LYS H 113 -11.76 -28.08 -2.95
CA LYS H 113 -10.52 -28.27 -3.70
C LYS H 113 -10.40 -27.20 -4.77
N GLY H 114 -11.37 -27.16 -5.70
CA GLY H 114 -11.45 -26.13 -6.72
C GLY H 114 -11.25 -24.72 -6.14
N PHE H 115 -11.89 -24.42 -5.01
CA PHE H 115 -11.86 -23.10 -4.41
C PHE H 115 -10.47 -22.76 -3.86
N ILE H 116 -9.86 -23.68 -3.08
CA ILE H 116 -8.57 -23.44 -2.44
C ILE H 116 -7.50 -23.23 -3.51
N GLU H 117 -7.68 -23.83 -4.71
CA GLU H 117 -6.75 -23.69 -5.81
C GLU H 117 -6.84 -22.33 -6.51
N ARG H 118 -8.02 -21.71 -6.59
CA ARG H 118 -8.07 -20.38 -7.17
C ARG H 118 -7.79 -19.33 -6.09
N TYR H 119 -7.96 -19.66 -4.80
CA TYR H 119 -7.75 -18.66 -3.76
C TYR H 119 -6.91 -19.21 -2.61
N PRO H 120 -5.65 -19.61 -2.87
CA PRO H 120 -4.78 -20.17 -1.82
C PRO H 120 -4.52 -19.31 -0.58
N ARG H 121 -4.83 -18.01 -0.63
CA ARG H 121 -4.60 -17.15 0.52
C ARG H 121 -5.92 -16.66 1.12
N VAL H 122 -7.02 -17.36 0.84
CA VAL H 122 -8.31 -17.13 1.49
C VAL H 122 -8.63 -18.32 2.39
N SER H 123 -8.59 -18.08 3.71
CA SER H 123 -8.91 -19.08 4.71
C SER H 123 -10.37 -19.49 4.57
N LEU H 124 -10.68 -20.78 4.78
CA LEU H 124 -12.05 -21.25 4.75
C LEU H 124 -12.40 -21.92 6.06
N HIS H 125 -13.56 -21.59 6.63
CA HIS H 125 -14.03 -22.15 7.89
C HIS H 125 -15.47 -22.70 7.75
N MET H 126 -15.68 -23.98 8.07
CA MET H 126 -16.98 -24.61 7.95
C MET H 126 -17.53 -24.91 9.33
N HIS H 127 -18.59 -24.19 9.77
CA HIS H 127 -19.34 -24.48 11.00
C HIS H 127 -20.43 -25.52 10.74
N GLN H 128 -20.45 -26.58 11.54
CA GLN H 128 -21.42 -27.65 11.38
C GLN H 128 -22.57 -27.38 12.32
N GLY H 129 -23.82 -27.67 11.92
CA GLY H 129 -24.89 -27.56 12.89
C GLY H 129 -26.28 -28.01 12.38
N SER H 130 -27.20 -27.97 13.34
CA SER H 130 -28.63 -28.04 13.09
C SER H 130 -29.01 -26.91 12.14
N PRO H 131 -30.18 -27.00 11.43
CA PRO H 131 -30.79 -25.84 10.78
C PRO H 131 -30.88 -24.60 11.71
N THR H 132 -31.25 -24.81 12.99
CA THR H 132 -31.45 -23.67 13.87
C THR H 132 -30.13 -22.98 14.17
N GLN H 133 -29.01 -23.70 14.01
CA GLN H 133 -27.69 -23.12 14.27
C GLN H 133 -27.10 -22.51 13.01
N ILE H 134 -27.35 -23.12 11.86
CA ILE H 134 -26.92 -22.54 10.60
C ILE H 134 -27.58 -21.17 10.46
N ALA H 135 -28.91 -21.14 10.51
CA ALA H 135 -29.66 -19.90 10.58
C ALA H 135 -28.97 -18.86 11.45
N GLU H 136 -28.85 -19.15 12.75
CA GLU H 136 -28.47 -18.13 13.71
C GLU H 136 -27.12 -17.56 13.35
N ALA H 137 -26.16 -18.45 13.10
CA ALA H 137 -24.75 -18.08 12.99
C ALA H 137 -24.56 -17.05 11.88
N VAL H 138 -25.36 -17.13 10.81
CA VAL H 138 -25.30 -16.15 9.72
C VAL H 138 -25.82 -14.82 10.25
N SER H 139 -27.08 -14.82 10.68
CA SER H 139 -27.78 -13.61 11.11
C SER H 139 -27.00 -12.88 12.22
N LYS H 140 -26.49 -13.67 13.19
CA LYS H 140 -25.62 -13.23 14.26
C LYS H 140 -24.36 -12.52 13.73
N GLY H 141 -23.72 -13.09 12.69
CA GLY H 141 -22.53 -12.54 12.08
C GLY H 141 -21.31 -13.48 12.12
N ASN H 142 -21.49 -14.73 12.53
CA ASN H 142 -20.35 -15.63 12.74
C ASN H 142 -20.13 -16.56 11.54
N ALA H 143 -21.03 -16.47 10.55
CA ALA H 143 -20.84 -17.07 9.24
C ALA H 143 -21.29 -16.09 8.17
N ASP H 144 -20.60 -16.08 7.02
CA ASP H 144 -20.93 -15.20 5.93
C ASP H 144 -22.07 -15.82 5.12
N PHE H 145 -21.98 -17.14 4.89
CA PHE H 145 -22.97 -17.90 4.13
C PHE H 145 -23.57 -19.05 4.94
N ALA H 146 -24.81 -19.42 4.56
CA ALA H 146 -25.45 -20.66 4.96
C ALA H 146 -25.69 -21.54 3.74
N ILE H 147 -25.35 -22.84 3.84
CA ILE H 147 -25.94 -23.83 2.96
C ILE H 147 -27.02 -24.55 3.75
N ALA H 148 -28.29 -24.17 3.49
CA ALA H 148 -29.44 -24.72 4.20
C ALA H 148 -30.05 -25.89 3.44
N THR H 149 -30.28 -27.00 4.16
CA THR H 149 -30.76 -28.25 3.58
C THR H 149 -32.26 -28.46 3.78
N GLU H 150 -32.85 -27.81 4.80
CA GLU H 150 -34.26 -27.97 5.15
C GLU H 150 -34.63 -26.98 6.28
N ALA H 151 -35.90 -27.03 6.72
CA ALA H 151 -36.50 -26.07 7.65
C ALA H 151 -36.23 -24.63 7.22
N LEU H 152 -36.46 -24.37 5.93
CA LEU H 152 -36.03 -23.13 5.29
C LEU H 152 -36.85 -21.95 5.82
N HIS H 153 -37.92 -22.20 6.55
CA HIS H 153 -38.63 -21.11 7.23
C HIS H 153 -37.73 -20.35 8.23
N LEU H 154 -36.65 -20.99 8.71
CA LEU H 154 -35.80 -20.40 9.72
C LEU H 154 -34.84 -19.35 9.12
N TYR H 155 -34.79 -19.21 7.79
CA TYR H 155 -33.86 -18.28 7.15
C TYR H 155 -34.62 -17.13 6.50
N ASP H 156 -35.71 -16.69 7.14
CA ASP H 156 -36.38 -15.45 6.80
C ASP H 156 -35.37 -14.30 7.01
N ASP H 157 -35.50 -13.27 6.18
CA ASP H 157 -34.54 -12.15 6.17
C ASP H 157 -33.12 -12.67 5.94
N LEU H 158 -32.99 -13.56 4.93
CA LEU H 158 -31.73 -13.85 4.27
C LEU H 158 -32.07 -14.01 2.79
N VAL H 159 -31.13 -13.70 1.91
CA VAL H 159 -31.29 -14.02 0.50
C VAL H 159 -31.04 -15.51 0.32
N MET H 160 -31.97 -16.21 -0.32
CA MET H 160 -31.95 -17.65 -0.35
C MET H 160 -32.03 -18.14 -1.79
N LEU H 161 -30.94 -18.79 -2.23
CA LEU H 161 -30.77 -19.16 -3.63
C LEU H 161 -30.82 -20.68 -3.76
N PRO H 162 -31.83 -21.22 -4.47
CA PRO H 162 -31.85 -22.62 -4.89
C PRO H 162 -30.55 -23.16 -5.48
N CYS H 163 -30.22 -24.41 -5.14
CA CYS H 163 -29.03 -25.05 -5.68
C CYS H 163 -29.44 -26.34 -6.38
N TYR H 164 -30.15 -27.17 -5.60
CA TYR H 164 -30.60 -28.50 -5.97
C TYR H 164 -31.70 -28.93 -5.01
N HIS H 165 -32.42 -29.98 -5.41
CA HIS H 165 -33.38 -30.68 -4.58
C HIS H 165 -32.72 -31.99 -4.14
N TRP H 166 -33.21 -32.56 -3.02
CA TRP H 166 -32.74 -33.85 -2.52
C TRP H 166 -33.88 -34.62 -1.84
N ASN H 167 -33.66 -35.93 -1.71
CA ASN H 167 -34.65 -36.90 -1.25
C ASN H 167 -34.04 -37.73 -0.11
N ARG H 168 -34.85 -38.65 0.46
CA ARG H 168 -34.44 -39.42 1.62
C ARG H 168 -34.33 -40.90 1.29
N SER H 169 -33.53 -41.60 2.08
CA SER H 169 -33.34 -43.02 1.88
C SER H 169 -33.52 -43.73 3.21
N ILE H 170 -34.18 -44.87 3.20
CA ILE H 170 -34.14 -45.75 4.35
C ILE H 170 -32.85 -46.56 4.31
N VAL H 171 -32.07 -46.51 5.39
CA VAL H 171 -30.85 -47.32 5.46
C VAL H 171 -30.99 -48.27 6.65
N VAL H 172 -30.69 -49.53 6.38
CA VAL H 172 -30.79 -50.62 7.34
C VAL H 172 -29.55 -51.48 7.16
N THR H 173 -29.23 -52.18 8.23
CA THR H 173 -28.28 -53.29 8.24
C THR H 173 -28.73 -54.39 7.26
N PRO H 174 -27.86 -55.22 6.64
CA PRO H 174 -28.32 -56.24 5.67
C PRO H 174 -29.16 -57.36 6.29
N GLU H 175 -28.88 -57.66 7.55
CA GLU H 175 -29.63 -58.61 8.37
C GLU H 175 -31.07 -58.13 8.69
N HIS H 176 -31.38 -56.83 8.55
CA HIS H 176 -32.73 -56.31 8.77
C HIS H 176 -33.72 -56.95 7.82
N PRO H 177 -34.98 -57.18 8.27
CA PRO H 177 -36.08 -57.54 7.38
C PRO H 177 -36.33 -56.74 6.10
N LEU H 178 -36.05 -55.43 6.12
CA LEU H 178 -36.41 -54.57 5.00
C LEU H 178 -35.43 -54.66 3.84
N ALA H 179 -34.28 -55.30 4.09
CA ALA H 179 -33.12 -55.28 3.21
C ALA H 179 -33.30 -56.14 1.96
N THR H 180 -34.50 -56.71 1.75
CA THR H 180 -34.81 -57.56 0.60
C THR H 180 -36.27 -57.30 0.23
N LYS H 181 -36.54 -56.13 -0.36
CA LYS H 181 -37.92 -55.67 -0.31
C LYS H 181 -38.25 -54.81 -1.53
N GLY H 182 -39.29 -55.24 -2.26
CA GLY H 182 -39.88 -54.43 -3.30
C GLY H 182 -40.60 -53.24 -2.66
N SER H 183 -39.91 -52.09 -2.61
CA SER H 183 -40.38 -50.89 -1.94
C SER H 183 -40.53 -51.13 -0.44
N VAL H 184 -40.39 -50.05 0.33
CA VAL H 184 -40.92 -50.02 1.67
C VAL H 184 -42.05 -49.00 1.69
N SER H 185 -42.95 -49.18 2.66
CA SER H 185 -44.16 -48.40 2.79
C SER H 185 -44.14 -47.58 4.08
N ILE H 186 -44.85 -46.45 4.09
CA ILE H 186 -44.97 -45.62 5.29
C ILE H 186 -45.44 -46.51 6.44
N GLU H 187 -46.52 -47.26 6.20
CA GLU H 187 -47.11 -48.14 7.20
C GLU H 187 -46.11 -49.19 7.65
N GLU H 188 -45.31 -49.71 6.69
CA GLU H 188 -44.30 -50.72 6.94
C GLU H 188 -43.12 -50.14 7.72
N LEU H 189 -42.82 -48.85 7.52
CA LEU H 189 -41.74 -48.11 8.17
C LEU H 189 -42.07 -47.85 9.64
N ALA H 190 -43.21 -47.20 9.89
CA ALA H 190 -43.75 -46.95 11.23
C ALA H 190 -43.83 -48.17 12.16
N GLN H 191 -43.68 -49.42 11.65
CA GLN H 191 -43.70 -50.60 12.52
C GLN H 191 -42.33 -50.79 13.16
N TYR H 192 -41.27 -50.48 12.41
CA TYR H 192 -39.91 -50.51 12.93
C TYR H 192 -39.60 -49.19 13.65
N PRO H 193 -38.66 -49.21 14.62
CA PRO H 193 -38.26 -48.00 15.33
C PRO H 193 -37.24 -47.16 14.55
N LEU H 194 -37.39 -45.83 14.61
CA LEU H 194 -36.70 -44.93 13.71
C LEU H 194 -35.43 -44.36 14.35
N VAL H 195 -34.41 -44.30 13.50
CA VAL H 195 -33.19 -43.56 13.73
C VAL H 195 -33.08 -42.46 12.67
N THR H 196 -33.19 -41.21 13.09
CA THR H 196 -33.13 -40.10 12.15
C THR H 196 -32.53 -38.87 12.82
N TYR H 197 -32.62 -37.70 12.17
CA TYR H 197 -32.04 -36.49 12.71
C TYR H 197 -32.81 -36.01 13.95
N THR H 198 -32.03 -35.41 14.86
CA THR H 198 -32.42 -34.55 15.96
C THR H 198 -33.60 -33.66 15.65
N PHE H 199 -33.59 -33.10 14.44
CA PHE H 199 -34.62 -32.18 13.97
C PHE H 199 -35.44 -32.82 12.85
N GLY H 200 -35.27 -34.14 12.63
CA GLY H 200 -36.13 -34.93 11.75
C GLY H 200 -37.61 -34.60 11.97
N PHE H 201 -38.10 -34.73 13.23
CA PHE H 201 -39.47 -34.39 13.62
C PHE H 201 -39.50 -33.09 14.42
N THR H 202 -40.29 -32.11 13.94
CA THR H 202 -40.34 -30.74 14.45
C THR H 202 -41.79 -30.30 14.66
N GLY H 203 -42.66 -30.74 13.74
CA GLY H 203 -44.06 -30.40 13.74
C GLY H 203 -44.49 -29.79 12.40
N ARG H 204 -43.52 -29.46 11.53
CA ARG H 204 -43.78 -28.98 10.18
C ARG H 204 -42.78 -29.55 9.17
N SER H 205 -42.02 -30.59 9.57
CA SER H 205 -41.01 -31.18 8.70
C SER H 205 -41.67 -32.13 7.71
N GLU H 206 -40.86 -32.56 6.74
CA GLU H 206 -41.30 -33.47 5.67
C GLU H 206 -41.70 -34.83 6.23
N LEU H 207 -41.01 -35.31 7.29
CA LEU H 207 -41.27 -36.58 7.95
C LEU H 207 -42.57 -36.45 8.77
N ASP H 208 -42.77 -35.31 9.44
CA ASP H 208 -44.06 -35.08 10.09
C ASP H 208 -45.20 -35.09 9.09
N THR H 209 -45.02 -34.37 7.98
CA THR H 209 -46.05 -34.24 6.98
C THR H 209 -46.51 -35.62 6.58
N ALA H 210 -45.55 -36.52 6.37
CA ALA H 210 -45.85 -37.83 5.81
C ALA H 210 -46.55 -38.73 6.84
N PHE H 211 -46.11 -38.71 8.11
CA PHE H 211 -46.69 -39.54 9.16
C PHE H 211 -48.10 -39.06 9.51
N ASN H 212 -48.27 -37.72 9.61
CA ASN H 212 -49.55 -37.10 10.01
C ASN H 212 -50.67 -37.40 9.00
N ARG H 213 -50.38 -37.39 7.68
CA ARG H 213 -51.42 -37.72 6.71
C ARG H 213 -51.73 -39.20 6.79
N ALA H 214 -50.72 -40.05 7.04
CA ALA H 214 -50.98 -41.47 7.20
C ALA H 214 -51.55 -41.76 8.59
N GLY H 215 -51.55 -40.78 9.50
CA GLY H 215 -52.16 -40.94 10.80
C GLY H 215 -51.35 -41.84 11.75
N LEU H 216 -50.12 -42.21 11.34
CA LEU H 216 -49.26 -43.03 12.17
C LEU H 216 -48.37 -42.15 13.06
N THR H 217 -48.14 -42.60 14.28
CA THR H 217 -47.14 -41.98 15.13
C THR H 217 -45.93 -42.90 15.11
N PRO H 218 -44.73 -42.39 14.79
CA PRO H 218 -43.52 -43.21 14.77
C PRO H 218 -42.81 -43.26 16.13
N ARG H 219 -42.05 -44.32 16.37
CA ARG H 219 -41.33 -44.50 17.62
C ARG H 219 -39.86 -44.18 17.36
N ILE H 220 -39.41 -43.03 17.86
CA ILE H 220 -38.03 -42.63 17.68
C ILE H 220 -37.26 -43.18 18.88
N VAL H 221 -36.33 -44.10 18.60
CA VAL H 221 -35.41 -44.62 19.59
C VAL H 221 -34.10 -43.83 19.70
N PHE H 222 -33.57 -43.28 18.60
CA PHE H 222 -32.27 -42.63 18.59
C PHE H 222 -32.26 -41.51 17.55
N THR H 223 -31.74 -40.32 17.92
CA THR H 223 -31.49 -39.24 16.96
C THR H 223 -30.14 -38.61 17.23
N ALA H 224 -29.72 -37.77 16.28
CA ALA H 224 -28.36 -37.27 16.24
C ALA H 224 -28.27 -36.20 15.15
N THR H 225 -27.29 -35.31 15.27
CA THR H 225 -27.30 -34.12 14.42
C THR H 225 -26.84 -34.51 13.01
N ASP H 226 -25.93 -35.46 12.92
CA ASP H 226 -25.27 -35.70 11.65
C ASP H 226 -25.56 -37.12 11.15
N ALA H 227 -25.73 -37.23 9.83
CA ALA H 227 -25.99 -38.48 9.16
C ALA H 227 -24.96 -39.54 9.55
N ASP H 228 -23.70 -39.13 9.68
CA ASP H 228 -22.61 -40.05 9.97
C ASP H 228 -22.86 -40.81 11.28
N VAL H 229 -23.32 -40.13 12.32
CA VAL H 229 -23.56 -40.75 13.62
C VAL H 229 -24.76 -41.71 13.52
N ILE H 230 -25.71 -41.39 12.65
CA ILE H 230 -26.91 -42.19 12.51
C ILE H 230 -26.51 -43.55 11.99
N LYS H 231 -25.83 -43.52 10.84
CA LYS H 231 -25.28 -44.70 10.18
C LYS H 231 -24.56 -45.61 11.19
N THR H 232 -23.63 -45.01 11.92
CA THR H 232 -22.90 -45.66 12.99
C THR H 232 -23.84 -46.33 13.98
N TYR H 233 -24.93 -45.66 14.36
CA TYR H 233 -25.79 -46.26 15.36
C TYR H 233 -26.48 -47.43 14.69
N VAL H 234 -26.82 -47.30 13.40
CA VAL H 234 -27.66 -48.26 12.69
C VAL H 234 -27.02 -49.66 12.69
N ARG H 235 -25.70 -49.73 12.91
CA ARG H 235 -25.02 -50.98 13.25
C ARG H 235 -25.33 -51.42 14.71
N LEU H 236 -26.56 -52.00 14.92
CA LEU H 236 -27.16 -52.45 16.19
C LEU H 236 -28.08 -53.65 15.98
N GLY H 237 -29.23 -53.40 15.34
CA GLY H 237 -30.42 -54.22 15.50
C GLY H 237 -31.58 -53.67 14.67
N LEU H 238 -32.79 -53.60 15.29
CA LEU H 238 -34.06 -53.59 14.57
C LEU H 238 -34.53 -52.17 14.19
N GLY H 239 -33.80 -51.15 14.66
CA GLY H 239 -34.03 -49.79 14.22
C GLY H 239 -33.62 -49.56 12.77
N VAL H 240 -34.25 -48.55 12.16
CA VAL H 240 -34.17 -48.17 10.75
C VAL H 240 -33.79 -46.68 10.64
N GLY H 241 -32.75 -46.39 9.85
CA GLY H 241 -32.38 -45.01 9.63
C GLY H 241 -33.19 -44.35 8.52
N VAL H 242 -33.53 -43.07 8.71
CA VAL H 242 -34.11 -42.24 7.66
C VAL H 242 -33.23 -40.99 7.48
N ILE H 243 -32.38 -40.98 6.45
CA ILE H 243 -31.38 -39.94 6.23
C ILE H 243 -31.36 -39.51 4.77
N ALA H 244 -30.74 -38.37 4.49
CA ALA H 244 -30.55 -37.94 3.12
C ALA H 244 -29.77 -39.01 2.33
N SER H 245 -30.24 -39.31 1.10
CA SER H 245 -29.66 -40.37 0.28
C SER H 245 -28.15 -40.17 0.09
N MET H 246 -27.75 -38.91 -0.18
CA MET H 246 -26.37 -38.59 -0.55
C MET H 246 -25.40 -38.83 0.62
N ALA H 247 -25.90 -39.12 1.82
CA ALA H 247 -25.06 -39.46 2.96
C ALA H 247 -24.59 -40.93 2.96
N VAL H 248 -25.02 -41.74 1.99
CA VAL H 248 -24.58 -43.13 1.87
C VAL H 248 -24.42 -43.48 0.40
N ASP H 249 -23.25 -44.02 0.01
CA ASP H 249 -23.09 -44.61 -1.31
C ASP H 249 -22.72 -46.10 -1.14
N PRO H 250 -23.18 -47.01 -2.02
CA PRO H 250 -22.81 -48.43 -1.91
C PRO H 250 -21.30 -48.71 -1.87
N VAL H 251 -20.49 -47.84 -2.51
CA VAL H 251 -19.05 -48.01 -2.56
C VAL H 251 -18.46 -47.84 -1.14
N SER H 252 -18.58 -46.64 -0.54
CA SER H 252 -17.95 -46.39 0.75
C SER H 252 -18.68 -47.11 1.89
N ASP H 253 -20.02 -47.20 1.81
CA ASP H 253 -20.87 -47.79 2.84
C ASP H 253 -21.60 -49.06 2.34
N PRO H 254 -20.93 -50.23 2.29
CA PRO H 254 -21.61 -51.46 1.93
C PRO H 254 -22.01 -52.35 3.11
N ASP H 255 -21.93 -51.83 4.36
CA ASP H 255 -22.46 -52.53 5.53
C ASP H 255 -23.87 -52.04 5.85
N LEU H 256 -24.41 -51.18 4.97
CA LEU H 256 -25.76 -50.67 5.05
C LEU H 256 -26.44 -50.99 3.74
N VAL H 257 -27.78 -51.08 3.78
CA VAL H 257 -28.58 -51.24 2.59
C VAL H 257 -29.43 -49.99 2.43
N LYS H 258 -29.42 -49.45 1.21
CA LYS H 258 -30.00 -48.15 0.93
C LYS H 258 -31.32 -48.35 0.20
N LEU H 259 -32.42 -48.05 0.89
CA LEU H 259 -33.74 -48.29 0.35
C LEU H 259 -34.33 -46.95 -0.07
N ASP H 260 -34.85 -46.94 -1.30
CA ASP H 260 -35.54 -45.82 -1.87
C ASP H 260 -36.69 -45.41 -0.95
N ALA H 261 -36.91 -44.11 -0.78
CA ALA H 261 -37.99 -43.60 0.04
C ALA H 261 -38.69 -42.40 -0.62
N ASN H 262 -38.53 -42.26 -1.94
CA ASN H 262 -38.93 -41.04 -2.63
C ASN H 262 -40.46 -40.97 -2.67
N GLY H 263 -41.11 -42.14 -2.66
CA GLY H 263 -42.56 -42.23 -2.56
C GLY H 263 -43.10 -41.73 -1.21
N ILE H 264 -42.40 -42.02 -0.10
CA ILE H 264 -42.85 -41.79 1.26
C ILE H 264 -42.85 -40.29 1.62
N PHE H 265 -41.79 -39.57 1.24
CA PHE H 265 -41.53 -38.23 1.74
C PHE H 265 -41.37 -37.25 0.58
N SER H 266 -41.84 -36.00 0.75
CA SER H 266 -41.60 -34.97 -0.26
C SER H 266 -40.12 -34.60 -0.31
N HIS H 267 -39.68 -34.13 -1.48
CA HIS H 267 -38.31 -33.72 -1.72
C HIS H 267 -38.04 -32.49 -0.87
N SER H 268 -36.75 -32.21 -0.71
CA SER H 268 -36.30 -31.02 -0.02
C SER H 268 -35.30 -30.30 -0.90
N THR H 269 -35.16 -28.98 -0.68
CA THR H 269 -34.32 -28.14 -1.51
C THR H 269 -33.19 -27.58 -0.65
N THR H 270 -31.94 -27.75 -1.14
CA THR H 270 -30.79 -27.06 -0.60
C THR H 270 -30.68 -25.68 -1.24
N LYS H 271 -30.63 -24.63 -0.41
CA LYS H 271 -30.33 -23.28 -0.85
C LYS H 271 -29.02 -22.82 -0.21
N ILE H 272 -28.38 -21.84 -0.87
CA ILE H 272 -27.25 -21.12 -0.32
C ILE H 272 -27.72 -19.69 -0.04
N GLY H 273 -27.31 -19.12 1.10
CA GLY H 273 -27.95 -17.91 1.62
C GLY H 273 -27.03 -16.98 2.39
N PHE H 274 -27.40 -15.68 2.41
CA PHE H 274 -26.56 -14.67 3.03
C PHE H 274 -27.40 -13.46 3.44
N ARG H 275 -26.86 -12.64 4.36
CA ARG H 275 -27.46 -11.35 4.69
C ARG H 275 -27.42 -10.44 3.48
N ARG H 276 -28.44 -9.60 3.38
CA ARG H 276 -28.58 -8.62 2.31
C ARG H 276 -27.41 -7.63 2.37
N SER H 277 -27.00 -7.27 3.59
CA SER H 277 -26.05 -6.21 3.84
C SER H 277 -24.61 -6.72 3.78
N THR H 278 -24.30 -7.54 2.78
CA THR H 278 -22.99 -8.19 2.75
C THR H 278 -22.35 -7.95 1.39
N PHE H 279 -21.25 -7.19 1.38
CA PHE H 279 -20.43 -7.06 0.20
C PHE H 279 -20.04 -8.46 -0.23
N LEU H 280 -20.56 -8.86 -1.39
CA LEU H 280 -20.19 -10.11 -2.01
C LEU H 280 -18.84 -9.93 -2.69
N ARG H 281 -17.76 -10.36 -2.02
CA ARG H 281 -16.43 -10.39 -2.60
C ARG H 281 -16.41 -11.40 -3.75
N SER H 282 -15.33 -11.37 -4.52
CA SER H 282 -15.17 -12.24 -5.69
C SER H 282 -15.04 -13.70 -5.29
N TYR H 283 -14.31 -14.01 -4.23
CA TYR H 283 -14.12 -15.39 -3.81
C TYR H 283 -15.48 -16.00 -3.46
N MET H 284 -16.37 -15.15 -2.93
CA MET H 284 -17.70 -15.55 -2.54
C MET H 284 -18.54 -15.92 -3.78
N TYR H 285 -18.61 -15.02 -4.77
CA TYR H 285 -19.41 -15.27 -5.96
C TYR H 285 -18.90 -16.58 -6.59
N ASP H 286 -17.60 -16.83 -6.40
CA ASP H 286 -16.93 -18.03 -6.94
C ASP H 286 -17.44 -19.29 -6.25
N PHE H 287 -17.37 -19.31 -4.92
CA PHE H 287 -17.79 -20.45 -4.12
C PHE H 287 -19.24 -20.78 -4.44
N ILE H 288 -20.07 -19.75 -4.45
CA ILE H 288 -21.47 -19.90 -4.80
C ILE H 288 -21.55 -20.58 -6.16
N GLN H 289 -20.79 -20.09 -7.14
CA GLN H 289 -20.94 -20.59 -8.50
C GLN H 289 -20.42 -22.04 -8.59
N ARG H 290 -19.28 -22.32 -7.97
CA ARG H 290 -18.73 -23.66 -7.92
C ARG H 290 -19.70 -24.66 -7.29
N PHE H 291 -20.49 -24.20 -6.31
CA PHE H 291 -21.40 -25.09 -5.61
C PHE H 291 -22.56 -25.40 -6.53
N ALA H 292 -23.25 -24.34 -6.99
CA ALA H 292 -24.41 -24.40 -7.86
C ALA H 292 -24.11 -23.71 -9.21
N PRO H 293 -23.67 -24.45 -10.26
CA PRO H 293 -23.23 -23.81 -11.52
C PRO H 293 -24.15 -22.77 -12.16
N HIS H 294 -25.44 -22.79 -11.79
CA HIS H 294 -26.43 -21.87 -12.31
C HIS H 294 -26.51 -20.59 -11.47
N LEU H 295 -25.56 -20.39 -10.56
CA LEU H 295 -25.48 -19.16 -9.78
C LEU H 295 -24.27 -18.34 -10.24
N THR H 296 -24.37 -17.86 -11.48
CA THR H 296 -23.41 -16.94 -12.06
C THR H 296 -23.58 -15.62 -11.31
N ARG H 297 -22.58 -14.73 -11.44
CA ARG H 297 -22.61 -13.40 -10.84
C ARG H 297 -23.86 -12.62 -11.24
N ASP H 298 -24.23 -12.71 -12.53
CA ASP H 298 -25.38 -12.01 -13.05
C ASP H 298 -26.62 -12.51 -12.29
N VAL H 299 -26.80 -13.84 -12.24
CA VAL H 299 -28.00 -14.47 -11.70
C VAL H 299 -28.12 -14.16 -10.21
N VAL H 300 -27.00 -14.37 -9.47
CA VAL H 300 -26.89 -13.99 -8.07
C VAL H 300 -27.26 -12.52 -7.90
N ASP H 301 -26.64 -11.68 -8.74
CA ASP H 301 -26.69 -10.25 -8.56
C ASP H 301 -28.10 -9.74 -8.84
N THR H 302 -28.80 -10.52 -9.68
CA THR H 302 -30.20 -10.32 -10.04
C THR H 302 -31.13 -10.73 -8.89
N ALA H 303 -30.82 -11.89 -8.27
CA ALA H 303 -31.59 -12.36 -7.13
C ALA H 303 -31.55 -11.32 -6.01
N VAL H 304 -30.35 -10.80 -5.70
CA VAL H 304 -30.23 -9.81 -4.63
C VAL H 304 -31.12 -8.61 -4.98
N ALA H 305 -31.24 -8.27 -6.27
CA ALA H 305 -31.86 -7.03 -6.66
C ALA H 305 -33.39 -7.07 -6.50
N LEU H 306 -33.97 -8.25 -6.22
CA LEU H 306 -35.42 -8.41 -6.08
C LEU H 306 -35.90 -8.20 -4.64
N ARG H 307 -37.20 -7.83 -4.51
CA ARG H 307 -37.77 -7.26 -3.30
C ARG H 307 -37.84 -8.27 -2.14
N SER H 308 -38.24 -9.53 -2.40
CA SER H 308 -38.39 -10.51 -1.32
C SER H 308 -38.22 -11.93 -1.87
N ASN H 309 -38.26 -12.92 -0.97
CA ASN H 309 -37.87 -14.29 -1.32
C ASN H 309 -39.01 -14.98 -2.06
N GLU H 310 -40.24 -14.50 -1.81
CA GLU H 310 -41.34 -14.72 -2.74
C GLU H 310 -40.78 -14.59 -4.15
N ASP H 311 -40.39 -13.35 -4.46
CA ASP H 311 -39.99 -12.96 -5.81
C ASP H 311 -38.89 -13.87 -6.31
N ILE H 312 -37.94 -14.27 -5.45
CA ILE H 312 -36.81 -15.09 -5.88
C ILE H 312 -37.30 -16.43 -6.41
N GLU H 313 -38.35 -16.99 -5.81
CA GLU H 313 -38.84 -18.30 -6.22
C GLU H 313 -39.60 -18.20 -7.54
N ALA H 314 -40.44 -17.15 -7.63
CA ALA H 314 -41.13 -16.77 -8.86
C ALA H 314 -40.13 -16.61 -10.00
N MET H 315 -38.94 -16.07 -9.69
CA MET H 315 -37.82 -15.95 -10.61
C MET H 315 -37.22 -17.31 -10.95
N PHE H 316 -37.28 -18.27 -10.01
CA PHE H 316 -36.70 -19.58 -10.25
C PHE H 316 -37.76 -20.52 -10.83
N LYS H 317 -39.03 -20.06 -10.92
CA LYS H 317 -40.17 -20.94 -11.21
C LYS H 317 -39.79 -22.08 -12.15
N ASP H 318 -39.42 -21.77 -13.40
CA ASP H 318 -39.34 -22.76 -14.47
C ASP H 318 -37.95 -23.41 -14.55
N ILE H 319 -37.03 -23.05 -13.62
CA ILE H 319 -35.60 -23.35 -13.73
C ILE H 319 -35.33 -24.80 -13.28
N LYS H 320 -34.59 -25.56 -14.10
CA LYS H 320 -34.53 -27.01 -13.98
C LYS H 320 -33.35 -27.44 -13.09
N LEU H 321 -33.46 -27.19 -11.78
CA LEU H 321 -32.44 -27.58 -10.82
C LEU H 321 -32.09 -29.05 -10.99
N PRO H 322 -30.87 -29.47 -10.59
CA PRO H 322 -30.53 -30.88 -10.55
C PRO H 322 -31.08 -31.55 -9.29
N GLU H 323 -30.84 -32.86 -9.18
CA GLU H 323 -31.21 -33.66 -8.03
C GLU H 323 -29.94 -34.29 -7.49
N LYS H 324 -29.87 -34.45 -6.16
CA LYS H 324 -28.76 -35.14 -5.53
C LYS H 324 -29.36 -36.19 -4.57
C1A SAC I . 20.91 -0.01 -37.64
C2A SAC I . 20.23 -0.29 -38.95
OAC SAC I . 22.13 0.12 -37.54
N SAC I . 20.11 0.10 -36.59
CA SAC I . 20.60 0.55 -35.31
C SAC I . 21.38 -0.57 -34.59
O SAC I . 22.25 -0.22 -33.78
OXT SAC I . 21.06 -1.75 -34.91
CB SAC I . 19.42 1.03 -34.46
OG SAC I . 18.88 2.23 -35.00
H2A1 SAC I . 21.03 -0.14 -39.71
H2A2 SAC I . 19.78 0.62 -39.10
H2A3 SAC I . 19.86 -0.96 -39.03
H SAC I . 19.27 -0.13 -36.66
HA SAC I . 21.20 1.33 -35.44
HB2 SAC I . 19.70 1.19 -33.53
HB3 SAC I . 18.72 0.34 -34.44
HG SAC I . 18.41 2.67 -34.64
C1A SAC J . 37.07 -6.15 -21.06
C2A SAC J . 37.78 -7.18 -20.23
OAC SAC J . 35.85 -6.20 -21.21
N SAC J . 37.84 -5.19 -21.62
CA SAC J . 37.34 -4.10 -22.45
C SAC J . 36.55 -4.63 -23.66
O SAC J . 36.88 -5.72 -24.19
OXT SAC J . 35.64 -3.87 -24.06
CB SAC J . 38.48 -3.21 -22.95
OG SAC J . 38.92 -2.34 -21.91
H2A1 SAC J . 37.14 -7.79 -19.87
H2A2 SAC J . 38.25 -6.72 -19.51
H2A3 SAC J . 38.42 -7.63 -20.79
H SAC J . 38.70 -5.23 -21.47
HA SAC J . 36.72 -3.55 -21.92
HB2 SAC J . 38.16 -2.68 -23.71
HB3 SAC J . 39.23 -3.76 -23.24
HG SAC J . 39.52 -1.87 -22.24
C1A SAC K . -3.02 28.23 -36.81
C2A SAC K . -2.78 28.25 -38.29
OAC SAC K . -4.16 28.29 -36.33
N SAC K . -1.95 28.15 -36.02
CA SAC K . -2.03 28.11 -34.58
C SAC K . -2.69 29.38 -33.97
O SAC K . -2.31 30.54 -34.34
OXT SAC K . -3.53 29.15 -33.11
CB SAC K . -0.64 27.88 -33.98
OG SAC K . -0.38 26.49 -33.88
H2A1 SAC K . -3.71 28.27 -38.75
H2A2 SAC K . -2.40 27.39 -38.57
H2A3 SAC K . -2.30 28.98 -38.55
H SAC K . -1.16 28.15 -36.40
HA SAC K . -2.59 27.34 -34.32
HB2 SAC K . -0.58 28.29 -33.07
HB3 SAC K . 0.04 28.30 -34.54
HG SAC K . 0.37 26.39 -33.55
C1A SAC L . -14.85 37.29 -17.68
C2A SAC L . -15.50 38.46 -17.00
OAC SAC L . -13.65 37.32 -17.96
N SAC L . -15.62 36.23 -17.94
CA SAC L . -15.17 35.09 -18.73
C SAC L . -14.89 35.53 -20.19
O SAC L . -14.10 34.87 -20.84
OXT SAC L . -15.48 36.54 -20.59
CB SAC L . -16.19 33.96 -18.70
OG SAC L . -16.57 33.61 -17.37
H2A1 SAC L . -14.83 39.15 -16.86
H2A2 SAC L . -15.86 38.16 -16.15
H2A3 SAC L . -16.21 38.79 -17.56
H SAC L . -16.44 36.21 -17.64
HA SAC L . -14.31 34.75 -18.35
HB2 SAC L . -15.80 33.16 -19.14
HB3 SAC L . -16.99 34.21 -19.21
HG SAC L . -17.10 32.97 -17.38
C1A SAC M . -0.82 -9.55 45.36
C2A SAC M . -0.91 -10.65 46.37
OAC SAC M . 0.19 -8.88 45.17
N SAC M . -1.92 -9.32 44.65
CA SAC M . -2.01 -8.27 43.67
C SAC M . -2.08 -6.89 44.37
O SAC M . -1.58 -5.94 43.72
OXT SAC M . -2.65 -6.82 45.48
CB SAC M . -3.22 -8.46 42.76
OG SAC M . -2.92 -9.39 41.72
H2A1 SAC M . -0.03 -10.77 46.82
H2A2 SAC M . -1.11 -11.51 45.92
H2A3 SAC M . -1.57 -10.46 47.03
H SAC M . -2.63 -9.82 44.79
HA SAC M . -1.19 -8.28 43.10
HB2 SAC M . -3.48 -7.61 42.35
HB3 SAC M . -3.98 -8.80 43.28
HG SAC M . -3.61 -9.45 41.24
C1A SAC N . 2.95 13.74 41.22
C2A SAC N . 2.84 15.16 41.71
OAC SAC N . 1.98 13.00 41.17
N SAC N . 4.16 13.32 40.84
CA SAC N . 4.34 11.93 40.45
C SAC N . 4.22 11.00 41.69
O SAC N . 4.41 11.50 42.86
OXT SAC N . 3.90 9.80 41.46
CB SAC N . 5.65 11.74 39.69
OG SAC N . 5.93 12.85 38.85
H2A1 SAC N . 1.92 15.35 41.93
H2A2 SAC N . 3.13 15.77 41.01
H2A3 SAC N . 3.40 15.28 42.50
H SAC N . 4.84 13.87 40.82
HA SAC N . 3.60 11.68 39.83
HB2 SAC N . 5.60 10.93 39.15
HB3 SAC N . 6.39 11.63 40.33
HG SAC N . 6.67 12.70 38.44
C1A SAC O . -12.69 -35.05 21.43
C2A SAC O . -11.71 -35.93 22.14
OAC SAC O . -13.85 -35.39 21.21
N SAC O . -12.25 -33.86 21.00
CA SAC O . -13.13 -32.95 20.29
C SAC O . -13.42 -33.46 18.87
O SAC O . -12.53 -34.12 18.27
OXT SAC O . -14.52 -33.14 18.38
CB SAC O . -12.56 -31.53 20.23
OG SAC O . -12.07 -31.11 21.48
H2A1 SAC O . -12.17 -36.78 22.43
H2A2 SAC O . -11.42 -35.49 22.98
H2A3 SAC O . -10.97 -36.15 21.61
H SAC O . -11.42 -33.62 21.14
HA SAC O . -14.00 -32.91 20.78
HB2 SAC O . -13.26 -30.91 19.93
HB3 SAC O . -11.83 -31.51 19.57
HG SAC O . -11.74 -30.33 21.41
C1A SAC P . -28.36 -32.66 3.54
C2A SAC P . -28.83 -32.87 2.14
OAC SAC P . -27.19 -32.36 3.78
N SAC P . -29.28 -32.81 4.51
CA SAC P . -29.03 -32.66 5.94
C SAC P . -28.01 -33.71 6.43
O SAC P . -27.10 -33.33 7.20
OXT SAC P . -28.19 -34.88 6.04
CB SAC P . -30.32 -32.79 6.75
OG SAC P . -31.35 -31.94 6.27
H2A1 SAC P . -28.09 -32.79 1.52
H2A2 SAC P . -29.54 -32.30 1.92
H2A3 SAC P . -29.16 -33.83 2.07
H SAC P . -30.10 -33.01 4.27
HA SAC P . -28.65 -31.76 6.11
HB2 SAC P . -30.14 -32.57 7.70
HB3 SAC P . -30.64 -33.73 6.72
HG SAC P . -32.03 -32.06 6.76
#